data_6MTI
#
_entry.id   6MTI
#
loop_
_entity.id
_entity.type
_entity.pdbx_description
1 polymer Synaptotagmin-1
2 polymer Synaptotagmin-1
3 polymer 'Vesicle-associated membrane protein 2'
4 polymer Syntaxin-1A
5 polymer 'Synaptosomal-associated protein 25'
6 polymer 'Synaptosomal-associated protein 25'
7 non-polymer 'MAGNESIUM ION'
#
loop_
_entity_poly.entity_id
_entity_poly.type
_entity_poly.pdbx_seq_one_letter_code
_entity_poly.pdbx_strand_id
1 'polypeptide(L)'
;KLGKLQYSLDYDFQNNQLLVGIIQAAELPALDMGGTSDPYVKVFLLPDKKKKFETKVHRKTLNPVFNEQFTFKVPYSELG
GKTLVMAVYDFDRFSKHDIIGEFKVPMNTVDFGHVTEEWRDLQSAEK
;
1,6
2 'polypeptide(L)'
;KLGKLQYSLDYDFQNNQLLVGIIQAAELPALDMGGTSDPYVKVFLLPDKKKKFETKVHRKTLNPVFNEQFTFKVPYSELG
GKTLVMAVYDFDRFSKHDIIGEFKVPMNTVDFGHVTEEWRDLQSAEKEEQEKLGDICFSLRYVPTAGKLTVVILEAKNLK
KMDVGGLSDPYVKIHLMQNGKRLKKKKTTIKKNTLNPYYNESFSFEVPFEQIQKVQVVVTVLDYDKIGKNDAIGKVFVGY
NSTGAELRHWSDMLANPRRPIAQWHTLQVEEEVDAMLAVKK
;
2,3,4,5
3 'polypeptide(L)' GSNRRLQQTQAQVDEVVDIMRVNVDKVLERDQKLSELDDRADALQAGASQFETSAAKLKRKYW A,E,I,M,Q,U
4 'polypeptide(L)' MALSEIETRHSEIIKLENSIRELHDMFMDMAMLVESQGEMIDRIEYNVEHAVDYVERAVSDTKKAVK B,F,J,N,R,V
5 'polypeptide(L)' MRNELEEMQRRADQLADESLESTRRMLQLVEESKDAGIRTLVMLDEQGEQLDRVEEGMNHINQDMKEAEKNLKDLGK C,G,K,O,S,W
6 'polypeptide(L)' MARENEMDENLEQVSGIIGNLRHMALDMGNEIDTQNRQIDRIMEKADSNKTRIDEANQRATKMLG D,H,L,P,T,X
#
# COMPACT_ATOMS: atom_id res chain seq x y z
N LYS A 1 15.02 25.28 -35.12
CA LYS A 1 15.29 24.95 -33.72
C LYS A 1 14.06 25.29 -32.88
N LEU A 2 13.21 26.15 -33.44
CA LEU A 2 12.00 26.59 -32.76
C LEU A 2 11.02 25.46 -32.49
N GLY A 3 10.85 24.58 -33.46
CA GLY A 3 9.94 23.45 -33.33
C GLY A 3 9.35 23.04 -34.67
N LYS A 4 8.44 22.08 -34.64
CA LYS A 4 7.80 21.60 -35.86
C LYS A 4 6.33 22.02 -35.92
N LEU A 5 5.72 21.84 -37.10
CA LEU A 5 4.34 22.21 -37.32
C LEU A 5 3.58 21.12 -38.08
N GLN A 6 2.52 20.60 -37.48
CA GLN A 6 1.64 19.65 -38.15
C GLN A 6 0.45 20.35 -38.77
N TYR A 7 0.28 20.17 -40.08
CA TYR A 7 -0.79 20.82 -40.82
C TYR A 7 -1.45 19.86 -41.80
N SER A 8 -2.63 20.23 -42.29
CA SER A 8 -3.34 19.44 -43.28
C SER A 8 -3.65 20.25 -44.54
N LEU A 9 -3.63 19.58 -45.68
CA LEU A 9 -3.87 20.23 -46.98
C LEU A 9 -4.62 19.30 -47.93
N ASP A 10 -5.64 19.86 -48.59
CA ASP A 10 -6.44 19.13 -49.58
C ASP A 10 -7.29 20.10 -50.37
N TYR A 11 -7.78 19.66 -51.53
CA TYR A 11 -8.59 20.52 -52.39
C TYR A 11 -9.97 19.92 -52.66
N ASP A 12 -11.01 20.71 -52.44
CA ASP A 12 -12.38 20.28 -52.70
C ASP A 12 -12.79 20.67 -54.11
N PHE A 13 -12.93 19.67 -54.97
CA PHE A 13 -13.24 19.90 -56.37
C PHE A 13 -14.72 20.17 -56.60
N GLN A 14 -15.53 19.90 -55.58
CA GLN A 14 -16.97 20.07 -55.68
C GLN A 14 -17.37 21.55 -55.52
N ASN A 15 -16.58 22.27 -54.72
CA ASN A 15 -16.85 23.69 -54.48
C ASN A 15 -15.75 24.57 -55.06
N ASN A 16 -14.71 23.93 -55.60
CA ASN A 16 -13.54 24.61 -56.14
C ASN A 16 -12.91 25.56 -55.11
N GLN A 17 -12.50 25.00 -53.98
CA GLN A 17 -11.89 25.77 -52.90
C GLN A 17 -10.80 24.97 -52.20
N LEU A 18 -9.78 25.67 -51.70
CA LEU A 18 -8.66 25.03 -51.01
C LEU A 18 -8.94 24.93 -49.51
N LEU A 19 -8.78 23.73 -48.97
CA LEU A 19 -9.04 23.48 -47.55
C LEU A 19 -7.73 23.32 -46.76
N VAL A 20 -7.33 24.36 -46.05
CA VAL A 20 -6.09 24.33 -45.29
C VAL A 20 -6.37 24.21 -43.80
N GLY A 21 -5.95 23.10 -43.20
CA GLY A 21 -6.18 22.90 -41.78
C GLY A 21 -4.92 23.01 -40.95
N ILE A 22 -4.98 23.84 -39.91
CA ILE A 22 -3.87 23.98 -38.99
C ILE A 22 -4.13 23.07 -37.80
N ILE A 23 -3.36 21.99 -37.73
CA ILE A 23 -3.54 21.00 -36.67
C ILE A 23 -2.87 21.49 -35.40
N GLN A 24 -1.54 21.47 -35.38
CA GLN A 24 -0.83 21.88 -34.18
C GLN A 24 0.63 22.21 -34.44
N ALA A 25 1.35 22.52 -33.36
CA ALA A 25 2.79 22.77 -33.43
C ALA A 25 3.47 22.18 -32.21
N ALA A 26 4.78 21.94 -32.31
CA ALA A 26 5.50 21.30 -31.21
C ALA A 26 6.92 21.85 -31.03
N GLU A 27 7.44 21.69 -29.82
CA GLU A 27 8.81 22.09 -29.46
C GLU A 27 9.16 23.53 -29.84
N LEU A 28 8.21 24.43 -29.72
CA LEU A 28 8.46 25.85 -29.98
C LEU A 28 9.33 26.47 -28.90
N PRO A 29 10.31 27.28 -29.30
CA PRO A 29 11.17 27.97 -28.33
C PRO A 29 10.39 29.00 -27.51
N ALA A 30 10.77 29.15 -26.24
CA ALA A 30 10.08 30.09 -25.35
C ALA A 30 10.69 31.49 -25.43
N LEU A 31 9.84 32.50 -25.61
CA LEU A 31 10.28 33.88 -25.70
C LEU A 31 9.67 34.74 -24.60
N ASP A 32 8.72 34.16 -23.86
CA ASP A 32 8.03 34.91 -22.81
C ASP A 32 8.54 34.56 -21.41
N MET A 33 8.02 35.29 -20.42
CA MET A 33 8.50 35.22 -19.05
C MET A 33 8.31 33.86 -18.36
N GLY A 34 7.09 33.35 -18.37
CA GLY A 34 6.75 32.14 -17.64
C GLY A 34 7.50 30.88 -18.02
N GLY A 35 8.24 30.94 -19.13
CA GLY A 35 8.97 29.79 -19.63
C GLY A 35 8.25 29.22 -20.83
N THR A 36 7.12 29.82 -21.17
CA THR A 36 6.32 29.44 -22.33
C THR A 36 5.80 30.67 -23.04
N SER A 37 5.70 30.59 -24.37
CA SER A 37 5.25 31.71 -25.19
C SER A 37 3.74 31.64 -25.45
N ASP A 38 3.20 32.71 -26.02
CA ASP A 38 1.79 32.76 -26.40
C ASP A 38 1.66 32.74 -27.93
N PRO A 39 1.63 31.53 -28.52
CA PRO A 39 1.71 31.39 -29.98
C PRO A 39 0.36 31.49 -30.71
N TYR A 40 0.40 32.02 -31.93
CA TYR A 40 -0.74 32.00 -32.83
C TYR A 40 -0.25 32.02 -34.28
N VAL A 41 -0.92 31.28 -35.15
CA VAL A 41 -0.42 31.08 -36.51
C VAL A 41 -1.19 31.89 -37.54
N LYS A 42 -0.45 32.65 -38.36
CA LYS A 42 -1.03 33.39 -39.47
C LYS A 42 -0.83 32.61 -40.77
N VAL A 43 -1.93 32.33 -41.47
CA VAL A 43 -1.89 31.56 -42.70
C VAL A 43 -2.52 32.35 -43.84
N PHE A 44 -1.85 32.38 -44.98
CA PHE A 44 -2.35 33.10 -46.15
C PHE A 44 -1.78 32.49 -47.42
N LEU A 45 -2.42 32.76 -48.55
CA LEU A 45 -1.93 32.26 -49.82
C LEU A 45 -0.62 32.95 -50.14
N LEU A 46 0.41 32.18 -50.47
CA LEU A 46 1.72 32.77 -50.75
C LEU A 46 1.76 33.73 -51.94
N PRO A 47 1.05 33.35 -53.07
CA PRO A 47 1.14 34.30 -54.20
C PRO A 47 0.76 35.77 -54.01
N ASP A 48 -0.41 36.00 -53.42
CA ASP A 48 -0.89 37.34 -53.16
C ASP A 48 -1.21 37.41 -51.67
N LYS A 49 -0.69 38.41 -50.99
CA LYS A 49 -0.95 38.55 -49.55
C LYS A 49 -2.27 39.26 -49.30
N LYS A 50 -3.37 38.60 -49.64
CA LYS A 50 -4.68 39.19 -49.43
C LYS A 50 -5.62 38.28 -48.67
N LYS A 51 -6.27 38.83 -47.63
CA LYS A 51 -7.23 38.07 -46.86
C LYS A 51 -6.53 37.03 -45.99
N LYS A 52 -5.44 37.43 -45.36
CA LYS A 52 -4.69 36.52 -44.51
C LYS A 52 -5.55 36.03 -43.36
N PHE A 53 -5.39 34.75 -43.01
CA PHE A 53 -6.16 34.14 -41.94
C PHE A 53 -5.32 33.93 -40.69
N GLU A 54 -5.90 34.30 -39.55
CA GLU A 54 -5.20 34.16 -38.28
C GLU A 54 -5.98 33.26 -37.31
N THR A 55 -5.26 32.38 -36.61
CA THR A 55 -5.86 31.51 -35.60
C THR A 55 -6.04 32.21 -34.25
N LYS A 56 -6.71 31.54 -33.33
CA LYS A 56 -6.93 32.07 -32.00
C LYS A 56 -5.63 32.01 -31.18
N VAL A 57 -5.46 32.95 -30.26
CA VAL A 57 -4.25 33.04 -29.45
C VAL A 57 -4.29 32.06 -28.28
N HIS A 58 -3.33 31.15 -28.24
CA HIS A 58 -3.20 30.22 -27.12
C HIS A 58 -2.23 30.76 -26.07
N ARG A 59 -2.65 30.69 -24.82
CA ARG A 59 -1.87 31.24 -23.72
C ARG A 59 -0.85 30.27 -23.15
N LYS A 60 0.41 30.68 -23.15
CA LYS A 60 1.48 29.98 -22.46
C LYS A 60 1.58 28.48 -22.72
N THR A 61 1.80 28.10 -23.98
CA THR A 61 2.07 26.72 -24.34
C THR A 61 3.12 26.64 -25.44
N LEU A 62 4.09 25.74 -25.28
CA LEU A 62 5.10 25.53 -26.32
C LEU A 62 4.69 24.38 -27.23
N ASN A 63 3.51 23.84 -26.95
CA ASN A 63 2.88 22.86 -27.84
C ASN A 63 1.41 23.21 -28.03
N PRO A 64 1.13 24.26 -28.81
CA PRO A 64 -0.25 24.71 -29.00
C PRO A 64 -1.03 23.82 -29.96
N VAL A 65 -2.29 23.58 -29.65
CA VAL A 65 -3.14 22.80 -30.53
C VAL A 65 -4.31 23.67 -31.00
N PHE A 66 -4.33 23.97 -32.29
CA PHE A 66 -5.32 24.88 -32.86
C PHE A 66 -6.50 24.11 -33.43
N ASN A 67 -6.19 23.05 -34.17
CA ASN A 67 -7.19 22.23 -34.87
C ASN A 67 -8.22 23.09 -35.62
N GLU A 68 -7.75 24.14 -36.28
CA GLU A 68 -8.64 25.04 -37.01
C GLU A 68 -8.58 24.80 -38.53
N GLN A 69 -9.54 25.40 -39.24
CA GLN A 69 -9.62 25.20 -40.69
C GLN A 69 -9.90 26.51 -41.42
N PHE A 70 -9.26 26.68 -42.57
CA PHE A 70 -9.45 27.86 -43.40
C PHE A 70 -9.73 27.47 -44.85
N THR A 71 -10.52 28.26 -45.54
CA THR A 71 -10.91 27.98 -46.92
C THR A 71 -10.51 29.11 -47.86
N PHE A 72 -9.77 28.76 -48.91
CA PHE A 72 -9.36 29.71 -49.93
C PHE A 72 -10.09 29.48 -51.24
N LYS A 73 -11.09 30.32 -51.51
CA LYS A 73 -11.90 30.17 -52.72
C LYS A 73 -11.06 30.50 -53.94
N VAL A 74 -10.31 29.50 -54.41
CA VAL A 74 -9.42 29.65 -55.55
C VAL A 74 -9.65 28.52 -56.55
N PRO A 75 -9.83 28.87 -57.82
CA PRO A 75 -9.99 27.84 -58.87
C PRO A 75 -8.80 26.89 -58.92
N TYR A 76 -8.97 25.76 -59.61
CA TYR A 76 -7.95 24.73 -59.60
C TYR A 76 -6.83 25.04 -60.59
N SER A 77 -7.15 25.87 -61.58
CA SER A 77 -6.17 26.23 -62.61
C SER A 77 -5.16 27.25 -62.07
N GLU A 78 -5.67 28.23 -61.33
CA GLU A 78 -4.82 29.25 -60.71
C GLU A 78 -4.00 28.68 -59.56
N LEU A 79 -4.50 27.61 -58.96
CA LEU A 79 -3.90 27.01 -57.78
C LEU A 79 -2.45 26.55 -57.99
N GLY A 80 -2.17 26.01 -59.17
CA GLY A 80 -0.87 25.44 -59.46
C GLY A 80 0.32 26.37 -59.30
N GLY A 81 0.09 27.65 -59.57
CA GLY A 81 1.15 28.64 -59.46
C GLY A 81 1.00 29.44 -58.18
N LYS A 82 0.29 28.86 -57.22
CA LYS A 82 0.07 29.53 -55.95
C LYS A 82 0.67 28.79 -54.76
N THR A 83 1.37 29.53 -53.92
CA THR A 83 1.99 28.96 -52.74
C THR A 83 1.26 29.30 -51.44
N LEU A 84 1.51 28.48 -50.42
CA LEU A 84 0.90 28.64 -49.11
C LEU A 84 1.92 29.07 -48.07
N VAL A 85 1.55 30.02 -47.22
CA VAL A 85 2.44 30.49 -46.18
C VAL A 85 1.81 30.35 -44.80
N MET A 86 2.51 29.64 -43.93
CA MET A 86 2.10 29.42 -42.54
C MET A 86 3.18 29.91 -41.60
N ALA A 87 2.96 31.06 -40.97
CA ALA A 87 3.97 31.64 -40.08
C ALA A 87 3.49 31.63 -38.63
N VAL A 88 4.37 31.19 -37.73
CA VAL A 88 4.05 31.14 -36.31
C VAL A 88 4.51 32.42 -35.62
N TYR A 89 3.56 33.10 -34.98
CA TYR A 89 3.81 34.36 -34.29
C TYR A 89 3.72 34.18 -32.78
N ASP A 90 4.42 35.04 -32.05
CA ASP A 90 4.33 35.08 -30.60
C ASP A 90 3.58 36.34 -30.17
N PHE A 91 2.50 36.16 -29.42
CA PHE A 91 1.71 37.31 -29.00
C PHE A 91 2.32 38.01 -27.79
N ASP A 92 2.37 39.33 -27.86
CA ASP A 92 2.78 40.16 -26.73
C ASP A 92 1.86 41.37 -26.64
N ARG A 93 1.34 41.60 -25.44
CA ARG A 93 0.30 42.60 -25.21
C ARG A 93 0.80 44.05 -25.32
N PHE A 94 2.08 44.27 -25.05
CA PHE A 94 2.61 45.63 -24.94
C PHE A 94 3.67 45.97 -25.99
N SER A 95 3.84 45.08 -26.97
CA SER A 95 4.88 45.29 -27.99
C SER A 95 4.52 44.62 -29.31
N LYS A 96 5.43 44.71 -30.28
CA LYS A 96 5.25 44.06 -31.56
C LYS A 96 5.28 42.55 -31.41
N HIS A 97 4.35 41.88 -32.08
CA HIS A 97 4.27 40.42 -32.03
C HIS A 97 5.37 39.80 -32.88
N ASP A 98 6.42 39.32 -32.23
CA ASP A 98 7.57 38.74 -32.91
C ASP A 98 7.21 37.46 -33.65
N ILE A 99 7.81 37.27 -34.82
CA ILE A 99 7.57 36.07 -35.59
C ILE A 99 8.46 34.95 -35.06
N ILE A 100 7.85 33.83 -34.69
CA ILE A 100 8.61 32.68 -34.23
C ILE A 100 9.17 31.92 -35.41
N GLY A 101 8.31 31.60 -36.37
CA GLY A 101 8.74 30.87 -37.55
C GLY A 101 7.90 31.10 -38.78
N GLU A 102 8.23 30.41 -39.86
CA GLU A 102 7.46 30.49 -41.10
C GLU A 102 7.69 29.25 -41.95
N PHE A 103 6.74 28.97 -42.84
CA PHE A 103 6.87 27.83 -43.74
C PHE A 103 6.11 28.07 -45.05
N LYS A 104 6.77 27.79 -46.16
CA LYS A 104 6.18 28.01 -47.48
C LYS A 104 6.04 26.69 -48.23
N VAL A 105 4.87 26.48 -48.84
CA VAL A 105 4.57 25.26 -49.57
C VAL A 105 4.15 25.59 -51.00
N PRO A 106 4.99 25.23 -51.98
CA PRO A 106 4.68 25.32 -53.41
C PRO A 106 3.55 24.39 -53.82
N MET A 107 2.59 24.88 -54.60
CA MET A 107 1.43 24.09 -54.96
C MET A 107 1.68 23.20 -56.18
N ASN A 108 2.90 23.22 -56.69
CA ASN A 108 3.28 22.34 -57.79
C ASN A 108 3.94 21.09 -57.25
N THR A 109 4.39 21.16 -56.00
CA THR A 109 4.96 20.01 -55.33
C THR A 109 3.87 19.25 -54.59
N VAL A 110 2.77 19.94 -54.29
CA VAL A 110 1.65 19.33 -53.58
C VAL A 110 0.87 18.41 -54.53
N ASP A 111 0.53 17.22 -54.04
CA ASP A 111 -0.28 16.29 -54.80
C ASP A 111 -1.66 16.16 -54.17
N PHE A 112 -2.68 16.58 -54.92
CA PHE A 112 -4.05 16.47 -54.45
C PHE A 112 -4.67 15.20 -55.01
N GLY A 113 -5.67 14.68 -54.31
CA GLY A 113 -6.29 13.43 -54.67
C GLY A 113 -6.44 12.59 -53.42
N HIS A 114 -5.38 12.59 -52.61
CA HIS A 114 -5.44 12.02 -51.28
C HIS A 114 -5.28 13.16 -50.28
N VAL A 115 -5.99 13.08 -49.16
CA VAL A 115 -5.93 14.12 -48.14
C VAL A 115 -4.54 14.15 -47.53
N THR A 116 -3.84 15.27 -47.69
CA THR A 116 -2.47 15.39 -47.21
C THR A 116 -2.44 15.93 -45.78
N GLU A 117 -1.50 15.45 -44.98
CA GLU A 117 -1.33 15.93 -43.61
C GLU A 117 0.07 15.57 -43.11
N GLU A 118 0.88 16.58 -42.83
CA GLU A 118 2.27 16.32 -42.49
C GLU A 118 2.87 17.25 -41.43
N TRP A 119 3.99 16.81 -40.87
CA TRP A 119 4.81 17.61 -39.97
C TRP A 119 5.99 18.20 -40.74
N ARG A 120 6.18 19.51 -40.60
CA ARG A 120 7.32 20.16 -41.25
C ARG A 120 8.05 21.07 -40.27
N ASP A 121 9.36 21.07 -40.34
CA ASP A 121 10.20 21.86 -39.44
C ASP A 121 10.13 23.33 -39.78
N LEU A 122 9.93 24.16 -38.75
CA LEU A 122 9.88 25.61 -38.93
C LEU A 122 11.26 26.20 -39.14
N GLN A 123 11.31 27.29 -39.89
CA GLN A 123 12.56 27.98 -40.18
C GLN A 123 12.42 29.47 -39.88
N SER A 124 13.55 30.17 -39.82
CA SER A 124 13.54 31.59 -39.49
C SER A 124 13.20 32.44 -40.71
N ALA A 125 12.24 33.34 -40.53
CA ALA A 125 11.75 34.20 -41.60
C ALA A 125 12.83 35.14 -42.12
N GLU A 126 12.82 35.37 -43.42
CA GLU A 126 13.78 36.25 -44.07
C GLU A 126 13.52 37.70 -43.68
N LYS A 127 14.60 38.46 -43.53
CA LYS A 127 14.49 39.87 -43.17
C LYS A 127 13.87 40.66 -44.31
N LYS B 1 -79.92 -21.23 -47.59
CA LYS B 1 -80.44 -20.49 -48.73
C LYS B 1 -80.23 -19.01 -48.51
N LEU B 2 -80.01 -18.64 -47.24
CA LEU B 2 -79.80 -17.25 -46.86
C LEU B 2 -78.55 -16.64 -47.48
N GLY B 3 -77.47 -17.43 -47.50
CA GLY B 3 -76.21 -16.95 -48.05
C GLY B 3 -75.02 -17.59 -47.37
N LYS B 4 -73.83 -17.16 -47.74
CA LYS B 4 -72.61 -17.70 -47.15
C LYS B 4 -71.90 -16.68 -46.26
N LEU B 5 -70.92 -17.14 -45.50
CA LEU B 5 -70.17 -16.29 -44.58
C LEU B 5 -68.67 -16.56 -44.66
N GLN B 6 -67.90 -15.52 -44.99
CA GLN B 6 -66.45 -15.61 -44.97
C GLN B 6 -65.89 -15.10 -43.65
N TYR B 7 -65.13 -15.96 -42.98
CA TYR B 7 -64.55 -15.63 -41.68
C TYR B 7 -63.11 -16.09 -41.57
N SER B 8 -62.40 -15.56 -40.57
CA SER B 8 -61.02 -15.95 -40.32
C SER B 8 -60.83 -16.47 -38.88
N LEU B 9 -59.94 -17.44 -38.74
CA LEU B 9 -59.68 -18.06 -37.44
C LEU B 9 -58.20 -18.42 -37.27
N ASP B 10 -57.65 -18.09 -36.11
CA ASP B 10 -56.26 -18.42 -35.79
C ASP B 10 -56.01 -18.19 -34.29
N TYR B 11 -54.94 -18.78 -33.77
CA TYR B 11 -54.62 -18.66 -32.36
C TYR B 11 -53.24 -18.06 -32.13
N ASP B 12 -53.18 -17.03 -31.29
CA ASP B 12 -51.92 -16.39 -30.93
C ASP B 12 -51.33 -17.04 -29.69
N PHE B 13 -50.23 -17.77 -29.87
CA PHE B 13 -49.61 -18.50 -28.78
C PHE B 13 -48.75 -17.61 -27.90
N GLN B 14 -48.47 -16.41 -28.39
CA GLN B 14 -47.62 -15.47 -27.65
C GLN B 14 -48.40 -14.78 -26.54
N ASN B 15 -49.69 -14.58 -26.75
CA ASN B 15 -50.54 -13.93 -25.76
C ASN B 15 -51.58 -14.90 -25.20
N ASN B 16 -51.61 -16.11 -25.74
CA ASN B 16 -52.58 -17.13 -25.37
C ASN B 16 -54.02 -16.62 -25.50
N GLN B 17 -54.38 -16.22 -26.72
CA GLN B 17 -55.71 -15.70 -26.99
C GLN B 17 -56.19 -16.10 -28.40
N LEU B 18 -57.49 -16.29 -28.55
CA LEU B 18 -58.08 -16.67 -29.82
C LEU B 18 -58.44 -15.45 -30.66
N LEU B 19 -57.99 -15.42 -31.90
CA LEU B 19 -58.25 -14.30 -32.80
C LEU B 19 -59.30 -14.65 -33.85
N VAL B 20 -60.53 -14.19 -33.65
CA VAL B 20 -61.62 -14.49 -34.58
C VAL B 20 -61.98 -13.28 -35.40
N GLY B 21 -61.76 -13.36 -36.72
CA GLY B 21 -62.06 -12.25 -37.60
C GLY B 21 -63.28 -12.48 -38.46
N ILE B 22 -64.21 -11.52 -38.43
CA ILE B 22 -65.39 -11.58 -39.26
C ILE B 22 -65.13 -10.76 -40.51
N ILE B 23 -64.94 -11.45 -41.63
CA ILE B 23 -64.61 -10.80 -42.88
C ILE B 23 -65.88 -10.24 -43.50
N GLN B 24 -66.73 -11.12 -44.03
CA GLN B 24 -67.95 -10.65 -44.68
C GLN B 24 -68.99 -11.75 -44.85
N ALA B 25 -70.10 -11.41 -45.50
CA ALA B 25 -71.15 -12.37 -45.81
C ALA B 25 -71.71 -12.09 -47.20
N ALA B 26 -72.33 -13.08 -47.82
CA ALA B 26 -72.84 -12.92 -49.18
C ALA B 26 -74.18 -13.64 -49.41
N GLU B 27 -74.92 -13.15 -50.41
CA GLU B 27 -76.18 -13.74 -50.84
C GLU B 27 -77.20 -13.93 -49.70
N LEU B 28 -77.22 -13.01 -48.75
CA LEU B 28 -78.19 -13.06 -47.66
C LEU B 28 -79.59 -12.75 -48.16
N PRO B 29 -80.59 -13.53 -47.70
CA PRO B 29 -81.98 -13.26 -48.07
C PRO B 29 -82.49 -11.94 -47.50
N ALA B 30 -83.35 -11.26 -48.26
CA ALA B 30 -83.89 -9.97 -47.83
C ALA B 30 -85.15 -10.13 -46.98
N LEU B 31 -85.18 -9.48 -45.83
CA LEU B 31 -86.34 -9.54 -44.94
C LEU B 31 -86.95 -8.16 -44.72
N ASP B 32 -86.28 -7.13 -45.20
CA ASP B 32 -86.74 -5.76 -45.00
C ASP B 32 -87.42 -5.18 -46.24
N MET B 33 -87.96 -3.97 -46.09
CA MET B 33 -88.79 -3.33 -47.11
C MET B 33 -88.07 -3.01 -48.42
N GLY B 34 -86.96 -2.30 -48.33
CA GLY B 34 -86.26 -1.81 -49.50
C GLY B 34 -85.75 -2.86 -50.48
N GLY B 35 -85.82 -4.13 -50.08
CA GLY B 35 -85.33 -5.21 -50.91
C GLY B 35 -84.00 -5.72 -50.37
N THR B 36 -83.53 -5.07 -49.31
CA THR B 36 -82.29 -5.44 -48.63
C THR B 36 -82.47 -5.33 -47.12
N SER B 37 -81.81 -6.22 -46.39
CA SER B 37 -81.91 -6.26 -44.94
C SER B 37 -80.80 -5.45 -44.26
N ASP B 38 -80.91 -5.26 -42.96
CA ASP B 38 -79.88 -4.58 -42.17
C ASP B 38 -79.16 -5.58 -41.27
N PRO B 39 -78.11 -6.24 -41.81
CA PRO B 39 -77.47 -7.35 -41.10
C PRO B 39 -76.38 -6.94 -40.10
N TYR B 40 -76.25 -7.72 -39.03
CA TYR B 40 -75.13 -7.60 -38.11
C TYR B 40 -74.86 -8.96 -37.45
N VAL B 41 -73.60 -9.29 -37.24
CA VAL B 41 -73.23 -10.63 -36.79
C VAL B 41 -72.84 -10.67 -35.32
N LYS B 42 -73.47 -11.59 -34.58
CA LYS B 42 -73.13 -11.83 -33.19
C LYS B 42 -72.22 -13.05 -33.09
N VAL B 43 -71.04 -12.86 -32.48
CA VAL B 43 -70.06 -13.94 -32.35
C VAL B 43 -69.71 -14.15 -30.88
N PHE B 44 -69.69 -15.41 -30.46
CA PHE B 44 -69.35 -15.75 -29.08
C PHE B 44 -68.80 -17.16 -29.01
N LEU B 45 -68.10 -17.48 -27.92
CA LEU B 45 -67.56 -18.81 -27.74
C LEU B 45 -68.73 -19.77 -27.55
N LEU B 46 -68.75 -20.87 -28.30
CA LEU B 46 -69.85 -21.82 -28.20
C LEU B 46 -70.01 -22.48 -26.84
N PRO B 47 -68.84 -22.89 -26.20
CA PRO B 47 -69.06 -23.54 -24.90
C PRO B 47 -69.85 -22.84 -23.79
N ASP B 48 -69.49 -21.59 -23.53
CA ASP B 48 -70.16 -20.79 -22.52
C ASP B 48 -70.61 -19.51 -23.20
N LYS B 49 -71.88 -19.16 -23.05
CA LYS B 49 -72.38 -17.95 -23.68
C LYS B 49 -72.12 -16.73 -22.81
N LYS B 50 -70.84 -16.36 -22.69
CA LYS B 50 -70.48 -15.22 -21.88
C LYS B 50 -69.59 -14.22 -22.64
N LYS B 51 -69.96 -12.95 -22.59
CA LYS B 51 -69.16 -11.91 -23.22
C LYS B 51 -69.29 -11.99 -24.74
N LYS B 52 -70.51 -12.19 -25.21
CA LYS B 52 -70.76 -12.29 -26.64
C LYS B 52 -70.35 -10.99 -27.34
N PHE B 53 -69.77 -11.13 -28.53
CA PHE B 53 -69.31 -9.98 -29.30
C PHE B 53 -70.23 -9.69 -30.48
N GLU B 54 -70.58 -8.42 -30.65
CA GLU B 54 -71.46 -8.02 -31.74
C GLU B 54 -70.76 -7.00 -32.67
N THR B 55 -70.94 -7.17 -33.98
CA THR B 55 -70.39 -6.24 -34.97
C THR B 55 -71.30 -5.01 -35.15
N LYS B 56 -70.81 -4.05 -35.92
CA LYS B 56 -71.56 -2.84 -36.22
C LYS B 56 -72.68 -3.15 -37.22
N VAL B 57 -73.78 -2.40 -37.12
CA VAL B 57 -74.94 -2.63 -37.96
C VAL B 57 -74.77 -1.98 -39.34
N HIS B 58 -74.81 -2.79 -40.39
CA HIS B 58 -74.75 -2.28 -41.76
C HIS B 58 -76.13 -2.07 -42.33
N ARG B 59 -76.34 -0.91 -42.94
CA ARG B 59 -77.66 -0.54 -43.45
C ARG B 59 -77.91 -1.02 -44.87
N LYS B 60 -78.97 -1.79 -45.04
CA LYS B 60 -79.50 -2.16 -46.36
C LYS B 60 -78.47 -2.73 -47.33
N THR B 61 -77.86 -3.85 -46.97
CA THR B 61 -76.98 -4.59 -47.87
C THR B 61 -77.15 -6.10 -47.70
N LEU B 62 -77.26 -6.83 -48.80
CA LEU B 62 -77.34 -8.28 -48.74
C LEU B 62 -75.95 -8.89 -48.90
N ASN B 63 -74.95 -8.02 -49.02
CA ASN B 63 -73.56 -8.44 -49.00
C ASN B 63 -72.76 -7.51 -48.08
N PRO B 64 -72.96 -7.66 -46.76
CA PRO B 64 -72.29 -6.77 -45.79
C PRO B 64 -70.81 -7.13 -45.61
N VAL B 65 -69.97 -6.10 -45.49
CA VAL B 65 -68.56 -6.33 -45.23
C VAL B 65 -68.19 -5.69 -43.90
N PHE B 66 -67.84 -6.52 -42.93
CA PHE B 66 -67.56 -6.07 -41.58
C PHE B 66 -66.07 -5.84 -41.36
N ASN B 67 -65.27 -6.81 -41.83
CA ASN B 67 -63.81 -6.80 -41.66
C ASN B 67 -63.41 -6.46 -40.21
N GLU B 68 -64.12 -7.03 -39.25
CA GLU B 68 -63.84 -6.76 -37.84
C GLU B 68 -63.10 -7.91 -37.17
N GLN B 69 -62.58 -7.66 -35.97
CA GLN B 69 -61.81 -8.67 -35.25
C GLN B 69 -62.18 -8.71 -33.77
N PHE B 70 -62.23 -9.93 -33.23
CA PHE B 70 -62.53 -10.15 -31.82
C PHE B 70 -61.50 -11.08 -31.18
N THR B 71 -61.23 -10.86 -29.90
CA THR B 71 -60.23 -11.64 -29.18
C THR B 71 -60.83 -12.33 -27.97
N PHE B 72 -60.65 -13.65 -27.90
CA PHE B 72 -61.11 -14.44 -26.77
C PHE B 72 -59.96 -14.93 -25.92
N LYS B 73 -59.75 -14.27 -24.78
CA LYS B 73 -58.64 -14.61 -23.88
C LYS B 73 -58.89 -15.98 -23.26
N VAL B 74 -58.53 -17.02 -24.00
CA VAL B 74 -58.73 -18.41 -23.57
C VAL B 74 -57.44 -19.20 -23.74
N PRO B 75 -57.03 -19.93 -22.69
CA PRO B 75 -55.84 -20.77 -22.77
C PRO B 75 -55.95 -21.81 -23.88
N TYR B 76 -54.83 -22.41 -24.26
CA TYR B 76 -54.82 -23.32 -25.40
C TYR B 76 -55.32 -24.71 -25.02
N SER B 77 -55.25 -25.03 -23.73
CA SER B 77 -55.70 -26.33 -23.24
C SER B 77 -57.22 -26.41 -23.19
N GLU B 78 -57.84 -25.34 -22.69
CA GLU B 78 -59.29 -25.24 -22.63
C GLU B 78 -59.92 -25.09 -24.01
N LEU B 79 -59.14 -24.57 -24.95
CA LEU B 79 -59.64 -24.26 -26.29
C LEU B 79 -60.17 -25.48 -27.04
N GLY B 80 -59.52 -26.62 -26.86
CA GLY B 80 -59.87 -27.82 -27.59
C GLY B 80 -61.30 -28.31 -27.45
N GLY B 81 -61.88 -28.08 -26.28
CA GLY B 81 -63.23 -28.50 -26.02
C GLY B 81 -64.18 -27.32 -26.12
N LYS B 82 -63.74 -26.28 -26.81
CA LYS B 82 -64.56 -25.09 -26.97
C LYS B 82 -64.95 -24.79 -28.42
N THR B 83 -66.23 -24.51 -28.63
CA THR B 83 -66.74 -24.22 -29.95
C THR B 83 -67.02 -22.74 -30.17
N LEU B 84 -67.07 -22.35 -31.43
CA LEU B 84 -67.32 -20.98 -31.86
C LEU B 84 -68.69 -20.84 -32.51
N VAL B 85 -69.40 -19.78 -32.17
CA VAL B 85 -70.72 -19.54 -32.75
C VAL B 85 -70.77 -18.17 -33.41
N MET B 86 -71.13 -18.16 -34.69
CA MET B 86 -71.28 -16.96 -35.50
C MET B 86 -72.68 -16.91 -36.08
N ALA B 87 -73.55 -16.06 -35.52
CA ALA B 87 -74.93 -15.99 -35.99
C ALA B 87 -75.23 -14.64 -36.64
N VAL B 88 -75.86 -14.68 -37.80
CA VAL B 88 -76.21 -13.47 -38.53
C VAL B 88 -77.61 -13.02 -38.17
N TYR B 89 -77.71 -11.79 -37.69
CA TYR B 89 -78.98 -11.20 -37.25
C TYR B 89 -79.42 -10.09 -38.21
N ASP B 90 -80.73 -9.87 -38.27
CA ASP B 90 -81.29 -8.77 -39.03
C ASP B 90 -81.80 -7.70 -38.08
N PHE B 91 -81.31 -6.47 -38.23
CA PHE B 91 -81.72 -5.40 -37.35
C PHE B 91 -83.07 -4.81 -37.75
N ASP B 92 -83.93 -4.60 -36.75
CA ASP B 92 -85.19 -3.90 -36.95
C ASP B 92 -85.42 -2.95 -35.79
N ARG B 93 -85.74 -1.70 -36.11
CA ARG B 93 -85.81 -0.64 -35.12
C ARG B 93 -87.02 -0.75 -34.19
N PHE B 94 -88.10 -1.36 -34.66
CA PHE B 94 -89.36 -1.35 -33.92
C PHE B 94 -89.83 -2.73 -33.49
N SER B 95 -88.97 -3.74 -33.62
CA SER B 95 -89.35 -5.11 -33.28
C SER B 95 -88.14 -5.94 -32.88
N LYS B 96 -88.39 -7.22 -32.59
CA LYS B 96 -87.32 -8.15 -32.27
C LYS B 96 -86.42 -8.38 -33.47
N HIS B 97 -85.11 -8.39 -33.24
CA HIS B 97 -84.14 -8.61 -34.30
C HIS B 97 -84.08 -10.08 -34.67
N ASP B 98 -84.71 -10.43 -35.79
CA ASP B 98 -84.80 -11.80 -36.25
C ASP B 98 -83.43 -12.36 -36.63
N ILE B 99 -83.21 -13.63 -36.32
CA ILE B 99 -81.96 -14.28 -36.67
C ILE B 99 -82.01 -14.73 -38.12
N ILE B 100 -81.06 -14.29 -38.93
CA ILE B 100 -80.98 -14.72 -40.31
C ILE B 100 -80.36 -16.11 -40.39
N GLY B 101 -79.21 -16.27 -39.76
CA GLY B 101 -78.53 -17.57 -39.78
C GLY B 101 -77.63 -17.82 -38.58
N GLU B 102 -76.96 -18.97 -38.60
CA GLU B 102 -76.01 -19.31 -37.54
C GLU B 102 -75.00 -20.33 -38.05
N PHE B 103 -73.84 -20.38 -37.39
CA PHE B 103 -72.82 -21.36 -37.75
C PHE B 103 -71.94 -21.71 -36.54
N LYS B 104 -71.73 -23.01 -36.35
CA LYS B 104 -70.96 -23.51 -35.23
C LYS B 104 -69.70 -24.22 -35.70
N VAL B 105 -68.57 -23.92 -35.06
CA VAL B 105 -67.28 -24.50 -35.43
C VAL B 105 -66.64 -25.15 -34.21
N PRO B 106 -66.54 -26.49 -34.23
CA PRO B 106 -65.83 -27.28 -33.23
C PRO B 106 -64.33 -27.00 -33.26
N MET B 107 -63.71 -26.82 -32.10
CA MET B 107 -62.30 -26.46 -32.03
C MET B 107 -61.38 -27.68 -32.08
N ASN B 108 -61.97 -28.85 -32.22
CA ASN B 108 -61.19 -30.08 -32.36
C ASN B 108 -61.02 -30.40 -33.84
N THR B 109 -61.88 -29.81 -34.67
CA THR B 109 -61.77 -29.96 -36.11
C THR B 109 -60.87 -28.87 -36.67
N VAL B 110 -60.74 -27.77 -35.93
CA VAL B 110 -59.92 -26.65 -36.37
C VAL B 110 -58.44 -26.98 -36.21
N ASP B 111 -57.65 -26.66 -37.22
CA ASP B 111 -56.20 -26.85 -37.17
C ASP B 111 -55.49 -25.51 -37.10
N PHE B 112 -54.82 -25.27 -36.00
CA PHE B 112 -54.05 -24.04 -35.82
C PHE B 112 -52.61 -24.29 -36.21
N GLY B 113 -51.91 -23.23 -36.60
CA GLY B 113 -50.55 -23.34 -37.09
C GLY B 113 -50.43 -22.54 -38.36
N HIS B 114 -51.43 -22.67 -39.21
CA HIS B 114 -51.57 -21.81 -40.37
C HIS B 114 -52.83 -20.96 -40.16
N VAL B 115 -52.78 -19.71 -40.61
CA VAL B 115 -53.91 -18.80 -40.45
C VAL B 115 -55.07 -19.29 -41.30
N THR B 116 -56.17 -19.64 -40.65
CA THR B 116 -57.33 -20.19 -41.35
C THR B 116 -58.29 -19.08 -41.78
N GLU B 117 -58.92 -19.25 -42.95
CA GLU B 117 -59.89 -18.29 -43.45
C GLU B 117 -60.76 -18.94 -44.51
N GLU B 118 -62.05 -19.08 -44.24
CA GLU B 118 -62.91 -19.82 -45.15
C GLU B 118 -64.33 -19.27 -45.30
N TRP B 119 -64.99 -19.72 -46.37
CA TRP B 119 -66.41 -19.47 -46.60
C TRP B 119 -67.23 -20.68 -46.17
N ARG B 120 -68.26 -20.44 -45.36
CA ARG B 120 -69.15 -21.51 -44.94
C ARG B 120 -70.60 -21.11 -45.11
N ASP B 121 -71.42 -22.05 -45.56
CA ASP B 121 -72.83 -21.80 -45.82
C ASP B 121 -73.60 -21.67 -44.51
N LEU B 122 -74.44 -20.64 -44.42
CA LEU B 122 -75.27 -20.42 -43.24
C LEU B 122 -76.45 -21.37 -43.22
N GLN B 123 -76.89 -21.71 -42.01
CA GLN B 123 -78.02 -22.61 -41.80
C GLN B 123 -79.02 -21.98 -40.84
N SER B 124 -80.21 -22.55 -40.79
CA SER B 124 -81.28 -22.01 -39.94
C SER B 124 -81.11 -22.46 -38.49
N ALA B 125 -81.15 -21.50 -37.58
CA ALA B 125 -80.96 -21.75 -36.15
C ALA B 125 -82.05 -22.63 -35.58
N GLU B 126 -81.65 -23.50 -34.65
CA GLU B 126 -82.58 -24.42 -34.00
C GLU B 126 -83.51 -23.67 -33.07
N LYS B 127 -84.75 -24.12 -33.00
CA LYS B 127 -85.75 -23.49 -32.14
C LYS B 127 -85.40 -23.72 -30.68
N GLU B 129 -86.27 -28.93 -29.87
CA GLU B 129 -86.68 -30.21 -29.32
C GLU B 129 -87.62 -30.03 -28.13
N GLN B 130 -88.15 -31.13 -27.61
CA GLN B 130 -89.04 -31.09 -26.45
C GLN B 130 -88.32 -30.59 -25.22
N GLU B 131 -89.01 -29.81 -24.39
CA GLU B 131 -88.37 -29.13 -23.26
C GLU B 131 -88.15 -30.04 -22.04
N LYS B 132 -89.11 -30.91 -21.75
CA LYS B 132 -89.06 -31.74 -20.54
C LYS B 132 -87.83 -32.64 -20.49
N LEU B 133 -87.71 -33.52 -21.48
CA LEU B 133 -86.59 -34.46 -21.58
C LEU B 133 -86.50 -35.38 -20.36
N GLY B 134 -87.67 -35.69 -19.78
CA GLY B 134 -87.73 -36.63 -18.67
C GLY B 134 -88.45 -37.90 -19.07
N ASP B 135 -88.23 -38.98 -18.33
CA ASP B 135 -88.83 -40.27 -18.67
C ASP B 135 -89.30 -41.02 -17.43
N ILE B 136 -90.43 -41.72 -17.54
CA ILE B 136 -90.95 -42.50 -16.43
C ILE B 136 -91.11 -43.96 -16.86
N CYS B 137 -90.62 -44.87 -16.02
CA CYS B 137 -90.71 -46.30 -16.32
C CYS B 137 -91.57 -47.05 -15.33
N PHE B 138 -92.49 -47.86 -15.86
CA PHE B 138 -93.39 -48.66 -15.03
C PHE B 138 -93.78 -49.97 -15.72
N SER B 139 -94.45 -50.85 -14.97
CA SER B 139 -94.86 -52.15 -15.51
C SER B 139 -96.38 -52.33 -15.50
N LEU B 140 -96.90 -52.94 -16.55
CA LEU B 140 -98.34 -53.20 -16.64
C LEU B 140 -98.64 -54.69 -16.66
N ARG B 141 -99.63 -55.11 -15.87
CA ARG B 141 -100.03 -56.51 -15.81
C ARG B 141 -101.55 -56.62 -15.67
N TYR B 142 -102.17 -57.34 -16.60
CA TYR B 142 -103.61 -57.52 -16.55
C TYR B 142 -103.94 -58.99 -16.77
N VAL B 143 -104.73 -59.55 -15.86
CA VAL B 143 -105.25 -60.90 -16.03
C VAL B 143 -106.76 -60.74 -16.22
N PRO B 144 -107.26 -61.14 -17.41
CA PRO B 144 -108.64 -60.93 -17.83
C PRO B 144 -109.70 -61.61 -16.96
N THR B 145 -109.37 -62.75 -16.39
CA THR B 145 -110.32 -63.52 -15.60
C THR B 145 -110.76 -62.80 -14.34
N ALA B 146 -109.79 -62.31 -13.57
CA ALA B 146 -110.08 -61.62 -12.31
C ALA B 146 -110.30 -60.13 -12.50
N GLY B 147 -109.93 -59.62 -13.68
CA GLY B 147 -110.09 -58.22 -13.98
C GLY B 147 -109.20 -57.30 -13.16
N LYS B 148 -107.99 -57.76 -12.86
CA LYS B 148 -107.07 -56.99 -12.03
C LYS B 148 -106.01 -56.29 -12.88
N LEU B 149 -105.85 -55.00 -12.64
CA LEU B 149 -104.83 -54.21 -13.33
C LEU B 149 -103.73 -53.78 -12.37
N THR B 150 -102.53 -54.35 -12.53
CA THR B 150 -101.42 -54.06 -11.63
C THR B 150 -100.41 -53.10 -12.26
N VAL B 151 -100.50 -51.82 -11.89
CA VAL B 151 -99.57 -50.81 -12.36
C VAL B 151 -98.48 -50.56 -11.32
N VAL B 152 -97.26 -50.98 -11.63
CA VAL B 152 -96.14 -50.83 -10.70
C VAL B 152 -95.23 -49.70 -11.15
N ILE B 153 -95.29 -48.57 -10.44
CA ILE B 153 -94.39 -47.46 -10.73
C ILE B 153 -92.98 -47.86 -10.33
N LEU B 154 -92.10 -47.95 -11.33
CA LEU B 154 -90.73 -48.36 -11.07
C LEU B 154 -89.84 -47.16 -10.81
N GLU B 155 -89.51 -46.39 -11.85
CA GLU B 155 -88.54 -45.30 -11.67
C GLU B 155 -88.54 -44.26 -12.77
N ALA B 156 -88.34 -43.00 -12.39
CA ALA B 156 -88.22 -41.91 -13.36
C ALA B 156 -86.77 -41.44 -13.47
N LYS B 157 -86.46 -40.73 -14.56
CA LYS B 157 -85.10 -40.24 -14.80
C LYS B 157 -85.08 -38.97 -15.64
N ASN B 158 -84.02 -38.19 -15.46
CA ASN B 158 -83.79 -36.95 -16.22
C ASN B 158 -84.97 -35.99 -16.14
N LEU B 159 -85.57 -35.90 -14.95
CA LEU B 159 -86.73 -35.03 -14.75
C LEU B 159 -86.32 -33.56 -14.75
N LYS B 160 -87.26 -32.70 -15.12
CA LYS B 160 -87.02 -31.26 -15.19
C LYS B 160 -86.92 -30.65 -13.79
N LYS B 161 -85.97 -29.73 -13.62
CA LYS B 161 -85.77 -29.07 -12.34
C LYS B 161 -86.99 -28.22 -12.01
N MET B 162 -87.47 -28.33 -10.76
CA MET B 162 -88.65 -27.58 -10.34
C MET B 162 -88.33 -26.65 -9.18
N ASP B 163 -87.28 -26.97 -8.44
CA ASP B 163 -86.86 -26.16 -7.30
C ASP B 163 -85.75 -25.19 -7.70
N VAL B 164 -85.59 -24.13 -6.91
CA VAL B 164 -84.61 -23.09 -7.21
C VAL B 164 -83.21 -23.53 -6.78
N GLY B 165 -82.31 -23.63 -7.75
CA GLY B 165 -80.92 -23.97 -7.48
C GLY B 165 -80.71 -25.34 -6.85
N GLY B 166 -81.40 -26.33 -7.39
CA GLY B 166 -81.28 -27.69 -6.88
C GLY B 166 -82.12 -28.70 -7.63
N LEU B 167 -82.12 -29.93 -7.15
CA LEU B 167 -82.90 -31.01 -7.76
C LEU B 167 -84.36 -30.87 -7.37
N SER B 168 -85.17 -31.86 -7.78
CA SER B 168 -86.61 -31.79 -7.58
C SER B 168 -87.08 -32.77 -6.50
N ASP B 169 -88.33 -32.59 -6.08
CA ASP B 169 -88.95 -33.48 -5.10
C ASP B 169 -90.17 -34.18 -5.74
N PRO B 170 -89.91 -35.20 -6.56
CA PRO B 170 -90.92 -35.87 -7.39
C PRO B 170 -91.80 -36.90 -6.67
N TYR B 171 -93.03 -37.02 -7.13
CA TYR B 171 -93.95 -38.06 -6.66
C TYR B 171 -94.94 -38.37 -7.78
N VAL B 172 -95.35 -39.63 -7.85
CA VAL B 172 -96.20 -40.10 -8.93
C VAL B 172 -97.66 -40.17 -8.52
N LYS B 173 -98.51 -39.49 -9.28
CA LYS B 173 -99.95 -39.53 -9.10
C LYS B 173 -100.58 -40.30 -10.26
N ILE B 174 -101.41 -41.29 -9.94
CA ILE B 174 -102.03 -42.10 -10.98
C ILE B 174 -103.54 -41.91 -11.01
N HIS B 175 -104.06 -41.51 -12.15
CA HIS B 175 -105.49 -41.32 -12.34
C HIS B 175 -106.01 -42.36 -13.31
N LEU B 176 -107.25 -42.78 -13.13
CA LEU B 176 -107.87 -43.71 -14.05
C LEU B 176 -109.08 -43.00 -14.62
N MET B 177 -109.06 -42.72 -15.91
CA MET B 177 -110.12 -41.93 -16.52
C MET B 177 -110.99 -42.71 -17.48
N GLN B 178 -112.23 -42.23 -17.63
CA GLN B 178 -113.17 -42.81 -18.58
C GLN B 178 -114.21 -41.75 -18.94
N ASN B 179 -114.40 -41.54 -20.24
CA ASN B 179 -115.34 -40.54 -20.76
C ASN B 179 -115.06 -39.17 -20.16
N GLY B 180 -113.79 -38.89 -19.88
CA GLY B 180 -113.38 -37.60 -19.35
C GLY B 180 -113.44 -37.48 -17.83
N LYS B 181 -113.92 -38.52 -17.16
CA LYS B 181 -114.05 -38.46 -15.71
C LYS B 181 -112.90 -39.20 -15.01
N ARG B 182 -112.40 -38.58 -13.93
CA ARG B 182 -111.33 -39.14 -13.11
C ARG B 182 -111.90 -40.00 -11.97
N LEU B 183 -111.81 -41.32 -12.13
CA LEU B 183 -112.40 -42.25 -11.18
C LEU B 183 -111.53 -42.46 -9.93
N LYS B 184 -110.43 -43.18 -10.10
CA LYS B 184 -109.57 -43.56 -8.98
C LYS B 184 -108.40 -42.60 -8.84
N LYS B 185 -107.94 -42.41 -7.61
CA LYS B 185 -106.81 -41.52 -7.36
C LYS B 185 -105.79 -42.24 -6.47
N LYS B 186 -104.56 -42.35 -6.95
CA LYS B 186 -103.49 -42.98 -6.20
C LYS B 186 -102.26 -42.09 -6.24
N LYS B 187 -101.33 -42.31 -5.31
CA LYS B 187 -100.06 -41.60 -5.34
C LYS B 187 -98.98 -42.42 -4.64
N THR B 188 -97.73 -41.99 -4.78
CA THR B 188 -96.62 -42.74 -4.23
C THR B 188 -95.95 -41.98 -3.09
N THR B 189 -94.84 -42.53 -2.60
CA THR B 189 -94.04 -41.86 -1.58
C THR B 189 -93.27 -40.72 -2.22
N ILE B 190 -92.91 -39.72 -1.42
CA ILE B 190 -92.22 -38.56 -1.94
C ILE B 190 -90.73 -38.71 -1.72
N LYS B 191 -90.00 -38.90 -2.81
CA LYS B 191 -88.55 -39.00 -2.73
C LYS B 191 -87.97 -37.60 -2.88
N LYS B 192 -87.21 -37.16 -1.87
CA LYS B 192 -86.75 -35.78 -1.81
C LYS B 192 -85.34 -35.63 -2.37
N ASN B 193 -85.13 -34.54 -3.10
CA ASN B 193 -83.83 -34.19 -3.67
C ASN B 193 -83.24 -35.35 -4.48
N THR B 194 -83.87 -35.66 -5.61
CA THR B 194 -83.37 -36.75 -6.45
C THR B 194 -83.54 -36.45 -7.94
N LEU B 195 -82.49 -36.75 -8.69
CA LEU B 195 -82.46 -36.58 -10.14
C LEU B 195 -83.17 -37.76 -10.81
N ASN B 196 -83.09 -38.92 -10.16
CA ASN B 196 -83.74 -40.13 -10.64
C ASN B 196 -84.41 -40.83 -9.45
N PRO B 197 -85.72 -40.61 -9.29
CA PRO B 197 -86.45 -41.20 -8.16
C PRO B 197 -86.77 -42.68 -8.36
N TYR B 198 -86.49 -43.48 -7.35
CA TYR B 198 -86.82 -44.91 -7.37
C TYR B 198 -87.94 -45.20 -6.38
N TYR B 199 -89.05 -45.74 -6.87
CA TYR B 199 -90.22 -46.01 -6.03
C TYR B 199 -90.44 -47.50 -5.82
N ASN B 200 -90.61 -48.23 -6.93
CA ASN B 200 -90.96 -49.64 -6.92
C ASN B 200 -92.24 -49.84 -6.10
N GLU B 201 -93.31 -49.17 -6.49
CA GLU B 201 -94.56 -49.23 -5.75
C GLU B 201 -95.71 -49.73 -6.61
N SER B 202 -96.44 -50.73 -6.11
CA SER B 202 -97.49 -51.38 -6.90
C SER B 202 -98.88 -50.84 -6.57
N PHE B 203 -99.70 -50.71 -7.61
CA PHE B 203 -101.09 -50.29 -7.45
C PHE B 203 -102.00 -51.25 -8.21
N SER B 204 -103.20 -51.49 -7.68
CA SER B 204 -104.13 -52.39 -8.34
C SER B 204 -105.48 -51.74 -8.59
N PHE B 205 -106.08 -52.07 -9.72
CA PHE B 205 -107.36 -51.48 -10.12
C PHE B 205 -108.34 -52.56 -10.60
N GLU B 206 -109.62 -52.36 -10.32
CA GLU B 206 -110.66 -53.30 -10.70
C GLU B 206 -111.25 -52.94 -12.06
N VAL B 207 -110.77 -53.62 -13.10
CA VAL B 207 -111.19 -53.33 -14.48
C VAL B 207 -111.71 -54.58 -15.15
N PRO B 208 -113.03 -54.61 -15.43
CA PRO B 208 -113.67 -55.75 -16.11
C PRO B 208 -113.13 -55.97 -17.52
N PHE B 209 -113.32 -57.19 -18.03
CA PHE B 209 -112.81 -57.58 -19.34
C PHE B 209 -113.61 -56.95 -20.48
N GLU B 210 -114.82 -56.52 -20.15
CA GLU B 210 -115.72 -55.96 -21.15
C GLU B 210 -115.50 -54.47 -21.36
N GLN B 211 -114.68 -53.86 -20.51
CA GLN B 211 -114.41 -52.43 -20.61
C GLN B 211 -112.91 -52.15 -20.77
N ILE B 212 -112.13 -53.19 -21.06
CA ILE B 212 -110.69 -53.08 -21.15
C ILE B 212 -110.28 -52.18 -22.31
N GLN B 213 -111.13 -52.12 -23.34
CA GLN B 213 -110.83 -51.31 -24.52
C GLN B 213 -111.41 -49.91 -24.41
N LYS B 214 -111.91 -49.56 -23.23
CA LYS B 214 -112.52 -48.24 -23.02
C LYS B 214 -112.06 -47.61 -21.70
N VAL B 215 -110.80 -47.85 -21.34
CA VAL B 215 -110.26 -47.30 -20.10
C VAL B 215 -109.00 -46.48 -20.37
N GLN B 216 -108.76 -45.48 -19.54
CA GLN B 216 -107.59 -44.63 -19.68
C GLN B 216 -106.73 -44.66 -18.41
N VAL B 217 -105.44 -44.95 -18.56
CA VAL B 217 -104.50 -44.94 -17.44
C VAL B 217 -103.56 -43.75 -17.55
N VAL B 218 -103.67 -42.82 -16.59
CA VAL B 218 -102.93 -41.57 -16.63
C VAL B 218 -101.87 -41.50 -15.53
N VAL B 219 -100.60 -41.52 -15.95
CA VAL B 219 -99.48 -41.44 -15.01
C VAL B 219 -98.89 -40.03 -15.03
N THR B 220 -98.84 -39.40 -13.87
CA THR B 220 -98.32 -38.03 -13.78
C THR B 220 -97.20 -37.90 -12.74
N VAL B 221 -96.06 -37.37 -13.16
CA VAL B 221 -94.97 -37.08 -12.24
C VAL B 221 -95.03 -35.61 -11.86
N LEU B 222 -95.15 -35.34 -10.55
CA LEU B 222 -95.28 -33.96 -10.07
C LEU B 222 -94.21 -33.62 -9.04
N ASP B 223 -94.05 -32.33 -8.78
CA ASP B 223 -93.10 -31.85 -7.76
C ASP B 223 -93.84 -31.48 -6.49
N TYR B 224 -93.19 -31.70 -5.35
CA TYR B 224 -93.83 -31.44 -4.07
C TYR B 224 -93.19 -30.31 -3.28
N ASP B 225 -93.91 -29.20 -3.15
CA ASP B 225 -93.57 -28.20 -2.16
C ASP B 225 -94.70 -28.17 -1.13
N LYS B 226 -94.35 -27.98 0.14
CA LYS B 226 -95.34 -27.90 1.21
C LYS B 226 -96.32 -26.75 0.97
N ILE B 227 -95.76 -25.57 0.71
CA ILE B 227 -96.51 -24.32 0.68
C ILE B 227 -97.07 -24.05 -0.71
N GLY B 228 -98.39 -23.89 -0.79
CA GLY B 228 -99.02 -23.54 -2.06
C GLY B 228 -99.36 -24.72 -2.95
N LYS B 229 -99.69 -24.42 -4.20
CA LYS B 229 -100.08 -25.43 -5.16
C LYS B 229 -98.87 -26.24 -5.61
N ASN B 230 -99.06 -27.54 -5.74
CA ASN B 230 -98.01 -28.44 -6.22
C ASN B 230 -98.07 -28.53 -7.73
N ASP B 231 -97.00 -28.09 -8.37
CA ASP B 231 -96.91 -28.04 -9.82
C ASP B 231 -96.77 -29.45 -10.39
N ALA B 232 -96.64 -29.53 -11.71
CA ALA B 232 -96.55 -30.80 -12.41
C ALA B 232 -95.36 -30.81 -13.36
N ILE B 233 -94.58 -31.88 -13.30
CA ILE B 233 -93.41 -32.02 -14.14
C ILE B 233 -93.81 -32.59 -15.49
N GLY B 234 -94.44 -33.76 -15.50
CA GLY B 234 -94.87 -34.35 -16.76
C GLY B 234 -95.96 -35.38 -16.61
N LYS B 235 -96.56 -35.81 -17.72
CA LYS B 235 -97.60 -36.84 -17.66
C LYS B 235 -97.75 -37.56 -18.99
N VAL B 236 -98.07 -38.86 -18.90
CA VAL B 236 -98.33 -39.67 -20.09
C VAL B 236 -99.54 -40.55 -19.82
N PHE B 237 -100.21 -41.00 -20.88
CA PHE B 237 -101.39 -41.85 -20.71
C PHE B 237 -101.40 -43.04 -21.67
N VAL B 238 -101.90 -44.17 -21.20
CA VAL B 238 -101.97 -45.38 -22.03
C VAL B 238 -103.40 -45.93 -21.99
N GLY B 239 -103.82 -46.54 -23.09
CA GLY B 239 -105.13 -47.15 -23.16
C GLY B 239 -105.99 -46.67 -24.31
N TYR B 240 -107.20 -46.22 -23.97
CA TYR B 240 -108.15 -45.74 -24.96
C TYR B 240 -107.66 -44.44 -25.58
N ASN B 241 -107.68 -44.37 -26.91
CA ASN B 241 -107.22 -43.21 -27.67
C ASN B 241 -105.76 -42.85 -27.39
N SER B 242 -104.91 -43.86 -27.20
CA SER B 242 -103.49 -43.64 -26.98
C SER B 242 -102.70 -43.96 -28.24
N THR B 243 -101.55 -43.30 -28.42
CA THR B 243 -100.70 -43.53 -29.59
C THR B 243 -99.23 -43.66 -29.19
N GLY B 244 -98.41 -44.08 -30.15
CA GLY B 244 -96.98 -44.22 -29.93
C GLY B 244 -96.57 -45.48 -29.18
N ALA B 245 -95.49 -45.37 -28.41
CA ALA B 245 -94.98 -46.49 -27.61
C ALA B 245 -95.95 -46.84 -26.49
N GLU B 246 -96.85 -45.92 -26.17
CA GLU B 246 -97.86 -46.12 -25.14
C GLU B 246 -98.86 -47.20 -25.55
N LEU B 247 -99.43 -47.03 -26.75
CA LEU B 247 -100.35 -48.02 -27.30
C LEU B 247 -99.64 -49.35 -27.48
N ARG B 248 -98.35 -49.29 -27.77
CA ARG B 248 -97.53 -50.50 -27.90
C ARG B 248 -97.45 -51.25 -26.58
N HIS B 249 -97.09 -50.53 -25.51
CA HIS B 249 -96.99 -51.12 -24.18
C HIS B 249 -98.35 -51.69 -23.74
N TRP B 250 -99.41 -50.96 -24.06
CA TRP B 250 -100.76 -51.41 -23.75
C TRP B 250 -101.06 -52.73 -24.46
N SER B 251 -100.75 -52.79 -25.75
CA SER B 251 -100.97 -53.98 -26.55
C SER B 251 -100.10 -55.14 -26.08
N ASP B 252 -98.96 -54.83 -25.49
CA ASP B 252 -98.09 -55.86 -24.93
C ASP B 252 -98.69 -56.41 -23.64
N MET B 253 -99.32 -55.53 -22.88
CA MET B 253 -100.02 -55.94 -21.66
C MET B 253 -101.20 -56.85 -22.01
N LEU B 254 -101.90 -56.51 -23.08
CA LEU B 254 -103.04 -57.30 -23.53
C LEU B 254 -102.60 -58.65 -24.09
N ALA B 255 -101.59 -58.63 -24.95
CA ALA B 255 -101.11 -59.84 -25.62
C ALA B 255 -100.43 -60.79 -24.64
N ASN B 256 -99.92 -60.24 -23.54
CA ASN B 256 -99.25 -61.04 -22.53
C ASN B 256 -100.00 -60.97 -21.21
N PRO B 257 -100.97 -61.89 -21.00
CA PRO B 257 -101.75 -61.94 -19.77
C PRO B 257 -101.04 -62.74 -18.68
N ARG B 258 -101.41 -62.49 -17.42
CA ARG B 258 -100.78 -63.15 -16.27
C ARG B 258 -99.27 -62.88 -16.24
N ARG B 259 -98.86 -61.77 -16.83
CA ARG B 259 -97.45 -61.41 -16.92
C ARG B 259 -97.28 -59.91 -17.03
N PRO B 260 -96.39 -59.35 -16.19
CA PRO B 260 -96.15 -57.90 -16.18
C PRO B 260 -95.06 -57.48 -17.17
N ILE B 261 -95.35 -56.46 -17.96
CA ILE B 261 -94.38 -55.94 -18.92
C ILE B 261 -93.94 -54.54 -18.51
N ALA B 262 -92.65 -54.37 -18.28
CA ALA B 262 -92.09 -53.08 -17.88
C ALA B 262 -91.61 -52.30 -19.10
N GLN B 263 -91.83 -50.99 -19.09
CA GLN B 263 -91.45 -50.13 -20.21
C GLN B 263 -91.26 -48.69 -19.76
N TRP B 264 -90.44 -47.96 -20.53
CA TRP B 264 -90.24 -46.53 -20.34
C TRP B 264 -91.21 -45.72 -21.18
N HIS B 265 -91.44 -44.47 -20.78
CA HIS B 265 -92.31 -43.56 -21.50
C HIS B 265 -91.84 -42.12 -21.36
N THR B 266 -91.99 -41.35 -22.44
CA THR B 266 -91.56 -39.97 -22.47
C THR B 266 -92.66 -39.02 -21.99
N LEU B 267 -92.31 -38.16 -21.04
CA LEU B 267 -93.27 -37.24 -20.44
C LEU B 267 -93.71 -36.12 -21.39
N GLN B 268 -95.02 -35.95 -21.53
CA GLN B 268 -95.58 -34.88 -22.35
C GLN B 268 -96.17 -33.78 -21.47
N VAL B 269 -96.42 -32.62 -22.07
CA VAL B 269 -97.05 -31.51 -21.36
C VAL B 269 -98.50 -31.86 -21.03
N GLU B 270 -98.98 -31.36 -19.91
CA GLU B 270 -100.33 -31.70 -19.43
C GLU B 270 -101.43 -31.16 -20.33
N GLU B 271 -101.16 -30.04 -20.99
CA GLU B 271 -102.15 -29.41 -21.86
C GLU B 271 -102.56 -30.31 -23.02
N GLU B 272 -101.56 -30.80 -23.76
CA GLU B 272 -101.81 -31.66 -24.91
C GLU B 272 -102.45 -32.98 -24.50
N VAL B 273 -101.95 -33.55 -23.40
CA VAL B 273 -102.46 -34.83 -22.90
C VAL B 273 -103.91 -34.71 -22.48
N ASP B 274 -104.23 -33.69 -21.69
CA ASP B 274 -105.60 -33.45 -21.24
C ASP B 274 -106.49 -33.11 -22.42
N ALA B 275 -105.90 -32.51 -23.45
CA ALA B 275 -106.64 -32.20 -24.66
C ALA B 275 -106.99 -33.49 -25.39
N MET B 276 -106.09 -34.46 -25.31
CA MET B 276 -106.32 -35.78 -25.90
C MET B 276 -107.35 -36.58 -25.11
N LEU B 277 -107.37 -36.37 -23.79
CA LEU B 277 -108.27 -37.11 -22.92
C LEU B 277 -109.70 -36.57 -22.97
N ALA B 278 -109.86 -35.34 -23.43
CA ALA B 278 -111.19 -34.74 -23.56
C ALA B 278 -111.88 -35.21 -24.83
N VAL B 279 -111.18 -36.03 -25.62
CA VAL B 279 -111.70 -36.53 -26.88
C VAL B 279 -112.65 -37.71 -26.63
N LYS B 280 -113.75 -37.74 -27.38
CA LYS B 280 -114.75 -38.80 -27.28
C LYS B 280 -115.30 -38.95 -25.88
N LYS C 1 -26.92 -18.25 14.94
CA LYS C 1 -26.86 -18.29 16.40
C LYS C 1 -28.20 -17.88 16.98
N LEU C 2 -28.99 -17.21 16.16
CA LEU C 2 -30.31 -16.73 16.57
C LEU C 2 -31.27 -17.86 16.93
N GLY C 3 -31.26 -18.93 16.13
CA GLY C 3 -32.13 -20.06 16.36
C GLY C 3 -32.49 -20.75 15.07
N LYS C 4 -33.36 -21.75 15.16
CA LYS C 4 -33.80 -22.50 13.98
C LYS C 4 -35.25 -22.21 13.64
N LEU C 5 -35.67 -22.65 12.46
CA LEU C 5 -37.03 -22.43 11.97
C LEU C 5 -37.62 -23.70 11.35
N GLN C 6 -38.73 -24.17 11.90
CA GLN C 6 -39.46 -25.30 11.32
C GLN C 6 -40.58 -24.80 10.42
N TYR C 7 -40.54 -25.24 9.16
CA TYR C 7 -41.53 -24.83 8.17
C TYR C 7 -42.00 -26.00 7.32
N SER C 8 -43.10 -25.80 6.60
CA SER C 8 -43.63 -26.82 5.70
C SER C 8 -43.79 -26.28 4.28
N LEU C 9 -43.58 -27.16 3.30
CA LEU C 9 -43.64 -26.78 1.89
C LEU C 9 -44.22 -27.92 1.05
N ASP C 10 -45.14 -27.58 0.16
CA ASP C 10 -45.76 -28.53 -0.76
C ASP C 10 -46.54 -27.79 -1.84
N TYR C 11 -46.83 -28.47 -2.95
CA TYR C 11 -47.54 -27.85 -4.06
C TYR C 11 -48.84 -28.60 -4.38
N ASP C 12 -49.94 -27.85 -4.46
CA ASP C 12 -51.23 -28.42 -4.82
C ASP C 12 -51.45 -28.34 -6.32
N PHE C 13 -51.42 -29.49 -6.97
CA PHE C 13 -51.53 -29.54 -8.43
C PHE C 13 -52.98 -29.43 -8.89
N GLN C 14 -53.91 -29.57 -7.97
CA GLN C 14 -55.33 -29.51 -8.29
C GLN C 14 -55.80 -28.07 -8.47
N ASN C 15 -55.18 -27.15 -7.73
CA ASN C 15 -55.54 -25.74 -7.82
C ASN C 15 -54.40 -24.91 -8.41
N ASN C 16 -53.27 -25.56 -8.67
CA ASN C 16 -52.06 -24.90 -9.18
C ASN C 16 -51.63 -23.74 -8.28
N GLN C 17 -51.36 -24.06 -7.01
CA GLN C 17 -50.95 -23.05 -6.04
C GLN C 17 -49.94 -23.62 -5.05
N LEU C 18 -49.04 -22.77 -4.57
CA LEU C 18 -48.01 -23.18 -3.62
C LEU C 18 -48.50 -23.02 -2.18
N LEU C 19 -48.37 -24.08 -1.39
CA LEU C 19 -48.81 -24.07 0.01
C LEU C 19 -47.64 -23.99 0.97
N VAL C 20 -47.38 -22.80 1.51
CA VAL C 20 -46.27 -22.60 2.42
C VAL C 20 -46.75 -22.45 3.86
N GLY C 21 -46.38 -23.39 4.71
CA GLY C 21 -46.81 -23.35 6.10
C GLY C 21 -45.69 -23.00 7.05
N ILE C 22 -45.94 -21.99 7.89
CA ILE C 22 -44.98 -21.59 8.90
C ILE C 22 -45.37 -22.27 10.20
N ILE C 23 -44.58 -23.27 10.59
CA ILE C 23 -44.86 -24.05 11.78
C ILE C 23 -44.41 -23.28 13.01
N GLN C 24 -43.09 -23.20 13.21
CA GLN C 24 -42.59 -22.52 14.40
C GLN C 24 -41.12 -22.15 14.28
N ALA C 25 -40.57 -21.58 15.36
CA ALA C 25 -39.15 -21.25 15.44
C ALA C 25 -38.63 -21.55 16.84
N ALA C 26 -37.32 -21.71 16.96
CA ALA C 26 -36.73 -22.08 18.25
C ALA C 26 -35.38 -21.41 18.50
N GLU C 27 -35.03 -21.29 19.77
CA GLU C 27 -33.75 -20.74 20.23
C GLU C 27 -33.40 -19.38 19.63
N LEU C 28 -34.42 -18.53 19.44
CA LEU C 28 -34.19 -17.18 18.94
C LEU C 28 -33.51 -16.31 19.99
N PRO C 29 -32.51 -15.52 19.56
CA PRO C 29 -31.84 -14.61 20.49
C PRO C 29 -32.76 -13.49 20.97
N ALA C 30 -32.59 -13.07 22.22
CA ALA C 30 -33.43 -12.03 22.81
C ALA C 30 -32.89 -10.64 22.55
N LEU C 31 -33.74 -9.75 22.05
CA LEU C 31 -33.35 -8.37 21.75
C LEU C 31 -34.15 -7.37 22.57
N ASP C 32 -35.17 -7.86 23.28
CA ASP C 32 -36.04 -6.99 24.05
C ASP C 32 -35.72 -7.01 25.54
N MET C 33 -36.41 -6.15 26.29
CA MET C 33 -36.14 -5.93 27.71
C MET C 33 -36.36 -7.14 28.62
N GLY C 34 -37.55 -7.72 28.55
CA GLY C 34 -37.94 -8.79 29.45
C GLY C 34 -37.09 -10.05 29.42
N GLY C 35 -36.20 -10.15 28.44
CA GLY C 35 -35.36 -11.32 28.28
C GLY C 35 -35.87 -12.16 27.13
N THR C 36 -36.96 -11.71 26.54
CA THR C 36 -37.56 -12.37 25.37
C THR C 36 -38.03 -11.32 24.36
N SER C 37 -37.93 -11.67 23.08
CA SER C 37 -38.31 -10.76 22.00
C SER C 37 -39.74 -10.98 21.56
N ASP C 38 -40.26 -10.08 20.71
CA ASP C 38 -41.60 -10.21 20.14
C ASP C 38 -41.51 -10.53 18.65
N PRO C 39 -41.38 -11.82 18.31
CA PRO C 39 -41.10 -12.23 16.93
C PRO C 39 -42.33 -12.36 16.03
N TYR C 40 -42.12 -12.07 14.75
CA TYR C 40 -43.13 -12.35 13.71
C TYR C 40 -42.42 -12.57 12.38
N VAL C 41 -42.93 -13.51 11.58
CA VAL C 41 -42.24 -13.92 10.37
C VAL C 41 -42.87 -13.37 9.11
N LYS C 42 -42.06 -12.75 8.27
CA LYS C 42 -42.50 -12.26 6.95
C LYS C 42 -42.08 -13.27 5.88
N VAL C 43 -43.05 -13.75 5.11
CA VAL C 43 -42.80 -14.74 4.07
C VAL C 43 -43.29 -14.22 2.73
N PHE C 44 -42.46 -14.36 1.69
CA PHE C 44 -42.82 -13.92 0.36
C PHE C 44 -42.05 -14.71 -0.68
N LEU C 45 -42.53 -14.71 -1.92
CA LEU C 45 -41.84 -15.40 -2.99
C LEU C 45 -40.52 -14.69 -3.26
N LEU C 46 -39.42 -15.44 -3.30
CA LEU C 46 -38.11 -14.83 -3.50
C LEU C 46 -37.95 -14.11 -4.85
N PRO C 47 -38.46 -14.75 -5.96
CA PRO C 47 -38.25 -14.02 -7.23
C PRO C 47 -38.72 -12.58 -7.39
N ASP C 48 -39.97 -12.33 -7.02
CA ASP C 48 -40.54 -11.00 -7.09
C ASP C 48 -41.08 -10.67 -5.71
N LYS C 49 -40.71 -9.51 -5.17
CA LYS C 49 -41.18 -9.13 -3.85
C LYS C 49 -42.54 -8.48 -3.92
N LYS C 50 -43.56 -9.26 -4.26
CA LYS C 50 -44.91 -8.74 -4.36
C LYS C 50 -45.91 -9.55 -3.55
N LYS C 51 -46.72 -8.87 -2.75
CA LYS C 51 -47.76 -9.53 -1.97
C LYS C 51 -47.15 -10.34 -0.84
N LYS C 52 -46.17 -9.75 -0.15
CA LYS C 52 -45.51 -10.41 0.95
C LYS C 52 -46.52 -10.74 2.05
N PHE C 53 -46.35 -11.91 2.66
CA PHE C 53 -47.24 -12.37 3.72
C PHE C 53 -46.60 -12.27 5.08
N GLU C 54 -47.34 -11.73 6.05
CA GLU C 54 -46.83 -11.57 7.40
C GLU C 54 -47.70 -12.33 8.42
N THR C 55 -47.06 -13.01 9.36
CA THR C 55 -47.76 -13.72 10.44
C THR C 55 -48.16 -12.78 11.58
N LYS C 56 -48.93 -13.32 12.52
CA LYS C 56 -49.37 -12.55 13.68
C LYS C 56 -48.20 -12.38 14.66
N VAL C 57 -48.21 -11.27 15.39
CA VAL C 57 -47.13 -10.94 16.32
C VAL C 57 -47.30 -11.67 17.64
N HIS C 58 -46.31 -12.49 17.99
CA HIS C 58 -46.31 -13.18 19.28
C HIS C 58 -45.53 -12.39 20.32
N ARG C 59 -46.13 -12.25 21.50
CA ARG C 59 -45.54 -11.43 22.56
C ARG C 59 -44.58 -12.21 23.45
N LYS C 60 -43.34 -11.73 23.53
CA LYS C 60 -42.35 -12.20 24.50
C LYS C 60 -42.15 -13.71 24.55
N THR C 61 -41.74 -14.31 23.43
CA THR C 61 -41.35 -15.71 23.39
C THR C 61 -40.15 -15.92 22.48
N LEU C 62 -39.17 -16.70 22.93
CA LEU C 62 -38.02 -17.03 22.12
C LEU C 62 -38.26 -18.36 21.40
N ASN C 63 -39.43 -18.93 21.61
CA ASN C 63 -39.88 -20.10 20.86
C ASN C 63 -41.32 -19.89 20.42
N PRO C 64 -41.52 -19.03 19.41
CA PRO C 64 -42.88 -18.73 18.94
C PRO C 64 -43.47 -19.84 18.09
N VAL C 65 -44.76 -20.10 18.26
CA VAL C 65 -45.44 -21.09 17.44
C VAL C 65 -46.56 -20.42 16.67
N PHE C 66 -46.40 -20.36 15.34
CA PHE C 66 -47.34 -19.64 14.49
C PHE C 66 -48.40 -20.60 13.93
N ASN C 67 -47.94 -21.76 13.45
CA ASN C 67 -48.80 -22.76 12.80
C ASN C 67 -49.73 -22.14 11.77
N GLU C 68 -49.22 -21.20 10.98
CA GLU C 68 -50.02 -20.52 9.97
C GLU C 68 -49.74 -21.03 8.56
N GLN C 69 -50.60 -20.66 7.62
CA GLN C 69 -50.47 -21.13 6.25
C GLN C 69 -50.70 -20.00 5.24
N PHE C 70 -49.90 -20.00 4.17
CA PHE C 70 -50.01 -19.03 3.09
C PHE C 70 -50.05 -19.71 1.73
N THR C 71 -50.78 -19.11 0.80
CA THR C 71 -50.95 -19.68 -0.54
C THR C 71 -50.46 -18.73 -1.62
N PHE C 72 -49.56 -19.22 -2.47
CA PHE C 72 -49.05 -18.44 -3.58
C PHE C 72 -49.58 -18.97 -4.91
N LYS C 73 -50.56 -18.28 -5.48
CA LYS C 73 -51.18 -18.71 -6.73
C LYS C 73 -50.19 -18.56 -7.87
N VAL C 74 -49.34 -19.57 -8.03
CA VAL C 74 -48.31 -19.57 -9.04
C VAL C 74 -48.32 -20.89 -9.81
N PRO C 75 -48.32 -20.80 -11.16
CA PRO C 75 -48.29 -22.01 -11.99
C PRO C 75 -47.07 -22.88 -11.69
N TYR C 76 -47.09 -24.11 -12.15
CA TYR C 76 -46.03 -25.06 -11.80
C TYR C 76 -44.80 -24.87 -12.68
N SER C 77 -45.00 -24.27 -13.84
CA SER C 77 -43.90 -24.03 -14.78
C SER C 77 -43.03 -22.87 -14.32
N GLU C 78 -43.67 -21.80 -13.87
CA GLU C 78 -42.98 -20.63 -13.36
C GLU C 78 -42.32 -20.90 -12.01
N LEU C 79 -42.85 -21.88 -11.29
CA LEU C 79 -42.40 -22.20 -9.94
C LEU C 79 -40.92 -22.58 -9.86
N GLY C 80 -40.44 -23.32 -10.87
CA GLY C 80 -39.08 -23.84 -10.86
C GLY C 80 -37.98 -22.80 -10.73
N GLY C 81 -38.21 -21.62 -11.28
CA GLY C 81 -37.23 -20.56 -11.22
C GLY C 81 -37.60 -19.55 -10.15
N LYS C 82 -38.42 -19.98 -9.21
CA LYS C 82 -38.85 -19.10 -8.14
C LYS C 82 -38.41 -19.56 -6.76
N THR C 83 -37.87 -18.62 -5.97
CA THR C 83 -37.39 -18.92 -4.63
C THR C 83 -38.32 -18.38 -3.55
N LEU C 84 -38.19 -18.98 -2.36
CA LEU C 84 -38.99 -18.62 -1.20
C LEU C 84 -38.15 -17.92 -0.15
N VAL C 85 -38.68 -16.86 0.44
CA VAL C 85 -37.97 -16.13 1.49
C VAL C 85 -38.80 -16.06 2.77
N MET C 86 -38.19 -16.53 3.86
CA MET C 86 -38.79 -16.52 5.18
C MET C 86 -37.88 -15.79 6.15
N ALA C 87 -38.25 -14.55 6.50
CA ALA C 87 -37.40 -13.75 7.39
C ALA C 87 -38.08 -13.51 8.73
N VAL C 88 -37.33 -13.72 9.81
CA VAL C 88 -37.85 -13.51 11.16
C VAL C 88 -37.55 -12.11 11.62
N TYR C 89 -38.61 -11.38 11.99
CA TYR C 89 -38.51 -10.00 12.44
C TYR C 89 -38.83 -9.89 13.93
N ASP C 90 -38.27 -8.86 14.57
CA ASP C 90 -38.57 -8.55 15.96
C ASP C 90 -39.43 -7.29 16.02
N PHE C 91 -40.59 -7.39 16.63
CA PHE C 91 -41.49 -6.26 16.72
C PHE C 91 -41.09 -5.29 17.83
N ASP C 92 -41.09 -4.00 17.51
CA ASP C 92 -40.88 -2.95 18.49
C ASP C 92 -41.87 -1.81 18.23
N ARG C 93 -42.56 -1.39 19.28
CA ARG C 93 -43.67 -0.44 19.16
C ARG C 93 -43.21 0.99 18.83
N PHE C 94 -41.99 1.34 19.22
CA PHE C 94 -41.55 2.73 19.13
C PHE C 94 -40.36 2.93 18.18
N SER C 95 -40.01 1.90 17.42
CA SER C 95 -38.85 1.99 16.54
C SER C 95 -38.98 1.05 15.35
N LYS C 96 -37.95 1.02 14.52
CA LYS C 96 -37.91 0.12 13.37
C LYS C 96 -37.84 -1.33 13.83
N HIS C 97 -38.63 -2.17 13.17
CA HIS C 97 -38.65 -3.60 13.50
C HIS C 97 -37.41 -4.29 12.94
N ASP C 98 -36.45 -4.56 13.82
CA ASP C 98 -35.19 -5.18 13.42
C ASP C 98 -35.38 -6.59 12.92
N ILE C 99 -34.61 -6.96 11.89
CA ILE C 99 -34.69 -8.31 11.35
C ILE C 99 -33.84 -9.24 12.21
N ILE C 100 -34.45 -10.30 12.72
CA ILE C 100 -33.71 -11.29 13.49
C ILE C 100 -32.95 -12.22 12.56
N GLY C 101 -33.65 -12.77 11.58
CA GLY C 101 -33.01 -13.69 10.64
C GLY C 101 -33.68 -13.75 9.28
N GLU C 102 -33.16 -14.61 8.40
CA GLU C 102 -33.74 -14.82 7.09
C GLU C 102 -33.35 -16.18 6.54
N PHE C 103 -34.14 -16.70 5.61
CA PHE C 103 -33.83 -17.96 4.97
C PHE C 103 -34.40 -18.04 3.56
N LYS C 104 -33.58 -18.47 2.61
CA LYS C 104 -33.97 -18.56 1.21
C LYS C 104 -33.96 -20.00 0.73
N VAL C 105 -35.01 -20.39 0.02
CA VAL C 105 -35.14 -21.75 -0.49
C VAL C 105 -35.38 -21.74 -2.00
N PRO C 106 -34.38 -22.21 -2.76
CA PRO C 106 -34.47 -22.41 -4.21
C PRO C 106 -35.50 -23.49 -4.57
N MET C 107 -36.35 -23.22 -5.55
CA MET C 107 -37.42 -24.15 -5.90
C MET C 107 -36.96 -25.23 -6.88
N ASN C 108 -35.67 -25.23 -7.21
CA ASN C 108 -35.10 -26.26 -8.07
C ASN C 108 -34.47 -27.34 -7.20
N THR C 109 -34.21 -27.00 -5.95
CA THR C 109 -33.69 -27.97 -4.99
C THR C 109 -34.85 -28.65 -4.27
N VAL C 110 -36.01 -27.99 -4.26
CA VAL C 110 -37.20 -28.53 -3.60
C VAL C 110 -37.79 -29.65 -4.44
N ASP C 111 -38.15 -30.75 -3.78
CA ASP C 111 -38.79 -31.88 -4.44
C ASP C 111 -40.25 -31.97 -3.99
N PHE C 112 -41.16 -31.78 -4.93
CA PHE C 112 -42.58 -31.90 -4.65
C PHE C 112 -43.05 -33.30 -5.01
N GLY C 113 -44.12 -33.74 -4.36
CA GLY C 113 -44.63 -35.08 -4.56
C GLY C 113 -44.92 -35.67 -3.19
N HIS C 114 -43.99 -35.44 -2.28
CA HIS C 114 -44.22 -35.75 -0.86
C HIS C 114 -44.26 -34.43 -0.11
N VAL C 115 -45.12 -34.35 0.90
CA VAL C 115 -45.26 -33.14 1.69
C VAL C 115 -43.97 -32.89 2.47
N THR C 116 -43.31 -31.77 2.18
CA THR C 116 -42.03 -31.47 2.81
C THR C 116 -42.23 -30.66 4.09
N GLU C 117 -41.39 -30.92 5.10
CA GLU C 117 -41.44 -30.18 6.35
C GLU C 117 -40.12 -30.33 7.10
N GLU C 118 -39.40 -29.23 7.28
CA GLU C 118 -38.06 -29.33 7.86
C GLU C 118 -37.67 -28.17 8.77
N TRP C 119 -36.63 -28.41 9.56
CA TRP C 119 -35.97 -27.41 10.38
C TRP C 119 -34.73 -26.89 9.68
N ARG C 120 -34.60 -25.57 9.58
CA ARG C 120 -33.42 -24.97 8.97
C ARG C 120 -32.89 -23.84 9.84
N ASP C 121 -31.57 -23.77 9.94
CA ASP C 121 -30.91 -22.77 10.78
C ASP C 121 -31.01 -21.38 10.14
N LEU C 122 -31.39 -20.39 10.95
CA LEU C 122 -31.47 -19.02 10.49
C LEU C 122 -30.09 -18.39 10.36
N GLN C 123 -29.98 -17.45 9.42
CA GLN C 123 -28.74 -16.75 9.17
C GLN C 123 -28.98 -15.24 9.15
N SER C 124 -27.91 -14.46 9.21
CA SER C 124 -28.01 -13.01 9.25
C SER C 124 -28.23 -12.43 7.86
N ALA C 125 -29.23 -11.58 7.73
CA ALA C 125 -29.60 -10.98 6.45
C ALA C 125 -28.49 -10.08 5.91
N GLU C 126 -28.32 -10.11 4.58
CA GLU C 126 -27.31 -9.30 3.92
C GLU C 126 -27.69 -7.83 3.98
N LYS C 127 -26.68 -6.97 4.10
CA LYS C 127 -26.90 -5.54 4.17
C LYS C 127 -27.38 -5.02 2.82
N GLU C 129 -23.03 -4.24 -0.54
CA GLU C 129 -22.04 -3.96 -1.56
C GLU C 129 -22.11 -2.49 -2.01
N GLN C 130 -21.18 -2.09 -2.87
CA GLN C 130 -21.14 -0.73 -3.39
C GLN C 130 -22.38 -0.43 -4.25
N GLU C 131 -22.89 0.78 -4.14
CA GLU C 131 -24.15 1.13 -4.80
C GLU C 131 -24.04 1.41 -6.30
N LYS C 132 -22.96 2.08 -6.71
CA LYS C 132 -22.81 2.52 -8.10
C LYS C 132 -22.81 1.35 -9.08
N LEU C 133 -21.85 0.44 -8.92
CA LEU C 133 -21.71 -0.73 -9.78
C LEU C 133 -21.49 -0.34 -11.24
N GLY C 134 -20.84 0.80 -11.47
CA GLY C 134 -20.50 1.24 -12.81
C GLY C 134 -19.00 1.21 -13.03
N ASP C 135 -18.58 1.17 -14.28
CA ASP C 135 -17.15 1.10 -14.60
C ASP C 135 -16.78 1.97 -15.80
N ILE C 136 -15.60 2.58 -15.74
CA ILE C 136 -15.13 3.41 -16.84
C ILE C 136 -13.78 2.89 -17.34
N CYS C 137 -13.66 2.74 -18.66
CA CYS C 137 -12.42 2.25 -19.26
C CYS C 137 -11.74 3.29 -20.14
N PHE C 138 -10.44 3.47 -19.91
CA PHE C 138 -9.66 4.43 -20.70
C PHE C 138 -8.20 3.98 -20.84
N SER C 139 -7.44 4.68 -21.68
CA SER C 139 -6.04 4.34 -21.91
C SER C 139 -5.09 5.46 -21.52
N LEU C 140 -3.95 5.10 -20.93
CA LEU C 140 -2.95 6.07 -20.54
C LEU C 140 -1.64 5.89 -21.31
N ARG C 141 -1.09 7.00 -21.80
CA ARG C 141 0.17 6.97 -22.54
C ARG C 141 1.02 8.18 -22.20
N TYR C 142 2.24 7.93 -21.73
CA TYR C 142 3.14 9.03 -21.39
C TYR C 142 4.52 8.75 -21.99
N VAL C 143 5.03 9.73 -22.71
CA VAL C 143 6.40 9.67 -23.23
C VAL C 143 7.17 10.77 -22.48
N PRO C 144 8.17 10.36 -21.69
CA PRO C 144 8.90 11.26 -20.78
C PRO C 144 9.67 12.38 -21.45
N THR C 145 10.15 12.13 -22.67
CA THR C 145 10.97 13.11 -23.38
C THR C 145 10.19 14.38 -23.73
N ALA C 146 9.01 14.20 -24.33
CA ALA C 146 8.20 15.34 -24.74
C ALA C 146 7.25 15.80 -23.65
N GLY C 147 7.10 14.98 -22.62
CA GLY C 147 6.22 15.31 -21.50
C GLY C 147 4.75 15.35 -21.86
N LYS C 148 4.34 14.46 -22.76
CA LYS C 148 2.96 14.43 -23.22
C LYS C 148 2.16 13.33 -22.55
N LEU C 149 1.00 13.68 -21.99
CA LEU C 149 0.11 12.71 -21.37
C LEU C 149 -1.16 12.54 -22.20
N THR C 150 -1.31 11.37 -22.82
CA THR C 150 -2.47 11.11 -23.67
C THR C 150 -3.50 10.22 -22.99
N VAL C 151 -4.56 10.85 -22.48
CA VAL C 151 -5.66 10.14 -21.85
C VAL C 151 -6.83 9.96 -22.82
N VAL C 152 -7.04 8.73 -23.26
CA VAL C 152 -8.10 8.45 -24.21
C VAL C 152 -9.29 7.79 -23.53
N ILE C 153 -10.38 8.54 -23.36
CA ILE C 153 -11.60 7.99 -22.80
C ILE C 153 -12.20 7.02 -23.80
N LEU C 154 -12.24 5.75 -23.42
CA LEU C 154 -12.77 4.73 -24.31
C LEU C 154 -14.26 4.52 -24.09
N GLU C 155 -14.63 3.87 -22.99
CA GLU C 155 -16.04 3.53 -22.81
C GLU C 155 -16.44 3.17 -21.37
N ALA C 156 -17.63 3.58 -20.97
CA ALA C 156 -18.18 3.23 -19.65
C ALA C 156 -19.27 2.18 -19.78
N LYS C 157 -19.58 1.50 -18.67
CA LYS C 157 -20.60 0.45 -18.67
C LYS C 157 -21.26 0.29 -17.31
N ASN C 158 -22.50 -0.20 -17.33
CA ASN C 158 -23.27 -0.48 -16.12
C ASN C 158 -23.39 0.74 -15.21
N LEU C 159 -23.58 1.90 -15.82
CA LEU C 159 -23.69 3.14 -15.08
C LEU C 159 -25.02 3.24 -14.34
N LYS C 160 -25.03 3.98 -13.24
CA LYS C 160 -26.21 4.15 -12.42
C LYS C 160 -27.26 5.04 -13.11
N LYS C 161 -28.52 4.65 -13.01
CA LYS C 161 -29.60 5.42 -13.62
C LYS C 161 -29.71 6.79 -12.95
N MET C 162 -29.83 7.83 -13.77
CA MET C 162 -29.92 9.20 -13.24
C MET C 162 -31.22 9.87 -13.64
N ASP C 163 -31.81 9.39 -14.73
CA ASP C 163 -33.07 9.95 -15.22
C ASP C 163 -34.25 9.13 -14.73
N VAL C 164 -35.43 9.74 -14.73
CA VAL C 164 -36.64 9.09 -14.23
C VAL C 164 -37.22 8.15 -15.27
N GLY C 165 -37.29 6.87 -14.93
CA GLY C 165 -37.87 5.86 -15.79
C GLY C 165 -37.17 5.69 -17.13
N GLY C 166 -35.85 5.64 -17.10
CA GLY C 166 -35.07 5.47 -18.31
C GLY C 166 -33.58 5.42 -18.08
N LEU C 167 -32.82 5.35 -19.17
CA LEU C 167 -31.37 5.31 -19.09
C LEU C 167 -30.81 6.69 -18.81
N SER C 168 -29.49 6.81 -18.81
CA SER C 168 -28.82 8.06 -18.44
C SER C 168 -28.22 8.78 -19.64
N ASP C 169 -27.84 10.03 -19.43
CA ASP C 169 -27.18 10.83 -20.46
C ASP C 169 -25.77 11.22 -20.00
N PRO C 170 -24.83 10.27 -20.10
CA PRO C 170 -23.48 10.39 -19.53
C PRO C 170 -22.50 11.20 -20.38
N TYR C 171 -21.57 11.86 -19.70
CA TYR C 171 -20.46 12.55 -20.35
C TYR C 171 -19.27 12.58 -19.39
N VAL C 172 -18.06 12.53 -19.94
CA VAL C 172 -16.85 12.42 -19.14
C VAL C 172 -16.17 13.78 -18.99
N LYS C 173 -15.96 14.18 -17.74
CA LYS C 173 -15.20 15.39 -17.42
C LYS C 173 -13.86 14.98 -16.80
N ILE C 174 -12.78 15.53 -17.35
CA ILE C 174 -11.45 15.20 -16.86
C ILE C 174 -10.77 16.41 -16.23
N HIS C 175 -10.37 16.25 -14.96
CA HIS C 175 -9.68 17.31 -14.24
C HIS C 175 -8.25 16.86 -13.97
N LEU C 176 -7.33 17.82 -13.93
CA LEU C 176 -5.96 17.50 -13.60
C LEU C 176 -5.62 18.31 -12.35
N MET C 177 -5.38 17.63 -11.25
CA MET C 177 -5.19 18.31 -9.98
C MET C 177 -3.77 18.22 -9.45
N GLN C 178 -3.42 19.21 -8.64
CA GLN C 178 -2.12 19.23 -7.97
C GLN C 178 -2.22 20.12 -6.73
N ASN C 179 -1.80 19.57 -5.59
CA ASN C 179 -1.87 20.27 -4.31
C ASN C 179 -3.28 20.78 -4.02
N GLY C 180 -4.29 20.03 -4.49
CA GLY C 180 -5.67 20.36 -4.26
C GLY C 180 -6.28 21.32 -5.27
N LYS C 181 -5.48 21.80 -6.22
CA LYS C 181 -5.99 22.74 -7.21
C LYS C 181 -6.31 22.06 -8.54
N ARG C 182 -7.44 22.46 -9.13
CA ARG C 182 -7.88 21.96 -10.42
C ARG C 182 -7.35 22.82 -11.56
N LEU C 183 -6.34 22.31 -12.26
CA LEU C 183 -5.66 23.05 -13.32
C LEU C 183 -6.42 23.03 -14.65
N LYS C 184 -6.41 21.89 -15.32
CA LYS C 184 -7.00 21.77 -16.66
C LYS C 184 -8.41 21.21 -16.58
N LYS C 185 -9.26 21.61 -17.52
CA LYS C 185 -10.63 21.13 -17.56
C LYS C 185 -10.96 20.66 -18.98
N LYS C 186 -11.36 19.41 -19.10
CA LYS C 186 -11.74 18.84 -20.39
C LYS C 186 -13.06 18.11 -20.25
N LYS C 187 -13.73 17.87 -21.38
CA LYS C 187 -14.95 17.06 -21.36
C LYS C 187 -15.17 16.41 -22.72
N THR C 188 -16.11 15.48 -22.79
CA THR C 188 -16.35 14.73 -24.01
C THR C 188 -17.70 15.08 -24.61
N THR C 189 -18.06 14.36 -25.68
CA THR C 189 -19.37 14.52 -26.29
C THR C 189 -20.42 13.86 -25.41
N ILE C 190 -21.67 14.31 -25.53
CA ILE C 190 -22.74 13.80 -24.68
C ILE C 190 -23.50 12.73 -25.44
N LYS C 191 -23.36 11.48 -25.00
CA LYS C 191 -24.09 10.38 -25.59
C LYS C 191 -25.42 10.23 -24.86
N LYS C 192 -26.51 10.35 -25.59
CA LYS C 192 -27.83 10.40 -24.98
C LYS C 192 -28.51 9.03 -24.96
N ASN C 193 -29.18 8.75 -23.84
CA ASN C 193 -29.93 7.51 -23.66
C ASN C 193 -29.08 6.28 -23.94
N THR C 194 -28.09 6.03 -23.10
CA THR C 194 -27.22 4.88 -23.29
C THR C 194 -26.82 4.22 -21.97
N LEU C 195 -26.89 2.89 -21.95
CA LEU C 195 -26.49 2.09 -20.80
C LEU C 195 -24.98 1.92 -20.77
N ASN C 196 -24.38 1.93 -21.95
CA ASN C 196 -22.94 1.82 -22.10
C ASN C 196 -22.48 2.83 -23.16
N PRO C 197 -21.99 4.00 -22.72
CA PRO C 197 -21.57 5.04 -23.65
C PRO C 197 -20.20 4.78 -24.26
N TYR C 198 -20.11 4.92 -25.58
CA TYR C 198 -18.84 4.80 -26.29
C TYR C 198 -18.38 6.15 -26.81
N TYR C 199 -17.19 6.56 -26.39
CA TYR C 199 -16.67 7.87 -26.78
C TYR C 199 -15.50 7.76 -27.74
N ASN C 200 -14.45 7.06 -27.30
CA ASN C 200 -13.18 6.96 -28.03
C ASN C 200 -12.65 8.35 -28.32
N GLU C 201 -12.43 9.14 -27.27
CA GLU C 201 -11.99 10.51 -27.43
C GLU C 201 -10.66 10.75 -26.71
N SER C 202 -9.70 11.34 -27.42
CA SER C 202 -8.35 11.52 -26.88
C SER C 202 -8.13 12.92 -26.32
N PHE C 203 -7.40 13.00 -25.22
CA PHE C 203 -7.04 14.28 -24.61
C PHE C 203 -5.53 14.28 -24.33
N SER C 204 -4.90 15.44 -24.44
CA SER C 204 -3.47 15.54 -24.19
C SER C 204 -3.15 16.62 -23.16
N PHE C 205 -2.15 16.34 -22.32
CA PHE C 205 -1.76 17.26 -21.26
C PHE C 205 -0.24 17.44 -21.22
N GLU C 206 0.19 18.64 -20.87
CA GLU C 206 1.61 18.97 -20.81
C GLU C 206 2.15 18.74 -19.39
N VAL C 207 2.79 17.59 -19.19
CA VAL C 207 3.29 17.20 -17.88
C VAL C 207 4.78 16.88 -17.94
N PRO C 208 5.61 17.72 -17.32
CA PRO C 208 7.06 17.52 -17.27
C PRO C 208 7.46 16.23 -16.55
N PHE C 209 8.67 15.75 -16.84
CA PHE C 209 9.17 14.49 -16.30
C PHE C 209 9.54 14.64 -14.82
N GLU C 210 9.74 15.88 -14.39
CA GLU C 210 10.17 16.15 -13.02
C GLU C 210 8.99 16.25 -12.06
N GLN C 211 7.78 16.28 -12.60
CA GLN C 211 6.58 16.40 -11.78
C GLN C 211 5.63 15.24 -11.99
N ILE C 212 6.11 14.19 -12.65
CA ILE C 212 5.27 13.05 -13.01
C ILE C 212 4.80 12.31 -11.77
N GLN C 213 5.58 12.39 -10.69
CA GLN C 213 5.24 11.70 -9.45
C GLN C 213 4.45 12.59 -8.50
N LYS C 214 4.02 13.75 -8.99
CA LYS C 214 3.28 14.70 -8.17
C LYS C 214 2.07 15.28 -8.91
N VAL C 215 1.44 14.45 -9.73
CA VAL C 215 0.27 14.88 -10.49
C VAL C 215 -0.93 13.98 -10.24
N GLN C 216 -2.12 14.56 -10.34
CA GLN C 216 -3.36 13.80 -10.13
C GLN C 216 -4.25 13.86 -11.36
N VAL C 217 -4.68 12.70 -11.84
CA VAL C 217 -5.60 12.63 -12.98
C VAL C 217 -6.97 12.15 -12.53
N VAL C 218 -7.95 13.04 -12.63
CA VAL C 218 -9.30 12.79 -12.11
C VAL C 218 -10.32 12.62 -13.23
N VAL C 219 -10.84 11.40 -13.36
CA VAL C 219 -11.85 11.09 -14.38
C VAL C 219 -13.22 11.02 -13.73
N THR C 220 -14.16 11.82 -14.22
CA THR C 220 -15.51 11.84 -13.66
C THR C 220 -16.59 11.61 -14.72
N VAL C 221 -17.45 10.62 -14.48
CA VAL C 221 -18.60 10.41 -15.35
C VAL C 221 -19.82 11.07 -14.73
N LEU C 222 -20.45 11.98 -15.48
CA LEU C 222 -21.59 12.73 -14.98
C LEU C 222 -22.81 12.59 -15.89
N ASP C 223 -23.97 12.97 -15.37
CA ASP C 223 -25.20 12.94 -16.15
C ASP C 223 -25.56 14.35 -16.62
N TYR C 224 -26.16 14.45 -17.79
CA TYR C 224 -26.47 15.75 -18.36
C TYR C 224 -27.97 16.02 -18.50
N ASP C 225 -28.47 16.94 -17.69
CA ASP C 225 -29.77 17.53 -17.94
C ASP C 225 -29.57 19.00 -18.29
N LYS C 226 -30.37 19.51 -19.22
CA LYS C 226 -30.28 20.91 -19.62
C LYS C 226 -30.54 21.83 -18.44
N ILE C 227 -31.64 21.57 -17.73
CA ILE C 227 -32.17 22.48 -16.73
C ILE C 227 -31.56 22.19 -15.36
N GLY C 228 -30.94 23.21 -14.75
CA GLY C 228 -30.41 23.05 -13.41
C GLY C 228 -29.01 22.49 -13.35
N LYS C 229 -28.61 22.10 -12.14
CA LYS C 229 -27.26 21.57 -11.90
C LYS C 229 -27.15 20.17 -12.47
N ASN C 230 -26.00 19.88 -13.07
CA ASN C 230 -25.72 18.56 -13.61
C ASN C 230 -25.06 17.70 -12.55
N ASP C 231 -25.74 16.63 -12.17
CA ASP C 231 -25.28 15.74 -11.11
C ASP C 231 -24.09 14.92 -11.57
N ALA C 232 -23.62 14.04 -10.70
CA ALA C 232 -22.44 13.22 -10.97
C ALA C 232 -22.73 11.75 -10.69
N ILE C 233 -22.36 10.89 -11.62
CA ILE C 233 -22.59 9.46 -11.48
C ILE C 233 -21.44 8.86 -10.69
N GLY C 234 -20.21 9.01 -11.17
CA GLY C 234 -19.08 8.46 -10.45
C GLY C 234 -17.76 9.11 -10.81
N LYS C 235 -16.71 8.82 -10.04
CA LYS C 235 -15.39 9.37 -10.35
C LYS C 235 -14.27 8.53 -9.76
N VAL C 236 -13.15 8.48 -10.48
CA VAL C 236 -11.97 7.77 -10.01
C VAL C 236 -10.73 8.62 -10.32
N PHE C 237 -9.64 8.41 -9.58
CA PHE C 237 -8.42 9.18 -9.81
C PHE C 237 -7.16 8.30 -9.81
N VAL C 238 -6.21 8.66 -10.65
CA VAL C 238 -4.95 7.92 -10.74
C VAL C 238 -3.77 8.88 -10.62
N GLY C 239 -2.68 8.41 -10.03
CA GLY C 239 -1.48 9.22 -9.90
C GLY C 239 -0.97 9.35 -8.49
N TYR C 240 -0.78 10.60 -8.05
CA TYR C 240 -0.26 10.88 -6.73
C TYR C 240 -1.29 10.51 -5.67
N ASN C 241 -0.85 9.78 -4.65
CA ASN C 241 -1.71 9.30 -3.56
C ASN C 241 -2.87 8.43 -4.04
N SER C 242 -2.63 7.62 -5.07
CA SER C 242 -3.64 6.70 -5.57
C SER C 242 -3.37 5.28 -5.10
N THR C 243 -4.41 4.47 -4.97
CA THR C 243 -4.28 3.08 -4.54
C THR C 243 -5.13 2.14 -5.40
N GLY C 244 -4.89 0.85 -5.23
CA GLY C 244 -5.63 -0.17 -5.96
C GLY C 244 -5.18 -0.39 -7.38
N ALA C 245 -6.12 -0.75 -8.25
CA ALA C 245 -5.84 -0.99 -9.66
C ALA C 245 -5.46 0.30 -10.37
N GLU C 246 -5.80 1.43 -9.75
CA GLU C 246 -5.47 2.75 -10.28
C GLU C 246 -3.97 2.98 -10.29
N LEU C 247 -3.35 2.78 -9.12
CA LEU C 247 -1.90 2.92 -8.99
C LEU C 247 -1.20 1.90 -9.89
N ARG C 248 -1.84 0.75 -10.07
CA ARG C 248 -1.32 -0.29 -10.97
C ARG C 248 -1.29 0.21 -12.41
N HIS C 249 -2.40 0.74 -12.89
CA HIS C 249 -2.49 1.27 -14.24
C HIS C 249 -1.49 2.41 -14.45
N TRP C 250 -1.36 3.25 -13.43
CA TRP C 250 -0.39 4.34 -13.46
C TRP C 250 1.02 3.81 -13.63
N SER C 251 1.37 2.81 -12.82
CA SER C 251 2.68 2.20 -12.86
C SER C 251 2.92 1.48 -14.19
N ASP C 252 1.85 1.02 -14.83
CA ASP C 252 1.96 0.39 -16.14
C ASP C 252 2.23 1.45 -17.20
N MET C 253 1.63 2.62 -17.03
CA MET C 253 1.87 3.75 -17.92
C MET C 253 3.31 4.20 -17.81
N LEU C 254 3.83 4.22 -16.59
CA LEU C 254 5.21 4.63 -16.34
C LEU C 254 6.21 3.60 -16.88
N ALA C 255 5.96 2.33 -16.57
CA ALA C 255 6.87 1.25 -16.97
C ALA C 255 6.86 1.03 -18.48
N ASN C 256 5.77 1.42 -19.13
CA ASN C 256 5.65 1.27 -20.57
C ASN C 256 5.51 2.64 -21.24
N PRO C 257 6.65 3.23 -21.61
CA PRO C 257 6.67 4.53 -22.29
C PRO C 257 6.48 4.40 -23.79
N ARG C 258 6.04 5.47 -24.44
CA ARG C 258 5.77 5.46 -25.88
C ARG C 258 4.75 4.39 -26.26
N ARG C 259 3.90 4.04 -25.30
CA ARG C 259 2.91 3.00 -25.49
C ARG C 259 1.71 3.21 -24.59
N PRO C 260 0.50 3.16 -25.17
CA PRO C 260 -0.73 3.38 -24.40
C PRO C 260 -1.28 2.08 -23.80
N ILE C 261 -1.61 2.13 -22.51
CA ILE C 261 -2.18 0.97 -21.83
C ILE C 261 -3.62 1.25 -21.44
N ALA C 262 -4.54 0.43 -21.96
CA ALA C 262 -5.96 0.58 -21.66
C ALA C 262 -6.36 -0.28 -20.48
N GLN C 263 -7.25 0.25 -19.64
CA GLN C 263 -7.69 -0.45 -18.44
C GLN C 263 -9.05 0.05 -17.96
N TRP C 264 -9.76 -0.82 -17.25
CA TRP C 264 -11.03 -0.49 -16.61
C TRP C 264 -10.81 0.01 -15.19
N HIS C 265 -11.78 0.75 -14.67
CA HIS C 265 -11.73 1.26 -13.30
C HIS C 265 -13.13 1.37 -12.71
N THR C 266 -13.24 1.07 -11.42
CA THR C 266 -14.52 1.10 -10.73
C THR C 266 -14.81 2.47 -10.14
N LEU C 267 -16.00 2.99 -10.43
CA LEU C 267 -16.40 4.32 -10.01
C LEU C 267 -16.66 4.42 -8.51
N GLN C 268 -16.03 5.40 -7.87
CA GLN C 268 -16.25 5.65 -6.44
C GLN C 268 -17.09 6.91 -6.23
N VAL C 269 -17.62 7.07 -5.02
CA VAL C 269 -18.38 8.27 -4.68
C VAL C 269 -17.44 9.48 -4.64
N GLU C 270 -17.97 10.64 -5.00
CA GLU C 270 -17.17 11.85 -5.10
C GLU C 270 -16.65 12.33 -3.75
N GLU C 271 -17.40 12.05 -2.68
CA GLU C 271 -17.03 12.50 -1.34
C GLU C 271 -15.70 11.89 -0.89
N GLU C 272 -15.60 10.57 -0.98
CA GLU C 272 -14.38 9.86 -0.56
C GLU C 272 -13.19 10.23 -1.43
N VAL C 273 -13.42 10.32 -2.73
CA VAL C 273 -12.37 10.64 -3.68
C VAL C 273 -11.82 12.05 -3.44
N ASP C 274 -12.73 13.02 -3.30
CA ASP C 274 -12.33 14.40 -3.04
C ASP C 274 -11.68 14.51 -1.66
N ALA C 275 -12.07 13.63 -0.75
CA ALA C 275 -11.47 13.58 0.56
C ALA C 275 -10.03 13.09 0.45
N MET C 276 -9.80 12.17 -0.49
CA MET C 276 -8.47 11.65 -0.75
C MET C 276 -7.60 12.68 -1.47
N LEU C 277 -8.23 13.51 -2.29
CA LEU C 277 -7.49 14.51 -3.07
C LEU C 277 -7.11 15.73 -2.22
N ALA C 278 -7.79 15.92 -1.11
CA ALA C 278 -7.48 17.04 -0.22
C ALA C 278 -6.28 16.71 0.67
N VAL C 279 -5.77 15.49 0.53
CA VAL C 279 -4.64 15.03 1.33
C VAL C 279 -3.32 15.58 0.77
N LYS C 280 -2.44 16.00 1.67
CA LYS C 280 -1.12 16.53 1.31
C LYS C 280 -1.23 17.73 0.37
N LYS D 1 23.82 21.40 -13.54
CA LYS D 1 23.51 21.81 -14.90
C LYS D 1 23.66 23.32 -15.02
N LEU D 2 23.63 23.99 -13.88
CA LEU D 2 23.75 25.43 -13.82
C LEU D 2 25.09 25.95 -14.33
N GLY D 3 26.17 25.25 -13.98
CA GLY D 3 27.50 25.65 -14.40
C GLY D 3 28.55 25.26 -13.38
N LYS D 4 29.79 25.65 -13.64
CA LYS D 4 30.89 25.34 -12.72
C LYS D 4 31.40 26.59 -12.01
N LEU D 5 32.23 26.38 -10.99
CA LEU D 5 32.79 27.47 -10.20
C LEU D 5 34.28 27.29 -9.95
N GLN D 6 35.09 28.25 -10.38
CA GLN D 6 36.51 28.24 -10.09
C GLN D 6 36.81 29.10 -8.86
N TYR D 7 37.45 28.47 -7.88
CA TYR D 7 37.76 29.14 -6.61
C TYR D 7 39.18 28.80 -6.15
N SER D 8 39.69 29.60 -5.20
CA SER D 8 41.00 29.36 -4.62
C SER D 8 40.93 29.21 -3.10
N LEU D 9 41.79 28.36 -2.55
CA LEU D 9 41.81 28.09 -1.12
C LEU D 9 43.24 27.86 -0.62
N ASP D 10 43.57 28.50 0.50
CA ASP D 10 44.88 28.35 1.14
C ASP D 10 44.84 28.92 2.55
N TYR D 11 45.80 28.55 3.38
CA TYR D 11 45.85 29.03 4.76
C TYR D 11 47.16 29.75 5.06
N ASP D 12 47.05 30.95 5.62
CA ASP D 12 48.22 31.72 6.02
C ASP D 12 48.58 31.43 7.47
N PHE D 13 49.70 30.76 7.66
CA PHE D 13 50.12 30.33 9.00
C PHE D 13 50.80 31.46 9.77
N GLN D 14 51.15 32.53 9.06
CA GLN D 14 51.83 33.67 9.66
C GLN D 14 50.86 34.56 10.42
N ASN D 15 49.62 34.62 9.94
CA ASN D 15 48.59 35.44 10.57
C ASN D 15 47.48 34.59 11.17
N ASN D 16 47.57 33.28 10.95
CA ASN D 16 46.55 32.32 11.39
C ASN D 16 45.16 32.70 10.89
N GLN D 17 45.03 32.77 9.56
CA GLN D 17 43.76 33.13 8.93
C GLN D 17 43.56 32.38 7.62
N LEU D 18 42.30 32.09 7.29
CA LEU D 18 41.97 31.37 6.07
C LEU D 18 41.75 32.34 4.90
N LEU D 19 42.43 32.08 3.79
CA LEU D 19 42.32 32.94 2.62
C LEU D 19 41.48 32.29 1.51
N VAL D 20 40.23 32.70 1.38
CA VAL D 20 39.33 32.13 0.38
C VAL D 20 39.12 33.09 -0.77
N GLY D 21 39.57 32.70 -1.96
CA GLY D 21 39.44 33.54 -3.13
C GLY D 21 38.39 33.04 -4.11
N ILE D 22 37.46 33.92 -4.47
CA ILE D 22 36.46 33.60 -5.48
C ILE D 22 36.94 34.11 -6.82
N ILE D 23 37.33 33.17 -7.68
CA ILE D 23 37.87 33.52 -8.98
C ILE D 23 36.73 33.84 -9.93
N GLN D 24 36.01 32.81 -10.36
CA GLN D 24 34.93 33.03 -11.32
C GLN D 24 33.95 31.87 -11.39
N ALA D 25 32.98 31.99 -12.28
CA ALA D 25 32.01 30.91 -12.52
C ALA D 25 31.71 30.82 -14.02
N ALA D 26 31.22 29.67 -14.47
CA ALA D 26 30.97 29.46 -15.89
C ALA D 26 29.71 28.64 -16.16
N GLU D 27 29.16 28.83 -17.36
CA GLU D 27 27.99 28.08 -17.85
C GLU D 27 26.80 28.11 -16.90
N LEU D 28 26.59 29.24 -16.23
CA LEU D 28 25.43 29.40 -15.34
C LEU D 28 24.14 29.49 -16.15
N PRO D 29 23.09 28.80 -15.68
CA PRO D 29 21.79 28.88 -16.36
C PRO D 29 21.17 30.27 -16.23
N ALA D 30 20.45 30.70 -17.26
CA ALA D 30 19.83 32.02 -17.27
C ALA D 30 18.43 32.00 -16.65
N LEU D 31 18.19 32.91 -15.71
CA LEU D 31 16.90 32.99 -15.05
C LEU D 31 16.22 34.35 -15.28
N ASP D 32 16.96 35.27 -15.89
CA ASP D 32 16.45 36.61 -16.12
C ASP D 32 16.01 36.84 -17.57
N MET D 33 15.43 38.01 -17.81
CA MET D 33 14.80 38.34 -19.09
C MET D 33 15.74 38.37 -20.29
N GLY D 34 16.82 39.15 -20.19
CA GLY D 34 17.71 39.37 -21.31
C GLY D 34 18.40 38.15 -21.89
N GLY D 35 18.28 37.02 -21.20
CA GLY D 35 18.92 35.80 -21.64
C GLY D 35 20.13 35.52 -20.77
N THR D 36 20.39 36.44 -19.84
CA THR D 36 21.49 36.30 -18.88
C THR D 36 21.04 36.77 -17.50
N SER D 37 21.56 36.12 -16.47
CA SER D 37 21.20 36.42 -15.09
C SER D 37 22.16 37.43 -14.47
N ASP D 38 21.81 37.93 -13.28
CA ASP D 38 22.66 38.84 -12.53
C ASP D 38 23.22 38.14 -11.29
N PRO D 39 24.35 37.42 -11.44
CA PRO D 39 24.87 36.56 -10.38
C PRO D 39 25.75 37.25 -9.35
N TYR D 40 25.69 36.76 -8.11
CA TYR D 40 26.63 37.16 -7.06
C TYR D 40 26.78 36.03 -6.06
N VAL D 41 27.99 35.83 -5.55
CA VAL D 41 28.29 34.67 -4.72
C VAL D 41 28.39 35.00 -3.25
N LYS D 42 27.66 34.26 -2.43
CA LYS D 42 27.74 34.39 -0.98
C LYS D 42 28.63 33.28 -0.42
N VAL D 43 29.67 33.67 0.32
CA VAL D 43 30.63 32.72 0.88
C VAL D 43 30.70 32.89 2.39
N PHE D 44 30.66 31.78 3.12
CA PHE D 44 30.73 31.81 4.57
C PHE D 44 31.29 30.48 5.08
N LEU D 45 31.78 30.48 6.32
CA LEU D 45 32.29 29.26 6.93
C LEU D 45 31.12 28.31 7.14
N LEU D 46 31.25 27.07 6.69
CA LEU D 46 30.16 26.10 6.83
C LEU D 46 29.76 25.79 8.27
N PRO D 47 30.80 25.61 9.17
CA PRO D 47 30.34 25.28 10.55
C PRO D 47 29.37 26.18 11.28
N ASP D 48 29.65 27.47 11.29
CA ASP D 48 28.79 28.46 11.94
C ASP D 48 28.46 29.51 10.89
N LYS D 49 27.18 29.82 10.72
CA LYS D 49 26.79 30.81 9.74
C LYS D 49 26.89 32.22 10.30
N LYS D 50 28.10 32.67 10.55
CA LYS D 50 28.30 33.99 11.09
C LYS D 50 29.29 34.83 10.29
N LYS D 51 28.91 36.05 9.96
CA LYS D 51 29.80 36.95 9.23
C LYS D 51 29.96 36.50 7.79
N LYS D 52 28.85 36.12 7.17
CA LYS D 52 28.87 35.67 5.78
C LYS D 52 29.38 36.77 4.87
N PHE D 53 30.17 36.39 3.88
CA PHE D 53 30.75 37.33 2.94
C PHE D 53 30.06 37.27 1.58
N GLU D 54 29.74 38.45 1.04
CA GLU D 54 29.07 38.53 -0.25
C GLU D 54 29.90 39.32 -1.27
N THR D 55 29.98 38.83 -2.51
CA THR D 55 30.68 39.53 -3.59
C THR D 55 29.81 40.61 -4.23
N LYS D 56 30.42 41.39 -5.12
CA LYS D 56 29.72 42.44 -5.83
C LYS D 56 28.81 41.84 -6.90
N VAL D 57 27.70 42.52 -7.18
CA VAL D 57 26.72 42.03 -8.14
C VAL D 57 27.13 42.34 -9.57
N HIS D 58 27.30 41.30 -10.38
CA HIS D 58 27.61 41.47 -11.80
C HIS D 58 26.33 41.45 -12.64
N ARG D 59 26.23 42.41 -13.55
CA ARG D 59 25.04 42.57 -14.35
C ARG D 59 25.06 41.75 -15.64
N LYS D 60 24.04 40.90 -15.80
CA LYS D 60 23.77 40.19 -17.04
C LYS D 60 24.97 39.46 -17.65
N THR D 61 25.52 38.50 -16.92
CA THR D 61 26.55 37.61 -17.45
C THR D 61 26.38 36.20 -16.93
N LEU D 62 26.49 35.21 -17.82
CA LEU D 62 26.41 33.81 -17.42
C LEU D 62 27.81 33.26 -17.17
N ASN D 63 28.80 34.13 -17.32
CA ASN D 63 30.17 33.81 -16.95
C ASN D 63 30.77 34.98 -16.18
N PRO D 64 30.35 35.15 -14.92
CA PRO D 64 30.82 36.27 -14.11
C PRO D 64 32.24 36.06 -13.58
N VAL D 65 33.03 37.13 -13.57
CA VAL D 65 34.37 37.06 -13.02
C VAL D 65 34.49 38.02 -11.85
N PHE D 66 34.66 37.46 -10.65
CA PHE D 66 34.68 38.26 -9.43
C PHE D 66 36.10 38.61 -9.02
N ASN D 67 36.99 37.61 -9.08
CA ASN D 67 38.38 37.74 -8.66
C ASN D 67 38.52 38.44 -7.31
N GLU D 68 37.64 38.09 -6.37
CA GLU D 68 37.66 38.70 -5.04
C GLU D 68 38.27 37.79 -3.99
N GLN D 69 38.56 38.35 -2.82
CA GLN D 69 39.20 37.59 -1.75
C GLN D 69 38.57 37.89 -0.39
N PHE D 70 38.43 36.83 0.42
CA PHE D 70 37.88 36.95 1.76
C PHE D 70 38.79 36.27 2.78
N THR D 71 38.81 36.81 4.00
CA THR D 71 39.68 36.28 5.06
C THR D 71 38.86 35.86 6.28
N PHE D 72 39.05 34.62 6.70
CA PHE D 72 38.39 34.10 7.88
C PHE D 72 39.38 33.90 9.03
N LYS D 73 39.36 34.82 9.99
CA LYS D 73 40.29 34.77 11.11
C LYS D 73 39.96 33.58 12.01
N VAL D 74 40.46 32.41 11.62
CA VAL D 74 40.20 31.17 12.34
C VAL D 74 41.50 30.43 12.60
N PRO D 75 41.73 30.02 13.86
CA PRO D 75 42.93 29.25 14.19
C PRO D 75 43.03 27.96 13.38
N TYR D 76 44.20 27.35 13.37
CA TYR D 76 44.44 26.19 12.51
C TYR D 76 43.89 24.92 13.13
N SER D 77 43.72 24.92 14.45
CA SER D 77 43.21 23.76 15.16
C SER D 77 41.70 23.60 14.96
N GLU D 78 41.00 24.73 15.06
CA GLU D 78 39.56 24.74 14.84
C GLU D 78 39.19 24.52 13.38
N LEU D 79 40.12 24.85 12.49
CA LEU D 79 39.88 24.79 11.05
C LEU D 79 39.50 23.40 10.55
N GLY D 80 40.12 22.37 11.11
CA GLY D 80 39.94 21.01 10.65
C GLY D 80 38.51 20.50 10.66
N GLY D 81 37.72 20.97 11.62
CA GLY D 81 36.34 20.55 11.73
C GLY D 81 35.42 21.61 11.17
N LYS D 82 35.97 22.47 10.33
CA LYS D 82 35.17 23.54 9.74
C LYS D 82 35.06 23.45 8.22
N THR D 83 33.83 23.61 7.73
CA THR D 83 33.58 23.53 6.30
C THR D 83 33.32 24.90 5.68
N LEU D 84 33.51 24.97 4.37
CA LEU D 84 33.31 26.17 3.58
C LEU D 84 32.08 26.07 2.68
N VAL D 85 31.30 27.15 2.62
CA VAL D 85 30.12 27.16 1.77
C VAL D 85 30.17 28.33 0.79
N MET D 86 30.06 28.00 -0.48
CA MET D 86 30.04 28.97 -1.57
C MET D 86 28.77 28.79 -2.40
N ALA D 87 27.80 29.70 -2.21
CA ALA D 87 26.53 29.57 -2.92
C ALA D 87 26.34 30.70 -3.94
N VAL D 88 25.93 30.34 -5.15
CA VAL D 88 25.72 31.33 -6.20
C VAL D 88 24.26 31.76 -6.21
N TYR D 89 24.06 33.07 -6.07
CA TYR D 89 22.73 33.67 -6.02
C TYR D 89 22.45 34.49 -7.29
N ASP D 90 21.18 34.61 -7.63
CA ASP D 90 20.75 35.46 -8.74
C ASP D 90 20.06 36.71 -8.19
N PHE D 91 20.56 37.88 -8.55
CA PHE D 91 19.98 39.12 -8.04
C PHE D 91 18.72 39.52 -8.81
N ASP D 92 17.69 39.90 -8.07
CA ASP D 92 16.48 40.46 -8.65
C ASP D 92 16.02 41.65 -7.81
N ARG D 93 15.76 42.76 -8.48
CA ARG D 93 15.48 44.03 -7.82
C ARG D 93 14.13 44.08 -7.13
N PHE D 94 13.16 43.31 -7.61
CA PHE D 94 11.79 43.43 -7.13
C PHE D 94 11.26 42.17 -6.45
N SER D 95 12.15 41.21 -6.18
CA SER D 95 11.73 39.94 -5.57
C SER D 95 12.85 39.30 -4.78
N LYS D 96 12.57 38.12 -4.23
CA LYS D 96 13.57 37.35 -3.50
C LYS D 96 14.68 36.89 -4.44
N HIS D 97 15.92 37.02 -3.98
CA HIS D 97 17.08 36.61 -4.76
C HIS D 97 17.21 35.10 -4.74
N ASP D 98 16.81 34.46 -5.84
CA ASP D 98 16.82 33.00 -5.94
C ASP D 98 18.24 32.45 -5.93
N ILE D 99 18.42 31.30 -5.27
CA ILE D 99 19.73 30.66 -5.23
C ILE D 99 19.94 29.87 -6.51
N ILE D 100 21.03 30.15 -7.21
CA ILE D 100 21.36 29.41 -8.43
C ILE D 100 22.00 28.08 -8.05
N GLY D 101 23.01 28.13 -7.19
CA GLY D 101 23.70 26.92 -6.78
C GLY D 101 24.37 27.02 -5.42
N GLU D 102 25.05 25.95 -5.03
CA GLU D 102 25.79 25.92 -3.77
C GLU D 102 26.89 24.87 -3.82
N PHE D 103 27.92 25.04 -2.98
CA PHE D 103 29.00 24.07 -2.90
C PHE D 103 29.63 24.07 -1.51
N LYS D 104 29.83 22.86 -0.97
CA LYS D 104 30.39 22.71 0.37
C LYS D 104 31.72 21.97 0.32
N VAL D 105 32.71 22.48 1.04
CA VAL D 105 34.04 21.90 1.06
C VAL D 105 34.46 21.61 2.49
N PRO D 106 34.57 20.31 2.83
CA PRO D 106 35.11 19.83 4.10
C PRO D 106 36.58 20.18 4.28
N MET D 107 36.97 20.68 5.44
CA MET D 107 38.34 21.12 5.66
C MET D 107 39.26 19.98 6.08
N ASN D 108 38.73 18.76 6.13
CA ASN D 108 39.54 17.59 6.44
C ASN D 108 39.98 16.93 5.14
N THR D 109 39.28 17.25 4.06
CA THR D 109 39.66 16.77 2.75
C THR D 109 40.63 17.74 2.09
N VAL D 110 40.61 18.99 2.54
CA VAL D 110 41.48 20.02 2.00
C VAL D 110 42.92 19.82 2.49
N ASP D 111 43.87 19.93 1.57
CA ASP D 111 45.28 19.84 1.93
C ASP D 111 45.95 21.19 1.78
N PHE D 112 46.41 21.74 2.90
CA PHE D 112 47.12 23.01 2.89
C PHE D 112 48.61 22.76 2.84
N GLY D 113 49.35 23.73 2.32
CA GLY D 113 50.78 23.59 2.13
C GLY D 113 51.13 24.06 0.74
N HIS D 114 50.29 23.67 -0.22
CA HIS D 114 50.35 24.22 -1.57
C HIS D 114 49.08 25.01 -1.80
N VAL D 115 49.19 26.13 -2.52
CA VAL D 115 48.05 26.97 -2.80
C VAL D 115 47.07 26.23 -3.69
N THR D 116 45.86 25.98 -3.18
CA THR D 116 44.86 25.22 -3.91
C THR D 116 43.99 26.13 -4.76
N GLU D 117 43.59 25.64 -5.94
CA GLU D 117 42.71 26.40 -6.83
C GLU D 117 42.06 25.45 -7.83
N GLU D 118 40.74 25.32 -7.76
CA GLU D 118 40.07 24.32 -8.60
C GLU D 118 38.69 24.75 -9.12
N TRP D 119 38.25 24.02 -10.14
CA TRP D 119 36.90 24.12 -10.67
C TRP D 119 36.02 23.01 -10.10
N ARG D 120 34.86 23.38 -9.59
CA ARG D 120 33.93 22.38 -9.06
C ARG D 120 32.52 22.65 -9.58
N ASP D 121 31.81 21.58 -9.92
CA ASP D 121 30.47 21.68 -10.47
C ASP D 121 29.47 22.08 -9.40
N LEU D 122 28.63 23.05 -9.72
CA LEU D 122 27.58 23.50 -8.80
C LEU D 122 26.43 22.52 -8.74
N GLN D 123 25.78 22.46 -7.58
CA GLN D 123 24.64 21.57 -7.36
C GLN D 123 23.47 22.36 -6.78
N SER D 124 22.29 21.76 -6.79
CA SER D 124 21.09 22.42 -6.30
C SER D 124 21.00 22.35 -4.78
N ALA D 125 20.77 23.50 -4.16
CA ALA D 125 20.71 23.61 -2.71
C ALA D 125 19.54 22.83 -2.13
N GLU D 126 19.77 22.23 -0.95
CA GLU D 126 18.75 21.45 -0.28
C GLU D 126 17.65 22.35 0.26
N LYS D 127 16.42 21.85 0.22
CA LYS D 127 15.28 22.62 0.71
C LYS D 127 15.36 22.78 2.23
N GLU D 129 14.67 18.50 4.67
CA GLU D 129 14.20 17.38 5.48
C GLU D 129 13.04 17.79 6.37
N GLN D 130 12.46 16.82 7.06
CA GLN D 130 11.34 17.08 7.98
C GLN D 130 11.78 17.96 9.13
N GLU D 131 10.90 18.86 9.56
CA GLU D 131 11.25 19.88 10.55
C GLU D 131 11.26 19.36 11.99
N LYS D 132 10.30 18.52 12.34
CA LYS D 132 10.13 18.05 13.72
C LYS D 132 11.36 17.32 14.26
N LEU D 133 11.73 16.22 13.59
CA LEU D 133 12.88 15.41 13.98
C LEU D 133 12.73 14.86 15.40
N GLY D 134 11.51 14.60 15.82
CA GLY D 134 11.25 14.00 17.11
C GLY D 134 10.69 12.60 16.96
N ASP D 135 10.80 11.79 18.02
CA ASP D 135 10.32 10.41 17.95
C ASP D 135 9.64 9.97 19.24
N ILE D 136 8.59 9.17 19.12
CA ILE D 136 7.88 8.66 20.29
C ILE D 136 7.88 7.13 20.27
N CYS D 137 8.22 6.52 21.40
CA CYS D 137 8.26 5.07 21.51
C CYS D 137 7.24 4.53 22.51
N PHE D 138 6.49 3.53 22.06
CA PHE D 138 5.47 2.90 22.89
C PHE D 138 5.28 1.42 22.55
N SER D 139 4.51 0.72 23.37
CA SER D 139 4.28 -0.72 23.16
C SER D 139 2.80 -1.04 22.94
N LEU D 140 2.54 -1.96 22.03
CA LEU D 140 1.16 -2.37 21.74
C LEU D 140 0.93 -3.85 22.09
N ARG D 141 -0.18 -4.12 22.78
CA ARG D 141 -0.53 -5.48 23.15
C ARG D 141 -2.03 -5.71 23.03
N TYR D 142 -2.42 -6.70 22.24
CA TYR D 142 -3.84 -7.00 22.07
C TYR D 142 -4.05 -8.51 22.21
N VAL D 143 -4.98 -8.87 23.08
CA VAL D 143 -5.40 -10.26 23.21
C VAL D 143 -6.84 -10.31 22.70
N PRO D 144 -7.06 -11.07 21.61
CA PRO D 144 -8.35 -11.11 20.90
C PRO D 144 -9.53 -11.63 21.70
N THR D 145 -9.27 -12.54 22.63
CA THR D 145 -10.33 -13.17 23.41
C THR D 145 -11.06 -12.17 24.31
N ALA D 146 -10.29 -11.39 25.07
CA ALA D 146 -10.87 -10.43 26.01
C ALA D 146 -11.09 -9.07 25.37
N GLY D 147 -10.51 -8.87 24.19
CA GLY D 147 -10.67 -7.62 23.47
C GLY D 147 -10.00 -6.43 24.14
N LYS D 148 -8.87 -6.68 24.79
CA LYS D 148 -8.16 -5.63 25.52
C LYS D 148 -6.98 -5.08 24.73
N LEU D 149 -6.93 -3.76 24.61
CA LEU D 149 -5.83 -3.09 23.93
C LEU D 149 -4.97 -2.31 24.93
N THR D 150 -3.75 -2.78 25.16
CA THR D 150 -2.85 -2.15 26.12
C THR D 150 -1.77 -1.30 25.44
N VAL D 151 -1.99 0.00 25.41
CA VAL D 151 -1.03 0.95 24.86
C VAL D 151 -0.19 1.57 25.97
N VAL D 152 1.09 1.20 26.03
CA VAL D 152 1.97 1.72 27.06
C VAL D 152 2.92 2.76 26.50
N ILE D 153 2.66 4.03 26.83
CA ILE D 153 3.56 5.11 26.41
C ILE D 153 4.86 4.97 27.16
N LEU D 154 5.94 4.70 26.43
CA LEU D 154 7.24 4.51 27.04
C LEU D 154 8.00 5.83 27.10
N GLU D 155 8.51 6.30 25.97
CA GLU D 155 9.37 7.49 26.01
C GLU D 155 9.56 8.20 24.67
N ALA D 156 9.62 9.52 24.71
CA ALA D 156 9.89 10.32 23.51
C ALA D 156 11.31 10.89 23.55
N LYS D 157 11.81 11.31 22.38
CA LYS D 157 13.17 11.84 22.27
C LYS D 157 13.31 12.83 21.13
N ASN D 158 14.27 13.74 21.27
CA ASN D 158 14.60 14.73 20.26
C ASN D 158 13.39 15.56 19.83
N LEU D 159 12.56 15.91 20.81
CA LEU D 159 11.36 16.68 20.54
C LEU D 159 11.69 18.14 20.20
N LYS D 160 10.81 18.77 19.43
CA LYS D 160 11.00 20.14 19.00
C LYS D 160 10.78 21.12 20.16
N LYS D 161 11.63 22.13 20.24
CA LYS D 161 11.54 23.14 21.29
C LYS D 161 10.23 23.92 21.15
N MET D 162 9.51 24.11 22.25
CA MET D 162 8.25 24.82 22.21
C MET D 162 8.28 26.06 23.10
N ASP D 163 9.18 26.05 24.09
CA ASP D 163 9.30 27.18 25.00
C ASP D 163 10.43 28.11 24.56
N VAL D 164 10.38 29.35 25.03
CA VAL D 164 11.35 30.36 24.64
C VAL D 164 12.65 30.20 25.43
N GLY D 165 13.74 29.93 24.71
CA GLY D 165 15.06 29.81 25.32
C GLY D 165 15.19 28.70 26.34
N GLY D 166 14.67 27.52 26.00
CA GLY D 166 14.73 26.38 26.88
C GLY D 166 14.12 25.12 26.30
N LEU D 167 14.07 24.07 27.11
CA LEU D 167 13.48 22.80 26.68
C LEU D 167 11.96 22.88 26.73
N SER D 168 11.30 21.75 26.48
CA SER D 168 9.85 21.73 26.39
C SER D 168 9.20 21.04 27.59
N ASP D 169 7.89 21.19 27.71
CA ASP D 169 7.11 20.55 28.75
C ASP D 169 6.08 19.59 28.14
N PRO D 170 6.55 18.41 27.70
CA PRO D 170 5.76 17.45 26.91
C PRO D 170 4.81 16.58 27.72
N TYR D 171 3.69 16.21 27.10
CA TYR D 171 2.75 15.26 27.66
C TYR D 171 2.02 14.56 26.51
N VAL D 172 1.68 13.29 26.72
CA VAL D 172 1.11 12.46 25.67
C VAL D 172 -0.40 12.37 25.81
N LYS D 173 -1.11 12.74 24.75
CA LYS D 173 -2.56 12.59 24.66
C LYS D 173 -2.90 11.49 23.67
N ILE D 174 -3.73 10.54 24.08
CA ILE D 174 -4.09 9.43 23.22
C ILE D 174 -5.57 9.45 22.87
N HIS D 175 -5.85 9.48 21.58
CA HIS D 175 -7.23 9.46 21.09
C HIS D 175 -7.49 8.15 20.37
N LEU D 176 -8.72 7.69 20.42
CA LEU D 176 -9.09 6.48 19.70
C LEU D 176 -10.20 6.88 18.75
N MET D 177 -9.91 6.81 17.45
CA MET D 177 -10.86 7.31 16.46
C MET D 177 -11.48 6.21 15.62
N GLN D 178 -12.67 6.51 15.11
CA GLN D 178 -13.37 5.61 14.20
C GLN D 178 -14.36 6.41 13.37
N ASN D 179 -14.29 6.25 12.05
CA ASN D 179 -15.14 6.97 11.10
C ASN D 179 -15.05 8.48 11.33
N GLY D 180 -13.88 8.94 11.76
CA GLY D 180 -13.64 10.36 11.97
C GLY D 180 -14.02 10.89 13.34
N LYS D 181 -14.59 10.02 14.18
CA LYS D 181 -15.01 10.45 15.51
C LYS D 181 -14.01 10.05 16.59
N ARG D 182 -13.76 10.98 17.51
CA ARG D 182 -12.87 10.76 18.65
C ARG D 182 -13.62 10.19 19.85
N LEU D 183 -13.45 8.91 20.09
CA LEU D 183 -14.19 8.21 21.15
C LEU D 183 -13.58 8.42 22.54
N LYS D 184 -12.43 7.80 22.79
CA LYS D 184 -11.81 7.82 24.11
C LYS D 184 -10.74 8.89 24.19
N LYS D 185 -10.55 9.46 25.37
CA LYS D 185 -9.53 10.48 25.58
C LYS D 185 -8.69 10.14 26.81
N LYS D 186 -7.38 10.03 26.61
CA LYS D 186 -6.47 9.73 27.70
C LYS D 186 -5.29 10.69 27.65
N LYS D 187 -4.57 10.82 28.75
CA LYS D 187 -3.35 11.62 28.76
C LYS D 187 -2.41 11.13 29.85
N THR D 188 -1.17 11.62 29.83
CA THR D 188 -0.16 11.16 30.77
C THR D 188 0.22 12.26 31.75
N THR D 189 1.23 11.98 32.58
CA THR D 189 1.76 12.97 33.49
C THR D 189 2.61 13.97 32.72
N ILE D 190 2.75 15.17 33.26
CA ILE D 190 3.48 16.22 32.56
C ILE D 190 4.90 16.29 33.09
N LYS D 191 5.85 15.87 32.25
CA LYS D 191 7.25 15.94 32.62
C LYS D 191 7.79 17.30 32.20
N LYS D 192 8.30 18.06 33.16
CA LYS D 192 8.69 19.44 32.92
C LYS D 192 10.18 19.58 32.62
N ASN D 193 10.48 20.45 31.65
CA ASN D 193 11.86 20.76 31.26
C ASN D 193 12.64 19.49 30.94
N THR D 194 12.28 18.81 29.85
CA THR D 194 12.98 17.60 29.46
C THR D 194 13.12 17.47 27.94
N LEU D 195 14.31 17.08 27.51
CA LEU D 195 14.63 16.85 26.11
C LEU D 195 14.13 15.47 25.68
N ASN D 196 14.11 14.56 26.63
CA ASN D 196 13.64 13.20 26.41
C ASN D 196 12.77 12.78 27.60
N PRO D 197 11.44 12.90 27.45
CA PRO D 197 10.52 12.58 28.54
C PRO D 197 10.31 11.08 28.71
N TYR D 198 10.41 10.60 29.94
CA TYR D 198 10.14 9.21 30.26
C TYR D 198 8.85 9.08 31.07
N TYR D 199 7.89 8.32 30.55
CA TYR D 199 6.59 8.18 31.20
C TYR D 199 6.41 6.78 31.79
N ASN D 200 6.49 5.77 30.92
CA ASN D 200 6.20 4.38 31.26
C ASN D 200 4.79 4.28 31.85
N GLU D 201 3.80 4.72 31.09
CA GLU D 201 2.43 4.73 31.57
C GLU D 201 1.51 3.91 30.68
N SER D 202 0.73 3.02 31.29
CA SER D 202 -0.11 2.08 30.54
C SER D 202 -1.56 2.55 30.44
N PHE D 203 -2.15 2.32 29.28
CA PHE D 203 -3.56 2.62 29.05
C PHE D 203 -4.24 1.41 28.44
N SER D 204 -5.52 1.21 28.78
CA SER D 204 -6.25 0.07 28.23
C SER D 204 -7.55 0.50 27.56
N PHE D 205 -7.89 -0.18 26.48
CA PHE D 205 -9.09 0.13 25.70
C PHE D 205 -9.89 -1.11 25.37
N GLU D 206 -11.21 -0.97 25.35
CA GLU D 206 -12.11 -2.09 25.06
C GLU D 206 -12.42 -2.17 23.57
N VAL D 207 -11.71 -3.04 22.86
CA VAL D 207 -11.84 -3.18 21.42
C VAL D 207 -12.17 -4.61 21.03
N PRO D 208 -13.40 -4.85 20.54
CA PRO D 208 -13.83 -6.17 20.10
C PRO D 208 -13.00 -6.72 18.93
N PHE D 209 -13.03 -8.05 18.76
CA PHE D 209 -12.23 -8.72 17.74
C PHE D 209 -12.82 -8.50 16.35
N GLU D 210 -14.08 -8.11 16.31
CA GLU D 210 -14.79 -7.94 15.04
C GLU D 210 -14.57 -6.54 14.45
N GLN D 211 -13.99 -5.65 15.24
CA GLN D 211 -13.76 -4.28 14.79
C GLN D 211 -12.28 -3.91 14.84
N ILE D 212 -11.42 -4.91 15.01
CA ILE D 212 -9.98 -4.68 15.17
C ILE D 212 -9.38 -4.10 13.89
N GLN D 213 -10.00 -4.40 12.74
CA GLN D 213 -9.50 -3.91 11.47
C GLN D 213 -10.14 -2.59 11.06
N LYS D 214 -10.90 -1.99 11.97
CA LYS D 214 -11.59 -0.74 11.70
C LYS D 214 -11.44 0.26 12.83
N VAL D 215 -10.28 0.27 13.48
CA VAL D 215 -10.02 1.17 14.59
C VAL D 215 -8.77 2.01 14.34
N GLN D 216 -8.75 3.22 14.88
CA GLN D 216 -7.61 4.12 14.74
C GLN D 216 -7.03 4.51 16.10
N VAL D 217 -5.73 4.32 16.27
CA VAL D 217 -5.05 4.72 17.49
C VAL D 217 -4.15 5.92 17.23
N VAL D 218 -4.49 7.05 17.85
CA VAL D 218 -3.82 8.33 17.59
C VAL D 218 -3.01 8.79 18.80
N VAL D 219 -1.69 8.78 18.67
CA VAL D 219 -0.79 9.22 19.73
C VAL D 219 -0.28 10.62 19.42
N THR D 220 -0.49 11.55 20.34
CA THR D 220 -0.06 12.93 20.15
C THR D 220 0.82 13.44 21.28
N VAL D 221 2.00 13.95 20.95
CA VAL D 221 2.85 14.59 21.95
C VAL D 221 2.65 16.10 21.87
N LEU D 222 2.27 16.69 23.00
CA LEU D 222 1.98 18.12 23.04
C LEU D 222 2.80 18.84 24.11
N ASP D 223 2.84 20.17 24.03
CA ASP D 223 3.54 20.98 25.01
C ASP D 223 2.54 21.62 25.97
N TYR D 224 2.94 21.77 27.22
CA TYR D 224 2.04 22.31 28.24
C TYR D 224 2.45 23.67 28.78
N ASP D 225 1.68 24.69 28.45
CA ASP D 225 1.76 25.95 29.17
C ASP D 225 0.45 26.15 29.92
N LYS D 226 0.52 26.71 31.12
CA LYS D 226 -0.67 26.98 31.91
C LYS D 226 -1.62 27.91 31.17
N ILE D 227 -1.07 29.02 30.70
CA ILE D 227 -1.86 30.13 30.19
C ILE D 227 -2.13 29.97 28.70
N GLY D 228 -3.40 29.97 28.32
CA GLY D 228 -3.77 29.90 26.92
C GLY D 228 -3.88 28.50 26.36
N LYS D 229 -3.95 28.42 25.03
CA LYS D 229 -4.08 27.15 24.34
C LYS D 229 -2.77 26.38 24.38
N ASN D 230 -2.89 25.08 24.58
CA ASN D 230 -1.73 24.19 24.59
C ASN D 230 -1.46 23.68 23.18
N ASP D 231 -0.30 24.04 22.65
CA ASP D 231 0.08 23.70 21.28
C ASP D 231 0.39 22.21 21.18
N ALA D 232 0.80 21.80 19.99
CA ALA D 232 1.09 20.40 19.71
C ALA D 232 2.45 20.25 19.04
N ILE D 233 3.24 19.31 19.54
CA ILE D 233 4.57 19.08 19.01
C ILE D 233 4.47 18.12 17.82
N GLY D 234 3.91 16.94 18.03
CA GLY D 234 3.78 16.00 16.93
C GLY D 234 2.72 14.94 17.16
N LYS D 235 2.39 14.18 16.13
CA LYS D 235 1.40 13.11 16.28
C LYS D 235 1.56 12.03 15.22
N VAL D 236 1.28 10.78 15.61
CA VAL D 236 1.31 9.67 14.67
C VAL D 236 0.11 8.77 14.95
N PHE D 237 -0.31 7.99 13.95
CA PHE D 237 -1.46 7.10 14.12
C PHE D 237 -1.21 5.70 13.56
N VAL D 238 -1.75 4.70 14.23
CA VAL D 238 -1.62 3.31 13.79
C VAL D 238 -2.98 2.64 13.70
N GLY D 239 -3.14 1.73 12.76
CA GLY D 239 -4.39 0.99 12.63
C GLY D 239 -5.02 1.07 11.25
N TYR D 240 -6.28 1.47 11.22
CA TYR D 240 -7.02 1.56 9.96
C TYR D 240 -6.47 2.70 9.10
N ASN D 241 -6.22 2.40 7.83
CA ASN D 241 -5.66 3.36 6.88
C ASN D 241 -4.31 3.92 7.31
N SER D 242 -3.48 3.09 7.94
CA SER D 242 -2.13 3.50 8.34
C SER D 242 -1.08 2.93 7.39
N THR D 243 0.04 3.62 7.26
CA THR D 243 1.13 3.17 6.39
C THR D 243 2.48 3.30 7.07
N GLY D 244 3.50 2.72 6.44
CA GLY D 244 4.86 2.78 6.96
C GLY D 244 5.16 1.82 8.09
N ALA D 245 6.04 2.23 8.99
CA ALA D 245 6.43 1.43 10.15
C ALA D 245 5.26 1.29 11.12
N GLU D 246 4.29 2.18 10.99
CA GLU D 246 3.08 2.17 11.83
C GLU D 246 2.25 0.93 11.56
N LEU D 247 1.93 0.70 10.29
CA LEU D 247 1.17 -0.48 9.88
C LEU D 247 1.96 -1.74 10.21
N ARG D 248 3.29 -1.63 10.17
CA ARG D 248 4.16 -2.74 10.54
C ARG D 248 4.00 -3.09 12.02
N HIS D 249 4.09 -2.09 12.88
CA HIS D 249 3.94 -2.28 14.32
C HIS D 249 2.55 -2.84 14.63
N TRP D 250 1.55 -2.33 13.93
CA TRP D 250 0.19 -2.81 14.09
C TRP D 250 0.09 -4.30 13.74
N SER D 251 0.67 -4.66 12.61
CA SER D 251 0.67 -6.05 12.15
C SER D 251 1.47 -6.95 13.09
N ASP D 252 2.46 -6.38 13.78
CA ASP D 252 3.23 -7.14 14.75
C ASP D 252 2.40 -7.37 16.00
N MET D 253 1.58 -6.37 16.36
CA MET D 253 0.67 -6.51 17.48
C MET D 253 -0.36 -7.59 17.20
N LEU D 254 -0.85 -7.63 15.96
CA LEU D 254 -1.83 -8.62 15.55
C LEU D 254 -1.24 -10.02 15.49
N ALA D 255 -0.07 -10.14 14.86
CA ALA D 255 0.59 -11.43 14.67
C ALA D 255 1.09 -12.00 15.98
N ASN D 256 1.34 -11.13 16.95
CA ASN D 256 1.81 -11.57 18.26
C ASN D 256 0.80 -11.21 19.34
N PRO D 257 -0.13 -12.13 19.62
CA PRO D 257 -1.16 -11.93 20.65
C PRO D 257 -0.66 -12.32 22.03
N ARG D 258 -1.28 -11.79 23.08
CA ARG D 258 -0.88 -12.04 24.46
C ARG D 258 0.57 -11.64 24.70
N ARG D 259 1.05 -10.68 23.90
CA ARG D 259 2.43 -10.23 23.97
C ARG D 259 2.56 -8.80 23.48
N PRO D 260 3.23 -7.95 24.27
CA PRO D 260 3.40 -6.54 23.92
C PRO D 260 4.65 -6.29 23.08
N ILE D 261 4.49 -5.55 21.98
CA ILE D 261 5.61 -5.22 21.12
C ILE D 261 5.90 -3.72 21.19
N ALA D 262 7.10 -3.37 21.61
CA ALA D 262 7.51 -1.98 21.71
C ALA D 262 8.20 -1.51 20.43
N GLN D 263 7.93 -0.27 20.04
CA GLN D 263 8.50 0.28 18.81
C GLN D 263 8.53 1.81 18.85
N TRP D 264 9.46 2.37 18.07
CA TRP D 264 9.56 3.82 17.89
C TRP D 264 8.75 4.27 16.68
N HIS D 265 8.39 5.55 16.67
CA HIS D 265 7.65 6.14 15.56
C HIS D 265 8.02 7.60 15.37
N THR D 266 8.06 8.04 14.12
CA THR D 266 8.44 9.40 13.77
C THR D 266 7.22 10.32 13.75
N LEU D 267 7.33 11.45 14.46
CA LEU D 267 6.22 12.39 14.60
C LEU D 267 5.94 13.17 13.30
N GLN D 268 4.68 13.16 12.88
CA GLN D 268 4.27 13.91 11.70
C GLN D 268 3.46 15.14 12.10
N VAL D 269 3.30 16.07 11.16
CA VAL D 269 2.49 17.27 11.40
C VAL D 269 1.02 16.87 11.54
N GLU D 270 0.29 17.61 12.36
CA GLU D 270 -1.11 17.28 12.65
C GLU D 270 -2.02 17.45 11.45
N GLU D 271 -1.67 18.37 10.55
CA GLU D 271 -2.50 18.64 9.38
C GLU D 271 -2.61 17.42 8.46
N GLU D 272 -1.46 16.85 8.10
CA GLU D 272 -1.44 15.69 7.20
C GLU D 272 -2.08 14.48 7.85
N VAL D 273 -1.80 14.27 9.14
CA VAL D 273 -2.34 13.13 9.87
C VAL D 273 -3.87 13.21 9.96
N ASP D 274 -4.37 14.38 10.36
CA ASP D 274 -5.81 14.59 10.46
C ASP D 274 -6.46 14.52 9.09
N ALA D 275 -5.70 14.88 8.06
CA ALA D 275 -6.19 14.77 6.69
C ALA D 275 -6.32 13.30 6.30
N MET D 276 -5.42 12.48 6.83
CA MET D 276 -5.47 11.04 6.59
C MET D 276 -6.59 10.38 7.38
N LEU D 277 -6.90 10.94 8.55
CA LEU D 277 -7.93 10.37 9.41
C LEU D 277 -9.34 10.74 8.94
N ALA D 278 -9.46 11.78 8.13
CA ALA D 278 -10.75 12.18 7.60
C ALA D 278 -11.15 11.32 6.41
N VAL D 279 -10.26 10.40 6.03
CA VAL D 279 -10.48 9.52 4.89
C VAL D 279 -11.41 8.37 5.28
N LYS D 280 -12.34 8.03 4.37
CA LYS D 280 -13.29 6.93 4.57
C LYS D 280 -14.11 7.13 5.85
N LYS E 1 65.02 44.30 54.50
CA LYS E 1 64.88 44.56 55.93
C LYS E 1 63.44 44.96 56.23
N LEU E 2 62.73 45.39 55.18
CA LEU E 2 61.35 45.81 55.30
C LEU E 2 60.42 44.71 55.77
N GLY E 3 60.61 43.51 55.22
CA GLY E 3 59.77 42.38 55.58
C GLY E 3 59.64 41.40 54.43
N LYS E 4 58.83 40.36 54.62
CA LYS E 4 58.62 39.35 53.59
C LYS E 4 57.21 39.44 53.00
N LEU E 5 57.00 38.72 51.90
CA LEU E 5 55.72 38.72 51.21
C LEU E 5 55.30 37.31 50.80
N GLN E 6 54.15 36.87 51.28
CA GLN E 6 53.58 35.59 50.86
C GLN E 6 52.58 35.79 49.74
N TYR E 7 52.82 35.10 48.62
CA TYR E 7 51.98 35.21 47.44
C TYR E 7 51.71 33.86 46.81
N SER E 8 50.70 33.81 45.94
CA SER E 8 50.37 32.58 45.22
C SER E 8 50.41 32.78 43.70
N LEU E 9 50.80 31.76 42.98
CA LEU E 9 50.93 31.83 41.52
C LEU E 9 50.56 30.49 40.87
N ASP E 10 49.74 30.57 39.81
CA ASP E 10 49.33 29.39 39.06
C ASP E 10 48.68 29.81 37.74
N TYR E 11 48.60 28.89 36.79
CA TYR E 11 48.02 29.20 35.48
C TYR E 11 46.84 28.30 35.15
N ASP E 12 45.72 28.92 34.78
CA ASP E 12 44.53 28.18 34.38
C ASP E 12 44.53 27.93 32.88
N PHE E 13 44.71 26.67 32.50
CA PHE E 13 44.83 26.31 31.09
C PHE E 13 43.47 26.20 30.43
N GLN E 14 42.41 26.17 31.23
CA GLN E 14 41.05 26.04 30.72
C GLN E 14 40.53 27.37 30.16
N ASN E 15 40.98 28.47 30.76
CA ASN E 15 40.56 29.79 30.32
C ASN E 15 41.73 30.58 29.73
N ASN E 16 42.92 29.99 29.77
CA ASN E 16 44.15 30.62 29.30
C ASN E 16 44.37 31.98 29.97
N GLN E 17 44.47 31.96 31.30
CA GLN E 17 44.67 33.19 32.07
C GLN E 17 45.56 32.92 33.29
N LEU E 18 46.33 33.93 33.68
CA LEU E 18 47.23 33.81 34.83
C LEU E 18 46.53 34.22 36.12
N LEU E 19 46.60 33.36 37.13
CA LEU E 19 45.95 33.63 38.41
C LEU E 19 46.96 34.01 39.49
N VAL E 20 47.06 35.30 39.78
CA VAL E 20 48.03 35.79 40.77
C VAL E 20 47.33 36.18 42.06
N GLY E 21 47.61 35.47 43.15
CA GLY E 21 46.99 35.76 44.42
C GLY E 21 47.93 36.41 45.41
N ILE E 22 47.51 37.54 45.98
CA ILE E 22 48.27 38.21 46.99
C ILE E 22 47.74 37.79 48.35
N ILE E 23 48.52 36.97 49.05
CA ILE E 23 48.11 36.43 50.33
C ILE E 23 48.34 37.47 51.41
N GLN E 24 49.60 37.71 51.76
CA GLN E 24 49.88 38.67 52.83
C GLN E 24 51.34 39.12 52.84
N ALA E 25 51.67 39.95 53.82
CA ALA E 25 53.04 40.40 54.00
C ALA E 25 53.37 40.45 55.50
N ALA E 26 54.66 40.43 55.83
CA ALA E 26 55.07 40.39 57.24
C ALA E 26 56.32 41.22 57.51
N GLU E 27 56.47 41.63 58.76
CA GLU E 27 57.64 42.37 59.25
C GLU E 27 57.99 43.61 58.43
N LEU E 28 56.97 44.29 57.92
CA LEU E 28 57.20 45.53 57.17
C LEU E 28 57.67 46.66 58.08
N PRO E 29 58.67 47.43 57.64
CA PRO E 29 59.14 48.57 58.43
C PRO E 29 58.09 49.68 58.53
N ALA E 30 58.05 50.36 59.66
CA ALA E 30 57.08 51.42 59.90
C ALA E 30 57.58 52.77 59.41
N LEU E 31 56.76 53.46 58.62
CA LEU E 31 57.11 54.77 58.09
C LEU E 31 56.14 55.85 58.56
N ASP E 32 55.06 55.43 59.21
CA ASP E 32 54.03 56.37 59.65
C ASP E 32 54.13 56.68 61.14
N MET E 33 53.28 57.60 61.59
CA MET E 33 53.33 58.14 62.95
C MET E 33 53.05 57.13 64.06
N GLY E 34 51.92 56.44 63.96
CA GLY E 34 51.46 55.55 65.01
C GLY E 34 52.37 54.40 65.37
N GLY E 35 53.40 54.17 64.56
CA GLY E 35 54.31 53.08 64.78
C GLY E 35 54.05 51.97 63.78
N THR E 36 53.02 52.19 62.96
CA THR E 36 52.64 51.26 61.91
C THR E 36 52.27 52.02 60.64
N SER E 37 52.57 51.43 59.48
CA SER E 37 52.31 52.06 58.20
C SER E 37 50.97 51.63 57.62
N ASP E 38 50.54 52.29 56.55
CA ASP E 38 49.31 51.94 55.84
C ASP E 38 49.64 51.32 54.48
N PRO E 39 49.88 50.00 54.45
CA PRO E 39 50.39 49.33 53.24
C PRO E 39 49.32 48.92 52.23
N TYR E 40 49.69 48.95 50.95
CA TYR E 40 48.87 48.38 49.88
C TYR E 40 49.78 47.95 48.73
N VAL E 41 49.45 46.83 48.09
CA VAL E 41 50.33 46.23 47.11
C VAL E 41 49.85 46.45 45.68
N LYS E 42 50.75 46.96 44.84
CA LYS E 42 50.48 47.11 43.42
C LYS E 42 51.11 45.96 42.64
N VAL E 43 50.30 45.24 41.88
CA VAL E 43 50.76 44.08 41.13
C VAL E 43 50.45 44.27 39.64
N PHE E 44 51.42 43.99 38.78
CA PHE E 44 51.24 44.11 37.35
C PHE E 44 52.20 43.19 36.61
N LEU E 45 51.91 42.90 35.35
CA LEU E 45 52.80 42.05 34.56
C LEU E 45 54.09 42.81 34.33
N LEU E 46 55.22 42.17 34.60
CA LEU E 46 56.51 42.84 34.43
C LEU E 46 56.83 43.27 33.01
N PRO E 47 56.52 42.37 31.99
CA PRO E 47 56.88 42.85 30.64
C PRO E 47 56.36 44.17 30.11
N ASP E 48 55.06 44.39 30.25
CA ASP E 48 54.43 45.63 29.80
C ASP E 48 53.67 46.18 31.00
N LYS E 49 53.89 47.45 31.32
CA LYS E 49 53.21 48.05 32.46
C LYS E 49 51.84 48.56 32.07
N LYS E 50 50.93 47.63 31.77
CA LYS E 50 49.59 48.01 31.39
C LYS E 50 48.52 47.29 32.21
N LYS E 51 47.57 48.05 32.73
CA LYS E 51 46.46 47.48 33.49
C LYS E 51 46.94 46.98 34.85
N LYS E 52 47.76 47.78 35.50
CA LYS E 52 48.29 47.42 36.81
C LYS E 52 47.16 47.23 37.81
N PHE E 53 47.30 46.24 38.67
CA PHE E 53 46.29 45.94 39.68
C PHE E 53 46.72 46.37 41.07
N GLU E 54 45.81 47.03 41.78
CA GLU E 54 46.10 47.51 43.12
C GLU E 54 45.13 46.91 44.15
N THR E 55 45.67 46.50 45.30
CA THR E 55 44.86 45.96 46.40
C THR E 55 44.25 47.08 47.25
N LYS E 56 43.37 46.69 48.17
CA LYS E 56 42.73 47.64 49.07
C LYS E 56 43.72 48.11 50.14
N VAL E 57 43.54 49.34 50.60
CA VAL E 57 44.45 49.95 51.56
C VAL E 57 44.13 49.49 52.98
N HIS E 58 45.09 48.85 53.63
CA HIS E 58 44.95 48.45 55.03
C HIS E 58 45.52 49.49 55.97
N ARG E 59 44.75 49.83 57.00
CA ARG E 59 45.13 50.89 57.92
C ARG E 59 45.99 50.40 59.08
N LYS E 60 47.17 51.00 59.21
CA LYS E 60 48.03 50.83 60.38
C LYS E 60 48.30 49.38 60.79
N THR E 61 48.91 48.61 59.89
CA THR E 61 49.38 47.26 60.20
C THR E 61 50.71 46.97 59.52
N LEU E 62 51.65 46.39 60.27
CA LEU E 62 52.94 45.99 59.70
C LEU E 62 52.88 44.54 59.26
N ASN E 63 51.72 43.93 59.44
CA ASN E 63 51.46 42.59 58.91
C ASN E 63 50.08 42.57 58.24
N PRO E 64 49.98 43.18 57.06
CA PRO E 64 48.70 43.27 56.36
C PRO E 64 48.31 41.96 55.69
N VAL E 65 47.03 41.62 55.75
CA VAL E 65 46.53 40.43 55.08
C VAL E 65 45.50 40.83 54.04
N PHE E 66 45.84 40.63 52.77
CA PHE E 66 45.01 41.06 51.66
C PHE E 66 44.11 39.94 51.18
N ASN E 67 44.70 38.74 51.04
CA ASN E 67 44.00 37.56 50.51
C ASN E 67 43.19 37.87 49.25
N GLU E 68 43.77 38.66 48.36
CA GLU E 68 43.09 39.05 47.13
C GLU E 68 43.60 38.28 45.91
N GLN E 69 42.87 38.37 44.81
CA GLN E 69 43.23 37.65 43.60
C GLN E 69 43.08 38.51 42.34
N PHE E 70 44.03 38.36 41.42
CA PHE E 70 44.02 39.08 40.16
C PHE E 70 44.22 38.13 38.98
N THR E 71 43.61 38.45 37.85
CA THR E 71 43.68 37.60 36.66
C THR E 71 44.25 38.36 35.47
N PHE E 72 45.30 37.78 34.88
CA PHE E 72 45.92 38.35 33.69
C PHE E 72 45.63 37.51 32.46
N LYS E 73 44.71 37.98 31.63
CA LYS E 73 44.30 37.26 30.43
C LYS E 73 45.45 37.24 29.42
N VAL E 74 46.37 36.30 29.60
CA VAL E 74 47.54 36.18 28.76
C VAL E 74 47.71 34.74 28.30
N PRO E 75 47.90 34.53 26.98
CA PRO E 75 48.12 33.19 26.45
C PRO E 75 49.34 32.51 27.08
N TYR E 76 49.46 31.21 26.91
CA TYR E 76 50.50 30.46 27.59
C TYR E 76 51.83 30.57 26.86
N SER E 77 51.78 30.90 25.57
CA SER E 77 52.99 31.03 24.76
C SER E 77 53.71 32.33 25.07
N GLU E 78 52.95 33.42 25.18
CA GLU E 78 53.50 34.73 25.52
C GLU E 78 53.96 34.79 26.97
N LEU E 79 53.38 33.94 27.81
CA LEU E 79 53.65 33.95 29.25
C LEU E 79 55.12 33.72 29.60
N GLY E 80 55.78 32.84 28.86
CA GLY E 80 57.15 32.46 29.15
C GLY E 80 58.17 33.58 29.21
N GLY E 81 57.95 34.60 28.39
CA GLY E 81 58.85 35.74 28.34
C GLY E 81 58.27 36.90 29.10
N LYS E 82 57.34 36.61 30.00
CA LYS E 82 56.71 37.65 30.79
C LYS E 82 56.97 37.53 32.29
N THR E 83 57.33 38.65 32.90
CA THR E 83 57.62 38.68 34.33
C THR E 83 56.51 39.34 35.13
N LEU E 84 56.50 39.03 36.42
CA LEU E 84 55.52 39.55 37.37
C LEU E 84 56.17 40.51 38.35
N VAL E 85 55.48 41.63 38.62
CA VAL E 85 55.99 42.62 39.57
C VAL E 85 54.98 42.88 40.68
N MET E 86 55.44 42.69 41.92
CA MET E 86 54.65 42.93 43.11
C MET E 86 55.37 43.93 44.01
N ALA E 87 54.89 45.16 44.03
CA ALA E 87 55.55 46.20 44.83
C ALA E 87 54.66 46.66 45.98
N VAL E 88 55.24 46.74 47.17
CA VAL E 88 54.52 47.17 48.36
C VAL E 88 54.67 48.67 48.55
N TYR E 89 53.53 49.36 48.61
CA TYR E 89 53.49 50.81 48.76
C TYR E 89 52.94 51.20 50.13
N ASP E 90 53.35 52.38 50.60
CA ASP E 90 52.82 52.94 51.84
C ASP E 90 51.90 54.10 51.51
N PHE E 91 50.66 54.03 51.97
CA PHE E 91 49.69 55.09 51.68
C PHE E 91 49.87 56.29 52.60
N ASP E 92 49.84 57.48 52.01
CA ASP E 92 49.84 58.72 52.76
C ASP E 92 48.85 59.69 52.13
N ARG E 93 47.98 60.26 52.95
CA ARG E 93 46.86 61.06 52.48
C ARG E 93 47.27 62.42 51.92
N PHE E 94 48.40 62.97 52.39
CA PHE E 94 48.77 64.33 52.05
C PHE E 94 50.07 64.44 51.26
N SER E 95 50.59 63.31 50.79
CA SER E 95 51.86 63.31 50.08
C SER E 95 51.96 62.13 49.11
N LYS E 96 53.10 62.03 48.44
CA LYS E 96 53.37 60.93 47.53
C LYS E 96 53.45 59.61 48.29
N HIS E 97 52.82 58.57 47.75
CA HIS E 97 52.82 57.26 48.37
C HIS E 97 54.16 56.57 48.15
N ASP E 98 55.00 56.57 49.17
CA ASP E 98 56.34 56.00 49.10
C ASP E 98 56.31 54.50 48.88
N ILE E 99 57.24 54.00 48.08
CA ILE E 99 57.32 52.56 47.84
C ILE E 99 58.08 51.91 48.98
N ILE E 100 57.47 50.92 49.62
CA ILE E 100 58.14 50.18 50.69
C ILE E 100 59.08 49.16 50.09
N GLY E 101 58.57 48.35 49.16
CA GLY E 101 59.39 47.33 48.54
C GLY E 101 58.93 46.92 47.16
N GLU E 102 59.62 45.95 46.56
CA GLU E 102 59.25 45.42 45.26
C GLU E 102 59.81 44.01 45.07
N PHE E 103 59.19 43.25 44.18
CA PHE E 103 59.67 41.90 43.88
C PHE E 103 59.30 41.49 42.46
N LYS E 104 60.29 40.94 41.75
CA LYS E 104 60.11 40.54 40.36
C LYS E 104 60.28 39.03 40.20
N VAL E 105 59.37 38.41 39.45
CA VAL E 105 59.39 36.97 39.25
C VAL E 105 59.38 36.66 37.76
N PRO E 106 60.50 36.11 37.26
CA PRO E 106 60.64 35.62 35.88
C PRO E 106 59.75 34.40 35.63
N MET E 107 59.03 34.39 34.50
CA MET E 107 58.08 33.32 34.23
C MET E 107 58.74 32.11 33.59
N ASN E 108 60.06 32.15 33.42
CA ASN E 108 60.81 31.01 32.91
C ASN E 108 61.36 30.19 34.06
N THR E 109 61.42 30.82 35.24
CA THR E 109 61.84 30.12 36.44
C THR E 109 60.63 29.49 37.13
N VAL E 110 59.44 30.04 36.84
CA VAL E 110 58.22 29.54 37.44
C VAL E 110 57.81 28.22 36.80
N ASP E 111 57.42 27.26 37.63
CA ASP E 111 56.94 25.98 37.14
C ASP E 111 55.45 25.84 37.41
N PHE E 112 54.67 25.76 36.33
CA PHE E 112 53.23 25.58 36.45
C PHE E 112 52.90 24.10 36.33
N GLY E 113 51.78 23.72 36.91
CA GLY E 113 51.38 22.33 36.96
C GLY E 113 50.93 22.00 38.36
N HIS E 114 51.69 22.49 39.32
CA HIS E 114 51.28 22.46 40.72
C HIS E 114 51.05 23.90 41.16
N VAL E 115 50.04 24.12 42.01
CA VAL E 115 49.73 25.45 42.49
C VAL E 115 50.87 25.96 43.37
N THR E 116 51.51 27.05 42.93
CA THR E 116 52.66 27.59 43.64
C THR E 116 52.23 28.62 44.68
N GLU E 117 52.91 28.66 45.82
CA GLU E 117 52.64 29.62 46.86
C GLU E 117 53.84 29.75 47.80
N GLU E 118 54.46 30.93 47.82
CA GLU E 118 55.70 31.06 48.57
C GLU E 118 55.89 32.42 49.27
N TRP E 119 56.81 32.43 50.22
CA TRP E 119 57.29 33.64 50.88
C TRP E 119 58.59 34.11 50.25
N ARG E 120 58.65 35.38 49.89
CA ARG E 120 59.88 35.94 49.33
C ARG E 120 60.21 37.27 50.00
N ASP E 121 61.49 37.48 50.26
CA ASP E 121 61.95 38.68 50.93
C ASP E 121 61.88 39.90 50.00
N LEU E 122 61.33 40.99 50.52
CA LEU E 122 61.23 42.23 49.76
C LEU E 122 62.58 42.93 49.68
N GLN E 123 62.78 43.67 48.58
CA GLN E 123 64.00 44.42 48.34
C GLN E 123 63.67 45.86 47.98
N SER E 124 64.69 46.71 48.01
CA SER E 124 64.49 48.13 47.72
C SER E 124 64.46 48.38 46.22
N ALA E 125 63.43 49.10 45.77
CA ALA E 125 63.23 49.38 44.36
C ALA E 125 64.35 50.25 43.78
N GLU E 126 64.71 49.96 42.53
CA GLU E 126 65.75 50.70 41.84
C GLU E 126 65.30 52.12 41.52
N LYS E 127 66.22 53.07 41.61
CA LYS E 127 65.91 54.45 41.32
C LYS E 127 65.61 54.64 39.85
N GLU E 129 70.74 53.73 37.20
CA GLU E 129 71.89 53.83 36.30
C GLU E 129 71.83 55.10 35.47
N GLN E 130 72.89 55.35 34.70
CA GLN E 130 72.96 56.52 33.82
C GLN E 130 71.89 56.45 32.73
N GLU E 131 71.31 57.60 32.40
CA GLU E 131 70.17 57.64 31.49
C GLU E 131 70.55 57.52 30.01
N LYS E 132 71.65 58.15 29.61
CA LYS E 132 72.03 58.22 28.19
C LYS E 132 72.27 56.84 27.59
N LEU E 133 73.22 56.10 28.15
CA LEU E 133 73.58 54.76 27.68
C LEU E 133 74.02 54.77 26.22
N GLY E 134 74.65 55.86 25.80
CA GLY E 134 75.22 55.95 24.47
C GLY E 134 76.73 56.00 24.52
N ASP E 135 77.38 55.67 23.40
CA ASP E 135 78.83 55.66 23.36
C ASP E 135 79.39 56.20 22.04
N ILE E 136 80.50 56.92 22.11
CA ILE E 136 81.13 57.46 20.91
C ILE E 136 82.56 56.95 20.80
N CYS E 137 82.94 56.47 19.63
CA CYS E 137 84.28 55.95 19.40
C CYS E 137 85.06 56.78 18.38
N PHE E 138 86.29 57.14 18.75
CA PHE E 138 87.16 57.91 17.88
C PHE E 138 88.64 57.59 18.11
N SER E 139 89.51 58.10 17.24
CA SER E 139 90.94 57.84 17.34
C SER E 139 91.75 59.12 17.55
N LEU E 140 92.78 59.03 18.38
CA LEU E 140 93.64 60.17 18.65
C LEU E 140 95.08 59.91 18.18
N ARG E 141 95.66 60.90 17.50
CA ARG E 141 97.03 60.78 17.02
C ARG E 141 97.76 62.11 17.14
N TYR E 142 98.87 62.12 17.86
CA TYR E 142 99.65 63.35 18.02
C TYR E 142 101.12 63.06 17.75
N VAL E 143 101.72 63.84 16.87
CA VAL E 143 103.15 63.78 16.63
C VAL E 143 103.72 65.10 17.15
N PRO E 144 104.58 65.01 18.19
CA PRO E 144 105.10 66.18 18.91
C PRO E 144 105.93 67.15 18.08
N THR E 145 106.63 66.63 17.07
CA THR E 145 107.51 67.46 16.27
C THR E 145 106.76 68.51 15.45
N ALA E 146 105.72 68.07 14.74
CA ALA E 146 104.94 68.98 13.90
C ALA E 146 103.79 69.62 14.66
N GLY E 147 103.49 69.09 15.84
CA GLY E 147 102.42 69.63 16.66
C GLY E 147 101.03 69.43 16.07
N LYS E 148 100.83 68.30 15.39
CA LYS E 148 99.56 68.02 14.74
C LYS E 148 98.71 67.06 15.57
N LEU E 149 97.46 67.44 15.79
CA LEU E 149 96.50 66.60 16.51
C LEU E 149 95.41 66.10 15.56
N THR E 150 95.42 64.80 15.29
CA THR E 150 94.46 64.20 14.36
C THR E 150 93.36 63.43 15.09
N VAL E 151 92.20 64.08 15.23
CA VAL E 151 91.03 63.47 15.84
C VAL E 151 90.08 62.93 14.78
N VAL E 152 90.00 61.61 14.67
CA VAL E 152 89.14 60.98 13.67
C VAL E 152 87.88 60.42 14.31
N ILE E 153 86.76 61.09 14.09
CA ILE E 153 85.47 60.60 14.58
C ILE E 153 85.11 59.35 13.80
N LEU E 154 85.06 58.22 14.50
CA LEU E 154 84.75 56.95 13.86
C LEU E 154 83.25 56.68 13.89
N GLU E 155 82.72 56.31 15.05
CA GLU E 155 81.31 55.90 15.09
C GLU E 155 80.68 55.90 16.49
N ALA E 156 79.41 56.30 16.56
CA ALA E 156 78.66 56.26 17.81
C ALA E 156 77.65 55.11 17.81
N LYS E 157 77.18 54.72 18.99
CA LYS E 157 76.23 53.63 19.12
C LYS E 157 75.33 53.77 20.35
N ASN E 158 74.15 53.18 20.26
CA ASN E 158 73.17 53.15 21.36
C ASN E 158 72.83 54.55 21.86
N LEU E 159 72.72 55.49 20.93
CA LEU E 159 72.41 56.87 21.27
C LEU E 159 70.96 57.03 21.72
N LYS E 160 70.73 58.04 22.56
CA LYS E 160 69.39 58.32 23.09
C LYS E 160 68.47 58.88 22.03
N LYS E 161 67.22 58.43 22.02
CA LYS E 161 66.24 58.90 21.05
C LYS E 161 65.95 60.37 21.27
N MET E 162 65.93 61.15 20.20
CA MET E 162 65.69 62.58 20.30
C MET E 162 64.45 63.00 19.52
N ASP E 163 64.09 62.20 18.53
CA ASP E 163 62.91 62.49 17.71
C ASP E 163 61.70 61.72 18.21
N VAL E 164 60.52 62.20 17.85
CA VAL E 164 59.27 61.60 18.30
C VAL E 164 58.93 60.36 17.48
N GLY E 165 58.87 59.21 18.16
CA GLY E 165 58.49 57.96 17.53
C GLY E 165 59.42 57.51 16.42
N GLY E 166 60.73 57.59 16.68
CA GLY E 166 61.71 57.17 15.71
C GLY E 166 63.14 57.32 16.19
N LEU E 167 64.09 57.05 15.29
CA LEU E 167 65.51 57.16 15.62
C LEU E 167 65.94 58.63 15.59
N SER E 168 67.23 58.86 15.77
CA SER E 168 67.76 60.22 15.88
C SER E 168 68.53 60.64 14.64
N ASP E 169 68.82 61.94 14.56
CA ASP E 169 69.62 62.49 13.46
C ASP E 169 70.89 63.12 14.02
N PRO E 170 71.89 62.26 14.34
CA PRO E 170 73.10 62.66 15.06
C PRO E 170 74.19 63.29 14.19
N TYR E 171 74.95 64.20 14.80
CA TYR E 171 76.13 64.79 14.18
C TYR E 171 77.11 65.19 15.27
N VAL E 172 78.40 65.11 14.95
CA VAL E 172 79.45 65.33 15.94
C VAL E 172 80.03 66.73 15.83
N LYS E 173 80.00 67.47 16.92
CA LYS E 173 80.62 68.78 17.02
C LYS E 173 81.84 68.69 17.92
N ILE E 174 82.99 69.17 17.44
CA ILE E 174 84.22 69.11 18.21
C ILE E 174 84.72 70.51 18.58
N HIS E 175 84.89 70.73 19.87
CA HIS E 175 85.39 72.00 20.38
C HIS E 175 86.76 71.78 20.99
N LEU E 176 87.61 72.78 20.92
CA LEU E 176 88.92 72.70 21.54
C LEU E 176 88.98 73.84 22.55
N MET E 177 89.04 73.50 23.83
CA MET E 177 88.97 74.51 24.86
C MET E 177 90.28 74.70 25.63
N GLN E 178 90.43 75.90 26.18
CA GLN E 178 91.57 76.22 27.01
C GLN E 178 91.21 77.40 27.92
N ASN E 179 91.44 77.21 29.22
CA ASN E 179 91.11 78.21 30.23
C ASN E 179 89.64 78.65 30.13
N GLY E 180 88.79 77.71 29.73
CA GLY E 180 87.36 77.96 29.63
C GLY E 180 86.90 78.55 28.31
N LYS E 181 87.84 78.84 27.41
CA LYS E 181 87.48 79.43 26.13
C LYS E 181 87.43 78.39 25.00
N ARG E 182 86.42 78.51 24.15
CA ARG E 182 86.24 77.64 22.99
C ARG E 182 86.93 78.21 21.76
N LEU E 183 88.08 77.63 21.41
CA LEU E 183 88.90 78.12 20.31
C LEU E 183 88.40 77.68 18.93
N LYS E 184 88.58 76.41 18.62
CA LYS E 184 88.26 75.89 17.29
C LYS E 184 86.88 75.23 17.29
N LYS E 185 86.20 75.29 16.15
CA LYS E 185 84.88 74.68 16.02
C LYS E 185 84.83 73.83 14.75
N LYS E 186 84.52 72.55 14.93
CA LYS E 186 84.41 71.63 13.81
C LYS E 186 83.12 70.84 13.92
N LYS E 187 82.67 70.25 12.82
CA LYS E 187 81.51 69.37 12.86
C LYS E 187 81.58 68.37 11.71
N THR E 188 80.70 67.36 11.76
CA THR E 188 80.72 66.30 10.77
C THR E 188 79.49 66.33 9.88
N THR E 189 79.36 65.33 9.03
CA THR E 189 78.17 65.19 8.19
C THR E 189 77.01 64.70 9.03
N ILE E 190 75.80 64.99 8.59
CA ILE E 190 74.62 64.62 9.36
C ILE E 190 74.05 63.32 8.82
N LYS E 191 74.17 62.26 9.60
CA LYS E 191 73.61 60.98 9.22
C LYS E 191 72.18 60.90 9.75
N LYS E 192 71.23 60.72 8.84
CA LYS E 192 69.82 60.81 9.20
C LYS E 192 69.21 59.44 9.49
N ASN E 193 68.36 59.40 10.52
CA ASN E 193 67.65 58.19 10.91
C ASN E 193 68.59 57.01 11.13
N THR E 194 69.42 57.10 12.16
CA THR E 194 70.36 56.01 12.44
C THR E 194 70.54 55.77 13.94
N LEU E 195 70.53 54.50 14.31
CA LEU E 195 70.75 54.08 15.69
C LEU E 195 72.23 54.07 16.01
N ASN E 196 73.04 53.82 14.99
CA ASN E 196 74.49 53.80 15.12
C ASN E 196 75.09 54.52 13.91
N PRO E 197 75.43 55.81 14.07
CA PRO E 197 75.97 56.61 12.98
C PRO E 197 77.44 56.32 12.69
N TYR E 198 77.76 56.12 11.42
CA TYR E 198 79.13 55.92 10.99
C TYR E 198 79.63 57.12 10.19
N TYR E 199 80.70 57.74 10.67
CA TYR E 199 81.23 58.94 10.02
C TYR E 199 82.56 58.69 9.32
N ASN E 200 83.54 58.23 10.11
CA ASN E 200 84.92 58.06 9.66
C ASN E 200 85.44 59.36 9.08
N GLU E 201 85.42 60.41 9.89
CA GLU E 201 85.83 61.74 9.43
C GLU E 201 86.98 62.30 10.26
N SER E 202 88.03 62.76 9.58
CA SER E 202 89.24 63.20 10.26
C SER E 202 89.30 64.71 10.42
N PHE E 203 89.81 65.15 11.57
CA PHE E 203 90.00 66.57 11.84
C PHE E 203 91.42 66.79 12.36
N SER E 204 92.01 67.94 12.03
CA SER E 204 93.38 68.22 12.48
C SER E 204 93.45 69.56 13.20
N PHE E 205 94.29 69.62 14.23
CA PHE E 205 94.43 70.82 15.05
C PHE E 205 95.91 71.15 15.28
N GLU E 206 96.22 72.43 15.34
CA GLU E 206 97.59 72.89 15.55
C GLU E 206 97.88 73.11 17.03
N VAL E 207 98.51 72.11 17.65
CA VAL E 207 98.78 72.14 19.08
C VAL E 207 100.28 71.95 19.35
N PRO E 208 100.94 73.01 19.85
CA PRO E 208 102.37 72.96 20.18
C PRO E 208 102.70 71.95 21.29
N PHE E 209 103.95 71.53 21.34
CA PHE E 209 104.39 70.51 22.29
C PHE E 209 104.48 71.08 23.71
N GLU E 210 104.55 72.41 23.80
CA GLU E 210 104.70 73.07 25.09
C GLU E 210 103.37 73.31 25.78
N GLN E 211 102.28 73.09 25.06
CA GLN E 211 100.94 73.30 25.62
C GLN E 211 100.10 72.04 25.58
N ILE E 212 100.74 70.90 25.33
CA ILE E 212 100.03 69.64 25.16
C ILE E 212 99.37 69.21 26.49
N GLN E 213 99.95 69.65 27.60
CA GLN E 213 99.42 69.29 28.91
C GLN E 213 98.43 70.32 29.43
N LYS E 214 98.04 71.26 28.58
CA LYS E 214 97.12 72.33 28.97
C LYS E 214 96.04 72.57 27.92
N VAL E 215 95.61 71.50 27.26
CA VAL E 215 94.58 71.60 26.23
C VAL E 215 93.40 70.70 26.52
N GLN E 216 92.22 71.10 26.07
CA GLN E 216 91.00 70.32 26.28
C GLN E 216 90.33 69.97 24.95
N VAL E 217 90.07 68.67 24.75
CA VAL E 217 89.38 68.22 23.55
C VAL E 217 87.96 67.76 23.89
N VAL E 218 86.98 68.49 23.37
CA VAL E 218 85.57 68.27 23.72
C VAL E 218 84.78 67.71 22.54
N VAL E 219 84.34 66.46 22.68
CA VAL E 219 83.56 65.80 21.63
C VAL E 219 82.09 65.76 22.04
N THR E 220 81.23 66.32 21.20
CA THR E 220 79.80 66.37 21.51
C THR E 220 78.94 65.75 20.40
N VAL E 221 78.09 64.80 20.76
CA VAL E 221 77.13 64.24 19.81
C VAL E 221 75.79 64.93 20.02
N LEU E 222 75.27 65.54 18.95
CA LEU E 222 74.03 66.29 19.02
C LEU E 222 73.00 65.80 18.00
N ASP E 223 71.75 66.19 18.19
CA ASP E 223 70.67 65.85 17.27
C ASP E 223 70.34 67.04 16.39
N TYR E 224 69.97 66.76 15.13
CA TYR E 224 69.70 67.83 14.18
C TYR E 224 68.25 67.92 13.73
N ASP E 225 67.56 68.97 14.17
CA ASP E 225 66.31 69.35 13.55
C ASP E 225 66.51 70.68 12.84
N LYS E 226 65.87 70.85 11.69
CA LYS E 226 65.96 72.09 10.94
C LYS E 226 65.46 73.27 11.76
N ILE E 227 64.26 73.11 12.31
CA ILE E 227 63.51 74.19 12.94
C ILE E 227 63.87 74.33 14.40
N GLY E 228 64.32 75.52 14.80
CA GLY E 228 64.62 75.79 16.19
C GLY E 228 66.01 75.40 16.64
N LYS E 229 66.19 75.39 17.96
CA LYS E 229 67.49 75.07 18.55
C LYS E 229 67.77 73.57 18.43
N ASN E 230 69.02 73.24 18.11
CA ASN E 230 69.46 71.86 18.02
C ASN E 230 69.95 71.39 19.38
N ASP E 231 69.26 70.40 19.92
CA ASP E 231 69.55 69.87 21.25
C ASP E 231 70.85 69.07 21.23
N ALA E 232 71.19 68.50 22.39
CA ALA E 232 72.43 67.76 22.54
C ALA E 232 72.16 66.40 23.17
N ILE E 233 72.74 65.36 22.59
CA ILE E 233 72.56 64.00 23.09
C ILE E 233 73.57 63.73 24.19
N GLY E 234 74.85 63.88 23.89
CA GLY E 234 75.86 63.64 24.92
C GLY E 234 77.19 64.29 24.61
N LYS E 235 78.09 64.31 25.58
CA LYS E 235 79.42 64.89 25.36
C LYS E 235 80.46 64.34 26.33
N VAL E 236 81.69 64.20 25.84
CA VAL E 236 82.79 63.76 26.68
C VAL E 236 84.03 64.61 26.35
N PHE E 237 84.97 64.70 27.28
CA PHE E 237 86.18 65.49 27.05
C PHE E 237 87.45 64.77 27.50
N VAL E 238 88.53 64.98 26.77
CA VAL E 238 89.82 64.36 27.08
C VAL E 238 90.91 65.43 27.12
N GLY E 239 91.89 65.24 28.00
CA GLY E 239 93.01 66.15 28.08
C GLY E 239 93.24 66.72 29.47
N TYR E 240 93.30 68.04 29.56
CA TYR E 240 93.55 68.72 30.82
C TYR E 240 92.36 68.55 31.77
N ASN E 241 92.65 68.17 33.01
CA ASN E 241 91.63 67.92 34.03
C ASN E 241 90.61 66.85 33.62
N SER E 242 91.08 65.81 32.92
CA SER E 242 90.21 64.70 32.53
C SER E 242 90.46 63.49 33.42
N THR E 243 89.44 62.65 33.59
CA THR E 243 89.56 61.44 34.41
C THR E 243 88.93 60.24 33.73
N GLY E 244 89.19 59.06 34.29
CA GLY E 244 88.64 57.82 33.77
C GLY E 244 89.35 57.26 32.55
N ALA E 245 88.60 56.61 31.68
CA ALA E 245 89.15 56.02 30.45
C ALA E 245 89.59 57.11 29.48
N GLU E 246 89.10 58.33 29.70
CA GLU E 246 89.45 59.48 28.87
C GLU E 246 90.92 59.85 29.06
N LEU E 247 91.33 60.02 30.30
CA LEU E 247 92.72 60.31 30.63
C LEU E 247 93.62 59.17 30.18
N ARG E 248 93.07 57.95 30.22
CA ARG E 248 93.79 56.78 29.75
C ARG E 248 94.07 56.87 28.25
N HIS E 249 93.03 57.15 27.48
CA HIS E 249 93.16 57.28 26.02
C HIS E 249 94.13 58.41 25.68
N TRP E 250 94.05 59.51 26.43
CA TRP E 250 94.94 60.64 26.25
C TRP E 250 96.39 60.21 26.47
N SER E 251 96.62 59.51 27.58
CA SER E 251 97.95 59.03 27.92
C SER E 251 98.47 58.01 26.90
N ASP E 252 97.55 57.30 26.25
CA ASP E 252 97.93 56.35 25.20
C ASP E 252 98.33 57.11 23.95
N MET E 253 97.65 58.22 23.69
CA MET E 253 98.01 59.08 22.57
C MET E 253 99.39 59.69 22.78
N LEU E 254 99.67 60.08 24.02
CA LEU E 254 100.97 60.66 24.36
C LEU E 254 102.08 59.63 24.29
N ALA E 255 101.85 58.47 24.90
CA ALA E 255 102.85 57.41 24.98
C ALA E 255 103.13 56.80 23.61
N ASN E 256 102.16 56.89 22.71
CA ASN E 256 102.31 56.36 21.36
C ASN E 256 102.24 57.47 20.33
N PRO E 257 103.40 58.05 20.00
CA PRO E 257 103.48 59.12 19.00
C PRO E 257 103.58 58.57 17.58
N ARG E 258 103.22 59.39 16.59
CA ARG E 258 103.22 58.98 15.18
C ARG E 258 102.32 57.76 14.96
N ARG E 259 101.33 57.59 15.83
CA ARG E 259 100.44 56.45 15.77
C ARG E 259 99.08 56.78 16.37
N PRO E 260 98.00 56.47 15.65
CA PRO E 260 96.65 56.76 16.12
C PRO E 260 96.06 55.63 16.96
N ILE E 261 95.50 55.99 18.11
CA ILE E 261 94.87 55.01 18.98
C ILE E 261 93.37 55.24 19.03
N ALA E 262 92.60 54.23 18.63
CA ALA E 262 91.14 54.32 18.63
C ALA E 262 90.57 53.78 19.93
N GLN E 263 89.53 54.42 20.44
CA GLN E 263 88.91 54.03 21.70
C GLN E 263 87.45 54.51 21.78
N TRP E 264 86.66 53.79 22.59
CA TRP E 264 85.29 54.17 22.89
C TRP E 264 85.23 55.04 24.14
N HIS E 265 84.14 55.80 24.26
CA HIS E 265 83.92 56.66 25.42
C HIS E 265 82.43 56.79 25.72
N THR E 266 82.11 56.84 27.01
CA THR E 266 80.72 56.93 27.45
C THR E 266 80.27 58.39 27.57
N LEU E 267 79.13 58.69 26.95
CA LEU E 267 78.59 60.04 26.92
C LEU E 267 78.06 60.51 28.27
N GLN E 268 78.52 61.69 28.71
CA GLN E 268 78.04 62.28 29.95
C GLN E 268 77.12 63.47 29.67
N VAL E 269 76.37 63.89 30.68
CA VAL E 269 75.51 65.07 30.54
C VAL E 269 76.36 66.32 30.40
N GLU E 270 75.85 67.29 29.64
CA GLU E 270 76.61 68.50 29.35
C GLU E 270 76.85 69.37 30.57
N GLU E 271 75.93 69.32 31.53
CA GLU E 271 76.03 70.13 32.74
C GLU E 271 77.28 69.80 33.55
N GLU E 272 77.45 68.51 33.86
CA GLU E 272 78.60 68.07 34.65
C GLU E 272 79.91 68.30 33.91
N VAL E 273 79.92 68.01 32.61
CA VAL E 273 81.11 68.17 31.79
C VAL E 273 81.54 69.64 31.74
N ASP E 274 80.59 70.52 31.44
CA ASP E 274 80.87 71.95 31.37
C ASP E 274 81.26 72.49 32.74
N ALA E 275 80.74 71.85 33.78
CA ALA E 275 81.10 72.20 35.15
C ALA E 275 82.55 71.83 35.41
N MET E 276 82.99 70.73 34.81
CA MET E 276 84.38 70.28 34.92
C MET E 276 85.31 71.16 34.11
N LEU E 277 84.81 71.68 32.99
CA LEU E 277 85.62 72.50 32.11
C LEU E 277 85.79 73.93 32.62
N ALA E 278 84.90 74.34 33.52
CA ALA E 278 85.00 75.68 34.09
C ALA E 278 86.04 75.71 35.22
N VAL E 279 86.61 74.56 35.51
CA VAL E 279 87.61 74.44 36.58
C VAL E 279 88.97 74.94 36.11
N LYS E 280 89.66 75.67 36.99
CA LYS E 280 91.00 76.20 36.71
C LYS E 280 91.00 77.09 35.47
N LYS F 1 -20.51 -17.49 38.32
CA LYS F 1 -20.65 -17.39 36.87
C LYS F 1 -20.55 -15.92 36.45
N LEU F 2 -20.77 -15.04 37.41
CA LEU F 2 -20.73 -13.61 37.18
C LEU F 2 -19.35 -13.11 36.74
N GLY F 3 -18.31 -13.63 37.37
CA GLY F 3 -16.95 -13.23 37.05
C GLY F 3 -16.04 -13.33 38.26
N LYS F 4 -14.79 -12.90 38.09
CA LYS F 4 -13.83 -12.94 39.18
C LYS F 4 -13.48 -11.54 39.67
N LEU F 5 -12.80 -11.47 40.81
CA LEU F 5 -12.41 -10.19 41.41
C LEU F 5 -10.96 -10.22 41.90
N GLN F 6 -10.15 -9.31 41.37
CA GLN F 6 -8.77 -9.14 41.84
C GLN F 6 -8.69 -8.04 42.88
N TYR F 7 -8.17 -8.40 44.06
CA TYR F 7 -8.07 -7.47 45.17
C TYR F 7 -6.72 -7.59 45.88
N SER F 8 -6.40 -6.58 46.69
CA SER F 8 -5.17 -6.61 47.49
C SER F 8 -5.45 -6.44 48.97
N LEU F 9 -4.64 -7.08 49.81
CA LEU F 9 -4.82 -7.06 51.25
C LEU F 9 -3.46 -7.07 51.97
N ASP F 10 -3.32 -6.20 52.97
CA ASP F 10 -2.11 -6.11 53.78
C ASP F 10 -2.37 -5.26 55.01
N TYR F 11 -1.52 -5.39 56.02
CA TYR F 11 -1.69 -4.63 57.27
C TYR F 11 -0.48 -3.77 57.58
N ASP F 12 -0.72 -2.49 57.85
CA ASP F 12 0.35 -1.56 58.22
C ASP F 12 0.50 -1.52 59.73
N PHE F 13 1.61 -2.07 60.21
CA PHE F 13 1.85 -2.18 61.65
C PHE F 13 2.36 -0.86 62.23
N GLN F 14 2.77 0.06 61.37
CA GLN F 14 3.31 1.34 61.80
C GLN F 14 2.20 2.30 62.22
N ASN F 15 1.04 2.18 61.58
CA ASN F 15 -0.10 3.03 61.89
C ASN F 15 -1.25 2.23 62.49
N ASN F 16 -1.07 0.92 62.57
CA ASN F 16 -2.10 -0.01 63.07
C ASN F 16 -3.42 0.16 62.33
N GLN F 17 -3.37 -0.05 61.01
CA GLN F 17 -4.55 0.07 60.16
C GLN F 17 -4.53 -0.94 59.02
N LEU F 18 -5.70 -1.39 58.60
CA LEU F 18 -5.83 -2.37 57.53
C LEU F 18 -5.93 -1.68 56.16
N LEU F 19 -5.09 -2.10 55.23
CA LEU F 19 -5.06 -1.52 53.89
C LEU F 19 -5.71 -2.45 52.86
N VAL F 20 -6.94 -2.16 52.47
CA VAL F 20 -7.66 -2.99 51.52
C VAL F 20 -7.75 -2.31 50.17
N GLY F 21 -7.10 -2.90 49.15
CA GLY F 21 -7.12 -2.33 47.83
C GLY F 21 -8.00 -3.10 46.85
N ILE F 22 -8.89 -2.38 46.18
CA ILE F 22 -9.74 -2.97 45.16
C ILE F 22 -9.09 -2.73 43.81
N ILE F 23 -8.53 -3.79 43.23
CA ILE F 23 -7.82 -3.67 41.96
C ILE F 23 -8.84 -3.64 40.83
N GLN F 24 -9.44 -4.79 40.54
CA GLN F 24 -10.38 -4.85 39.42
C GLN F 24 -11.29 -6.07 39.48
N ALA F 25 -12.12 -6.21 38.46
CA ALA F 25 -13.00 -7.37 38.33
C ALA F 25 -13.08 -7.80 36.87
N ALA F 26 -13.45 -9.05 36.61
CA ALA F 26 -13.49 -9.56 35.25
C ALA F 26 -14.66 -10.51 34.99
N GLU F 27 -15.03 -10.63 33.73
CA GLU F 27 -16.08 -11.52 33.26
C GLU F 27 -17.40 -11.41 34.02
N LEU F 28 -17.76 -10.18 34.40
CA LEU F 28 -19.03 -9.93 35.07
C LEU F 28 -20.19 -10.10 34.11
N PRO F 29 -21.28 -10.75 34.56
CA PRO F 29 -22.46 -10.91 33.73
C PRO F 29 -23.16 -9.58 33.47
N ALA F 30 -23.74 -9.42 32.30
CA ALA F 30 -24.42 -8.17 31.92
C ALA F 30 -25.88 -8.18 32.34
N LEU F 31 -26.30 -7.11 33.02
CA LEU F 31 -27.69 -6.99 33.47
C LEU F 31 -28.37 -5.77 32.87
N ASP F 32 -27.59 -4.94 32.18
CA ASP F 32 -28.12 -3.71 31.61
C ASP F 32 -28.37 -3.83 30.10
N MET F 33 -28.96 -2.78 29.54
CA MET F 33 -29.41 -2.76 28.15
C MET F 33 -28.31 -2.90 27.09
N GLY F 34 -27.30 -2.04 27.17
CA GLY F 34 -26.26 -1.99 26.15
C GLY F 34 -25.44 -3.25 25.95
N GLY F 35 -25.62 -4.23 26.84
CA GLY F 35 -24.86 -5.46 26.76
C GLY F 35 -23.78 -5.46 27.82
N THR F 36 -23.69 -4.36 28.55
CA THR F 36 -22.74 -4.20 29.64
C THR F 36 -23.40 -3.51 30.83
N SER F 37 -23.00 -3.89 32.04
CA SER F 37 -23.57 -3.33 33.26
C SER F 37 -22.76 -2.15 33.78
N ASP F 38 -23.30 -1.44 34.77
CA ASP F 38 -22.60 -0.34 35.42
C ASP F 38 -22.19 -0.73 36.83
N PRO F 39 -21.03 -1.37 36.99
CA PRO F 39 -20.62 -1.96 38.26
C PRO F 39 -19.93 -1.01 39.23
N TYR F 40 -20.14 -1.23 40.53
CA TYR F 40 -19.39 -0.55 41.58
C TYR F 40 -19.33 -1.45 42.82
N VAL F 41 -18.19 -1.43 43.51
CA VAL F 41 -17.96 -2.39 44.59
C VAL F 41 -18.09 -1.75 45.97
N LYS F 42 -18.90 -2.35 46.83
CA LYS F 42 -19.03 -1.93 48.22
C LYS F 42 -18.17 -2.83 49.11
N VAL F 43 -17.27 -2.22 49.87
CA VAL F 43 -16.36 -2.96 50.73
C VAL F 43 -16.52 -2.48 52.17
N PHE F 44 -16.61 -3.42 53.11
CA PHE F 44 -16.74 -3.09 54.53
C PHE F 44 -16.21 -4.23 55.38
N LEU F 45 -15.90 -3.94 56.64
CA LEU F 45 -15.43 -4.97 57.55
C LEU F 45 -16.57 -5.94 57.81
N LEU F 46 -16.32 -7.23 57.66
CA LEU F 46 -17.37 -8.22 57.86
C LEU F 46 -17.96 -8.27 59.27
N PRO F 47 -17.06 -8.18 60.31
CA PRO F 47 -17.68 -8.26 61.65
C PRO F 47 -18.79 -7.30 62.06
N ASP F 48 -18.57 -6.01 61.81
CA ASP F 48 -19.56 -4.99 62.12
C ASP F 48 -19.78 -4.19 60.84
N LYS F 49 -21.03 -4.03 60.45
CA LYS F 49 -21.33 -3.29 59.23
C LYS F 49 -21.38 -1.80 59.49
N LYS F 50 -20.23 -1.21 59.79
CA LYS F 50 -20.18 0.21 60.06
C LYS F 50 -19.12 0.92 59.23
N LYS F 51 -19.50 2.03 58.60
CA LYS F 51 -18.56 2.82 57.81
C LYS F 51 -18.18 2.09 56.53
N LYS F 52 -19.17 1.51 55.87
CA LYS F 52 -18.93 0.78 54.64
C LYS F 52 -18.35 1.71 53.58
N PHE F 53 -17.41 1.20 52.80
CA PHE F 53 -16.74 1.97 51.76
C PHE F 53 -17.22 1.58 50.36
N GLU F 54 -17.53 2.58 49.56
CA GLU F 54 -18.00 2.35 48.20
C GLU F 54 -17.08 2.98 47.16
N THR F 55 -16.80 2.26 46.07
CA THR F 55 -15.98 2.76 44.97
C THR F 55 -16.80 3.62 44.01
N LYS F 56 -16.10 4.25 43.06
CA LYS F 56 -16.74 5.08 42.05
C LYS F 56 -17.47 4.21 41.02
N VAL F 57 -18.55 4.73 40.46
CA VAL F 57 -19.36 3.99 39.51
C VAL F 57 -18.76 4.02 38.11
N HIS F 58 -18.43 2.84 37.58
CA HIS F 58 -17.94 2.74 36.20
C HIS F 58 -19.07 2.45 35.24
N ARG F 59 -19.09 3.20 34.13
CA ARG F 59 -20.16 3.11 33.16
C ARG F 59 -19.92 2.04 32.10
N LYS F 60 -20.86 1.10 31.99
CA LYS F 60 -20.92 0.14 30.90
C LYS F 60 -19.62 -0.62 30.62
N THR F 61 -19.14 -1.36 31.62
CA THR F 61 -17.99 -2.26 31.42
C THR F 61 -18.18 -3.55 32.20
N LEU F 62 -17.90 -4.68 31.57
CA LEU F 62 -17.96 -5.97 32.25
C LEU F 62 -16.60 -6.35 32.79
N ASN F 63 -15.63 -5.46 32.58
CA ASN F 63 -14.31 -5.60 33.19
C ASN F 63 -13.89 -4.25 33.76
N PRO F 64 -14.49 -3.86 34.89
CA PRO F 64 -14.19 -2.56 35.50
C PRO F 64 -12.86 -2.55 36.23
N VAL F 65 -12.12 -1.45 36.12
CA VAL F 65 -10.87 -1.30 36.84
C VAL F 65 -10.97 -0.12 37.79
N PHE F 66 -10.95 -0.41 39.08
CA PHE F 66 -11.14 0.62 40.10
C PHE F 66 -9.80 1.15 40.61
N ASN F 67 -8.87 0.24 40.88
CA ASN F 67 -7.56 0.55 41.44
C ASN F 67 -7.65 1.52 42.62
N GLU F 68 -8.64 1.31 43.49
CA GLU F 68 -8.84 2.18 44.64
C GLU F 68 -8.33 1.55 45.94
N GLN F 69 -8.24 2.36 46.99
CA GLN F 69 -7.73 1.89 48.27
C GLN F 69 -8.56 2.41 49.44
N PHE F 70 -8.77 1.55 50.43
CA PHE F 70 -9.51 1.89 51.63
C PHE F 70 -8.73 1.50 52.89
N THR F 71 -8.90 2.27 53.95
CA THR F 71 -8.18 2.04 55.20
C THR F 71 -9.13 1.83 56.37
N PHE F 72 -8.95 0.72 57.07
CA PHE F 72 -9.75 0.40 58.24
C PHE F 72 -8.92 0.52 59.52
N LYS F 73 -9.12 1.62 60.25
CA LYS F 73 -8.36 1.86 61.47
C LYS F 73 -8.76 0.86 62.54
N VAL F 74 -8.16 -0.32 62.49
CA VAL F 74 -8.46 -1.40 63.42
C VAL F 74 -7.18 -1.98 63.99
N PRO F 75 -7.11 -2.11 65.33
CA PRO F 75 -5.95 -2.70 65.97
C PRO F 75 -5.67 -4.12 65.47
N TYR F 76 -4.48 -4.63 65.75
CA TYR F 76 -4.07 -5.91 65.19
C TYR F 76 -4.64 -7.07 65.99
N SER F 77 -5.00 -6.81 67.24
CA SER F 77 -5.54 -7.84 68.11
C SER F 77 -7.00 -8.14 67.76
N GLU F 78 -7.77 -7.08 67.52
CA GLU F 78 -9.17 -7.22 67.12
C GLU F 78 -9.31 -7.75 65.71
N LEU F 79 -8.27 -7.56 64.90
CA LEU F 79 -8.31 -7.92 63.49
C LEU F 79 -8.54 -9.41 63.25
N GLY F 80 -7.96 -10.25 64.10
CA GLY F 80 -8.02 -11.69 63.91
C GLY F 80 -9.41 -12.30 63.85
N GLY F 81 -10.35 -11.70 64.57
CA GLY F 81 -11.71 -12.18 64.59
C GLY F 81 -12.59 -11.33 63.70
N LYS F 82 -11.97 -10.62 62.78
CA LYS F 82 -12.71 -9.77 61.87
C LYS F 82 -12.61 -10.17 60.41
N THR F 83 -13.76 -10.21 59.74
CA THR F 83 -13.80 -10.59 58.33
C THR F 83 -14.03 -9.41 57.41
N LEU F 84 -13.66 -9.60 56.15
CA LEU F 84 -13.80 -8.59 55.10
C LEU F 84 -14.87 -8.96 54.10
N VAL F 85 -15.69 -7.99 53.71
CA VAL F 85 -16.74 -8.23 52.73
C VAL F 85 -16.61 -7.29 51.54
N MET F 86 -16.52 -7.90 50.35
CA MET F 86 -16.43 -7.17 49.09
C MET F 86 -17.56 -7.61 48.17
N ALA F 87 -18.57 -6.77 48.02
CA ALA F 87 -19.73 -7.12 47.20
C ALA F 87 -19.82 -6.24 45.95
N VAL F 88 -20.04 -6.87 44.80
CA VAL F 88 -20.15 -6.15 43.55
C VAL F 88 -21.61 -5.83 43.25
N TYR F 89 -21.88 -4.54 43.08
CA TYR F 89 -23.22 -4.04 42.82
C TYR F 89 -23.36 -3.53 41.39
N ASP F 90 -24.58 -3.57 40.87
CA ASP F 90 -24.88 -3.00 39.56
C ASP F 90 -25.70 -1.73 39.74
N PHE F 91 -25.20 -0.62 39.20
CA PHE F 91 -25.90 0.65 39.35
C PHE F 91 -27.05 0.79 38.36
N ASP F 92 -28.20 1.24 38.86
CA ASP F 92 -29.34 1.58 38.02
C ASP F 92 -29.97 2.87 38.52
N ARG F 93 -30.18 3.81 37.59
CA ARG F 93 -30.60 5.16 37.94
C ARG F 93 -32.05 5.25 38.42
N PHE F 94 -32.90 4.32 37.99
CA PHE F 94 -34.33 4.43 38.25
C PHE F 94 -34.89 3.31 39.11
N SER F 95 -34.01 2.50 39.69
CA SER F 95 -34.46 1.36 40.49
C SER F 95 -33.43 0.97 41.55
N LYS F 96 -33.73 -0.09 42.29
CA LYS F 96 -32.81 -0.61 43.29
C LYS F 96 -31.56 -1.18 42.63
N HIS F 97 -30.41 -0.86 43.20
CA HIS F 97 -29.13 -1.34 42.68
C HIS F 97 -28.92 -2.81 43.05
N ASP F 98 -29.14 -3.68 42.07
CA ASP F 98 -29.05 -5.12 42.28
C ASP F 98 -27.62 -5.55 42.60
N ILE F 99 -27.48 -6.52 43.50
CA ILE F 99 -26.17 -7.04 43.85
C ILE F 99 -25.74 -8.06 42.81
N ILE F 100 -24.58 -7.84 42.20
CA ILE F 100 -24.05 -8.80 41.24
C ILE F 100 -23.41 -9.97 41.97
N GLY F 101 -22.53 -9.66 42.92
CA GLY F 101 -21.86 -10.70 43.67
C GLY F 101 -21.40 -10.29 45.05
N GLU F 102 -20.73 -11.20 45.75
CA GLU F 102 -20.17 -10.91 47.07
C GLU F 102 -19.02 -11.86 47.39
N PHE F 103 -18.15 -11.45 48.29
CA PHE F 103 -17.04 -12.30 48.72
C PHE F 103 -16.61 -11.97 50.15
N LYS F 104 -16.45 -13.02 50.95
CA LYS F 104 -16.07 -12.86 52.36
C LYS F 104 -14.71 -13.49 52.63
N VAL F 105 -13.86 -12.75 53.36
CA VAL F 105 -12.52 -13.22 53.67
C VAL F 105 -12.29 -13.19 55.18
N PRO F 106 -12.18 -14.37 55.80
CA PRO F 106 -11.81 -14.55 57.21
C PRO F 106 -10.39 -14.06 57.48
N MET F 107 -10.20 -13.31 58.56
CA MET F 107 -8.89 -12.73 58.85
C MET F 107 -7.98 -13.68 59.63
N ASN F 108 -8.46 -14.90 59.86
CA ASN F 108 -7.66 -15.92 60.52
C ASN F 108 -7.01 -16.80 59.46
N THR F 109 -7.54 -16.76 58.25
CA THR F 109 -6.97 -17.48 57.13
C THR F 109 -5.96 -16.58 56.41
N VAL F 110 -6.11 -15.28 56.58
CA VAL F 110 -5.21 -14.32 55.95
C VAL F 110 -3.86 -14.30 56.65
N ASP F 111 -2.79 -14.31 55.88
CA ASP F 111 -1.44 -14.23 56.42
C ASP F 111 -0.82 -12.89 56.07
N PHE F 112 -0.54 -12.09 57.10
CA PHE F 112 0.10 -10.79 56.91
C PHE F 112 1.59 -10.94 57.11
N GLY F 113 2.36 -10.05 56.48
CA GLY F 113 3.80 -10.12 56.52
C GLY F 113 4.32 -9.92 55.12
N HIS F 114 3.65 -10.56 54.17
CA HIS F 114 3.88 -10.29 52.75
C HIS F 114 2.62 -9.65 52.19
N VAL F 115 2.79 -8.72 51.27
CA VAL F 115 1.65 -8.03 50.68
C VAL F 115 0.84 -9.02 49.84
N THR F 116 -0.41 -9.23 50.24
CA THR F 116 -1.27 -10.21 49.57
C THR F 116 -2.05 -9.56 48.42
N GLU F 117 -2.24 -10.30 47.34
CA GLU F 117 -3.02 -9.81 46.20
C GLU F 117 -3.48 -10.99 45.35
N GLU F 118 -4.79 -11.20 45.27
CA GLU F 118 -5.29 -12.40 44.59
C GLU F 118 -6.60 -12.20 43.82
N TRP F 119 -6.85 -13.15 42.92
CA TRP F 119 -8.12 -13.26 42.21
C TRP F 119 -9.01 -14.30 42.88
N ARG F 120 -10.26 -13.92 43.15
CA ARG F 120 -11.21 -14.85 43.75
C ARG F 120 -12.54 -14.80 43.01
N ASP F 121 -13.14 -15.96 42.82
CA ASP F 121 -14.39 -16.08 42.09
C ASP F 121 -15.56 -15.55 42.92
N LEU F 122 -16.40 -14.73 42.29
CA LEU F 122 -17.57 -14.17 42.95
C LEU F 122 -18.68 -15.21 43.06
N GLN F 123 -19.48 -15.07 44.12
CA GLN F 123 -20.60 -15.97 44.37
C GLN F 123 -21.87 -15.18 44.61
N SER F 124 -23.01 -15.85 44.58
CA SER F 124 -24.30 -15.19 44.75
C SER F 124 -24.61 -14.97 46.23
N ALA F 125 -24.96 -13.73 46.55
CA ALA F 125 -25.25 -13.33 47.93
C ALA F 125 -26.45 -14.06 48.51
N GLU F 126 -26.36 -14.38 49.79
CA GLU F 126 -27.43 -15.08 50.50
C GLU F 126 -28.64 -14.17 50.67
N LYS F 127 -29.82 -14.76 50.58
CA LYS F 127 -31.06 -14.00 50.74
C LYS F 127 -31.20 -13.53 52.18
N SER G 2 -42.58 -7.71 -33.85
CA SER G 2 -42.10 -6.56 -34.61
C SER G 2 -40.92 -6.94 -35.48
N ASN G 3 -41.20 -7.29 -36.74
CA ASN G 3 -40.16 -7.72 -37.66
C ASN G 3 -39.28 -6.55 -38.10
N ARG G 4 -39.79 -5.34 -37.92
CA ARG G 4 -39.06 -4.13 -38.31
C ARG G 4 -37.72 -4.01 -37.60
N ARG G 5 -37.72 -4.27 -36.30
CA ARG G 5 -36.51 -4.17 -35.49
C ARG G 5 -35.53 -5.29 -35.85
N LEU G 6 -36.05 -6.49 -36.08
CA LEU G 6 -35.24 -7.63 -36.47
C LEU G 6 -34.50 -7.34 -37.78
N GLN G 7 -35.25 -6.93 -38.79
CA GLN G 7 -34.69 -6.66 -40.11
C GLN G 7 -33.78 -5.44 -40.10
N GLN G 8 -34.10 -4.46 -39.27
CA GLN G 8 -33.28 -3.25 -39.14
C GLN G 8 -31.92 -3.58 -38.52
N THR G 9 -31.96 -4.35 -37.45
CA THR G 9 -30.74 -4.83 -36.79
C THR G 9 -29.92 -5.66 -37.77
N GLN G 10 -30.61 -6.49 -38.54
CA GLN G 10 -29.96 -7.28 -39.58
C GLN G 10 -29.22 -6.39 -40.58
N ALA G 11 -29.87 -5.31 -41.01
CA ALA G 11 -29.26 -4.37 -41.94
C ALA G 11 -28.03 -3.70 -41.33
N GLN G 12 -28.13 -3.37 -40.04
CA GLN G 12 -26.98 -2.83 -39.31
C GLN G 12 -25.80 -3.79 -39.35
N VAL G 13 -26.07 -5.06 -39.01
CA VAL G 13 -25.05 -6.09 -39.01
C VAL G 13 -24.41 -6.23 -40.39
N ASP G 14 -25.23 -6.29 -41.42
CA ASP G 14 -24.73 -6.38 -42.79
C ASP G 14 -23.81 -5.21 -43.13
N GLU G 15 -24.24 -4.00 -42.76
CA GLU G 15 -23.43 -2.81 -43.00
C GLU G 15 -22.08 -2.91 -42.33
N VAL G 16 -22.08 -3.24 -41.04
CA VAL G 16 -20.84 -3.35 -40.27
C VAL G 16 -19.93 -4.42 -40.87
N VAL G 17 -20.52 -5.50 -41.37
CA VAL G 17 -19.76 -6.54 -42.04
C VAL G 17 -19.06 -5.97 -43.27
N ASP G 18 -19.83 -5.25 -44.08
CA ASP G 18 -19.31 -4.63 -45.30
C ASP G 18 -18.19 -3.64 -45.00
N ILE G 19 -18.26 -3.00 -43.85
CA ILE G 19 -17.19 -2.13 -43.39
C ILE G 19 -15.95 -2.98 -43.07
N MET G 20 -16.18 -3.99 -42.25
CA MET G 20 -15.09 -4.77 -41.65
C MET G 20 -14.29 -5.58 -42.67
N ARG G 21 -14.94 -6.10 -43.70
CA ARG G 21 -14.19 -6.89 -44.69
C ARG G 21 -13.23 -5.99 -45.46
N VAL G 22 -13.68 -4.79 -45.80
CA VAL G 22 -12.85 -3.79 -46.47
C VAL G 22 -11.69 -3.41 -45.56
N ASN G 23 -12.00 -3.16 -44.29
CA ASN G 23 -10.96 -2.85 -43.31
C ASN G 23 -9.91 -3.96 -43.26
N VAL G 24 -10.36 -5.20 -43.29
CA VAL G 24 -9.46 -6.36 -43.23
C VAL G 24 -8.54 -6.40 -44.45
N ASP G 25 -9.11 -6.18 -45.63
CA ASP G 25 -8.30 -6.16 -46.85
C ASP G 25 -7.24 -5.06 -46.80
N LYS G 26 -7.65 -3.89 -46.33
CA LYS G 26 -6.73 -2.77 -46.15
C LYS G 26 -5.61 -3.12 -45.17
N VAL G 27 -5.97 -3.89 -44.14
CA VAL G 27 -4.99 -4.38 -43.16
C VAL G 27 -3.99 -5.31 -43.82
N LEU G 28 -4.47 -6.19 -44.70
CA LEU G 28 -3.58 -7.09 -45.44
C LEU G 28 -2.58 -6.28 -46.28
N GLU G 29 -3.09 -5.25 -46.95
CA GLU G 29 -2.22 -4.35 -47.71
C GLU G 29 -1.17 -3.73 -46.79
N ARG G 30 -1.59 -3.33 -45.60
CA ARG G 30 -0.68 -2.82 -44.59
C ARG G 30 0.40 -3.86 -44.23
N ASP G 31 0.02 -5.13 -44.22
CA ASP G 31 0.96 -6.21 -43.92
C ASP G 31 2.01 -6.31 -45.02
N GLN G 32 1.57 -6.20 -46.27
CA GLN G 32 2.50 -6.19 -47.40
C GLN G 32 3.51 -5.05 -47.27
N LYS G 33 2.97 -3.83 -47.13
CA LYS G 33 3.79 -2.63 -47.03
C LYS G 33 4.80 -2.72 -45.88
N LEU G 34 4.33 -3.25 -44.75
CA LEU G 34 5.19 -3.41 -43.58
C LEU G 34 6.29 -4.44 -43.82
N SER G 35 5.96 -5.52 -44.52
CA SER G 35 6.95 -6.55 -44.82
C SER G 35 8.06 -5.98 -45.69
N GLU G 36 7.66 -5.33 -46.78
CA GLU G 36 8.63 -4.72 -47.69
C GLU G 36 9.47 -3.67 -46.97
N LEU G 37 8.83 -2.91 -46.07
CA LEU G 37 9.55 -1.93 -45.27
C LEU G 37 10.56 -2.61 -44.35
N ASP G 38 10.23 -3.80 -43.88
CA ASP G 38 11.14 -4.56 -43.03
C ASP G 38 12.39 -4.96 -43.81
N ASP G 39 12.19 -5.52 -44.99
CA ASP G 39 13.33 -5.89 -45.83
C ASP G 39 14.20 -4.68 -46.15
N ARG G 40 13.54 -3.59 -46.53
CA ARG G 40 14.22 -2.34 -46.88
C ARG G 40 15.02 -1.79 -45.70
N ALA G 41 14.49 -1.96 -44.49
CA ALA G 41 15.14 -1.47 -43.27
C ALA G 41 16.37 -2.32 -42.95
N ASP G 42 16.26 -3.63 -43.13
CA ASP G 42 17.40 -4.51 -42.92
C ASP G 42 18.54 -4.16 -43.87
N ALA G 43 18.20 -4.01 -45.15
CA ALA G 43 19.21 -3.62 -46.14
C ALA G 43 19.81 -2.26 -45.79
N LEU G 44 18.95 -1.35 -45.33
CA LEU G 44 19.38 0.00 -44.95
C LEU G 44 20.41 -0.02 -43.83
N GLN G 45 20.15 -0.79 -42.78
CA GLN G 45 21.07 -0.84 -41.64
C GLN G 45 22.35 -1.58 -42.01
N ALA G 46 22.25 -2.54 -42.93
CA ALA G 46 23.44 -3.23 -43.43
C ALA G 46 24.38 -2.23 -44.13
N GLY G 47 23.81 -1.50 -45.10
CA GLY G 47 24.56 -0.46 -45.78
C GLY G 47 25.09 0.59 -44.83
N ALA G 48 24.34 0.86 -43.78
CA ALA G 48 24.74 1.82 -42.76
C ALA G 48 25.99 1.35 -42.02
N SER G 49 26.02 0.06 -41.66
CA SER G 49 27.19 -0.49 -40.99
C SER G 49 28.41 -0.48 -41.90
N GLN G 50 28.21 -0.87 -43.16
CA GLN G 50 29.32 -0.86 -44.12
C GLN G 50 29.89 0.55 -44.27
N PHE G 51 29.01 1.53 -44.45
CA PHE G 51 29.43 2.92 -44.59
C PHE G 51 30.11 3.43 -43.33
N GLU G 52 29.68 2.92 -42.17
CA GLU G 52 30.30 3.30 -40.91
C GLU G 52 31.74 2.80 -40.87
N THR G 53 31.94 1.56 -41.29
CA THR G 53 33.28 0.98 -41.35
C THR G 53 34.19 1.78 -42.30
N SER G 54 33.70 2.03 -43.50
CA SER G 54 34.46 2.81 -44.48
C SER G 54 34.80 4.19 -43.93
N ALA G 55 33.86 4.78 -43.20
CA ALA G 55 34.06 6.10 -42.59
C ALA G 55 35.14 6.04 -41.53
N ALA G 56 35.20 4.92 -40.81
CA ALA G 56 36.25 4.72 -39.81
C ALA G 56 37.61 4.67 -40.50
N LYS G 57 37.70 3.90 -41.57
CA LYS G 57 38.94 3.84 -42.35
C LYS G 57 39.37 5.22 -42.84
N LEU G 58 38.42 5.96 -43.40
CA LEU G 58 38.70 7.26 -43.98
C LEU G 58 39.14 8.27 -42.90
N LYS G 59 38.54 8.18 -41.72
CA LYS G 59 38.93 9.05 -40.61
C LYS G 59 40.34 8.69 -40.16
N ARG G 60 40.65 7.40 -40.16
CA ARG G 60 41.97 6.94 -39.77
C ARG G 60 42.98 7.15 -40.89
N LYS G 61 42.51 7.68 -42.03
CA LYS G 61 43.38 7.98 -43.15
C LYS G 61 43.69 9.47 -43.27
N TYR G 62 42.64 10.29 -43.29
CA TYR G 62 42.79 11.72 -43.59
C TYR G 62 42.86 12.62 -42.37
N TRP G 63 43.15 12.04 -41.20
CA TRP G 63 43.36 12.83 -40.00
C TRP G 63 44.58 12.34 -39.24
N MET H 1 -51.08 -15.01 -35.17
CA MET H 1 -49.98 -15.65 -35.89
C MET H 1 -50.22 -17.14 -36.06
N ALA H 2 -49.14 -17.88 -36.32
CA ALA H 2 -49.20 -19.32 -36.51
C ALA H 2 -47.81 -19.92 -36.41
N LEU H 3 -47.65 -21.17 -36.85
CA LEU H 3 -46.35 -21.81 -36.84
C LEU H 3 -45.47 -21.26 -37.95
N SER H 4 -46.09 -20.76 -39.02
CA SER H 4 -45.34 -20.18 -40.12
C SER H 4 -44.62 -18.92 -39.66
N GLU H 5 -45.32 -18.08 -38.92
CA GLU H 5 -44.77 -16.82 -38.43
C GLU H 5 -43.62 -17.07 -37.46
N ILE H 6 -43.82 -18.03 -36.56
CA ILE H 6 -42.80 -18.39 -35.58
C ILE H 6 -41.58 -19.00 -36.28
N GLU H 7 -41.83 -19.84 -37.29
CA GLU H 7 -40.76 -20.48 -38.04
C GLU H 7 -39.91 -19.46 -38.79
N THR H 8 -40.58 -18.51 -39.45
CA THR H 8 -39.87 -17.47 -40.18
C THR H 8 -39.09 -16.57 -39.22
N ARG H 9 -39.71 -16.29 -38.08
CA ARG H 9 -39.05 -15.53 -37.02
C ARG H 9 -37.74 -16.20 -36.60
N HIS H 10 -37.85 -17.49 -36.31
CA HIS H 10 -36.72 -18.31 -35.90
C HIS H 10 -35.63 -18.35 -36.97
N SER H 11 -36.05 -18.49 -38.22
CA SER H 11 -35.12 -18.53 -39.35
C SER H 11 -34.34 -17.22 -39.47
N GLU H 12 -35.04 -16.10 -39.52
CA GLU H 12 -34.40 -14.79 -39.64
C GLU H 12 -33.48 -14.52 -38.45
N ILE H 13 -33.88 -15.00 -37.28
CA ILE H 13 -33.07 -14.86 -36.08
C ILE H 13 -31.76 -15.64 -36.21
N ILE H 14 -31.85 -16.89 -36.66
CA ILE H 14 -30.65 -17.69 -36.88
C ILE H 14 -29.73 -17.02 -37.91
N LYS H 15 -30.33 -16.50 -38.98
CA LYS H 15 -29.61 -15.74 -39.99
C LYS H 15 -28.82 -14.59 -39.34
N LEU H 16 -29.50 -13.86 -38.46
CA LEU H 16 -28.86 -12.79 -37.70
C LEU H 16 -27.68 -13.30 -36.89
N GLU H 17 -27.86 -14.45 -36.24
CA GLU H 17 -26.79 -15.03 -35.42
C GLU H 17 -25.57 -15.38 -36.27
N ASN H 18 -25.80 -15.89 -37.47
CA ASN H 18 -24.71 -16.26 -38.35
C ASN H 18 -23.96 -15.02 -38.88
N SER H 19 -24.71 -13.99 -39.25
CA SER H 19 -24.10 -12.73 -39.67
C SER H 19 -23.26 -12.16 -38.54
N ILE H 20 -23.82 -12.18 -37.34
CA ILE H 20 -23.12 -11.73 -36.14
C ILE H 20 -21.82 -12.52 -35.96
N ARG H 21 -21.89 -13.83 -36.15
CA ARG H 21 -20.73 -14.69 -35.98
C ARG H 21 -19.63 -14.35 -36.98
N GLU H 22 -20.02 -14.10 -38.23
CA GLU H 22 -19.06 -13.70 -39.25
C GLU H 22 -18.39 -12.38 -38.87
N LEU H 23 -19.20 -11.43 -38.37
CA LEU H 23 -18.66 -10.16 -37.88
C LEU H 23 -17.60 -10.40 -36.79
N HIS H 24 -17.96 -11.25 -35.83
CA HIS H 24 -17.06 -11.63 -34.76
C HIS H 24 -15.73 -12.15 -35.29
N ASP H 25 -15.79 -13.17 -36.14
CA ASP H 25 -14.59 -13.77 -36.70
C ASP H 25 -13.74 -12.73 -37.42
N MET H 26 -14.41 -11.81 -38.12
CA MET H 26 -13.69 -10.71 -38.78
C MET H 26 -12.93 -9.86 -37.78
N PHE H 27 -13.56 -9.54 -36.66
CA PHE H 27 -12.88 -8.76 -35.62
C PHE H 27 -11.68 -9.51 -35.05
N MET H 28 -11.86 -10.82 -34.83
CA MET H 28 -10.78 -11.65 -34.31
C MET H 28 -9.57 -11.65 -35.25
N ASP H 29 -9.83 -11.92 -36.52
CA ASP H 29 -8.78 -11.87 -37.54
C ASP H 29 -8.11 -10.52 -37.56
N MET H 30 -8.92 -9.46 -37.47
CA MET H 30 -8.42 -8.10 -37.40
C MET H 30 -7.36 -7.95 -36.30
N ALA H 31 -7.76 -8.25 -35.06
CA ALA H 31 -6.84 -8.17 -33.91
C ALA H 31 -5.57 -8.97 -34.14
N MET H 32 -5.73 -10.18 -34.68
CA MET H 32 -4.60 -11.05 -34.98
C MET H 32 -3.58 -10.39 -35.93
N LEU H 33 -4.07 -10.00 -37.11
CA LEU H 33 -3.21 -9.39 -38.12
C LEU H 33 -2.51 -8.16 -37.56
N VAL H 34 -3.27 -7.31 -36.88
CA VAL H 34 -2.71 -6.09 -36.32
C VAL H 34 -1.59 -6.41 -35.32
N GLU H 35 -1.77 -7.49 -34.54
CA GLU H 35 -0.75 -7.89 -33.59
C GLU H 35 0.55 -8.35 -34.27
N SER H 36 0.41 -9.29 -35.20
CA SER H 36 1.58 -9.79 -35.93
C SER H 36 2.34 -8.65 -36.63
N GLN H 37 1.59 -7.79 -37.31
CA GLN H 37 2.16 -6.60 -37.93
C GLN H 37 2.85 -5.73 -36.89
N GLY H 38 2.32 -5.73 -35.67
CA GLY H 38 2.94 -5.03 -34.56
C GLY H 38 4.33 -5.55 -34.28
N GLU H 39 4.48 -6.87 -34.23
CA GLU H 39 5.80 -7.48 -34.07
C GLU H 39 6.74 -7.09 -35.21
N MET H 40 6.20 -7.13 -36.43
CA MET H 40 6.94 -6.70 -37.62
C MET H 40 7.49 -5.28 -37.45
N ILE H 41 6.64 -4.39 -36.95
CA ILE H 41 7.03 -3.00 -36.71
C ILE H 41 8.09 -2.92 -35.63
N ASP H 42 7.99 -3.78 -34.63
CA ASP H 42 9.03 -3.87 -33.60
C ASP H 42 10.39 -4.07 -34.27
N ARG H 43 10.51 -5.13 -35.07
CA ARG H 43 11.82 -5.41 -35.66
C ARG H 43 12.26 -4.33 -36.66
N ILE H 44 11.29 -3.73 -37.35
CA ILE H 44 11.61 -2.62 -38.25
C ILE H 44 12.27 -1.48 -37.48
N GLU H 45 11.62 -1.04 -36.41
CA GLU H 45 12.15 0.05 -35.59
C GLU H 45 13.52 -0.29 -35.02
N TYR H 46 13.70 -1.57 -34.67
CA TYR H 46 15.02 -2.04 -34.23
C TYR H 46 16.09 -1.77 -35.29
N ASN H 47 15.88 -2.33 -36.47
CA ASN H 47 16.83 -2.14 -37.58
C ASN H 47 17.09 -0.67 -37.87
N VAL H 48 16.02 0.13 -37.82
CA VAL H 48 16.12 1.56 -38.10
C VAL H 48 17.01 2.26 -37.08
N GLU H 49 16.79 1.98 -35.80
CA GLU H 49 17.59 2.62 -34.76
C GLU H 49 19.06 2.22 -34.87
N HIS H 50 19.32 0.95 -35.16
CA HIS H 50 20.69 0.50 -35.40
C HIS H 50 21.32 1.29 -36.56
N ALA H 51 20.55 1.42 -37.65
CA ALA H 51 20.99 2.18 -38.82
C ALA H 51 21.33 3.63 -38.45
N VAL H 52 20.50 4.22 -37.61
CA VAL H 52 20.70 5.60 -37.16
C VAL H 52 22.03 5.71 -36.41
N ASP H 53 22.27 4.77 -35.50
CA ASP H 53 23.53 4.77 -34.76
C ASP H 53 24.72 4.71 -35.71
N TYR H 54 24.70 3.72 -36.60
CA TYR H 54 25.79 3.55 -37.56
C TYR H 54 26.04 4.81 -38.39
N VAL H 55 24.96 5.40 -38.89
CA VAL H 55 25.05 6.61 -39.70
C VAL H 55 25.65 7.75 -38.90
N GLU H 56 25.19 7.93 -37.66
CA GLU H 56 25.69 9.00 -36.80
C GLU H 56 27.20 8.87 -36.57
N ARG H 57 27.65 7.68 -36.20
CA ARG H 57 29.07 7.47 -35.96
C ARG H 57 29.88 7.71 -37.24
N ALA H 58 29.37 7.23 -38.36
CA ALA H 58 30.02 7.43 -39.66
C ALA H 58 30.18 8.92 -39.97
N VAL H 59 29.11 9.68 -39.77
CA VAL H 59 29.09 11.10 -40.03
C VAL H 59 30.10 11.82 -39.14
N SER H 60 30.14 11.45 -37.86
CA SER H 60 31.14 12.02 -36.95
C SER H 60 32.56 11.78 -37.47
N ASP H 61 32.81 10.54 -37.88
CA ASP H 61 34.15 10.17 -38.37
C ASP H 61 34.56 10.95 -39.62
N THR H 62 33.66 11.04 -40.59
CA THR H 62 33.97 11.79 -41.81
C THR H 62 34.16 13.27 -41.51
N LYS H 63 33.31 13.79 -40.63
CA LYS H 63 33.36 15.19 -40.24
C LYS H 63 34.68 15.53 -39.56
N LYS H 64 35.23 14.57 -38.81
CA LYS H 64 36.55 14.76 -38.20
C LYS H 64 37.66 14.51 -39.22
N ALA H 65 37.34 13.76 -40.27
CA ALA H 65 38.33 13.38 -41.28
C ALA H 65 38.62 14.52 -42.26
N VAL H 66 37.58 15.24 -42.66
CA VAL H 66 37.72 16.28 -43.68
C VAL H 66 38.57 17.44 -43.16
N LYS H 67 38.35 17.84 -41.92
CA LYS H 67 39.02 19.00 -41.36
C LYS H 67 40.42 18.66 -40.84
N GLU I 4 -50.95 -34.25 -32.13
CA GLU I 4 -50.63 -33.25 -33.14
C GLU I 4 -50.65 -31.84 -32.56
N LEU I 5 -51.67 -31.55 -31.78
CA LEU I 5 -51.85 -30.22 -31.20
C LEU I 5 -50.84 -29.96 -30.07
N GLU I 6 -50.76 -30.89 -29.13
CA GLU I 6 -49.80 -30.79 -28.02
C GLU I 6 -48.38 -30.63 -28.55
N GLU I 7 -48.02 -31.46 -29.51
CA GLU I 7 -46.71 -31.42 -30.14
C GLU I 7 -46.49 -30.08 -30.85
N MET I 8 -47.57 -29.48 -31.31
CA MET I 8 -47.52 -28.19 -32.00
C MET I 8 -47.24 -27.05 -31.03
N GLN I 9 -47.98 -27.01 -29.93
CA GLN I 9 -47.75 -26.00 -28.89
C GLN I 9 -46.33 -26.13 -28.34
N ARG I 10 -45.94 -27.35 -28.01
CA ARG I 10 -44.59 -27.63 -27.53
C ARG I 10 -43.55 -27.21 -28.56
N ARG I 11 -43.87 -27.39 -29.83
CA ARG I 11 -42.99 -26.98 -30.92
C ARG I 11 -42.80 -25.46 -30.91
N ALA I 12 -43.90 -24.74 -30.75
CA ALA I 12 -43.87 -23.29 -30.73
C ALA I 12 -43.02 -22.77 -29.56
N ASP I 13 -43.30 -23.27 -28.36
CA ASP I 13 -42.52 -22.89 -27.18
C ASP I 13 -41.05 -23.23 -27.37
N GLN I 14 -40.80 -24.38 -28.00
CA GLN I 14 -39.45 -24.82 -28.34
C GLN I 14 -38.73 -23.77 -29.18
N LEU I 15 -39.37 -23.36 -30.28
CA LEU I 15 -38.79 -22.35 -31.15
C LEU I 15 -38.55 -21.05 -30.40
N ALA I 16 -39.45 -20.72 -29.48
CA ALA I 16 -39.29 -19.52 -28.65
C ALA I 16 -38.00 -19.60 -27.83
N ASP I 17 -37.83 -20.71 -27.12
CA ASP I 17 -36.63 -20.91 -26.30
C ASP I 17 -35.35 -20.88 -27.14
N GLU I 18 -35.39 -21.58 -28.27
CA GLU I 18 -34.25 -21.63 -29.19
C GLU I 18 -33.84 -20.23 -29.66
N SER I 19 -34.82 -19.45 -30.08
CA SER I 19 -34.56 -18.07 -30.51
C SER I 19 -33.98 -17.25 -29.35
N LEU I 20 -34.51 -17.45 -28.15
CA LEU I 20 -34.04 -16.75 -26.97
C LEU I 20 -32.54 -17.00 -26.72
N GLU I 21 -32.19 -18.26 -26.53
CA GLU I 21 -30.79 -18.63 -26.27
C GLU I 21 -29.91 -18.21 -27.43
N SER I 22 -30.47 -18.19 -28.64
CA SER I 22 -29.75 -17.71 -29.81
C SER I 22 -29.37 -16.25 -29.62
N THR I 23 -30.33 -15.44 -29.20
CA THR I 23 -30.07 -14.02 -28.96
C THR I 23 -29.03 -13.84 -27.85
N ARG I 24 -29.07 -14.70 -26.84
CA ARG I 24 -28.05 -14.66 -25.81
C ARG I 24 -26.66 -14.91 -26.41
N ARG I 25 -26.57 -15.91 -27.27
CA ARG I 25 -25.34 -16.20 -28.00
C ARG I 25 -24.87 -14.98 -28.79
N MET I 26 -25.81 -14.28 -29.40
CA MET I 26 -25.51 -13.05 -30.12
C MET I 26 -24.87 -12.02 -29.20
N LEU I 27 -25.47 -11.82 -28.03
CA LEU I 27 -24.95 -10.86 -27.06
C LEU I 27 -23.51 -11.20 -26.68
N GLN I 28 -23.26 -12.48 -26.39
CA GLN I 28 -21.90 -12.92 -26.08
C GLN I 28 -20.93 -12.61 -27.23
N LEU I 29 -21.36 -12.94 -28.45
CA LEU I 29 -20.52 -12.76 -29.64
C LEU I 29 -20.18 -11.30 -29.91
N VAL I 30 -21.16 -10.41 -29.76
CA VAL I 30 -20.92 -9.00 -30.00
C VAL I 30 -20.12 -8.40 -28.85
N GLU I 31 -20.14 -9.05 -27.68
CA GLU I 31 -19.27 -8.64 -26.60
C GLU I 31 -17.81 -8.97 -26.90
N GLU I 32 -17.56 -10.21 -27.31
CA GLU I 32 -16.21 -10.60 -27.72
C GLU I 32 -15.71 -9.71 -28.85
N SER I 33 -16.58 -9.45 -29.81
CA SER I 33 -16.26 -8.56 -30.93
C SER I 33 -15.88 -7.18 -30.41
N LYS I 34 -16.68 -6.66 -29.49
CA LYS I 34 -16.44 -5.37 -28.86
C LYS I 34 -15.04 -5.28 -28.28
N ASP I 35 -14.70 -6.22 -27.40
CA ASP I 35 -13.39 -6.22 -26.75
C ASP I 35 -12.23 -6.36 -27.75
N ALA I 36 -12.39 -7.28 -28.70
CA ALA I 36 -11.39 -7.49 -29.74
C ALA I 36 -11.13 -6.18 -30.49
N GLY I 37 -12.20 -5.47 -30.80
CA GLY I 37 -12.12 -4.18 -31.44
C GLY I 37 -11.36 -3.17 -30.60
N ILE I 38 -11.67 -3.10 -29.31
CA ILE I 38 -10.99 -2.17 -28.42
C ILE I 38 -9.48 -2.42 -28.41
N ARG I 39 -9.08 -3.66 -28.15
CA ARG I 39 -7.66 -3.96 -28.08
C ARG I 39 -6.99 -3.74 -29.44
N THR I 40 -7.76 -3.94 -30.52
CA THR I 40 -7.27 -3.65 -31.86
C THR I 40 -6.91 -2.17 -31.98
N LEU I 41 -7.82 -1.30 -31.54
CA LEU I 41 -7.57 0.14 -31.56
C LEU I 41 -6.36 0.51 -30.73
N VAL I 42 -6.22 -0.11 -29.57
CA VAL I 42 -5.06 0.13 -28.71
C VAL I 42 -3.77 -0.18 -29.46
N MET I 43 -3.74 -1.36 -30.07
CA MET I 43 -2.60 -1.78 -30.88
C MET I 43 -2.32 -0.75 -31.97
N LEU I 44 -3.38 -0.22 -32.59
CA LEU I 44 -3.23 0.76 -33.65
C LEU I 44 -2.57 2.04 -33.14
N ASP I 45 -2.93 2.47 -31.93
CA ASP I 45 -2.30 3.64 -31.34
C ASP I 45 -0.82 3.39 -31.09
N GLU I 46 -0.52 2.28 -30.43
CA GLU I 46 0.87 1.93 -30.12
C GLU I 46 1.73 1.89 -31.38
N GLN I 47 1.32 1.06 -32.33
CA GLN I 47 2.03 0.91 -33.59
C GLN I 47 2.12 2.23 -34.36
N GLY I 48 1.11 3.07 -34.18
CA GLY I 48 1.11 4.39 -34.79
C GLY I 48 2.24 5.26 -34.27
N GLU I 49 2.35 5.35 -32.95
CA GLU I 49 3.45 6.09 -32.33
C GLU I 49 4.80 5.52 -32.74
N GLN I 50 4.86 4.19 -32.83
CA GLN I 50 6.08 3.53 -33.29
C GLN I 50 6.44 3.98 -34.72
N LEU I 51 5.43 4.07 -35.58
CA LEU I 51 5.64 4.53 -36.95
C LEU I 51 6.14 5.97 -36.98
N ASP I 52 5.61 6.79 -36.07
CA ASP I 52 6.08 8.18 -35.94
C ASP I 52 7.56 8.23 -35.58
N ARG I 53 7.96 7.43 -34.60
CA ARG I 53 9.36 7.34 -34.21
C ARG I 53 10.22 6.87 -35.38
N VAL I 54 9.67 5.96 -36.19
CA VAL I 54 10.36 5.49 -37.39
C VAL I 54 10.58 6.65 -38.36
N GLU I 55 9.56 7.48 -38.52
CA GLU I 55 9.64 8.63 -39.42
C GLU I 55 10.70 9.62 -38.97
N GLU I 56 10.70 9.93 -37.67
CA GLU I 56 11.73 10.81 -37.11
C GLU I 56 13.12 10.23 -37.34
N GLY I 57 13.23 8.92 -37.19
CA GLY I 57 14.46 8.21 -37.49
C GLY I 57 14.92 8.44 -38.92
N MET I 58 13.99 8.28 -39.86
CA MET I 58 14.29 8.48 -41.27
C MET I 58 14.75 9.91 -41.55
N ASN I 59 14.07 10.88 -40.97
CA ASN I 59 14.44 12.30 -41.14
C ASN I 59 15.86 12.55 -40.65
N HIS I 60 16.15 12.05 -39.44
CA HIS I 60 17.48 12.20 -38.86
C HIS I 60 18.54 11.58 -39.77
N ILE I 61 18.26 10.38 -40.28
CA ILE I 61 19.16 9.70 -41.21
C ILE I 61 19.42 10.58 -42.43
N ASN I 62 18.35 11.15 -42.97
CA ASN I 62 18.44 11.99 -44.16
C ASN I 62 19.36 13.19 -43.92
N GLN I 63 19.14 13.89 -42.82
CA GLN I 63 19.94 15.07 -42.52
C GLN I 63 21.42 14.71 -42.29
N ASP I 64 21.64 13.64 -41.53
CA ASP I 64 23.00 13.17 -41.27
C ASP I 64 23.73 12.81 -42.56
N MET I 65 23.06 12.10 -43.45
CA MET I 65 23.67 11.69 -44.70
C MET I 65 23.86 12.89 -45.63
N LYS I 66 23.04 13.91 -45.45
CA LYS I 66 23.21 15.16 -46.19
C LYS I 66 24.52 15.82 -45.76
N GLU I 67 24.75 15.86 -44.45
CA GLU I 67 25.99 16.40 -43.92
C GLU I 67 27.21 15.58 -44.36
N ALA I 68 27.08 14.26 -44.31
CA ALA I 68 28.15 13.37 -44.75
C ALA I 68 28.49 13.61 -46.21
N GLU I 69 27.44 13.79 -47.02
CA GLU I 69 27.61 14.14 -48.42
C GLU I 69 28.39 15.44 -48.57
N LYS I 70 28.05 16.41 -47.72
CA LYS I 70 28.75 17.69 -47.71
C LYS I 70 30.24 17.52 -47.41
N ASN I 71 30.56 16.73 -46.39
CA ASN I 71 31.95 16.50 -46.00
C ASN I 71 32.73 15.78 -47.10
N LEU I 72 32.10 14.79 -47.73
CA LEU I 72 32.74 14.05 -48.80
C LEU I 72 32.96 14.92 -50.02
N LYS I 73 32.05 15.87 -50.26
CA LYS I 73 32.22 16.82 -51.37
C LYS I 73 33.28 17.87 -51.04
N ASP I 74 33.48 18.12 -49.75
CA ASP I 74 34.49 19.08 -49.30
C ASP I 74 35.87 18.43 -49.26
N LEU I 75 35.88 17.10 -49.21
CA LEU I 75 37.14 16.36 -49.18
C LEU I 75 37.66 16.07 -50.59
N GLY I 76 36.74 15.80 -51.51
CA GLY I 76 37.10 15.50 -52.88
C GLY I 76 37.66 16.68 -53.64
N MET J 1 -45.59 -14.01 -23.03
CA MET J 1 -44.99 -12.81 -23.62
C MET J 1 -43.66 -12.49 -22.96
N ALA J 2 -43.43 -13.06 -21.78
CA ALA J 2 -42.19 -12.80 -21.07
C ALA J 2 -41.06 -13.38 -21.91
N ARG J 3 -41.30 -14.55 -22.49
CA ARG J 3 -40.29 -15.17 -23.34
C ARG J 3 -39.92 -14.20 -24.46
N GLU J 4 -40.96 -13.71 -25.14
CA GLU J 4 -40.78 -12.75 -26.23
C GLU J 4 -40.15 -11.41 -25.88
N ASN J 5 -40.52 -10.86 -24.73
CA ASN J 5 -39.98 -9.58 -24.32
C ASN J 5 -38.52 -9.76 -23.95
N GLU J 6 -38.23 -10.76 -23.14
CA GLU J 6 -36.84 -11.00 -22.74
C GLU J 6 -35.96 -10.94 -23.98
N MET J 7 -36.34 -11.73 -24.98
CA MET J 7 -35.69 -11.73 -26.28
C MET J 7 -35.61 -10.36 -26.96
N ASP J 8 -36.68 -9.59 -26.80
CA ASP J 8 -36.74 -8.24 -27.34
C ASP J 8 -35.63 -7.36 -26.75
N GLU J 9 -35.51 -7.39 -25.42
CA GLU J 9 -34.46 -6.66 -24.73
C GLU J 9 -33.08 -7.05 -25.26
N ASN J 10 -32.88 -8.36 -25.40
CA ASN J 10 -31.64 -8.89 -25.96
C ASN J 10 -31.35 -8.27 -27.32
N LEU J 11 -32.34 -8.27 -28.20
CA LEU J 11 -32.18 -7.72 -29.54
C LEU J 11 -31.89 -6.22 -29.52
N GLU J 12 -32.44 -5.52 -28.55
CA GLU J 12 -32.18 -4.08 -28.42
C GLU J 12 -30.72 -3.83 -28.02
N GLN J 13 -30.26 -4.58 -27.01
CA GLN J 13 -28.86 -4.48 -26.58
C GLN J 13 -27.92 -4.81 -27.74
N VAL J 14 -28.25 -5.88 -28.48
CA VAL J 14 -27.47 -6.29 -29.63
C VAL J 14 -27.45 -5.16 -30.65
N SER J 15 -28.58 -4.45 -30.79
CA SER J 15 -28.65 -3.32 -31.71
C SER J 15 -27.67 -2.22 -31.31
N GLY J 16 -27.72 -1.81 -30.05
CA GLY J 16 -26.81 -0.80 -29.54
C GLY J 16 -25.34 -1.16 -29.72
N ILE J 17 -25.00 -2.37 -29.29
CA ILE J 17 -23.64 -2.87 -29.41
C ILE J 17 -23.21 -2.90 -30.87
N ILE J 18 -24.12 -3.23 -31.77
CA ILE J 18 -23.83 -3.26 -33.20
C ILE J 18 -23.53 -1.86 -33.71
N GLY J 19 -24.29 -0.88 -33.26
CA GLY J 19 -24.02 0.50 -33.61
C GLY J 19 -22.63 0.95 -33.17
N ASN J 20 -22.30 0.64 -31.92
CA ASN J 20 -20.97 0.95 -31.40
C ASN J 20 -19.88 0.26 -32.23
N LEU J 21 -20.14 -0.99 -32.59
CA LEU J 21 -19.22 -1.74 -33.46
C LEU J 21 -19.04 -1.04 -34.80
N ARG J 22 -20.11 -0.44 -35.30
CA ARG J 22 -20.04 0.31 -36.56
C ARG J 22 -19.08 1.48 -36.39
N HIS J 23 -19.33 2.30 -35.38
CA HIS J 23 -18.46 3.46 -35.11
C HIS J 23 -16.99 3.03 -35.01
N MET J 24 -16.75 1.98 -34.22
CA MET J 24 -15.41 1.46 -34.01
C MET J 24 -14.76 1.00 -35.30
N ALA J 25 -15.56 0.37 -36.16
CA ALA J 25 -15.08 -0.11 -37.45
C ALA J 25 -14.69 1.06 -38.35
N LEU J 26 -15.46 2.14 -38.27
CA LEU J 26 -15.17 3.34 -39.05
C LEU J 26 -13.85 3.97 -38.62
N ASP J 27 -13.71 4.22 -37.32
CA ASP J 27 -12.47 4.78 -36.77
C ASP J 27 -11.27 3.92 -37.13
N MET J 28 -11.44 2.61 -36.91
CA MET J 28 -10.44 1.60 -37.25
C MET J 28 -9.97 1.75 -38.69
N GLY J 29 -10.90 1.58 -39.63
CA GLY J 29 -10.59 1.68 -41.04
C GLY J 29 -9.92 2.98 -41.46
N ASN J 30 -10.46 4.10 -40.99
CA ASN J 30 -9.90 5.41 -41.30
C ASN J 30 -8.44 5.52 -40.86
N GLU J 31 -8.18 5.18 -39.60
CA GLU J 31 -6.83 5.28 -39.08
C GLU J 31 -5.89 4.30 -39.80
N ILE J 32 -6.44 3.16 -40.22
CA ILE J 32 -5.67 2.20 -41.00
C ILE J 32 -5.24 2.84 -42.31
N ASP J 33 -6.16 3.53 -42.98
CA ASP J 33 -5.85 4.24 -44.22
C ASP J 33 -4.74 5.27 -44.03
N THR J 34 -4.92 6.15 -43.05
CA THR J 34 -3.94 7.19 -42.78
C THR J 34 -2.56 6.61 -42.46
N GLN J 35 -2.54 5.53 -41.69
CA GLN J 35 -1.29 4.86 -41.36
C GLN J 35 -0.67 4.24 -42.59
N ASN J 36 -1.51 3.78 -43.53
CA ASN J 36 -1.00 3.23 -44.79
C ASN J 36 -0.31 4.31 -45.62
N ARG J 37 -0.93 5.49 -45.67
CA ARG J 37 -0.31 6.62 -46.35
C ARG J 37 1.04 6.95 -45.70
N GLN J 38 1.05 6.95 -44.37
CA GLN J 38 2.29 7.22 -43.64
C GLN J 38 3.37 6.18 -43.95
N ILE J 39 2.97 4.91 -44.06
CA ILE J 39 3.91 3.85 -44.38
C ILE J 39 4.47 4.05 -45.78
N ASP J 40 3.63 4.46 -46.71
CA ASP J 40 4.09 4.79 -48.07
C ASP J 40 5.18 5.85 -47.99
N ARG J 41 4.90 6.92 -47.23
CA ARG J 41 5.89 7.97 -47.00
C ARG J 41 7.20 7.41 -46.45
N ILE J 42 7.09 6.52 -45.48
CA ILE J 42 8.25 5.92 -44.83
C ILE J 42 9.10 5.15 -45.83
N MET J 43 8.45 4.39 -46.72
CA MET J 43 9.19 3.61 -47.71
C MET J 43 9.84 4.51 -48.75
N GLU J 44 9.18 5.61 -49.09
CA GLU J 44 9.77 6.60 -49.99
C GLU J 44 11.07 7.15 -49.40
N LYS J 45 10.98 7.65 -48.16
CA LYS J 45 12.15 8.19 -47.48
C LYS J 45 13.25 7.17 -47.28
N ALA J 46 12.85 5.93 -46.97
CA ALA J 46 13.81 4.85 -46.70
C ALA J 46 14.56 4.45 -47.96
N ASP J 47 13.85 4.44 -49.10
CA ASP J 47 14.50 4.15 -50.37
C ASP J 47 15.46 5.29 -50.73
N SER J 48 15.00 6.52 -50.48
CA SER J 48 15.84 7.70 -50.71
C SER J 48 17.16 7.62 -49.95
N ASN J 49 17.07 7.29 -48.66
CA ASN J 49 18.26 7.19 -47.83
C ASN J 49 19.09 5.96 -48.17
N LYS J 50 18.44 4.92 -48.68
CA LYS J 50 19.16 3.74 -49.13
C LYS J 50 20.07 4.10 -50.31
N THR J 51 19.50 4.80 -51.29
CA THR J 51 20.27 5.28 -52.43
C THR J 51 21.38 6.22 -51.97
N ARG J 52 21.02 7.17 -51.10
CA ARG J 52 21.97 8.12 -50.53
C ARG J 52 23.18 7.44 -49.92
N ILE J 53 22.94 6.42 -49.11
CA ILE J 53 23.99 5.76 -48.36
C ILE J 53 24.79 4.81 -49.25
N ASP J 54 24.16 4.26 -50.29
CA ASP J 54 24.89 3.41 -51.22
C ASP J 54 25.87 4.24 -52.04
N GLU J 55 25.38 5.34 -52.60
CA GLU J 55 26.21 6.25 -53.37
C GLU J 55 27.32 6.84 -52.51
N ALA J 56 26.97 7.24 -51.29
CA ALA J 56 27.93 7.83 -50.37
C ALA J 56 29.01 6.81 -49.97
N ASN J 57 28.61 5.56 -49.76
CA ASN J 57 29.57 4.52 -49.41
C ASN J 57 30.51 4.23 -50.57
N GLN J 58 29.96 4.22 -51.78
CA GLN J 58 30.79 4.01 -52.97
C GLN J 58 31.81 5.14 -53.13
N ARG J 59 31.35 6.39 -52.97
CA ARG J 59 32.23 7.54 -53.09
C ARG J 59 33.29 7.54 -51.98
N ALA J 60 32.92 7.08 -50.81
CA ALA J 60 33.83 7.04 -49.66
C ALA J 60 34.91 5.99 -49.85
N THR J 61 34.53 4.81 -50.32
CA THR J 61 35.49 3.74 -50.56
C THR J 61 36.30 4.02 -51.83
N LYS J 62 35.82 4.94 -52.65
CA LYS J 62 36.53 5.35 -53.87
C LYS J 62 37.85 6.04 -53.53
N MET J 63 37.86 6.80 -52.44
CA MET J 63 39.04 7.55 -52.03
C MET J 63 39.93 6.72 -51.10
N LEU J 64 39.90 5.41 -51.29
CA LEU J 64 40.70 4.50 -50.48
C LEU J 64 41.53 3.57 -51.35
N SER K 2 -61.80 -34.05 -1.66
CA SER K 2 -62.71 -34.50 -0.61
C SER K 2 -62.78 -36.02 -0.55
N ASN K 3 -61.95 -36.61 0.31
CA ASN K 3 -61.87 -38.06 0.43
C ASN K 3 -63.12 -38.63 1.10
N ARG K 4 -63.86 -37.77 1.80
CA ARG K 4 -65.07 -38.18 2.52
C ARG K 4 -66.10 -38.78 1.57
N ARG K 5 -66.32 -38.13 0.44
CA ARG K 5 -67.30 -38.59 -0.54
C ARG K 5 -66.84 -39.88 -1.22
N LEU K 6 -65.55 -39.97 -1.51
CA LEU K 6 -64.97 -41.16 -2.11
C LEU K 6 -65.17 -42.37 -1.21
N GLN K 7 -64.78 -42.23 0.05
CA GLN K 7 -64.87 -43.32 1.02
C GLN K 7 -66.32 -43.66 1.36
N GLN K 8 -67.18 -42.64 1.37
CA GLN K 8 -68.60 -42.83 1.65
C GLN K 8 -69.26 -43.64 0.53
N THR K 9 -68.99 -43.24 -0.70
CA THR K 9 -69.47 -43.96 -1.87
C THR K 9 -68.95 -45.38 -1.86
N GLN K 10 -67.69 -45.54 -1.48
CA GLN K 10 -67.08 -46.86 -1.33
C GLN K 10 -67.87 -47.73 -0.35
N ALA K 11 -68.23 -47.13 0.80
CA ALA K 11 -68.99 -47.84 1.82
C ALA K 11 -70.37 -48.24 1.30
N GLN K 12 -70.99 -47.35 0.52
CA GLN K 12 -72.26 -47.66 -0.14
C GLN K 12 -72.12 -48.89 -1.03
N VAL K 13 -71.10 -48.87 -1.89
CA VAL K 13 -70.84 -49.97 -2.80
C VAL K 13 -70.64 -51.28 -2.04
N ASP K 14 -69.83 -51.24 -1.00
CA ASP K 14 -69.59 -52.42 -0.17
C ASP K 14 -70.89 -52.96 0.41
N GLU K 15 -71.72 -52.06 0.92
CA GLU K 15 -73.01 -52.45 1.50
C GLU K 15 -73.87 -53.16 0.45
N VAL K 16 -74.02 -52.53 -0.71
CA VAL K 16 -74.84 -53.09 -1.78
C VAL K 16 -74.30 -54.46 -2.22
N VAL K 17 -72.98 -54.60 -2.21
CA VAL K 17 -72.37 -55.89 -2.53
C VAL K 17 -72.80 -56.93 -1.51
N ASP K 18 -72.69 -56.58 -0.24
CA ASP K 18 -73.07 -57.47 0.86
C ASP K 18 -74.53 -57.87 0.79
N ILE K 19 -75.37 -56.97 0.27
CA ILE K 19 -76.77 -57.29 0.03
C ILE K 19 -76.87 -58.32 -1.09
N MET K 20 -76.22 -57.99 -2.21
CA MET K 20 -76.39 -58.73 -3.44
C MET K 20 -75.87 -60.17 -3.40
N ARG K 21 -74.78 -60.40 -2.66
CA ARG K 21 -74.25 -61.76 -2.59
C ARG K 21 -75.23 -62.68 -1.84
N VAL K 22 -75.81 -62.14 -0.77
CA VAL K 22 -76.82 -62.86 0.00
C VAL K 22 -78.04 -63.13 -0.88
N ASN K 23 -78.47 -62.11 -1.61
CA ASN K 23 -79.58 -62.26 -2.55
C ASN K 23 -79.30 -63.39 -3.54
N VAL K 24 -78.07 -63.42 -4.06
CA VAL K 24 -77.67 -64.44 -5.03
C VAL K 24 -77.74 -65.84 -4.43
N ASP K 25 -77.24 -65.99 -3.21
CA ASP K 25 -77.30 -67.29 -2.54
C ASP K 25 -78.75 -67.75 -2.34
N LYS K 26 -79.60 -66.81 -1.93
CA LYS K 26 -81.02 -67.10 -1.77
C LYS K 26 -81.66 -67.51 -3.10
N VAL K 27 -81.19 -66.89 -4.19
CA VAL K 27 -81.64 -67.24 -5.52
C VAL K 27 -81.24 -68.67 -5.87
N LEU K 28 -80.01 -69.06 -5.52
CA LEU K 28 -79.55 -70.43 -5.74
C LEU K 28 -80.46 -71.42 -5.00
N GLU K 29 -80.79 -71.09 -3.75
CA GLU K 29 -81.71 -71.92 -2.97
C GLU K 29 -83.04 -72.04 -3.70
N ARG K 30 -83.51 -70.92 -4.25
CA ARG K 30 -84.72 -70.90 -5.06
C ARG K 30 -84.60 -71.85 -6.26
N ASP K 31 -83.41 -71.93 -6.84
CA ASP K 31 -83.17 -72.82 -7.97
C ASP K 31 -83.30 -74.28 -7.55
N GLN K 32 -82.76 -74.60 -6.38
CA GLN K 32 -82.90 -75.95 -5.83
C GLN K 32 -84.38 -76.30 -5.64
N LYS K 33 -85.09 -75.44 -4.90
CA LYS K 33 -86.51 -75.66 -4.61
C LYS K 33 -87.33 -75.81 -5.88
N LEU K 34 -87.03 -74.99 -6.88
CA LEU K 34 -87.73 -75.04 -8.15
C LEU K 34 -87.44 -76.33 -8.91
N SER K 35 -86.20 -76.80 -8.85
CA SER K 35 -85.84 -78.05 -9.52
C SER K 35 -86.60 -79.22 -8.92
N GLU K 36 -86.55 -79.32 -7.59
CA GLU K 36 -87.25 -80.39 -6.89
C GLU K 36 -88.76 -80.32 -7.16
N LEU K 37 -89.29 -79.10 -7.21
CA LEU K 37 -90.70 -78.90 -7.54
C LEU K 37 -91.01 -79.38 -8.95
N ASP K 38 -90.05 -79.22 -9.86
CA ASP K 38 -90.20 -79.67 -11.23
C ASP K 38 -90.33 -81.20 -11.28
N ASP K 39 -89.40 -81.87 -10.62
CA ASP K 39 -89.45 -83.34 -10.56
C ASP K 39 -90.77 -83.81 -9.95
N ARG K 40 -91.15 -83.19 -8.84
CA ARG K 40 -92.38 -83.52 -8.12
C ARG K 40 -93.61 -83.32 -9.00
N ALA K 41 -93.58 -82.28 -9.84
CA ALA K 41 -94.70 -81.96 -10.72
C ALA K 41 -94.80 -82.98 -11.85
N ASP K 42 -93.66 -83.38 -12.39
CA ASP K 42 -93.64 -84.42 -13.43
C ASP K 42 -94.23 -85.73 -12.89
N ALA K 43 -93.76 -86.14 -11.72
CA ALA K 43 -94.29 -87.35 -11.08
C ALA K 43 -95.79 -87.21 -10.82
N LEU K 44 -96.19 -86.02 -10.38
CA LEU K 44 -97.59 -85.71 -10.09
C LEU K 44 -98.49 -85.89 -11.31
N GLN K 45 -98.08 -85.34 -12.44
CA GLN K 45 -98.89 -85.43 -13.65
C GLN K 45 -98.88 -86.85 -14.21
N ALA K 46 -97.78 -87.58 -13.99
CA ALA K 46 -97.74 -88.99 -14.38
C ALA K 46 -98.79 -89.79 -13.62
N GLY K 47 -98.76 -89.68 -12.29
CA GLY K 47 -99.75 -90.32 -11.46
C GLY K 47 -101.16 -89.88 -11.79
N ALA K 48 -101.29 -88.63 -12.20
CA ALA K 48 -102.58 -88.07 -12.60
C ALA K 48 -103.12 -88.77 -13.84
N SER K 49 -102.26 -88.98 -14.83
CA SER K 49 -102.66 -89.68 -16.05
C SER K 49 -103.03 -91.13 -15.75
N GLN K 50 -102.21 -91.80 -14.94
CA GLN K 50 -102.52 -93.18 -14.56
C GLN K 50 -103.89 -93.28 -13.88
N PHE K 51 -104.12 -92.41 -12.91
CA PHE K 51 -105.38 -92.39 -12.19
C PHE K 51 -106.55 -92.05 -13.12
N GLU K 52 -106.29 -91.22 -14.12
CA GLU K 52 -107.32 -90.88 -15.10
C GLU K 52 -107.72 -92.13 -15.89
N THR K 53 -106.72 -92.89 -16.32
CA THR K 53 -106.97 -94.13 -17.04
C THR K 53 -107.77 -95.11 -16.19
N SER K 54 -107.32 -95.33 -14.96
CA SER K 54 -108.04 -96.23 -14.05
C SER K 54 -109.47 -95.77 -13.84
N ALA K 55 -109.66 -94.45 -13.75
CA ALA K 55 -110.99 -93.87 -13.57
C ALA K 55 -111.87 -94.13 -14.78
N ALA K 56 -111.26 -94.11 -15.95
CA ALA K 56 -111.97 -94.43 -17.20
C ALA K 56 -112.46 -95.87 -17.16
N LYS K 57 -111.56 -96.78 -16.77
CA LYS K 57 -111.92 -98.20 -16.65
C LYS K 57 -113.08 -98.38 -15.67
N LEU K 58 -112.97 -97.72 -14.51
CA LEU K 58 -113.96 -97.88 -13.45
C LEU K 58 -115.32 -97.31 -13.87
N LYS K 59 -115.30 -96.20 -14.63
CA LYS K 59 -116.54 -95.64 -15.13
C LYS K 59 -117.17 -96.57 -16.16
N ARG K 60 -116.33 -97.19 -16.96
CA ARG K 60 -116.80 -98.14 -17.97
C ARG K 60 -117.15 -99.48 -17.33
N LYS K 61 -116.94 -99.59 -16.02
CA LYS K 61 -117.29 -100.81 -15.30
C LYS K 61 -118.59 -100.66 -14.48
N TYR K 62 -118.66 -99.61 -13.67
CA TYR K 62 -119.76 -99.46 -12.71
C TYR K 62 -120.89 -98.56 -13.18
N TRP K 63 -120.96 -98.31 -14.48
CA TRP K 63 -122.08 -97.54 -15.05
C TRP K 63 -122.59 -98.22 -16.31
N MET L 1 -51.09 -30.45 -1.73
CA MET L 1 -50.98 -31.88 -1.91
C MET L 1 -49.62 -32.26 -2.51
N ALA L 2 -49.54 -33.45 -3.07
CA ALA L 2 -48.31 -33.95 -3.70
C ALA L 2 -48.63 -35.15 -4.57
N LEU L 3 -47.60 -35.89 -4.97
CA LEU L 3 -47.81 -37.10 -5.77
C LEU L 3 -48.36 -38.22 -4.92
N SER L 4 -48.07 -38.20 -3.62
CA SER L 4 -48.57 -39.22 -2.72
C SER L 4 -50.10 -39.14 -2.63
N GLU L 5 -50.61 -37.91 -2.50
CA GLU L 5 -52.04 -37.69 -2.38
C GLU L 5 -52.77 -38.11 -3.65
N ILE L 6 -52.20 -37.75 -4.79
CA ILE L 6 -52.78 -38.10 -6.09
C ILE L 6 -52.73 -39.61 -6.30
N GLU L 7 -51.63 -40.24 -5.89
CA GLU L 7 -51.47 -41.68 -6.04
C GLU L 7 -52.48 -42.44 -5.19
N THR L 8 -52.65 -42.01 -3.94
CA THR L 8 -53.61 -42.65 -3.06
C THR L 8 -55.04 -42.44 -3.57
N ARG L 9 -55.29 -41.23 -4.08
CA ARG L 9 -56.58 -40.91 -4.70
C ARG L 9 -56.88 -41.90 -5.83
N HIS L 10 -55.91 -42.04 -6.73
CA HIS L 10 -56.00 -42.94 -7.87
C HIS L 10 -56.22 -44.38 -7.45
N SER L 11 -55.50 -44.81 -6.41
CA SER L 11 -55.60 -46.16 -5.89
C SER L 11 -57.01 -46.45 -5.35
N GLU L 12 -57.49 -45.58 -4.47
CA GLU L 12 -58.82 -45.75 -3.88
C GLU L 12 -59.90 -45.71 -4.96
N ILE L 13 -59.68 -44.89 -5.98
CA ILE L 13 -60.61 -44.80 -7.10
C ILE L 13 -60.67 -46.12 -7.87
N ILE L 14 -59.50 -46.69 -8.16
CA ILE L 14 -59.44 -47.98 -8.85
C ILE L 14 -60.13 -49.06 -8.00
N LYS L 15 -59.88 -49.04 -6.70
CA LYS L 15 -60.55 -49.93 -5.76
C LYS L 15 -62.07 -49.83 -5.90
N LEU L 16 -62.56 -48.58 -5.95
CA LEU L 16 -63.98 -48.34 -6.16
C LEU L 16 -64.46 -48.94 -7.46
N GLU L 17 -63.68 -48.79 -8.52
CA GLU L 17 -64.06 -49.33 -9.83
C GLU L 17 -64.17 -50.86 -9.79
N ASN L 18 -63.27 -51.49 -9.07
CA ASN L 18 -63.29 -52.95 -8.97
C ASN L 18 -64.49 -53.44 -8.15
N SER L 19 -64.77 -52.76 -7.04
CA SER L 19 -65.95 -53.09 -6.24
C SER L 19 -67.21 -52.94 -7.08
N ILE L 20 -67.28 -51.83 -7.82
CA ILE L 20 -68.38 -51.57 -8.73
C ILE L 20 -68.52 -52.71 -9.75
N ARG L 21 -67.39 -53.15 -10.29
CA ARG L 21 -67.41 -54.22 -11.29
C ARG L 21 -67.95 -55.52 -10.71
N GLU L 22 -67.53 -55.85 -9.48
CA GLU L 22 -68.05 -57.04 -8.81
C GLU L 22 -69.56 -56.93 -8.61
N LEU L 23 -70.02 -55.75 -8.20
CA LEU L 23 -71.46 -55.50 -8.06
C LEU L 23 -72.19 -55.78 -9.39
N HIS L 24 -71.63 -55.23 -10.46
CA HIS L 24 -72.16 -55.43 -11.81
C HIS L 24 -72.30 -56.91 -12.14
N ASP L 25 -71.19 -57.65 -12.01
CA ASP L 25 -71.19 -59.08 -12.32
C ASP L 25 -72.23 -59.82 -11.49
N MET L 26 -72.37 -59.42 -10.23
CA MET L 26 -73.40 -60.00 -9.37
C MET L 26 -74.80 -59.78 -9.93
N PHE L 27 -75.07 -58.56 -10.40
CA PHE L 27 -76.37 -58.27 -11.00
C PHE L 27 -76.60 -59.10 -12.26
N MET L 28 -75.57 -59.24 -13.07
CA MET L 28 -75.65 -60.03 -14.30
C MET L 28 -76.01 -61.50 -13.99
N ASP L 29 -75.25 -62.09 -13.07
CA ASP L 29 -75.53 -63.45 -12.63
C ASP L 29 -76.95 -63.56 -12.10
N MET L 30 -77.37 -62.57 -11.32
CA MET L 30 -78.73 -62.51 -10.80
C MET L 30 -79.75 -62.66 -11.93
N ALA L 31 -79.70 -61.76 -12.90
CA ALA L 31 -80.62 -61.79 -14.05
C ALA L 31 -80.60 -63.15 -14.74
N MET L 32 -79.40 -63.68 -14.93
CA MET L 32 -79.23 -64.99 -15.56
C MET L 32 -80.00 -66.10 -14.83
N LEU L 33 -79.67 -66.28 -13.55
CA LEU L 33 -80.28 -67.32 -12.74
C LEU L 33 -81.79 -67.17 -12.73
N VAL L 34 -82.26 -65.95 -12.52
CA VAL L 34 -83.70 -65.69 -12.47
C VAL L 34 -84.36 -66.10 -13.79
N GLU L 35 -83.69 -65.85 -14.92
CA GLU L 35 -84.22 -66.22 -16.22
C GLU L 35 -84.33 -67.74 -16.39
N SER L 36 -83.24 -68.45 -16.13
CA SER L 36 -83.23 -69.91 -16.25
C SER L 36 -84.31 -70.53 -15.36
N GLN L 37 -84.36 -70.08 -14.11
CA GLN L 37 -85.41 -70.51 -13.19
C GLN L 37 -86.79 -70.20 -13.74
N GLY L 38 -86.88 -69.10 -14.49
CA GLY L 38 -88.12 -68.74 -15.17
C GLY L 38 -88.56 -69.82 -16.14
N GLU L 39 -87.62 -70.31 -16.95
CA GLU L 39 -87.92 -71.42 -17.86
C GLU L 39 -88.35 -72.67 -17.08
N MET L 40 -87.65 -72.94 -15.99
CA MET L 40 -88.00 -74.06 -15.12
C MET L 40 -89.45 -73.96 -14.64
N ILE L 41 -89.86 -72.74 -14.26
CA ILE L 41 -91.22 -72.49 -13.80
C ILE L 41 -92.21 -72.68 -14.96
N ASP L 42 -91.79 -72.30 -16.16
CA ASP L 42 -92.61 -72.56 -17.35
C ASP L 42 -92.97 -74.05 -17.41
N ARG L 43 -91.96 -74.91 -17.42
CA ARG L 43 -92.25 -76.33 -17.58
C ARG L 43 -93.01 -76.90 -16.36
N ILE L 44 -92.75 -76.35 -15.17
CA ILE L 44 -93.50 -76.77 -13.99
C ILE L 44 -94.98 -76.51 -14.19
N GLU L 45 -95.32 -75.27 -14.55
CA GLU L 45 -96.71 -74.88 -14.75
C GLU L 45 -97.36 -75.73 -15.85
N TYR L 46 -96.57 -76.07 -16.87
CA TYR L 46 -97.05 -76.97 -17.92
C TYR L 46 -97.50 -78.31 -17.32
N ASN L 47 -96.58 -78.99 -16.65
CA ASN L 47 -96.88 -80.27 -16.02
C ASN L 47 -98.09 -80.19 -15.09
N VAL L 48 -98.15 -79.09 -14.33
CA VAL L 48 -99.23 -78.90 -13.36
C VAL L 48 -100.58 -78.80 -14.07
N GLU L 49 -100.65 -78.00 -15.13
CA GLU L 49 -101.91 -77.83 -15.85
C GLU L 49 -102.36 -79.16 -16.48
N HIS L 50 -101.41 -79.90 -17.04
CA HIS L 50 -101.72 -81.23 -17.55
C HIS L 50 -102.30 -82.13 -16.46
N ALA L 51 -101.65 -82.11 -15.30
CA ALA L 51 -102.10 -82.87 -14.14
C ALA L 51 -103.53 -82.49 -13.75
N VAL L 52 -103.82 -81.19 -13.77
CA VAL L 52 -105.15 -80.68 -13.45
C VAL L 52 -106.18 -81.25 -14.40
N ASP L 53 -105.87 -81.22 -15.70
CA ASP L 53 -106.78 -81.77 -16.70
C ASP L 53 -107.07 -83.25 -16.41
N TYR L 54 -106.01 -84.03 -16.26
CA TYR L 54 -106.16 -85.45 -15.99
C TYR L 54 -107.01 -85.73 -14.76
N VAL L 55 -106.73 -85.00 -13.68
CA VAL L 55 -107.47 -85.15 -12.43
C VAL L 55 -108.94 -84.81 -12.62
N GLU L 56 -109.22 -83.72 -13.31
CA GLU L 56 -110.59 -83.30 -13.57
C GLU L 56 -111.38 -84.37 -14.32
N ARG L 57 -110.80 -84.87 -15.41
CA ARG L 57 -111.48 -85.91 -16.19
C ARG L 57 -111.71 -87.16 -15.36
N ALA L 58 -110.69 -87.55 -14.59
CA ALA L 58 -110.80 -88.72 -13.71
C ALA L 58 -111.94 -88.56 -12.71
N VAL L 59 -112.01 -87.39 -12.08
CA VAL L 59 -113.05 -87.10 -11.10
C VAL L 59 -114.43 -87.15 -11.74
N SER L 60 -114.58 -86.58 -12.93
CA SER L 60 -115.84 -86.67 -13.66
C SER L 60 -116.24 -88.12 -13.87
N ASP L 61 -115.29 -88.93 -14.33
CA ASP L 61 -115.56 -90.34 -14.61
C ASP L 61 -115.99 -91.13 -13.37
N THR L 62 -115.27 -90.95 -12.26
CA THR L 62 -115.64 -91.64 -11.03
C THR L 62 -117.00 -91.17 -10.51
N LYS L 63 -117.23 -89.87 -10.62
CA LYS L 63 -118.47 -89.25 -10.17
C LYS L 63 -119.66 -89.80 -10.96
N LYS L 64 -119.45 -90.10 -12.23
CA LYS L 64 -120.49 -90.71 -13.05
C LYS L 64 -120.57 -92.21 -12.79
N ALA L 65 -119.48 -92.78 -12.28
CA ALA L 65 -119.40 -94.22 -12.05
C ALA L 65 -120.12 -94.65 -10.78
N VAL L 66 -120.01 -93.85 -9.73
CA VAL L 66 -120.57 -94.21 -8.43
C VAL L 66 -122.10 -94.24 -8.47
N LYS L 67 -122.69 -93.25 -9.14
CA LYS L 67 -124.14 -93.09 -9.16
C LYS L 67 -124.78 -93.99 -10.22
N GLU M 4 -37.11 -34.69 -14.60
CA GLU M 4 -37.73 -35.19 -13.39
C GLU M 4 -39.01 -34.43 -13.06
N LEU M 5 -38.93 -33.10 -13.15
CA LEU M 5 -40.06 -32.24 -12.80
C LEU M 5 -41.17 -32.31 -13.87
N GLU M 6 -40.78 -32.13 -15.13
CA GLU M 6 -41.72 -32.22 -16.24
C GLU M 6 -42.45 -33.57 -16.24
N GLU M 7 -41.68 -34.63 -16.08
CA GLU M 7 -42.22 -35.99 -16.02
C GLU M 7 -43.17 -36.14 -14.83
N MET M 8 -42.91 -35.38 -13.77
CA MET M 8 -43.71 -35.42 -12.56
C MET M 8 -45.08 -34.75 -12.77
N GLN M 9 -45.06 -33.55 -13.34
CA GLN M 9 -46.30 -32.84 -13.67
C GLN M 9 -47.14 -33.66 -14.64
N ARG M 10 -46.49 -34.15 -15.70
CA ARG M 10 -47.15 -35.00 -16.68
C ARG M 10 -47.71 -36.26 -16.03
N ARG M 11 -47.00 -36.77 -15.02
CA ARG M 11 -47.45 -37.94 -14.28
C ARG M 11 -48.73 -37.62 -13.52
N ALA M 12 -48.76 -36.46 -12.86
CA ALA M 12 -49.92 -36.03 -12.10
C ALA M 12 -51.15 -35.88 -13.01
N ASP M 13 -50.98 -35.14 -14.10
CA ASP M 13 -52.08 -34.96 -15.06
C ASP M 13 -52.53 -36.31 -15.61
N GLN M 14 -51.58 -37.21 -15.83
CA GLN M 14 -51.86 -38.57 -16.28
C GLN M 14 -52.79 -39.28 -15.30
N LEU M 15 -52.43 -39.27 -14.03
CA LEU M 15 -53.24 -39.90 -12.99
C LEU M 15 -54.63 -39.28 -12.94
N ALA M 16 -54.70 -37.97 -13.16
CA ALA M 16 -55.98 -37.27 -13.20
C ALA M 16 -56.88 -37.82 -14.32
N ASP M 17 -56.32 -37.89 -15.52
CA ASP M 17 -57.07 -38.42 -16.67
C ASP M 17 -57.51 -39.87 -16.44
N GLU M 18 -56.59 -40.69 -15.94
CA GLU M 18 -56.87 -42.09 -15.66
C GLU M 18 -58.03 -42.25 -14.69
N SER M 19 -57.99 -41.49 -13.59
CA SER M 19 -59.07 -41.51 -12.61
C SER M 19 -60.38 -41.07 -13.23
N LEU M 20 -60.32 -40.04 -14.09
CA LEU M 20 -61.52 -39.54 -14.77
C LEU M 20 -62.19 -40.63 -15.61
N GLU M 21 -61.45 -41.17 -16.57
CA GLU M 21 -62.00 -42.21 -17.44
C GLU M 21 -62.44 -43.43 -16.62
N SER M 22 -61.76 -43.65 -15.49
CA SER M 22 -62.16 -44.73 -14.58
C SER M 22 -63.56 -44.47 -14.06
N THR M 23 -63.81 -43.24 -13.61
CA THR M 23 -65.14 -42.87 -13.11
C THR M 23 -66.19 -43.01 -14.21
N ARG M 24 -65.82 -42.67 -15.44
CA ARG M 24 -66.73 -42.87 -16.57
C ARG M 24 -67.09 -44.35 -16.71
N ARG M 25 -66.07 -45.21 -16.62
CA ARG M 25 -66.28 -46.66 -16.65
C ARG M 25 -67.24 -47.08 -15.54
N MET M 26 -67.08 -46.47 -14.37
CA MET M 26 -67.97 -46.76 -13.25
C MET M 26 -69.42 -46.41 -13.61
N LEU M 27 -69.62 -45.23 -14.19
CA LEU M 27 -70.96 -44.81 -14.58
C LEU M 27 -71.58 -45.81 -15.55
N GLN M 28 -70.82 -46.22 -16.55
CA GLN M 28 -71.30 -47.23 -17.49
C GLN M 28 -71.69 -48.53 -16.78
N LEU M 29 -70.82 -48.99 -15.88
CA LEU M 29 -71.04 -50.24 -15.16
C LEU M 29 -72.27 -50.21 -14.27
N VAL M 30 -72.49 -49.11 -13.57
CA VAL M 30 -73.65 -49.00 -12.69
C VAL M 30 -74.91 -48.80 -13.52
N GLU M 31 -74.76 -48.32 -14.76
CA GLU M 31 -75.90 -48.26 -15.67
C GLU M 31 -76.33 -49.65 -16.12
N GLU M 32 -75.37 -50.46 -16.55
CA GLU M 32 -75.65 -51.85 -16.92
C GLU M 32 -76.26 -52.59 -15.74
N SER M 33 -75.69 -52.38 -14.56
CA SER M 33 -76.20 -52.98 -13.33
C SER M 33 -77.65 -52.57 -13.11
N LYS M 34 -77.91 -51.28 -13.26
CA LYS M 34 -79.25 -50.71 -13.11
C LYS M 34 -80.26 -51.45 -13.99
N ASP M 35 -79.99 -51.50 -15.30
CA ASP M 35 -80.90 -52.15 -16.23
C ASP M 35 -81.09 -53.63 -15.94
N ALA M 36 -79.98 -54.32 -15.67
CA ALA M 36 -80.03 -55.74 -15.31
C ALA M 36 -80.95 -55.97 -14.12
N GLY M 37 -80.83 -55.09 -13.13
CA GLY M 37 -81.70 -55.13 -11.96
C GLY M 37 -83.16 -54.95 -12.31
N ILE M 38 -83.44 -53.96 -13.16
CA ILE M 38 -84.82 -53.70 -13.57
C ILE M 38 -85.45 -54.93 -14.22
N ARG M 39 -84.76 -55.47 -15.23
CA ARG M 39 -85.32 -56.63 -15.94
C ARG M 39 -85.42 -57.83 -15.00
N THR M 40 -84.51 -57.91 -14.03
CA THR M 40 -84.57 -58.94 -13.00
C THR M 40 -85.89 -58.83 -12.23
N LEU M 41 -86.21 -57.63 -11.78
CA LEU M 41 -87.46 -57.40 -11.06
C LEU M 41 -88.67 -57.77 -11.91
N VAL M 42 -88.63 -57.39 -13.19
CA VAL M 42 -89.71 -57.74 -14.11
C VAL M 42 -89.92 -59.25 -14.15
N MET M 43 -88.82 -59.97 -14.34
CA MET M 43 -88.86 -61.43 -14.33
C MET M 43 -89.46 -61.96 -13.03
N LEU M 44 -89.11 -61.32 -11.92
CA LEU M 44 -89.62 -61.72 -10.61
C LEU M 44 -91.13 -61.56 -10.53
N ASP M 45 -91.66 -60.47 -11.09
CA ASP M 45 -93.10 -60.27 -11.12
C ASP M 45 -93.79 -61.36 -11.95
N GLU M 46 -93.29 -61.55 -13.17
CA GLU M 46 -93.86 -62.56 -14.07
C GLU M 46 -93.89 -63.94 -13.42
N GLN M 47 -92.72 -64.41 -13.01
CA GLN M 47 -92.59 -65.71 -12.37
C GLN M 47 -93.41 -65.79 -11.09
N GLY M 48 -93.59 -64.66 -10.42
CA GLY M 48 -94.43 -64.60 -9.24
C GLY M 48 -95.88 -64.93 -9.54
N GLU M 49 -96.43 -64.25 -10.54
CA GLU M 49 -97.80 -64.52 -10.98
C GLU M 49 -97.94 -65.96 -11.45
N GLN M 50 -96.91 -66.47 -12.12
CA GLN M 50 -96.90 -67.87 -12.54
C GLN M 50 -96.99 -68.80 -11.33
N LEU M 51 -96.25 -68.48 -10.28
CA LEU M 51 -96.29 -69.27 -9.05
C LEU M 51 -97.67 -69.23 -8.41
N ASP M 52 -98.32 -68.07 -8.48
CA ASP M 52 -99.69 -67.94 -7.98
C ASP M 52 -100.64 -68.86 -8.73
N ARG M 53 -100.54 -68.86 -10.06
CA ARG M 53 -101.35 -69.75 -10.89
C ARG M 53 -101.08 -71.21 -10.52
N VAL M 54 -99.82 -71.51 -10.23
CA VAL M 54 -99.44 -72.87 -9.80
C VAL M 54 -100.14 -73.23 -8.50
N GLU M 55 -100.20 -72.27 -7.57
CA GLU M 55 -100.85 -72.49 -6.29
C GLU M 55 -102.35 -72.76 -6.45
N GLU M 56 -103.00 -71.94 -7.29
CA GLU M 56 -104.41 -72.15 -7.57
C GLU M 56 -104.64 -73.53 -8.19
N GLY M 57 -103.71 -73.92 -9.06
CA GLY M 57 -103.73 -75.25 -9.64
C GLY M 57 -103.71 -76.34 -8.57
N MET M 58 -102.78 -76.20 -7.63
CA MET M 58 -102.65 -77.16 -6.53
C MET M 58 -103.93 -77.25 -5.70
N ASN M 59 -104.51 -76.09 -5.39
CA ASN M 59 -105.75 -76.05 -4.61
C ASN M 59 -106.87 -76.79 -5.33
N HIS M 60 -107.03 -76.49 -6.62
CA HIS M 60 -108.04 -77.15 -7.44
C HIS M 60 -107.83 -78.66 -7.44
N ILE M 61 -106.58 -79.09 -7.61
CA ILE M 61 -106.24 -80.52 -7.58
C ILE M 61 -106.67 -81.12 -6.25
N ASN M 62 -106.37 -80.44 -5.16
CA ASN M 62 -106.71 -80.92 -3.82
C ASN M 62 -108.21 -81.13 -3.66
N GLN M 63 -108.99 -80.13 -4.05
CA GLN M 63 -110.45 -80.22 -3.92
C GLN M 63 -111.03 -81.34 -4.79
N ASP M 64 -110.54 -81.41 -6.03
CA ASP M 64 -111.00 -82.46 -6.95
C ASP M 64 -110.70 -83.85 -6.41
N MET M 65 -109.50 -84.05 -5.89
CA MET M 65 -109.11 -85.35 -5.35
C MET M 65 -109.84 -85.65 -4.06
N LYS M 66 -110.27 -84.60 -3.35
CA LYS M 66 -111.09 -84.77 -2.17
C LYS M 66 -112.45 -85.35 -2.59
N GLU M 67 -113.02 -84.77 -3.65
CA GLU M 67 -114.29 -85.27 -4.18
C GLU M 67 -114.16 -86.69 -4.70
N ALA M 68 -113.07 -86.97 -5.41
CA ALA M 68 -112.82 -88.32 -5.94
C ALA M 68 -112.72 -89.32 -4.80
N GLU M 69 -112.05 -88.92 -3.72
CA GLU M 69 -111.96 -89.72 -2.51
C GLU M 69 -113.35 -90.01 -1.96
N LYS M 70 -114.19 -88.98 -1.96
CA LYS M 70 -115.57 -89.13 -1.50
C LYS M 70 -116.34 -90.16 -2.34
N ASN M 71 -116.21 -90.08 -3.67
CA ASN M 71 -116.90 -91.00 -4.56
C ASN M 71 -116.41 -92.43 -4.39
N LEU M 72 -115.10 -92.59 -4.23
CA LEU M 72 -114.53 -93.92 -4.03
C LEU M 72 -114.94 -94.52 -2.69
N LYS M 73 -115.12 -93.65 -1.68
CA LYS M 73 -115.59 -94.12 -0.38
C LYS M 73 -117.08 -94.43 -0.41
N ASP M 74 -117.80 -93.78 -1.32
CA ASP M 74 -119.23 -94.02 -1.49
C ASP M 74 -119.48 -95.26 -2.35
N LEU M 75 -118.47 -95.65 -3.12
CA LEU M 75 -118.57 -96.82 -3.98
C LEU M 75 -118.18 -98.10 -3.23
N GLY M 76 -117.18 -97.99 -2.36
CA GLY M 76 -116.71 -99.13 -1.60
C GLY M 76 -117.70 -99.62 -0.55
N MET N 1 -58.68 -27.59 -12.36
CA MET N 1 -59.75 -28.01 -11.45
C MET N 1 -60.93 -28.58 -12.23
N ALA N 2 -60.99 -28.27 -13.53
CA ALA N 2 -62.07 -28.75 -14.35
C ALA N 2 -61.96 -30.26 -14.42
N ARG N 3 -60.75 -30.76 -14.53
CA ARG N 3 -60.53 -32.20 -14.56
C ARG N 3 -61.14 -32.82 -13.29
N GLU N 4 -60.74 -32.25 -12.15
CA GLU N 4 -61.24 -32.70 -10.87
C GLU N 4 -62.74 -32.59 -10.61
N ASN N 5 -63.33 -31.49 -11.06
CA ASN N 5 -64.76 -31.30 -10.86
C ASN N 5 -65.52 -32.27 -11.73
N GLU N 6 -65.14 -32.34 -13.01
CA GLU N 6 -65.83 -33.26 -13.92
C GLU N 6 -65.96 -34.62 -13.24
N MET N 7 -64.82 -35.12 -12.77
CA MET N 7 -64.76 -36.36 -12.00
C MET N 7 -65.66 -36.38 -10.76
N ASP N 8 -65.74 -35.23 -10.10
CA ASP N 8 -66.59 -35.07 -8.93
C ASP N 8 -68.05 -35.33 -9.28
N GLU N 9 -68.52 -34.69 -10.35
CA GLU N 9 -69.88 -34.89 -10.84
C GLU N 9 -70.14 -36.37 -11.11
N ASN N 10 -69.18 -37.00 -11.79
CA ASN N 10 -69.25 -38.43 -12.07
C ASN N 10 -69.45 -39.23 -10.79
N LEU N 11 -68.64 -38.95 -9.78
CA LEU N 11 -68.74 -39.67 -8.51
C LEU N 11 -70.07 -39.42 -7.81
N GLU N 12 -70.64 -38.23 -7.98
CA GLU N 12 -71.94 -37.94 -7.38
C GLU N 12 -73.04 -38.76 -8.05
N GLN N 13 -73.03 -38.79 -9.39
CA GLN N 13 -73.99 -39.59 -10.14
C GLN N 13 -73.87 -41.06 -9.76
N VAL N 14 -72.63 -41.54 -9.67
CA VAL N 14 -72.36 -42.91 -9.26
C VAL N 14 -72.93 -43.16 -7.87
N SER N 15 -72.83 -42.16 -7.00
CA SER N 15 -73.39 -42.27 -5.65
C SER N 15 -74.91 -42.47 -5.69
N GLY N 16 -75.60 -41.60 -6.42
CA GLY N 16 -77.04 -41.70 -6.56
C GLY N 16 -77.48 -43.05 -7.13
N ILE N 17 -76.85 -43.45 -8.23
CA ILE N 17 -77.15 -44.71 -8.88
C ILE N 17 -76.91 -45.87 -7.91
N ILE N 18 -75.86 -45.76 -7.10
CA ILE N 18 -75.54 -46.80 -6.13
C ILE N 18 -76.65 -46.90 -5.07
N GLY N 19 -77.15 -45.75 -4.63
CA GLY N 19 -78.27 -45.74 -3.69
C GLY N 19 -79.50 -46.43 -4.26
N ASN N 20 -79.83 -46.08 -5.50
CA ASN N 20 -80.95 -46.73 -6.18
C ASN N 20 -80.73 -48.23 -6.29
N LEU N 21 -79.51 -48.63 -6.60
CA LEU N 21 -79.13 -50.04 -6.67
C LEU N 21 -79.35 -50.72 -5.32
N ARG N 22 -79.09 -49.99 -4.24
CA ARG N 22 -79.31 -50.51 -2.90
C ARG N 22 -80.79 -50.81 -2.70
N HIS N 23 -81.62 -49.81 -2.95
CA HIS N 23 -83.07 -49.98 -2.83
C HIS N 23 -83.57 -51.19 -3.64
N MET N 24 -83.13 -51.25 -4.90
CA MET N 24 -83.51 -52.32 -5.81
C MET N 24 -83.08 -53.69 -5.28
N ALA N 25 -81.90 -53.74 -4.69
CA ALA N 25 -81.36 -54.98 -4.13
C ALA N 25 -82.20 -55.42 -2.94
N LEU N 26 -82.66 -54.45 -2.14
CA LEU N 26 -83.51 -54.76 -0.99
C LEU N 26 -84.85 -55.34 -1.42
N ASP N 27 -85.53 -54.64 -2.34
CA ASP N 27 -86.81 -55.12 -2.87
C ASP N 27 -86.66 -56.52 -3.48
N MET N 28 -85.63 -56.66 -4.31
CA MET N 28 -85.27 -57.92 -4.93
C MET N 28 -85.17 -59.05 -3.92
N GLY N 29 -84.25 -58.91 -2.97
CA GLY N 29 -84.03 -59.91 -1.94
C GLY N 29 -85.28 -60.27 -1.13
N ASN N 30 -86.02 -59.24 -0.71
CA ASN N 30 -87.25 -59.45 0.06
C ASN N 30 -88.25 -60.30 -0.71
N GLU N 31 -88.52 -59.90 -1.95
CA GLU N 31 -89.49 -60.62 -2.76
C GLU N 31 -89.00 -62.03 -3.06
N ILE N 32 -87.69 -62.20 -3.18
CA ILE N 32 -87.11 -63.52 -3.36
C ILE N 32 -87.41 -64.40 -2.16
N ASP N 33 -87.25 -63.84 -0.96
CA ASP N 33 -87.58 -64.56 0.28
C ASP N 33 -89.04 -65.00 0.31
N THR N 34 -89.94 -64.04 0.09
CA THR N 34 -91.37 -64.33 0.12
C THR N 34 -91.75 -65.41 -0.90
N GLN N 35 -91.16 -65.31 -2.09
CA GLN N 35 -91.42 -66.28 -3.13
C GLN N 35 -90.87 -67.65 -2.73
N ASN N 36 -89.77 -67.67 -1.98
CA ASN N 36 -89.22 -68.93 -1.50
C ASN N 36 -90.16 -69.60 -0.51
N ARG N 37 -90.74 -68.79 0.39
CA ARG N 37 -91.74 -69.31 1.32
C ARG N 37 -92.92 -69.89 0.54
N GLN N 38 -93.36 -69.15 -0.49
CA GLN N 38 -94.47 -69.61 -1.32
C GLN N 38 -94.13 -70.94 -2.01
N ILE N 39 -92.89 -71.08 -2.48
CA ILE N 39 -92.46 -72.31 -3.15
C ILE N 39 -92.49 -73.46 -2.16
N ASP N 40 -92.05 -73.20 -0.92
CA ASP N 40 -92.13 -74.21 0.14
C ASP N 40 -93.57 -74.69 0.29
N ARG N 41 -94.50 -73.73 0.38
CA ARG N 41 -95.92 -74.04 0.45
C ARG N 41 -96.36 -74.92 -0.73
N ILE N 42 -95.91 -74.56 -1.93
CA ILE N 42 -96.27 -75.27 -3.15
C ILE N 42 -95.81 -76.72 -3.08
N MET N 43 -94.59 -76.94 -2.60
CA MET N 43 -94.06 -78.30 -2.53
C MET N 43 -94.78 -79.12 -1.45
N GLU N 44 -95.18 -78.46 -0.37
CA GLU N 44 -95.98 -79.13 0.65
C GLU N 44 -97.31 -79.63 0.06
N LYS N 45 -98.03 -78.72 -0.59
CA LYS N 45 -99.31 -79.07 -1.21
C LYS N 45 -99.15 -80.13 -2.30
N ALA N 46 -98.08 -80.02 -3.07
CA ALA N 46 -97.83 -80.92 -4.19
C ALA N 46 -97.51 -82.33 -3.70
N ASP N 47 -96.77 -82.43 -2.60
CA ASP N 47 -96.49 -83.73 -2.01
C ASP N 47 -97.78 -84.32 -1.43
N SER N 48 -98.58 -83.46 -0.79
CA SER N 48 -99.87 -83.87 -0.26
C SER N 48 -100.76 -84.49 -1.34
N ASN N 49 -100.87 -83.80 -2.47
CA ASN N 49 -101.69 -84.27 -3.58
C ASN N 49 -101.07 -85.49 -4.26
N LYS N 50 -99.75 -85.60 -4.21
CA LYS N 50 -99.06 -86.76 -4.76
C LYS N 50 -99.46 -88.01 -3.97
N THR N 51 -99.40 -87.90 -2.65
CA THR N 51 -99.83 -88.99 -1.78
C THR N 51 -101.30 -89.31 -2.00
N ARG N 52 -102.12 -88.25 -2.02
CA ARG N 52 -103.56 -88.37 -2.26
C ARG N 52 -103.87 -89.18 -3.52
N ILE N 53 -103.19 -88.85 -4.61
CA ILE N 53 -103.49 -89.44 -5.90
C ILE N 53 -102.89 -90.84 -6.01
N ASP N 54 -101.80 -91.10 -5.30
CA ASP N 54 -101.22 -92.44 -5.29
C ASP N 54 -102.14 -93.40 -4.55
N GLU N 55 -102.56 -93.00 -3.35
CA GLU N 55 -103.47 -93.81 -2.56
C GLU N 55 -104.81 -94.00 -3.27
N ALA N 56 -105.32 -92.93 -3.86
CA ALA N 56 -106.59 -92.98 -4.58
C ALA N 56 -106.49 -93.89 -5.80
N ASN N 57 -105.37 -93.84 -6.50
CA ASN N 57 -105.18 -94.70 -7.67
C ASN N 57 -105.10 -96.16 -7.26
N GLN N 58 -104.42 -96.42 -6.15
CA GLN N 58 -104.31 -97.79 -5.64
C GLN N 58 -105.68 -98.33 -5.25
N ARG N 59 -106.46 -97.51 -4.55
CA ARG N 59 -107.80 -97.90 -4.12
C ARG N 59 -108.73 -98.09 -5.32
N ALA N 60 -108.54 -97.29 -6.36
CA ALA N 60 -109.36 -97.36 -7.56
C ALA N 60 -109.06 -98.63 -8.35
N THR N 61 -107.79 -98.95 -8.51
CA THR N 61 -107.39 -100.15 -9.23
C THR N 61 -107.64 -101.40 -8.40
N LYS N 62 -107.84 -101.21 -7.10
CA LYS N 62 -108.16 -102.31 -6.19
C LYS N 62 -109.52 -102.94 -6.51
N MET N 63 -110.46 -102.10 -6.94
CA MET N 63 -111.80 -102.56 -7.25
C MET N 63 -111.94 -102.97 -8.71
N LEU N 64 -110.83 -103.46 -9.27
CA LEU N 64 -110.81 -103.89 -10.66
C LEU N 64 -110.25 -105.30 -10.78
N SER O 2 -83.58 -52.82 15.59
CA SER O 2 -83.03 -51.76 14.74
C SER O 2 -81.74 -52.21 14.06
N ASN O 3 -81.86 -52.73 12.85
CA ASN O 3 -80.72 -53.24 12.10
C ASN O 3 -79.80 -52.11 11.63
N ARG O 4 -80.35 -50.90 11.58
CA ARG O 4 -79.61 -49.73 11.12
C ARG O 4 -78.37 -49.48 11.97
N ARG O 5 -78.52 -49.56 13.28
CA ARG O 5 -77.41 -49.33 14.20
C ARG O 5 -76.38 -50.44 14.12
N LEU O 6 -76.85 -51.69 13.98
CA LEU O 6 -75.98 -52.84 13.85
C LEU O 6 -75.10 -52.70 12.61
N GLN O 7 -75.72 -52.44 11.46
CA GLN O 7 -75.02 -52.32 10.20
C GLN O 7 -74.13 -51.09 10.16
N GLN O 8 -74.57 -50.02 10.81
CA GLN O 8 -73.79 -48.77 10.87
C GLN O 8 -72.51 -48.99 11.68
N THR O 9 -72.66 -49.61 12.85
CA THR O 9 -71.52 -49.97 13.68
C THR O 9 -70.58 -50.89 12.93
N GLN O 10 -71.15 -51.83 12.20
CA GLN O 10 -70.37 -52.74 11.35
C GLN O 10 -69.53 -51.95 10.34
N ALA O 11 -70.15 -50.96 9.70
CA ALA O 11 -69.45 -50.12 8.73
C ALA O 11 -68.31 -49.34 9.39
N GLN O 12 -68.56 -48.85 10.60
CA GLN O 12 -67.53 -48.19 11.38
C GLN O 12 -66.33 -49.11 11.61
N VAL O 13 -66.61 -50.32 12.07
CA VAL O 13 -65.58 -51.32 12.32
C VAL O 13 -64.78 -51.62 11.07
N ASP O 14 -65.47 -51.84 9.96
CA ASP O 14 -64.81 -52.08 8.68
C ASP O 14 -63.88 -50.94 8.30
N GLU O 15 -64.36 -49.71 8.46
CA GLU O 15 -63.57 -48.52 8.16
C GLU O 15 -62.29 -48.49 8.99
N VAL O 16 -62.45 -48.67 10.30
CA VAL O 16 -61.31 -48.63 11.22
C VAL O 16 -60.30 -49.74 10.88
N VAL O 17 -60.82 -50.89 10.46
CA VAL O 17 -59.96 -51.99 10.02
C VAL O 17 -59.14 -51.55 8.81
N ASP O 18 -59.82 -50.98 7.83
CA ASP O 18 -59.17 -50.50 6.61
C ASP O 18 -58.10 -49.44 6.91
N ILE O 19 -58.32 -48.66 7.96
CA ILE O 19 -57.31 -47.71 8.41
C ILE O 19 -56.12 -48.46 8.98
N MET O 20 -56.43 -49.38 9.89
CA MET O 20 -55.41 -50.02 10.70
C MET O 20 -54.47 -50.94 9.92
N ARG O 21 -54.98 -51.61 8.89
CA ARG O 21 -54.12 -52.50 8.11
C ARG O 21 -53.07 -51.68 7.33
N VAL O 22 -53.50 -50.54 6.79
CA VAL O 22 -52.62 -49.61 6.10
C VAL O 22 -51.58 -49.07 7.08
N ASN O 23 -52.05 -48.68 8.26
CA ASN O 23 -51.14 -48.21 9.31
C ASN O 23 -50.08 -49.27 9.62
N VAL O 24 -50.50 -50.53 9.70
CA VAL O 24 -49.61 -51.63 10.01
C VAL O 24 -48.55 -51.80 8.93
N ASP O 25 -48.98 -51.75 7.66
CA ASP O 25 -48.03 -51.86 6.56
C ASP O 25 -46.99 -50.73 6.60
N LYS O 26 -47.48 -49.51 6.85
CA LYS O 26 -46.59 -48.36 6.99
C LYS O 26 -45.60 -48.55 8.15
N VAL O 27 -46.06 -49.19 9.21
CA VAL O 27 -45.21 -49.51 10.35
C VAL O 27 -44.12 -50.50 9.94
N LEU O 28 -44.48 -51.49 9.13
CA LEU O 28 -43.49 -52.45 8.62
C LEU O 28 -42.41 -51.73 7.81
N GLU O 29 -42.85 -50.80 6.95
CA GLU O 29 -41.92 -49.98 6.19
C GLU O 29 -40.98 -49.22 7.13
N ARG O 30 -41.55 -48.69 8.20
CA ARG O 30 -40.78 -48.02 9.25
C ARG O 30 -39.74 -48.97 9.85
N ASP O 31 -40.10 -50.25 9.99
CA ASP O 31 -39.18 -51.25 10.53
C ASP O 31 -38.00 -51.45 9.58
N GLN O 32 -38.30 -51.51 8.29
CA GLN O 32 -37.24 -51.62 7.29
C GLN O 32 -36.27 -50.44 7.38
N LYS O 33 -36.84 -49.23 7.29
CA LYS O 33 -36.05 -48.00 7.33
C LYS O 33 -35.19 -47.91 8.59
N LEU O 34 -35.78 -48.31 9.72
CA LEU O 34 -35.07 -48.30 11.00
C LEU O 34 -33.93 -49.30 11.02
N SER O 35 -34.15 -50.48 10.44
CA SER O 35 -33.11 -51.51 10.39
C SER O 35 -31.91 -51.02 9.58
N GLU O 36 -32.20 -50.52 8.38
CA GLU O 36 -31.14 -50.00 7.52
C GLU O 36 -30.40 -48.84 8.19
N LEU O 37 -31.16 -48.00 8.90
CA LEU O 37 -30.56 -46.90 9.64
C LEU O 37 -29.65 -47.42 10.75
N ASP O 38 -30.01 -48.56 11.33
CA ASP O 38 -29.21 -49.17 12.38
C ASP O 38 -27.86 -49.62 11.81
N ASP O 39 -27.91 -50.34 10.70
CA ASP O 39 -26.68 -50.78 10.05
C ASP O 39 -25.79 -49.59 9.68
N ARG O 40 -26.42 -48.59 9.08
CA ARG O 40 -25.73 -47.36 8.66
C ARG O 40 -25.08 -46.65 9.84
N ALA O 41 -25.75 -46.67 10.99
CA ALA O 41 -25.25 -46.01 12.19
C ALA O 41 -24.06 -46.77 12.77
N ASP O 42 -24.13 -48.09 12.75
CA ASP O 42 -23.01 -48.91 13.21
C ASP O 42 -21.77 -48.64 12.36
N ALA O 43 -21.95 -48.68 11.04
CA ALA O 43 -20.84 -48.38 10.12
C ALA O 43 -20.31 -46.96 10.36
N LEU O 44 -21.23 -46.03 10.60
CA LEU O 44 -20.88 -44.64 10.84
C LEU O 44 -19.98 -44.48 12.08
N GLN O 45 -20.36 -45.12 13.18
CA GLN O 45 -19.57 -44.98 14.41
C GLN O 45 -18.24 -45.74 14.29
N ALA O 46 -18.22 -46.80 13.50
CA ALA O 46 -16.97 -47.50 13.23
C ALA O 46 -15.97 -46.58 12.51
N GLY O 47 -16.42 -46.00 11.41
CA GLY O 47 -15.62 -45.03 10.68
C GLY O 47 -15.22 -43.85 11.54
N ALA O 48 -16.10 -43.48 12.46
CA ALA O 48 -15.85 -42.39 13.40
C ALA O 48 -14.68 -42.72 14.31
N SER O 49 -14.67 -43.94 14.85
CA SER O 49 -13.58 -44.37 15.72
C SER O 49 -12.27 -44.43 14.96
N GLN O 50 -12.30 -44.99 13.75
CA GLN O 50 -11.10 -45.06 12.93
C GLN O 50 -10.52 -43.66 12.66
N PHE O 51 -11.39 -42.75 12.26
CA PHE O 51 -10.99 -41.38 11.98
C PHE O 51 -10.46 -40.70 13.24
N GLU O 52 -11.03 -41.05 14.39
CA GLU O 52 -10.56 -40.50 15.66
C GLU O 52 -9.13 -40.94 15.93
N THR O 53 -8.86 -42.22 15.71
CA THR O 53 -7.52 -42.76 15.87
C THR O 53 -6.52 -42.07 14.94
N SER O 54 -6.87 -41.99 13.67
CA SER O 54 -6.01 -41.32 12.70
C SER O 54 -5.76 -39.86 13.09
N ALA O 55 -6.79 -39.21 13.63
CA ALA O 55 -6.68 -37.83 14.07
C ALA O 55 -5.73 -37.71 15.25
N ALA O 56 -5.74 -38.72 16.12
CA ALA O 56 -4.81 -38.76 17.24
C ALA O 56 -3.38 -38.85 16.74
N LYS O 57 -3.15 -39.75 15.79
CA LYS O 57 -1.82 -39.88 15.18
C LYS O 57 -1.36 -38.56 14.56
N LEU O 58 -2.25 -37.92 13.80
CA LEU O 58 -1.92 -36.70 13.10
C LEU O 58 -1.64 -35.55 14.07
N LYS O 59 -2.37 -35.50 15.18
CA LYS O 59 -2.12 -34.49 16.20
C LYS O 59 -0.77 -34.73 16.86
N ARG O 60 -0.46 -36.01 17.07
CA ARG O 60 0.82 -36.38 17.66
C ARG O 60 1.95 -36.29 16.64
N LYS O 61 1.62 -35.91 15.41
CA LYS O 61 2.62 -35.73 14.37
C LYS O 61 2.90 -34.26 14.08
N TYR O 62 1.85 -33.48 13.83
CA TYR O 62 2.01 -32.10 13.37
C TYR O 62 1.93 -31.05 14.46
N TRP O 63 2.08 -31.46 15.72
CA TRP O 63 2.13 -30.52 16.82
C TRP O 63 3.27 -30.86 17.77
N MET P 1 -91.74 -60.50 14.25
CA MET P 1 -90.55 -61.17 13.76
C MET P 1 -90.75 -62.69 13.75
N ALA P 2 -89.63 -63.42 13.72
CA ALA P 2 -89.65 -64.88 13.72
C ALA P 2 -88.27 -65.42 14.05
N LEU P 3 -88.04 -66.70 13.81
CA LEU P 3 -86.74 -67.30 14.05
C LEU P 3 -85.73 -66.86 12.98
N SER P 4 -86.24 -66.53 11.80
CA SER P 4 -85.37 -66.07 10.73
C SER P 4 -84.73 -64.75 11.10
N GLU P 5 -85.53 -63.83 11.63
CA GLU P 5 -85.06 -62.50 12.02
C GLU P 5 -84.03 -62.59 13.14
N ILE P 6 -84.31 -63.44 14.12
CA ILE P 6 -83.41 -63.64 15.25
C ILE P 6 -82.12 -64.30 14.79
N GLU P 7 -82.23 -65.25 13.88
CA GLU P 7 -81.06 -65.95 13.35
C GLU P 7 -80.15 -65.01 12.57
N THR P 8 -80.74 -64.18 11.72
CA THR P 8 -79.97 -63.21 10.94
C THR P 8 -79.33 -62.18 11.87
N ARG P 9 -80.09 -61.77 12.88
CA ARG P 9 -79.57 -60.86 13.90
C ARG P 9 -78.32 -61.44 14.54
N HIS P 10 -78.43 -62.68 14.99
CA HIS P 10 -77.35 -63.41 15.64
C HIS P 10 -76.13 -63.54 14.71
N SER P 11 -76.40 -63.85 13.45
CA SER P 11 -75.34 -64.00 12.45
C SER P 11 -74.56 -62.71 12.24
N GLU P 12 -75.28 -61.62 11.99
CA GLU P 12 -74.66 -60.32 11.76
C GLU P 12 -73.89 -59.88 13.01
N ILE P 13 -74.42 -60.21 14.18
CA ILE P 13 -73.75 -59.88 15.44
C ILE P 13 -72.42 -60.64 15.56
N ILE P 14 -72.43 -61.94 15.26
CA ILE P 14 -71.21 -62.73 15.29
C ILE P 14 -70.19 -62.16 14.30
N LYS P 15 -70.67 -61.80 13.10
CA LYS P 15 -69.83 -61.14 12.10
C LYS P 15 -69.15 -59.91 12.68
N LEU P 16 -69.94 -59.09 13.38
CA LEU P 16 -69.41 -57.90 14.04
C LEU P 16 -68.34 -58.28 15.06
N GLU P 17 -68.57 -59.33 15.82
CA GLU P 17 -67.60 -59.78 16.83
C GLU P 17 -66.28 -60.20 16.19
N ASN P 18 -66.37 -60.86 15.05
CA ASN P 18 -65.15 -61.30 14.35
C ASN P 18 -64.38 -60.12 13.76
N SER P 19 -65.10 -59.17 13.17
CA SER P 19 -64.46 -57.96 12.65
C SER P 19 -63.76 -57.22 13.79
N ILE P 20 -64.46 -57.09 14.92
CA ILE P 20 -63.92 -56.49 16.12
C ILE P 20 -62.64 -57.20 16.54
N ARG P 21 -62.67 -58.53 16.53
CA ARG P 21 -61.52 -59.32 16.94
C ARG P 21 -60.32 -59.07 16.04
N GLU P 22 -60.56 -59.00 14.73
CA GLU P 22 -59.49 -58.70 13.79
C GLU P 22 -58.89 -57.31 14.07
N LEU P 23 -59.76 -56.34 14.34
CA LEU P 23 -59.31 -55.00 14.72
C LEU P 23 -58.39 -55.06 15.94
N HIS P 24 -58.84 -55.79 16.95
CA HIS P 24 -58.08 -56.02 18.18
C HIS P 24 -56.68 -56.56 17.87
N ASP P 25 -56.63 -57.67 17.16
CA ASP P 25 -55.36 -58.30 16.83
C ASP P 25 -54.45 -57.34 16.08
N MET P 26 -55.03 -56.53 15.19
CA MET P 26 -54.27 -55.51 14.48
C MET P 26 -53.64 -54.52 15.44
N PHE P 27 -54.41 -54.07 16.43
CA PHE P 27 -53.87 -53.14 17.42
C PHE P 27 -52.73 -53.78 18.23
N MET P 28 -52.92 -55.05 18.59
CA MET P 28 -51.89 -55.77 19.34
C MET P 28 -50.59 -55.85 18.56
N ASP P 29 -50.67 -56.29 17.31
CA ASP P 29 -49.51 -56.35 16.42
C ASP P 29 -48.87 -54.98 16.31
N MET P 30 -49.71 -53.95 16.16
CA MET P 30 -49.23 -52.57 16.12
C MET P 30 -48.32 -52.26 17.30
N ALA P 31 -48.86 -52.40 18.51
CA ALA P 31 -48.09 -52.15 19.74
C ALA P 31 -46.78 -52.93 19.76
N MET P 32 -46.87 -54.20 19.38
CA MET P 32 -45.69 -55.07 19.32
C MET P 32 -44.57 -54.51 18.43
N LEU P 33 -44.91 -54.29 17.16
CA LEU P 33 -43.96 -53.78 16.18
C LEU P 33 -43.35 -52.46 16.65
N VAL P 34 -44.21 -51.56 17.11
CA VAL P 34 -43.73 -50.26 17.57
C VAL P 34 -42.74 -50.42 18.73
N GLU P 35 -43.00 -51.38 19.61
CA GLU P 35 -42.08 -51.63 20.73
C GLU P 35 -40.71 -52.14 20.27
N SER P 36 -40.71 -53.18 19.46
CA SER P 36 -39.47 -53.74 18.94
C SER P 36 -38.64 -52.69 18.20
N GLN P 37 -39.32 -51.93 17.32
CA GLN P 37 -38.69 -50.83 16.63
C GLN P 37 -38.15 -49.80 17.62
N GLY P 38 -38.83 -49.66 18.75
CA GLY P 38 -38.35 -48.81 19.82
C GLY P 38 -36.99 -49.24 20.32
N GLU P 39 -36.83 -50.54 20.56
CA GLU P 39 -35.53 -51.07 20.97
C GLU P 39 -34.46 -50.81 19.89
N MET P 40 -34.86 -51.02 18.63
CA MET P 40 -33.98 -50.73 17.50
C MET P 40 -33.48 -49.28 17.54
N ILE P 41 -34.40 -48.36 17.81
CA ILE P 41 -34.07 -46.94 17.91
C ILE P 41 -33.14 -46.69 19.09
N ASP P 42 -33.35 -47.42 20.18
CA ASP P 42 -32.44 -47.34 21.32
C ASP P 42 -31.00 -47.59 20.86
N ARG P 43 -30.77 -48.73 20.21
CA ARG P 43 -29.40 -49.05 19.82
C ARG P 43 -28.86 -48.10 18.75
N ILE P 44 -29.74 -47.61 17.88
CA ILE P 44 -29.34 -46.61 16.88
C ILE P 44 -28.79 -45.37 17.57
N GLU P 45 -29.57 -44.81 18.50
CA GLU P 45 -29.17 -43.61 19.21
C GLU P 45 -27.87 -43.84 19.98
N TYR P 46 -27.70 -45.05 20.51
CA TYR P 46 -26.45 -45.42 21.16
C TYR P 46 -25.26 -45.25 20.21
N ASN P 47 -25.31 -45.97 19.08
CA ASN P 47 -24.24 -45.89 18.09
C ASN P 47 -23.98 -44.46 17.63
N VAL P 48 -25.06 -43.69 17.46
CA VAL P 48 -24.94 -42.31 17.01
C VAL P 48 -24.20 -41.46 18.02
N GLU P 49 -24.56 -41.58 19.30
CA GLU P 49 -23.91 -40.79 20.34
C GLU P 49 -22.43 -41.15 20.44
N HIS P 50 -22.12 -42.44 20.35
CA HIS P 50 -20.72 -42.87 20.33
C HIS P 50 -19.98 -42.22 19.16
N ALA P 51 -20.60 -42.25 17.98
CA ALA P 51 -20.03 -41.63 16.78
C ALA P 51 -19.77 -40.15 17.00
N VAL P 52 -20.71 -39.46 17.64
CA VAL P 52 -20.58 -38.04 17.94
C VAL P 52 -19.36 -37.80 18.81
N ASP P 53 -19.20 -38.60 19.85
CA ASP P 53 -18.04 -38.46 20.73
C ASP P 53 -16.74 -38.61 19.95
N TYR P 54 -16.64 -39.70 19.20
CA TYR P 54 -15.44 -39.97 18.40
C TYR P 54 -15.12 -38.81 17.45
N VAL P 55 -16.14 -38.33 16.75
CA VAL P 55 -15.99 -37.23 15.81
C VAL P 55 -15.50 -35.97 16.51
N GLU P 56 -16.11 -35.66 17.66
CA GLU P 56 -15.73 -34.48 18.43
C GLU P 56 -14.26 -34.51 18.84
N ARG P 57 -13.84 -35.64 19.42
CA ARG P 57 -12.45 -35.77 19.84
C ARG P 57 -11.49 -35.67 18.65
N ALA P 58 -11.86 -36.31 17.54
CA ALA P 58 -11.06 -36.25 16.32
C ALA P 58 -10.89 -34.82 15.83
N VAL P 59 -11.99 -34.08 15.81
CA VAL P 59 -12.00 -32.69 15.37
C VAL P 59 -11.11 -31.83 16.26
N SER P 60 -11.22 -32.03 17.58
CA SER P 60 -10.35 -31.32 18.51
C SER P 60 -8.88 -31.58 18.19
N ASP P 61 -8.54 -32.86 17.98
CA ASP P 61 -7.16 -33.24 17.71
C ASP P 61 -6.62 -32.62 16.43
N THR P 62 -7.40 -32.68 15.34
CA THR P 62 -6.95 -32.09 14.08
C THR P 62 -6.83 -30.57 14.21
N LYS P 63 -7.79 -29.97 14.91
CA LYS P 63 -7.80 -28.52 15.13
C LYS P 63 -6.57 -28.07 15.89
N LYS P 64 -6.11 -28.90 16.82
CA LYS P 64 -4.88 -28.59 17.54
C LYS P 64 -3.64 -28.94 16.71
N ALA P 65 -3.83 -29.82 15.74
CA ALA P 65 -2.72 -30.29 14.90
C ALA P 65 -2.33 -29.28 13.83
N VAL P 66 -3.32 -28.65 13.22
CA VAL P 66 -3.08 -27.75 12.10
C VAL P 66 -2.32 -26.50 12.54
N LYS P 67 -2.69 -25.96 13.70
CA LYS P 67 -2.11 -24.71 14.18
C LYS P 67 -0.78 -24.94 14.88
N GLU Q 4 -91.66 -79.17 19.78
CA GLU Q 4 -91.24 -78.29 18.69
C GLU Q 4 -91.35 -76.83 19.09
N LEU Q 5 -92.47 -76.47 19.70
CA LEU Q 5 -92.73 -75.08 20.07
C LEU Q 5 -91.87 -74.66 21.26
N GLU Q 6 -91.88 -75.45 22.32
CA GLU Q 6 -91.07 -75.18 23.50
C GLU Q 6 -89.60 -75.04 23.14
N GLU Q 7 -89.11 -75.99 22.33
CA GLU Q 7 -87.74 -75.97 21.86
C GLU Q 7 -87.45 -74.73 21.01
N MET Q 8 -88.50 -74.23 20.35
CA MET Q 8 -88.37 -73.04 19.52
C MET Q 8 -88.22 -71.77 20.35
N GLN Q 9 -89.09 -71.62 21.35
CA GLN Q 9 -89.00 -70.48 22.26
C GLN Q 9 -87.66 -70.49 22.99
N ARG Q 10 -87.29 -71.64 23.52
CA ARG Q 10 -86.01 -71.81 24.19
C ARG Q 10 -84.86 -71.50 23.24
N ARG Q 11 -85.03 -71.85 21.97
CA ARG Q 11 -84.02 -71.56 20.95
C ARG Q 11 -83.87 -70.05 20.78
N ALA Q 12 -84.99 -69.34 20.71
CA ALA Q 12 -84.98 -67.89 20.55
C ALA Q 12 -84.28 -67.21 21.72
N ASP Q 13 -84.70 -67.55 22.94
CA ASP Q 13 -84.07 -67.00 24.14
C ASP Q 13 -82.58 -67.33 24.18
N GLN Q 14 -82.24 -68.53 23.74
CA GLN Q 14 -80.85 -68.97 23.62
C GLN Q 14 -80.05 -68.02 22.73
N LEU Q 15 -80.57 -67.77 21.53
CA LEU Q 15 -79.91 -66.87 20.59
C LEU Q 15 -79.77 -65.47 21.19
N ALA Q 16 -80.78 -65.05 21.95
CA ALA Q 16 -80.74 -63.75 22.63
C ALA Q 16 -79.55 -63.68 23.60
N ASP Q 17 -79.45 -64.69 24.47
CA ASP Q 17 -78.36 -64.75 25.44
C ASP Q 17 -77.00 -64.78 24.75
N GLU Q 18 -76.87 -65.62 23.73
CA GLU Q 18 -75.64 -65.76 22.97
C GLU Q 18 -75.20 -64.42 22.37
N SER Q 19 -76.13 -63.72 21.73
CA SER Q 19 -75.85 -62.41 21.16
C SER Q 19 -75.43 -61.42 22.27
N LEU Q 20 -76.09 -61.50 23.41
CA LEU Q 20 -75.76 -60.62 24.54
C LEU Q 20 -74.32 -60.79 24.98
N GLU Q 21 -73.96 -62.01 25.39
CA GLU Q 21 -72.61 -62.29 25.85
C GLU Q 21 -71.60 -62.00 24.74
N SER Q 22 -72.01 -62.16 23.49
CA SER Q 22 -71.16 -61.80 22.36
C SER Q 22 -70.83 -60.32 22.40
N THR Q 23 -71.85 -59.49 22.60
CA THR Q 23 -71.65 -58.05 22.69
C THR Q 23 -70.74 -57.69 23.87
N ARG Q 24 -70.90 -58.42 24.96
CA ARG Q 24 -70.00 -58.22 26.10
C ARG Q 24 -68.54 -58.50 25.71
N ARG Q 25 -68.34 -59.60 24.99
CA ARG Q 25 -67.02 -59.94 24.46
C ARG Q 25 -66.48 -58.81 23.59
N MET Q 26 -67.36 -58.22 22.78
CA MET Q 26 -66.99 -57.09 21.94
C MET Q 26 -66.49 -55.94 22.79
N LEU Q 27 -67.23 -55.60 23.84
CA LEU Q 27 -66.84 -54.51 24.73
C LEU Q 27 -65.45 -54.76 25.32
N GLN Q 28 -65.22 -55.97 25.80
CA GLN Q 28 -63.90 -56.32 26.31
C GLN Q 28 -62.81 -56.14 25.25
N LEU Q 29 -63.07 -56.63 24.05
CA LEU Q 29 -62.10 -56.59 22.96
C LEU Q 29 -61.75 -55.16 22.54
N VAL Q 30 -62.76 -54.29 22.45
CA VAL Q 30 -62.52 -52.91 22.06
C VAL Q 30 -61.86 -52.15 23.21
N GLU Q 31 -62.02 -52.64 24.44
CA GLU Q 31 -61.29 -52.07 25.56
C GLU Q 31 -59.79 -52.39 25.47
N GLU Q 32 -59.47 -53.66 25.25
CA GLU Q 32 -58.08 -54.07 25.06
C GLU Q 32 -57.46 -53.30 23.89
N SER Q 33 -58.22 -53.20 22.80
CA SER Q 33 -57.79 -52.45 21.63
C SER Q 33 -57.48 -51.00 22.00
N LYS Q 34 -58.41 -50.40 22.74
CA LYS Q 34 -58.27 -49.02 23.22
C LYS Q 34 -56.94 -48.82 23.95
N ASP Q 35 -56.70 -49.63 24.98
CA ASP Q 35 -55.47 -49.51 25.77
C ASP Q 35 -54.21 -49.74 24.94
N ALA Q 36 -54.23 -50.78 24.11
CA ALA Q 36 -53.11 -51.08 23.23
C ALA Q 36 -52.78 -49.88 22.34
N GLY Q 37 -53.83 -49.25 21.82
CA GLY Q 37 -53.68 -48.03 21.03
C GLY Q 37 -53.04 -46.90 21.82
N ILE Q 38 -53.51 -46.69 23.05
CA ILE Q 38 -52.96 -45.63 23.88
C ILE Q 38 -51.46 -45.82 24.09
N ARG Q 39 -51.07 -47.01 24.56
CA ARG Q 39 -49.66 -47.25 24.83
C ARG Q 39 -48.85 -47.18 23.54
N THR Q 40 -49.47 -47.54 22.42
CA THR Q 40 -48.83 -47.41 21.12
C THR Q 40 -48.48 -45.95 20.84
N LEU Q 41 -49.45 -45.07 21.05
CA LEU Q 41 -49.23 -43.64 20.87
C LEU Q 41 -48.11 -43.12 21.78
N VAL Q 42 -48.12 -43.58 23.03
CA VAL Q 42 -47.07 -43.20 23.98
C VAL Q 42 -45.70 -43.56 23.42
N MET Q 43 -45.58 -44.81 22.99
CA MET Q 43 -44.34 -45.29 22.37
C MET Q 43 -43.95 -44.41 21.19
N LEU Q 44 -44.94 -44.00 20.40
CA LEU Q 44 -44.68 -43.15 19.24
C LEU Q 44 -44.10 -41.79 19.66
N ASP Q 45 -44.62 -41.23 20.74
CA ASP Q 45 -44.08 -39.96 21.24
C ASP Q 45 -42.63 -40.13 21.69
N GLU Q 46 -42.40 -41.14 22.53
CA GLU Q 46 -41.05 -41.40 23.04
C GLU Q 46 -40.04 -41.58 21.90
N GLN Q 47 -40.32 -42.54 21.03
CA GLN Q 47 -39.46 -42.83 19.89
C GLN Q 47 -39.31 -41.62 18.97
N GLY Q 48 -40.34 -40.78 18.93
CA GLY Q 48 -40.29 -39.56 18.15
C GLY Q 48 -39.24 -38.59 18.68
N GLU Q 49 -39.29 -38.33 19.98
CA GLU Q 49 -38.30 -37.48 20.61
C GLU Q 49 -36.89 -38.06 20.45
N GLN Q 50 -36.79 -39.39 20.54
CA GLN Q 50 -35.52 -40.05 20.31
C GLN Q 50 -35.01 -39.79 18.89
N LEU Q 51 -35.90 -39.84 17.92
CA LEU Q 51 -35.54 -39.55 16.53
C LEU Q 51 -35.07 -38.11 16.37
N ASP Q 52 -35.71 -37.19 17.09
CA ASP Q 52 -35.28 -35.79 17.09
C ASP Q 52 -33.85 -35.65 17.62
N ARG Q 53 -33.57 -36.31 18.73
CA ARG Q 53 -32.23 -36.30 19.30
C ARG Q 53 -31.23 -36.88 18.29
N VAL Q 54 -31.65 -37.91 17.57
CA VAL Q 54 -30.81 -38.51 16.53
C VAL Q 54 -30.50 -37.47 15.44
N GLU Q 55 -31.52 -36.70 15.06
CA GLU Q 55 -31.34 -35.68 14.03
C GLU Q 55 -30.36 -34.61 14.47
N GLU Q 56 -30.51 -34.13 15.71
CA GLU Q 56 -29.58 -33.15 16.26
C GLU Q 56 -28.16 -33.72 16.26
N GLY Q 57 -28.05 -35.00 16.60
CA GLY Q 57 -26.78 -35.70 16.55
C GLY Q 57 -26.16 -35.63 15.16
N MET Q 58 -26.96 -35.95 14.15
CA MET Q 58 -26.50 -35.92 12.77
C MET Q 58 -26.03 -34.52 12.35
N ASN Q 59 -26.80 -33.50 12.73
CA ASN Q 59 -26.44 -32.12 12.41
C ASN Q 59 -25.09 -31.75 13.03
N HIS Q 60 -24.93 -32.08 14.31
CA HIS Q 60 -23.68 -31.83 15.02
C HIS Q 60 -22.50 -32.52 14.32
N ILE Q 61 -22.71 -33.78 13.95
CA ILE Q 61 -21.69 -34.54 13.23
C ILE Q 61 -21.31 -33.83 11.95
N ASN Q 62 -22.32 -33.36 11.20
CA ASN Q 62 -22.09 -32.67 9.94
C ASN Q 62 -21.23 -31.42 10.12
N GLN Q 63 -21.59 -30.60 11.09
CA GLN Q 63 -20.84 -29.36 11.33
C GLN Q 63 -19.40 -29.65 11.77
N ASP Q 64 -19.25 -30.61 12.68
CA ASP Q 64 -17.94 -30.99 13.16
C ASP Q 64 -17.04 -31.49 12.03
N MET Q 65 -17.60 -32.33 11.17
CA MET Q 65 -16.83 -32.87 10.05
C MET Q 65 -16.56 -31.81 9.00
N LYS Q 66 -17.40 -30.79 8.95
CA LYS Q 66 -17.17 -29.65 8.08
C LYS Q 66 -15.93 -28.90 8.57
N GLU Q 67 -15.86 -28.68 9.87
CA GLU Q 67 -14.70 -28.04 10.48
C GLU Q 67 -13.43 -28.86 10.29
N ALA Q 68 -13.53 -30.18 10.50
CA ALA Q 68 -12.40 -31.08 10.32
C ALA Q 68 -11.90 -31.01 8.88
N GLU Q 69 -12.85 -30.96 7.94
CA GLU Q 69 -12.52 -30.80 6.52
C GLU Q 69 -11.75 -29.51 6.30
N LYS Q 70 -12.20 -28.44 6.97
CA LYS Q 70 -11.53 -27.16 6.89
C LYS Q 70 -10.08 -27.24 7.39
N ASN Q 71 -9.88 -27.89 8.54
CA ASN Q 71 -8.54 -28.01 9.11
C ASN Q 71 -7.62 -28.85 8.22
N LEU Q 72 -8.16 -29.93 7.66
CA LEU Q 72 -7.37 -30.79 6.77
C LEU Q 72 -7.03 -30.07 5.47
N LYS Q 73 -7.91 -29.18 5.01
CA LYS Q 73 -7.63 -28.39 3.81
C LYS Q 73 -6.64 -27.26 4.12
N ASP Q 74 -6.60 -26.84 5.38
CA ASP Q 74 -5.67 -25.80 5.82
C ASP Q 74 -4.29 -26.40 6.10
N LEU Q 75 -4.25 -27.71 6.32
CA LEU Q 75 -3.00 -28.40 6.60
C LEU Q 75 -2.31 -28.85 5.32
N GLY Q 76 -3.11 -29.26 4.34
CA GLY Q 76 -2.59 -29.73 3.06
C GLY Q 76 -1.96 -28.62 2.23
N MET R 1 -87.75 -57.77 26.71
CA MET R 1 -87.12 -56.64 26.05
C MET R 1 -85.88 -56.19 26.81
N ALA R 2 -85.77 -56.60 28.07
CA ALA R 2 -84.64 -56.22 28.88
C ALA R 2 -83.40 -56.86 28.26
N ARG R 3 -83.55 -58.11 27.81
CA ARG R 3 -82.43 -58.78 27.17
C ARG R 3 -81.96 -57.96 25.99
N GLU R 4 -82.91 -57.60 25.13
CA GLU R 4 -82.62 -56.78 23.96
C GLU R 4 -82.06 -55.39 24.20
N ASN R 5 -82.57 -54.70 25.21
CA ASN R 5 -82.10 -53.36 25.51
C ASN R 5 -80.69 -53.45 26.06
N GLU R 6 -80.49 -54.33 27.04
CA GLU R 6 -79.16 -54.48 27.63
C GLU R 6 -78.12 -54.55 26.49
N MET R 7 -78.38 -55.46 25.57
CA MET R 7 -77.58 -55.61 24.37
C MET R 7 -77.44 -54.34 23.53
N ASP R 8 -78.52 -53.59 23.46
CA ASP R 8 -78.55 -52.32 22.74
C ASP R 8 -77.54 -51.34 23.35
N GLU R 9 -77.58 -51.20 24.66
CA GLU R 9 -76.62 -50.35 25.37
C GLU R 9 -75.19 -50.76 25.05
N ASN R 10 -74.94 -52.07 25.12
CA ASN R 10 -73.65 -52.64 24.77
C ASN R 10 -73.21 -52.18 23.39
N LEU R 11 -74.09 -52.32 22.41
CA LEU R 11 -73.77 -51.95 21.04
C LEU R 11 -73.51 -50.45 20.89
N GLU R 12 -74.18 -49.64 21.69
CA GLU R 12 -73.96 -48.19 21.66
C GLU R 12 -72.57 -47.86 22.19
N GLN R 13 -72.21 -48.45 23.34
CA GLN R 13 -70.89 -48.25 23.91
C GLN R 13 -69.81 -48.70 22.93
N VAL R 14 -70.02 -49.86 22.31
CA VAL R 14 -69.11 -50.38 21.31
C VAL R 14 -68.99 -49.40 20.16
N SER R 15 -70.09 -48.76 19.80
CA SER R 15 -70.08 -47.75 18.74
C SER R 15 -69.17 -46.58 19.09
N GLY R 16 -69.38 -46.02 20.28
CA GLY R 16 -68.55 -44.91 20.75
C GLY R 16 -67.07 -45.25 20.79
N ILE R 17 -66.76 -46.38 21.41
CA ILE R 17 -65.38 -46.86 21.51
C ILE R 17 -64.78 -47.05 20.13
N ILE R 18 -65.58 -47.53 19.18
CA ILE R 18 -65.11 -47.74 17.82
C ILE R 18 -64.77 -46.40 17.17
N GLY R 19 -65.61 -45.39 17.40
CA GLY R 19 -65.32 -44.06 16.90
C GLY R 19 -64.01 -43.51 17.43
N ASN R 20 -63.81 -43.65 18.75
CA ASN R 20 -62.56 -43.23 19.37
C ASN R 20 -61.38 -43.99 18.77
N LEU R 21 -61.55 -45.29 18.55
CA LEU R 21 -60.54 -46.11 17.89
C LEU R 21 -60.20 -45.58 16.51
N ARG R 22 -61.22 -45.09 15.81
CA ARG R 22 -61.01 -44.50 14.49
C ARG R 22 -60.10 -43.30 14.60
N HIS R 23 -60.48 -42.35 15.47
CA HIS R 23 -59.68 -41.15 15.67
C HIS R 23 -58.21 -41.52 16.01
N MET R 24 -58.05 -42.44 16.95
CA MET R 24 -56.73 -42.89 17.39
C MET R 24 -55.93 -43.49 16.24
N ALA R 25 -56.61 -44.24 15.39
CA ALA R 25 -55.97 -44.88 14.24
C ALA R 25 -55.50 -43.82 13.25
N LEU R 26 -56.30 -42.77 13.08
CA LEU R 26 -55.93 -41.67 12.20
C LEU R 26 -54.69 -40.93 12.70
N ASP R 27 -54.71 -40.52 13.97
CA ASP R 27 -53.55 -39.85 14.57
C ASP R 27 -52.30 -40.72 14.46
N MET R 28 -52.47 -41.99 14.84
CA MET R 28 -51.42 -43.00 14.75
C MET R 28 -50.78 -43.03 13.37
N GLY R 29 -51.59 -43.34 12.36
CA GLY R 29 -51.11 -43.42 10.98
C GLY R 29 -50.42 -42.16 10.49
N ASN R 30 -51.03 -41.01 10.75
CA ASN R 30 -50.46 -39.73 10.33
C ASN R 30 -49.06 -39.52 10.92
N GLU R 31 -48.95 -39.69 12.22
CA GLU R 31 -47.67 -39.48 12.89
C GLU R 31 -46.65 -40.51 12.42
N ILE R 32 -47.12 -41.71 12.09
CA ILE R 32 -46.25 -42.73 11.54
C ILE R 32 -45.67 -42.26 10.21
N ASP R 33 -46.52 -41.69 9.36
CA ASP R 33 -46.08 -41.14 8.08
C ASP R 33 -45.02 -40.05 8.26
N THR R 34 -45.32 -39.07 9.10
CA THR R 34 -44.39 -37.96 9.33
C THR R 34 -43.05 -38.47 9.88
N GLN R 35 -43.12 -39.43 10.79
CA GLN R 35 -41.90 -40.01 11.35
C GLN R 35 -41.13 -40.77 10.28
N ASN R 36 -41.84 -41.37 9.32
CA ASN R 36 -41.17 -42.05 8.22
C ASN R 36 -40.41 -41.07 7.34
N ARG R 37 -41.03 -39.93 7.06
CA ARG R 37 -40.36 -38.87 6.31
C ARG R 37 -39.10 -38.42 7.06
N GLN R 38 -39.24 -38.26 8.38
CA GLN R 38 -38.11 -37.86 9.20
C GLN R 38 -36.99 -38.88 9.16
N ILE R 39 -37.34 -40.17 9.17
CA ILE R 39 -36.36 -41.24 9.10
C ILE R 39 -35.63 -41.20 7.76
N ASP R 40 -36.37 -40.93 6.69
CA ASP R 40 -35.76 -40.76 5.37
C ASP R 40 -34.70 -39.67 5.43
N ARG R 41 -35.09 -38.53 6.01
CA ARG R 41 -34.15 -37.43 6.21
C ARG R 41 -32.90 -37.86 6.97
N ILE R 42 -33.11 -38.63 8.04
CA ILE R 42 -32.03 -39.10 8.90
C ILE R 42 -31.06 -39.96 8.10
N MET R 43 -31.58 -40.86 7.26
CA MET R 43 -30.72 -41.73 6.47
C MET R 43 -29.96 -40.96 5.40
N GLU R 44 -30.60 -39.93 4.84
CA GLU R 44 -29.91 -39.05 3.89
C GLU R 44 -28.70 -38.38 4.56
N LYS R 45 -28.95 -37.74 5.71
CA LYS R 45 -27.87 -37.06 6.44
C LYS R 45 -26.80 -38.03 6.91
N ALA R 46 -27.20 -39.23 7.32
CA ALA R 46 -26.28 -40.23 7.83
C ALA R 46 -25.38 -40.77 6.74
N ASP R 47 -25.94 -40.94 5.54
CA ASP R 47 -25.13 -41.37 4.41
C ASP R 47 -24.17 -40.26 4.01
N SER R 48 -24.66 -39.02 4.03
CA SER R 48 -23.82 -37.86 3.75
C SER R 48 -22.61 -37.79 4.67
N ASN R 49 -22.84 -37.95 5.97
CA ASN R 49 -21.76 -37.91 6.94
C ASN R 49 -20.87 -39.15 6.85
N LYS R 50 -21.44 -40.26 6.41
CA LYS R 50 -20.65 -41.47 6.20
C LYS R 50 -19.62 -41.24 5.11
N THR R 51 -20.07 -40.68 4.00
CA THR R 51 -19.18 -40.33 2.90
C THR R 51 -18.15 -39.30 3.35
N ARG R 52 -18.63 -38.26 4.04
CA ARG R 52 -17.77 -37.22 4.59
C ARG R 52 -16.62 -37.79 5.42
N ILE R 53 -16.95 -38.70 6.32
CA ILE R 53 -15.98 -39.22 7.27
C ILE R 53 -15.06 -40.25 6.61
N ASP R 54 -15.55 -40.94 5.60
CA ASP R 54 -14.71 -41.89 4.87
C ASP R 54 -13.65 -41.14 4.06
N GLU R 55 -14.09 -40.13 3.32
CA GLU R 55 -13.18 -39.30 2.53
C GLU R 55 -12.19 -38.56 3.43
N ALA R 56 -12.70 -38.03 4.53
CA ALA R 56 -11.86 -37.30 5.48
C ALA R 56 -10.82 -38.22 6.13
N ASN R 57 -11.23 -39.45 6.45
CA ASN R 57 -10.30 -40.41 7.04
C ASN R 57 -9.23 -40.80 6.05
N GLN R 58 -9.62 -40.98 4.79
CA GLN R 58 -8.65 -41.32 3.75
C GLN R 58 -7.64 -40.19 3.56
N ARG R 59 -8.14 -38.96 3.50
CA ARG R 59 -7.26 -37.79 3.34
C ARG R 59 -6.34 -37.61 4.55
N ALA R 60 -6.86 -37.95 5.73
CA ALA R 60 -6.09 -37.80 6.97
C ALA R 60 -4.96 -38.83 7.04
N THR R 61 -5.27 -40.08 6.69
CA THR R 61 -4.27 -41.14 6.69
C THR R 61 -3.31 -40.99 5.51
N LYS R 62 -3.71 -40.20 4.53
CA LYS R 62 -2.87 -39.93 3.37
C LYS R 62 -1.60 -39.16 3.75
N MET R 63 -1.74 -38.27 4.73
CA MET R 63 -0.63 -37.44 5.17
C MET R 63 0.16 -38.11 6.30
N LEU R 64 0.17 -39.44 6.28
CA LEU R 64 0.88 -40.21 7.29
C LEU R 64 1.82 -41.22 6.65
N SER S 2 33.48 22.21 36.86
CA SER S 2 32.39 21.98 37.80
C SER S 2 32.35 20.53 38.26
N ASN S 3 33.01 20.26 39.38
CA ASN S 3 33.10 18.90 39.92
C ASN S 3 31.76 18.43 40.46
N ARG S 4 30.88 19.38 40.76
CA ARG S 4 29.57 19.08 41.33
C ARG S 4 28.75 18.17 40.42
N ARG S 5 28.75 18.48 39.12
CA ARG S 5 28.00 17.71 38.15
C ARG S 5 28.61 16.32 37.95
N LEU S 6 29.94 16.27 37.93
CA LEU S 6 30.66 15.00 37.80
C LEU S 6 30.31 14.06 38.94
N GLN S 7 30.45 14.55 40.17
CA GLN S 7 30.19 13.76 41.36
C GLN S 7 28.72 13.41 41.51
N GLN S 8 27.84 14.32 41.09
CA GLN S 8 26.41 14.10 41.14
C GLN S 8 26.00 12.98 40.19
N THR S 9 26.50 13.05 38.97
CA THR S 9 26.28 12.02 37.96
C THR S 9 26.82 10.68 38.48
N GLN S 10 28.00 10.73 39.09
CA GLN S 10 28.59 9.55 39.71
C GLN S 10 27.65 8.93 40.73
N ALA S 11 27.06 9.77 41.59
CA ALA S 11 26.12 9.30 42.60
C ALA S 11 24.89 8.67 41.97
N GLN S 12 24.42 9.27 40.88
CA GLN S 12 23.31 8.69 40.11
C GLN S 12 23.65 7.28 39.64
N VAL S 13 24.82 7.16 39.00
CA VAL S 13 25.28 5.88 38.49
C VAL S 13 25.37 4.83 39.60
N ASP S 14 25.96 5.21 40.73
CA ASP S 14 26.06 4.32 41.87
C ASP S 14 24.68 3.85 42.33
N GLU S 15 23.75 4.78 42.43
CA GLU S 15 22.38 4.46 42.83
C GLU S 15 21.76 3.43 41.89
N VAL S 16 21.83 3.71 40.59
CA VAL S 16 21.25 2.83 39.59
C VAL S 16 21.89 1.45 39.64
N VAL S 17 23.20 1.41 39.92
CA VAL S 17 23.90 0.14 40.09
C VAL S 17 23.31 -0.63 41.26
N ASP S 18 23.15 0.06 42.39
CA ASP S 18 22.60 -0.55 43.60
C ASP S 18 21.18 -1.07 43.38
N ILE S 19 20.44 -0.41 42.49
CA ILE S 19 19.12 -0.89 42.09
C ILE S 19 19.27 -2.18 41.29
N MET S 20 20.12 -2.11 40.27
CA MET S 20 20.22 -3.16 39.28
C MET S 20 20.76 -4.48 39.81
N ARG S 21 21.69 -4.43 40.77
CA ARG S 21 22.23 -5.68 41.31
C ARG S 21 21.15 -6.44 42.09
N VAL S 22 20.36 -5.69 42.84
CA VAL S 22 19.23 -6.25 43.58
C VAL S 22 18.22 -6.85 42.60
N ASN S 23 17.91 -6.09 41.55
CA ASN S 23 17.02 -6.57 40.50
C ASN S 23 17.53 -7.89 39.94
N VAL S 24 18.83 -7.97 39.69
CA VAL S 24 19.44 -9.16 39.12
C VAL S 24 19.29 -10.36 40.06
N ASP S 25 19.54 -10.15 41.34
CA ASP S 25 19.39 -11.22 42.32
C ASP S 25 17.94 -11.73 42.36
N LYS S 26 17.00 -10.78 42.35
CA LYS S 26 15.58 -11.12 42.31
C LYS S 26 15.24 -11.93 41.05
N VAL S 27 15.89 -11.59 39.94
CA VAL S 27 15.73 -12.31 38.69
C VAL S 27 16.23 -13.75 38.83
N LEU S 28 17.36 -13.92 39.50
CA LEU S 28 17.89 -15.26 39.75
C LEU S 28 16.90 -16.09 40.55
N GLU S 29 16.33 -15.48 41.58
CA GLU S 29 15.29 -16.14 42.37
C GLU S 29 14.12 -16.55 41.48
N ARG S 30 13.74 -15.66 40.57
CA ARG S 30 12.72 -15.95 39.57
C ARG S 30 13.10 -17.17 38.72
N ASP S 31 14.39 -17.31 38.41
CA ASP S 31 14.87 -18.44 37.63
C ASP S 31 14.69 -19.74 38.41
N GLN S 32 15.01 -19.70 39.70
CA GLN S 32 14.78 -20.86 40.56
C GLN S 32 13.31 -21.27 40.57
N LYS S 33 12.45 -20.31 40.90
CA LYS S 33 11.01 -20.55 40.99
C LYS S 33 10.45 -21.11 39.66
N LEU S 34 10.92 -20.55 38.56
CA LEU S 34 10.49 -20.99 37.23
C LEU S 34 10.96 -22.41 36.94
N SER S 35 12.19 -22.74 37.34
CA SER S 35 12.71 -24.09 37.12
C SER S 35 11.87 -25.12 37.88
N GLU S 36 11.65 -24.86 39.17
CA GLU S 36 10.86 -25.76 39.98
C GLU S 36 9.43 -25.88 39.44
N LEU S 37 8.89 -24.77 38.95
CA LEU S 37 7.57 -24.78 38.33
C LEU S 37 7.56 -25.64 37.08
N ASP S 38 8.68 -25.64 36.36
CA ASP S 38 8.81 -26.45 35.15
C ASP S 38 8.73 -27.94 35.50
N ASP S 39 9.53 -28.34 36.49
CA ASP S 39 9.51 -29.74 36.93
C ASP S 39 8.11 -30.14 37.39
N ARG S 40 7.52 -29.28 38.21
CA ARG S 40 6.17 -29.52 38.75
C ARG S 40 5.13 -29.64 37.64
N ALA S 41 5.30 -28.87 36.57
CA ALA S 41 4.37 -28.89 35.45
C ALA S 41 4.52 -30.17 34.64
N ASP S 42 5.76 -30.61 34.46
CA ASP S 42 6.00 -31.87 33.75
C ASP S 42 5.36 -33.04 34.52
N ALA S 43 5.61 -33.09 35.82
CA ALA S 43 4.98 -34.12 36.66
C ALA S 43 3.46 -34.04 36.60
N LEU S 44 2.96 -32.81 36.61
CA LEU S 44 1.51 -32.55 36.55
C LEU S 44 0.88 -33.11 35.28
N GLN S 45 1.50 -32.85 34.12
CA GLN S 45 0.93 -33.33 32.87
C GLN S 45 1.10 -34.84 32.73
N ALA S 46 2.15 -35.39 33.34
CA ALA S 46 2.32 -36.84 33.36
C ALA S 46 1.15 -37.51 34.11
N GLY S 47 0.92 -37.04 35.33
CA GLY S 47 -0.20 -37.53 36.12
C GLY S 47 -1.53 -37.30 35.42
N ALA S 48 -1.62 -36.21 34.67
CA ALA S 48 -2.81 -35.89 33.91
C ALA S 48 -3.08 -36.92 32.83
N SER S 49 -2.03 -37.33 32.11
CA SER S 49 -2.16 -38.35 31.08
C SER S 49 -2.55 -39.70 31.68
N GLN S 50 -1.90 -40.05 32.79
CA GLN S 50 -2.23 -41.31 33.47
C GLN S 50 -3.69 -41.34 33.89
N PHE S 51 -4.14 -40.26 34.53
CA PHE S 51 -5.52 -40.15 34.97
C PHE S 51 -6.49 -40.16 33.79
N GLU S 52 -6.06 -39.61 32.66
CA GLU S 52 -6.88 -39.62 31.45
C GLU S 52 -7.09 -41.07 30.98
N THR S 53 -6.00 -41.83 30.97
CA THR S 53 -6.06 -43.24 30.58
C THR S 53 -7.00 -44.02 31.50
N SER S 54 -6.79 -43.87 32.80
CA SER S 54 -7.63 -44.55 33.78
C SER S 54 -9.11 -44.16 33.60
N ALA S 55 -9.34 -42.89 33.27
CA ALA S 55 -10.70 -42.39 33.05
C ALA S 55 -11.31 -43.03 31.81
N ALA S 56 -10.48 -43.28 30.81
CA ALA S 56 -10.93 -43.96 29.60
C ALA S 56 -11.36 -45.38 29.94
N LYS S 57 -10.54 -46.09 30.71
CA LYS S 57 -10.89 -47.44 31.15
C LYS S 57 -12.21 -47.45 31.92
N LEU S 58 -12.34 -46.51 32.86
CA LEU S 58 -13.52 -46.45 33.71
C LEU S 58 -14.79 -46.12 32.92
N LYS S 59 -14.65 -45.27 31.90
CA LYS S 59 -15.79 -44.95 31.04
C LYS S 59 -16.16 -46.17 30.22
N ARG S 60 -15.16 -46.91 29.79
CA ARG S 60 -15.39 -48.13 29.01
C ARG S 60 -15.83 -49.28 29.91
N LYS S 61 -15.89 -49.02 31.21
CA LYS S 61 -16.34 -50.03 32.17
C LYS S 61 -17.77 -49.77 32.65
N TYR S 62 -18.04 -48.56 33.13
CA TYR S 62 -19.30 -48.25 33.79
C TYR S 62 -20.35 -47.60 32.89
N TRP S 63 -20.16 -47.70 31.58
CA TRP S 63 -21.17 -47.21 30.64
C TRP S 63 -21.41 -48.24 29.53
N MET T 1 43.88 26.51 37.75
CA MET T 1 44.08 25.10 38.00
C MET T 1 45.53 24.70 37.79
N ALA T 2 45.76 23.39 37.59
CA ALA T 2 47.09 22.86 37.36
C ALA T 2 46.99 21.44 36.82
N LEU T 3 48.11 20.71 36.83
CA LEU T 3 48.09 19.32 36.37
C LEU T 3 47.42 18.42 37.37
N SER T 4 47.44 18.82 38.64
CA SER T 4 46.79 18.04 39.69
C SER T 4 45.28 18.01 39.47
N GLU T 5 44.72 19.18 39.16
CA GLU T 5 43.28 19.31 38.96
C GLU T 5 42.83 18.51 37.74
N ILE T 6 43.61 18.60 36.66
CA ILE T 6 43.31 17.89 35.43
C ILE T 6 43.43 16.38 35.66
N GLU T 7 44.45 15.97 36.41
CA GLU T 7 44.68 14.56 36.69
C GLU T 7 43.54 13.96 37.53
N THR T 8 43.12 14.69 38.55
CA THR T 8 42.01 14.24 39.39
C THR T 8 40.71 14.20 38.58
N ARG T 9 40.53 15.20 37.72
CA ARG T 9 39.38 15.23 36.82
C ARG T 9 39.34 13.96 35.98
N HIS T 10 40.47 13.66 35.34
CA HIS T 10 40.63 12.49 34.48
C HIS T 10 40.37 11.20 35.25
N SER T 11 40.89 11.13 36.47
CA SER T 11 40.72 9.95 37.32
C SER T 11 39.25 9.70 37.65
N GLU T 12 38.57 10.73 38.16
CA GLU T 12 37.17 10.62 38.52
C GLU T 12 36.31 10.29 37.29
N ILE T 13 36.70 10.82 36.14
CA ILE T 13 36.01 10.53 34.88
C ILE T 13 36.16 9.06 34.51
N ILE T 14 37.37 8.53 34.60
CA ILE T 14 37.60 7.11 34.33
C ILE T 14 36.79 6.24 35.29
N LYS T 15 36.78 6.63 36.57
CA LYS T 15 35.96 5.96 37.57
C LYS T 15 34.49 5.91 37.13
N LEU T 16 33.99 7.04 36.65
CA LEU T 16 32.63 7.12 36.14
C LEU T 16 32.43 6.15 34.97
N GLU T 17 33.40 6.08 34.07
CA GLU T 17 33.30 5.18 32.92
C GLU T 17 33.23 3.72 33.35
N ASN T 18 33.99 3.37 34.38
CA ASN T 18 33.99 1.99 34.87
C ASN T 18 32.67 1.64 35.56
N SER T 19 32.15 2.57 36.37
CA SER T 19 30.84 2.37 37.00
C SER T 19 29.76 2.19 35.93
N ILE T 20 29.82 3.05 34.92
CA ILE T 20 28.92 2.98 33.78
C ILE T 20 29.01 1.60 33.12
N ARG T 21 30.23 1.12 32.93
CA ARG T 21 30.45 -0.17 32.28
C ARG T 21 29.84 -1.30 33.09
N GLU T 22 30.02 -1.26 34.41
CA GLU T 22 29.42 -2.27 35.27
C GLU T 22 27.88 -2.24 35.15
N LEU T 23 27.32 -1.04 35.13
CA LEU T 23 25.89 -0.87 34.93
C LEU T 23 25.44 -1.55 33.63
N HIS T 24 26.18 -1.27 32.56
CA HIS T 24 25.94 -1.85 31.25
C HIS T 24 25.90 -3.39 31.33
N ASP T 25 26.98 -3.96 31.84
CA ASP T 25 27.08 -5.42 31.94
C ASP T 25 25.92 -6.00 32.74
N MET T 26 25.51 -5.29 33.79
CA MET T 26 24.36 -5.71 34.58
C MET T 26 23.09 -5.75 33.73
N PHE T 27 22.89 -4.73 32.91
CA PHE T 27 21.72 -4.71 32.03
C PHE T 27 21.77 -5.86 31.02
N MET T 28 22.96 -6.13 30.48
CA MET T 28 23.13 -7.22 29.52
C MET T 28 22.76 -8.56 30.14
N ASP T 29 23.33 -8.84 31.32
CA ASP T 29 23.01 -10.05 32.05
C ASP T 29 21.52 -10.14 32.33
N MET T 30 20.93 -9.00 32.72
CA MET T 30 19.49 -8.92 32.94
C MET T 30 18.71 -9.45 31.74
N ALA T 31 18.93 -8.83 30.58
CA ALA T 31 18.26 -9.24 29.35
C ALA T 31 18.46 -10.72 29.06
N MET T 32 19.69 -11.19 29.24
CA MET T 32 20.01 -12.61 29.03
C MET T 32 19.15 -13.55 29.90
N LEU T 33 19.22 -13.35 31.21
CA LEU T 33 18.49 -14.18 32.16
C LEU T 33 17.00 -14.16 31.85
N VAL T 34 16.46 -12.96 31.62
CA VAL T 34 15.04 -12.82 31.33
C VAL T 34 14.67 -13.62 30.07
N GLU T 35 15.54 -13.61 29.07
CA GLU T 35 15.29 -14.36 27.85
C GLU T 35 15.25 -15.87 28.09
N SER T 36 16.30 -16.40 28.72
CA SER T 36 16.36 -17.84 29.00
C SER T 36 15.14 -18.29 29.83
N GLN T 37 14.83 -17.53 30.87
CA GLN T 37 13.64 -17.78 31.67
C GLN T 37 12.39 -17.74 30.80
N GLY T 38 12.41 -16.89 29.78
CA GLY T 38 11.32 -16.82 28.82
C GLY T 38 11.12 -18.16 28.11
N GLU T 39 12.21 -18.76 27.66
CA GLU T 39 12.14 -20.10 27.05
C GLU T 39 11.59 -21.13 28.03
N MET T 40 12.07 -21.05 29.27
CA MET T 40 11.58 -21.91 30.34
C MET T 40 10.06 -21.80 30.50
N ILE T 41 9.55 -20.57 30.46
CA ILE T 41 8.12 -20.32 30.56
C ILE T 41 7.40 -20.88 29.35
N ASP T 42 8.02 -20.80 28.18
CA ASP T 42 7.47 -21.42 26.99
C ASP T 42 7.17 -22.90 27.26
N ARG T 43 8.19 -23.65 27.69
CA ARG T 43 7.97 -25.08 27.88
C ARG T 43 7.01 -25.38 29.04
N ILE T 44 7.00 -24.52 30.05
CA ILE T 44 6.05 -24.66 31.15
C ILE T 44 4.63 -24.59 30.62
N GLU T 45 4.32 -23.51 29.88
CA GLU T 45 2.99 -23.31 29.33
C GLU T 45 2.60 -24.46 28.40
N TYR T 46 3.58 -25.00 27.68
CA TYR T 46 3.35 -26.18 26.85
C TYR T 46 2.83 -27.35 27.70
N ASN T 47 3.62 -27.75 28.69
CA ASN T 47 3.23 -28.84 29.58
C ASN T 47 1.87 -28.60 30.21
N VAL T 48 1.62 -27.36 30.62
CA VAL T 48 0.37 -27.01 31.28
C VAL T 48 -0.82 -27.21 30.34
N GLU T 49 -0.70 -26.72 29.11
CA GLU T 49 -1.80 -26.86 28.15
C GLU T 49 -2.08 -28.33 27.84
N HIS T 50 -1.01 -29.11 27.68
CA HIS T 50 -1.18 -30.55 27.50
C HIS T 50 -1.93 -31.17 28.68
N ALA T 51 -1.53 -30.79 29.89
CA ALA T 51 -2.19 -31.26 31.12
C ALA T 51 -3.67 -30.91 31.12
N VAL T 52 -3.99 -29.68 30.69
CA VAL T 52 -5.37 -29.22 30.61
C VAL T 52 -6.17 -30.10 29.67
N ASP T 53 -5.61 -30.39 28.49
CA ASP T 53 -6.29 -31.26 27.54
C ASP T 53 -6.60 -32.62 28.16
N TYR T 54 -5.57 -33.24 28.71
CA TYR T 54 -5.71 -34.56 29.33
C TYR T 54 -6.79 -34.56 30.42
N VAL T 55 -6.75 -33.55 31.28
CA VAL T 55 -7.71 -33.42 32.37
C VAL T 55 -9.13 -33.27 31.83
N GLU T 56 -9.29 -32.42 30.82
CA GLU T 56 -10.61 -32.20 30.22
C GLU T 56 -11.20 -33.49 29.66
N ARG T 57 -10.40 -34.21 28.87
CA ARG T 57 -10.89 -35.48 28.29
C ARG T 57 -11.23 -36.49 29.39
N ALA T 58 -10.38 -36.56 30.40
CA ALA T 58 -10.63 -37.46 31.53
C ALA T 58 -11.95 -37.14 32.22
N VAL T 59 -12.18 -35.86 32.48
CA VAL T 59 -13.39 -35.40 33.14
C VAL T 59 -14.62 -35.73 32.30
N SER T 60 -14.53 -35.51 31.00
CA SER T 60 -15.63 -35.89 30.10
C SER T 60 -15.94 -37.38 30.22
N ASP T 61 -14.89 -38.20 30.18
CA ASP T 61 -15.07 -39.65 30.26
C ASP T 61 -15.71 -40.10 31.57
N THR T 62 -15.24 -39.59 32.69
CA THR T 62 -15.82 -39.96 33.99
C THR T 62 -17.26 -39.47 34.09
N LYS T 63 -17.51 -38.27 33.59
CA LYS T 63 -18.83 -37.66 33.62
C LYS T 63 -19.83 -38.50 32.81
N LYS T 64 -19.36 -39.09 31.72
CA LYS T 64 -20.20 -39.98 30.94
C LYS T 64 -20.28 -41.37 31.57
N ALA T 65 -19.30 -41.68 32.41
CA ALA T 65 -19.23 -43.00 33.03
C ALA T 65 -20.18 -43.15 34.22
N VAL T 66 -20.30 -42.10 35.02
CA VAL T 66 -21.10 -42.14 36.24
C VAL T 66 -22.58 -42.29 35.92
N LYS T 67 -23.05 -41.57 34.91
CA LYS T 67 -24.47 -41.55 34.59
C LYS T 67 -24.87 -42.74 33.72
N GLU U 4 60.26 20.18 29.33
CA GLU U 4 59.41 19.96 30.50
C GLU U 4 58.08 20.68 30.36
N LEU U 5 58.13 21.93 29.93
CA LEU U 5 56.93 22.76 29.81
C LEU U 5 56.07 22.32 28.62
N GLU U 6 56.68 22.19 27.46
CA GLU U 6 55.98 21.74 26.25
C GLU U 6 55.31 20.38 26.49
N GLU U 7 56.06 19.47 27.07
CA GLU U 7 55.56 18.13 27.40
C GLU U 7 54.41 18.23 28.40
N MET U 8 54.42 19.26 29.24
CA MET U 8 53.39 19.47 30.24
C MET U 8 52.09 19.95 29.61
N GLN U 9 52.18 20.96 28.74
CA GLN U 9 51.01 21.45 28.01
C GLN U 9 50.40 20.33 27.17
N ARG U 10 51.26 19.64 26.42
CA ARG U 10 50.83 18.51 25.61
C ARG U 10 50.19 17.43 26.48
N ARG U 11 50.70 17.26 27.68
CA ARG U 11 50.14 16.29 28.63
C ARG U 11 48.73 16.70 29.03
N ALA U 12 48.54 17.99 29.32
CA ALA U 12 47.23 18.51 29.71
C ALA U 12 46.21 18.31 28.59
N ASP U 13 46.57 18.75 27.39
CA ASP U 13 45.69 18.58 26.23
C ASP U 13 45.37 17.09 25.99
N GLN U 14 46.39 16.25 26.20
CA GLN U 14 46.24 14.80 26.11
C GLN U 14 45.15 14.30 27.05
N LEU U 15 45.26 14.68 28.33
CA LEU U 15 44.27 14.28 29.32
C LEU U 15 42.88 14.78 28.95
N ALA U 16 42.82 15.98 28.37
CA ALA U 16 41.55 16.54 27.90
C ALA U 16 40.91 15.65 26.84
N ASP U 17 41.69 15.29 25.82
CA ASP U 17 41.21 14.42 24.75
C ASP U 17 40.77 13.06 25.28
N GLU U 18 41.60 12.48 26.14
CA GLU U 18 41.29 11.18 26.75
C GLU U 18 39.98 11.20 27.49
N SER U 19 39.78 12.21 28.33
CA SER U 19 38.54 12.37 29.06
C SER U 19 37.35 12.53 28.10
N LEU U 20 37.56 13.29 27.04
CA LEU U 20 36.51 13.49 26.03
C LEU U 20 36.04 12.18 25.42
N GLU U 21 36.96 11.45 24.80
CA GLU U 21 36.63 10.19 24.16
C GLU U 21 36.07 9.20 25.20
N SER U 22 36.52 9.32 26.44
CA SER U 22 35.98 8.52 27.52
C SER U 22 34.50 8.78 27.69
N THR U 23 34.12 10.06 27.73
CA THR U 23 32.72 10.43 27.85
C THR U 23 31.90 9.93 26.66
N ARG U 24 32.51 9.96 25.48
CA ARG U 24 31.85 9.40 24.30
C ARG U 24 31.56 7.91 24.50
N ARG U 25 32.57 7.18 25.01
CA ARG U 25 32.41 5.78 25.35
C ARG U 25 31.26 5.58 26.33
N MET U 26 31.16 6.48 27.30
CA MET U 26 30.07 6.44 28.27
C MET U 26 28.73 6.56 27.58
N LEU U 27 28.61 7.52 26.66
CA LEU U 27 27.37 7.73 25.93
C LEU U 27 26.96 6.46 25.18
N GLN U 28 27.93 5.85 24.49
CA GLN U 28 27.67 4.59 23.79
C GLN U 28 27.19 3.50 24.75
N LEU U 29 27.86 3.37 25.88
CA LEU U 29 27.55 2.33 26.86
C LEU U 29 26.16 2.50 27.46
N VAL U 30 25.78 3.73 27.79
CA VAL U 30 24.47 3.97 28.37
C VAL U 30 23.39 3.85 27.30
N GLU U 31 23.77 3.99 26.03
CA GLU U 31 22.83 3.72 24.95
C GLU U 31 22.54 2.22 24.84
N GLU U 32 23.59 1.41 24.81
CA GLU U 32 23.43 -0.03 24.80
C GLU U 32 22.61 -0.50 26.01
N SER U 33 22.94 0.07 27.17
CA SER U 33 22.21 -0.23 28.40
C SER U 33 20.73 0.12 28.24
N LYS U 34 20.47 1.30 27.69
CA LYS U 34 19.11 1.76 27.42
C LYS U 34 18.31 0.75 26.61
N ASP U 35 18.85 0.37 25.45
CA ASP U 35 18.15 -0.58 24.57
C ASP U 35 17.95 -1.94 25.22
N ALA U 36 19.00 -2.45 25.87
CA ALA U 36 18.93 -3.72 26.58
C ALA U 36 17.79 -3.69 27.60
N GLY U 37 17.69 -2.58 28.32
CA GLY U 37 16.62 -2.38 29.28
C GLY U 37 15.24 -2.41 28.63
N ILE U 38 15.11 -1.70 27.51
CA ILE U 38 13.83 -1.68 26.79
C ILE U 38 13.38 -3.08 26.41
N ARG U 39 14.25 -3.82 25.72
CA ARG U 39 13.89 -5.15 25.27
C ARG U 39 13.64 -6.07 26.47
N THR U 40 14.34 -5.81 27.57
CA THR U 40 14.10 -6.54 28.81
C THR U 40 12.66 -6.35 29.27
N LEU U 41 12.22 -5.10 29.31
CA LEU U 41 10.84 -4.79 29.70
C LEU U 41 9.83 -5.45 28.78
N VAL U 42 10.12 -5.44 27.47
CA VAL U 42 9.25 -6.09 26.50
C VAL U 42 9.10 -7.58 26.85
N MET U 43 10.24 -8.23 27.06
CA MET U 43 10.25 -9.63 27.47
C MET U 43 9.41 -9.84 28.73
N LEU U 44 9.51 -8.91 29.67
CA LEU U 44 8.75 -9.00 30.92
C LEU U 44 7.25 -8.94 30.67
N ASP U 45 6.83 -8.09 29.74
CA ASP U 45 5.41 -8.01 29.41
C ASP U 45 4.93 -9.33 28.79
N GLU U 46 5.66 -9.80 27.78
CA GLU U 46 5.32 -11.04 27.11
C GLU U 46 5.20 -12.22 28.09
N GLN U 47 6.27 -12.46 28.83
CA GLN U 47 6.32 -13.53 29.81
C GLN U 47 5.25 -13.34 30.89
N GLY U 48 4.91 -12.09 31.18
CA GLY U 48 3.85 -11.79 32.12
C GLY U 48 2.50 -12.30 31.66
N GLU U 49 2.15 -11.95 30.43
CA GLU U 49 0.90 -12.43 29.83
C GLU U 49 0.89 -13.96 29.77
N GLN U 50 2.05 -14.55 29.46
CA GLN U 50 2.18 -16.00 29.45
C GLN U 50 1.88 -16.59 30.83
N LEU U 51 2.39 -15.94 31.87
CA LEU U 51 2.13 -16.37 33.25
C LEU U 51 0.65 -16.27 33.58
N ASP U 52 -0.01 -15.23 33.08
CA ASP U 52 -1.45 -15.09 33.27
C ASP U 52 -2.21 -16.25 32.63
N ARG U 53 -1.85 -16.58 31.40
CA ARG U 53 -2.45 -17.73 30.71
C ARG U 53 -2.22 -19.02 31.51
N VAL U 54 -1.03 -19.13 32.10
CA VAL U 54 -0.71 -20.29 32.94
C VAL U 54 -1.65 -20.34 34.14
N GLU U 55 -1.92 -19.18 34.75
CA GLU U 55 -2.80 -19.11 35.90
C GLU U 55 -4.22 -19.53 35.54
N GLU U 56 -4.73 -19.02 34.42
CA GLU U 56 -6.04 -19.41 33.94
C GLU U 56 -6.10 -20.92 33.70
N GLY U 57 -5.02 -21.45 33.15
CA GLY U 57 -4.89 -22.89 32.97
C GLY U 57 -5.04 -23.64 34.28
N MET U 58 -4.31 -23.18 35.30
CA MET U 58 -4.39 -23.81 36.62
C MET U 58 -5.80 -23.77 37.20
N ASN U 59 -6.46 -22.62 37.08
CA ASN U 59 -7.83 -22.47 37.57
C ASN U 59 -8.77 -23.47 36.88
N HIS U 60 -8.67 -23.53 35.56
CA HIS U 60 -9.47 -24.47 34.78
C HIS U 60 -9.24 -25.91 35.23
N ILE U 61 -7.98 -26.26 35.42
CA ILE U 61 -7.61 -27.59 35.90
C ILE U 61 -8.27 -27.87 37.25
N ASN U 62 -8.21 -26.88 38.14
CA ASN U 62 -8.79 -27.03 39.46
C ASN U 62 -10.29 -27.30 39.41
N GLN U 63 -11.01 -26.51 38.62
CA GLN U 63 -12.46 -26.69 38.51
C GLN U 63 -12.82 -28.04 37.88
N ASP U 64 -12.10 -28.40 36.82
CA ASP U 64 -12.33 -29.68 36.16
C ASP U 64 -12.11 -30.85 37.11
N MET U 65 -11.03 -30.80 37.87
CA MET U 65 -10.73 -31.88 38.80
C MET U 65 -11.70 -31.89 39.97
N LYS U 66 -12.27 -30.73 40.27
CA LYS U 66 -13.31 -30.65 41.29
C LYS U 66 -14.55 -31.42 40.80
N GLU U 67 -14.91 -31.19 39.54
CA GLU U 67 -16.03 -31.91 38.94
C GLU U 67 -15.76 -33.41 38.87
N ALA U 68 -14.55 -33.78 38.47
CA ALA U 68 -14.16 -35.19 38.39
C ALA U 68 -14.25 -35.84 39.76
N GLU U 69 -13.83 -35.12 40.79
CA GLU U 69 -13.96 -35.56 42.16
C GLU U 69 -15.42 -35.81 42.51
N LYS U 70 -16.27 -34.89 42.07
CA LYS U 70 -17.71 -35.03 42.30
C LYS U 70 -18.26 -36.30 41.65
N ASN U 71 -17.87 -36.55 40.40
CA ASN U 71 -18.36 -37.73 39.68
C ASN U 71 -17.87 -39.02 40.32
N LEU U 72 -16.61 -39.03 40.76
CA LEU U 72 -16.05 -40.21 41.42
C LEU U 72 -16.70 -40.45 42.77
N LYS U 73 -17.10 -39.38 43.46
CA LYS U 73 -17.81 -39.51 44.73
C LYS U 73 -19.26 -39.94 44.51
N ASP U 74 -19.80 -39.62 43.33
CA ASP U 74 -21.16 -40.01 42.98
C ASP U 74 -21.20 -41.45 42.47
N LEU U 75 -20.05 -41.95 42.03
CA LEU U 75 -19.94 -43.31 41.53
C LEU U 75 -19.68 -44.31 42.64
N GLY U 76 -18.88 -43.89 43.62
CA GLY U 76 -18.52 -44.75 44.75
C GLY U 76 -19.69 -45.03 45.68
N MET V 1 38.46 25.84 25.55
CA MET V 1 37.26 25.59 26.32
C MET V 1 36.27 24.75 25.52
N ALA V 2 36.47 24.70 24.21
CA ALA V 2 35.57 23.93 23.35
C ALA V 2 35.73 22.48 23.74
N ARG V 3 36.97 22.05 23.99
CA ARG V 3 37.22 20.69 24.40
C ARG V 3 36.40 20.38 25.66
N GLU V 4 36.54 21.25 26.65
CA GLU V 4 35.81 21.12 27.89
C GLU V 4 34.29 21.17 27.83
N ASN V 5 33.76 22.06 27.00
CA ASN V 5 32.33 22.19 26.86
C ASN V 5 31.78 20.96 26.18
N GLU V 6 32.40 20.58 25.05
CA GLU V 6 31.94 19.40 24.32
C GLU V 6 31.71 18.27 25.32
N MET V 7 32.75 18.00 26.10
CA MET V 7 32.69 17.03 27.18
C MET V 7 31.57 17.26 28.19
N ASP V 8 31.32 18.53 28.49
CA ASP V 8 30.25 18.92 29.40
C ASP V 8 28.89 18.46 28.86
N GLU V 9 28.64 18.76 27.59
CA GLU V 9 27.40 18.33 26.93
C GLU V 9 27.24 16.81 27.04
N ASN V 10 28.33 16.10 26.74
CA ASN V 10 28.37 14.65 26.87
C ASN V 10 27.92 14.20 28.26
N LEU V 11 28.51 14.80 29.28
CA LEU V 11 28.19 14.44 30.66
C LEU V 11 26.74 14.75 31.01
N GLU V 12 26.18 15.80 30.42
CA GLU V 12 24.78 16.14 30.66
C GLU V 12 23.86 15.09 30.05
N GLN V 13 24.13 14.71 28.80
CA GLN V 13 23.37 13.67 28.14
C GLN V 13 23.45 12.36 28.92
N VAL V 14 24.66 12.02 29.37
CA VAL V 14 24.88 10.83 30.18
C VAL V 14 24.05 10.92 31.45
N SER V 15 23.95 12.12 32.01
CA SER V 15 23.14 12.33 33.22
C SER V 15 21.67 12.00 32.96
N GLY V 16 21.11 12.58 31.91
CA GLY V 16 19.73 12.32 31.54
C GLY V 16 19.44 10.86 31.29
N ILE V 17 20.29 10.24 30.48
CA ILE V 17 20.16 8.82 30.16
C ILE V 17 20.24 7.97 31.43
N ILE V 18 21.10 8.38 32.36
CA ILE V 18 21.25 7.67 33.62
C ILE V 18 19.96 7.76 34.44
N GLY V 19 19.35 8.94 34.46
CA GLY V 19 18.07 9.11 35.13
C GLY V 19 17.00 8.20 34.57
N ASN V 20 16.91 8.17 33.24
CA ASN V 20 15.96 7.29 32.57
C ASN V 20 16.24 5.83 32.92
N LEU V 21 17.51 5.47 32.95
CA LEU V 21 17.93 4.12 33.35
C LEU V 21 17.46 3.81 34.77
N ARG V 22 17.49 4.82 35.63
CA ARG V 22 17.02 4.65 37.00
C ARG V 22 15.54 4.29 36.99
N HIS V 23 14.75 5.13 36.33
CA HIS V 23 13.30 4.88 36.24
C HIS V 23 13.02 3.46 35.71
N MET V 24 13.70 3.11 34.61
CA MET V 24 13.53 1.81 33.98
C MET V 24 13.89 0.67 34.93
N ALA V 25 14.94 0.86 35.72
CA ALA V 25 15.39 -0.13 36.68
C ALA V 25 14.34 -0.32 37.78
N LEU V 26 13.71 0.79 38.19
CA LEU V 26 12.65 0.73 39.19
C LEU V 26 11.44 -0.05 38.70
N ASP V 27 10.93 0.33 37.52
CA ASP V 27 9.80 -0.38 36.92
C ASP V 27 10.10 -1.87 36.76
N MET V 28 11.29 -2.13 36.21
CA MET V 28 11.80 -3.49 36.02
C MET V 28 11.72 -4.29 37.31
N GLY V 29 12.44 -3.83 38.33
CA GLY V 29 12.46 -4.50 39.62
C GLY V 29 11.09 -4.73 40.26
N ASN V 30 10.26 -3.69 40.24
CA ASN V 30 8.92 -3.80 40.80
C ASN V 30 8.10 -4.90 40.12
N GLU V 31 8.07 -4.87 38.79
CA GLU V 31 7.30 -5.85 38.05
C GLU V 31 7.87 -7.24 38.24
N ILE V 32 9.19 -7.32 38.42
CA ILE V 32 9.83 -8.60 38.70
C ILE V 32 9.32 -9.15 40.03
N ASP V 33 9.23 -8.29 41.04
CA ASP V 33 8.69 -8.68 42.34
C ASP V 33 7.26 -9.21 42.23
N THR V 34 6.39 -8.42 41.59
CA THR V 34 4.99 -8.81 41.45
C THR V 34 4.85 -10.13 40.70
N GLN V 35 5.66 -10.30 39.66
CA GLN V 35 5.64 -11.55 38.90
C GLN V 35 6.14 -12.71 39.74
N ASN V 36 7.07 -12.44 40.67
CA ASN V 36 7.55 -13.48 41.57
C ASN V 36 6.45 -13.93 42.51
N ARG V 37 5.68 -12.97 43.03
CA ARG V 37 4.53 -13.30 43.88
C ARG V 37 3.54 -14.16 43.08
N GLN V 38 3.30 -13.75 41.83
CA GLN V 38 2.39 -14.52 40.97
C GLN V 38 2.89 -15.94 40.74
N ILE V 39 4.21 -16.10 40.55
CA ILE V 39 4.79 -17.42 40.35
C ILE V 39 4.61 -18.28 41.59
N ASP V 40 4.78 -17.66 42.78
CA ASP V 40 4.52 -18.36 44.03
C ASP V 40 3.09 -18.89 44.04
N ARG V 41 2.14 -18.02 43.69
CA ARG V 41 0.74 -18.42 43.58
C ARG V 41 0.56 -19.62 42.63
N ILE V 42 1.23 -19.54 41.49
CA ILE V 42 1.14 -20.58 40.46
C ILE V 42 1.62 -21.91 41.01
N MET V 43 2.73 -21.90 41.74
CA MET V 43 3.26 -23.15 42.29
C MET V 43 2.37 -23.71 43.39
N GLU V 44 1.75 -22.82 44.16
CA GLU V 44 0.78 -23.26 45.17
C GLU V 44 -0.38 -24.01 44.50
N LYS V 45 -0.99 -23.36 43.51
CA LYS V 45 -2.11 -23.97 42.79
C LYS V 45 -1.72 -25.26 42.07
N ALA V 46 -0.51 -25.27 41.51
CA ALA V 46 -0.02 -26.41 40.75
C ALA V 46 0.23 -27.61 41.65
N ASP V 47 0.74 -27.35 42.86
CA ASP V 47 0.93 -28.43 43.83
C ASP V 47 -0.42 -28.94 44.29
N SER V 48 -1.36 -28.02 44.52
CA SER V 48 -2.72 -28.38 44.90
C SER V 48 -3.36 -29.33 43.88
N ASN V 49 -3.26 -28.97 42.60
CA ASN V 49 -3.84 -29.79 41.54
C ASN V 49 -3.06 -31.08 41.35
N LYS V 50 -1.77 -31.06 41.66
CA LYS V 50 -0.96 -32.27 41.59
C LYS V 50 -1.46 -33.30 42.60
N THR V 51 -1.67 -32.84 43.83
CA THR V 51 -2.23 -33.68 44.88
C THR V 51 -3.63 -34.17 44.49
N ARG V 52 -4.45 -33.23 44.02
CA ARG V 52 -5.80 -33.52 43.57
C ARG V 52 -5.85 -34.65 42.55
N ILE V 53 -4.97 -34.57 41.55
CA ILE V 53 -4.99 -35.51 40.44
C ILE V 53 -4.35 -36.83 40.82
N ASP V 54 -3.41 -36.81 41.77
CA ASP V 54 -2.80 -38.04 42.25
C ASP V 54 -3.83 -38.85 43.04
N GLU V 55 -4.48 -38.19 43.99
CA GLU V 55 -5.52 -38.82 44.80
C GLU V 55 -6.68 -39.30 43.94
N ALA V 56 -7.08 -38.46 42.99
CA ALA V 56 -8.19 -38.81 42.09
C ALA V 56 -7.83 -40.00 41.20
N ASN V 57 -6.59 -40.05 40.74
CA ASN V 57 -6.15 -41.17 39.90
C ASN V 57 -6.11 -42.46 40.71
N GLN V 58 -5.65 -42.36 41.95
CA GLN V 58 -5.61 -43.53 42.83
C GLN V 58 -7.04 -44.05 43.09
N ARG V 59 -7.95 -43.14 43.40
CA ARG V 59 -9.34 -43.51 43.65
C ARG V 59 -10.00 -44.10 42.41
N ALA V 60 -9.63 -43.57 41.25
CA ALA V 60 -10.20 -44.03 39.98
C ALA V 60 -9.72 -45.44 39.63
N THR V 61 -8.41 -45.69 39.81
CA THR V 61 -7.85 -47.00 39.52
C THR V 61 -8.24 -48.00 40.61
N LYS V 62 -8.69 -47.49 41.75
CA LYS V 62 -9.15 -48.33 42.85
C LYS V 62 -10.40 -49.13 42.47
N MET V 63 -11.26 -48.51 41.66
CA MET V 63 -12.51 -49.13 41.25
C MET V 63 -12.33 -49.94 39.96
N LEU V 64 -11.13 -50.46 39.76
CA LEU V 64 -10.82 -51.25 38.57
C LEU V 64 -10.20 -52.59 38.95
N SER W 2 57.40 40.87 2.60
CA SER W 2 57.99 41.83 1.67
C SER W 2 59.32 41.33 1.12
N ASN W 3 59.27 40.66 -0.02
CA ASN W 3 60.47 40.09 -0.62
C ASN W 3 61.40 41.18 -1.18
N ARG W 4 60.84 42.36 -1.40
CA ARG W 4 61.59 43.48 -1.96
C ARG W 4 62.77 43.87 -1.08
N ARG W 5 62.54 43.94 0.23
CA ARG W 5 63.58 44.30 1.18
C ARG W 5 64.63 43.21 1.28
N LEU W 6 64.19 41.96 1.28
CA LEU W 6 65.10 40.81 1.33
C LEU W 6 66.05 40.82 0.14
N GLN W 7 65.48 40.93 -1.06
CA GLN W 7 66.27 40.90 -2.29
C GLN W 7 67.14 42.16 -2.43
N GLN W 8 66.64 43.28 -1.93
CA GLN W 8 67.40 44.53 -1.98
C GLN W 8 68.62 44.45 -1.08
N THR W 9 68.42 43.97 0.14
CA THR W 9 69.50 43.75 1.08
C THR W 9 70.51 42.77 0.50
N GLN W 10 69.99 41.72 -0.14
CA GLN W 10 70.84 40.75 -0.82
C GLN W 10 71.73 41.43 -1.87
N ALA W 11 71.13 42.32 -2.67
CA ALA W 11 71.88 43.05 -3.69
C ALA W 11 72.96 43.92 -3.06
N GLN W 12 72.63 44.55 -1.93
CA GLN W 12 73.61 45.33 -1.18
C GLN W 12 74.80 44.47 -0.77
N VAL W 13 74.50 43.32 -0.18
CA VAL W 13 75.54 42.38 0.25
C VAL W 13 76.42 41.96 -0.91
N ASP W 14 75.80 41.58 -2.02
CA ASP W 14 76.55 41.19 -3.21
C ASP W 14 77.48 42.31 -3.68
N GLU W 15 76.96 43.55 -3.70
CA GLU W 15 77.76 44.70 -4.10
C GLU W 15 78.98 44.86 -3.19
N VAL W 16 78.75 44.85 -1.88
CA VAL W 16 79.83 45.01 -0.92
C VAL W 16 80.87 43.90 -1.06
N VAL W 17 80.40 42.69 -1.37
CA VAL W 17 81.30 41.56 -1.62
C VAL W 17 82.19 41.88 -2.81
N ASP W 18 81.57 42.32 -3.90
CA ASP W 18 82.28 42.65 -5.14
C ASP W 18 83.31 43.76 -4.90
N ILE W 19 83.01 44.66 -3.97
CA ILE W 19 83.97 45.68 -3.58
C ILE W 19 85.14 45.04 -2.85
N MET W 20 84.80 44.23 -1.85
CA MET W 20 85.77 43.70 -0.91
C MET W 20 86.76 42.73 -1.52
N ARG W 21 86.33 41.92 -2.49
CA ARG W 21 87.25 40.97 -3.10
C ARG W 21 88.33 41.71 -3.91
N VAL W 22 87.91 42.77 -4.61
CA VAL W 22 88.83 43.62 -5.35
C VAL W 22 89.79 44.30 -4.38
N ASN W 23 89.25 44.83 -3.29
CA ASN W 23 90.08 45.44 -2.26
C ASN W 23 91.14 44.45 -1.76
N VAL W 24 90.74 43.21 -1.55
CA VAL W 24 91.63 42.16 -1.06
C VAL W 24 92.75 41.89 -2.05
N ASP W 25 92.41 41.78 -3.32
CA ASP W 25 93.42 41.56 -4.35
C ASP W 25 94.43 42.71 -4.40
N LYS W 26 93.92 43.94 -4.31
CA LYS W 26 94.77 45.12 -4.27
C LYS W 26 95.69 45.09 -3.04
N VAL W 27 95.18 44.58 -1.94
CA VAL W 27 95.96 44.41 -0.72
C VAL W 27 97.10 43.41 -0.95
N LEU W 28 96.80 42.31 -1.64
CA LEU W 28 97.83 41.33 -1.97
C LEU W 28 98.94 41.97 -2.80
N GLU W 29 98.54 42.78 -3.79
CA GLU W 29 99.51 43.52 -4.59
C GLU W 29 100.38 44.41 -3.69
N ARG W 30 99.73 45.05 -2.73
CA ARG W 30 100.42 45.86 -1.73
C ARG W 30 101.44 45.01 -0.96
N ASP W 31 101.10 43.76 -0.68
CA ASP W 31 102.00 42.86 0.03
C ASP W 31 103.23 42.56 -0.81
N GLN W 32 103.03 42.33 -2.10
CA GLN W 32 104.15 42.13 -3.02
C GLN W 32 105.08 43.34 -3.02
N LYS W 33 104.50 44.52 -3.28
CA LYS W 33 105.26 45.75 -3.35
C LYS W 33 106.04 46.02 -2.05
N LEU W 34 105.40 45.76 -0.93
CA LEU W 34 106.02 45.93 0.38
C LEU W 34 107.18 44.96 0.59
N SER W 35 107.00 43.72 0.14
CA SER W 35 108.06 42.72 0.29
C SER W 35 109.31 43.13 -0.51
N GLU W 36 109.08 43.48 -1.77
CA GLU W 36 110.19 43.91 -2.62
C GLU W 36 110.85 45.16 -2.06
N LEU W 37 110.05 46.06 -1.50
CA LEU W 37 110.59 47.26 -0.87
C LEU W 37 111.43 46.90 0.34
N ASP W 38 111.05 45.83 1.04
CA ASP W 38 111.80 45.36 2.20
C ASP W 38 113.18 44.88 1.78
N ASP W 39 113.21 44.03 0.76
CA ASP W 39 114.50 43.54 0.24
C ASP W 39 115.39 44.71 -0.23
N ARG W 40 114.77 45.62 -0.98
CA ARG W 40 115.48 46.79 -1.49
C ARG W 40 116.03 47.67 -0.38
N ALA W 41 115.30 47.76 0.72
CA ALA W 41 115.71 48.57 1.87
C ALA W 41 116.88 47.93 2.60
N ASP W 42 116.82 46.60 2.74
CA ASP W 42 117.92 45.87 3.36
C ASP W 42 119.22 46.06 2.55
N ALA W 43 119.12 45.86 1.25
CA ALA W 43 120.27 46.08 0.36
C ALA W 43 120.78 47.52 0.47
N LEU W 44 119.83 48.45 0.52
CA LEU W 44 120.13 49.87 0.62
C LEU W 44 120.96 50.20 1.88
N GLN W 45 120.52 49.70 3.03
CA GLN W 45 121.23 49.99 4.27
C GLN W 45 122.57 49.27 4.32
N ALA W 46 122.66 48.11 3.67
CA ALA W 46 123.94 47.41 3.56
C ALA W 46 124.97 48.26 2.81
N GLY W 47 124.57 48.70 1.61
CA GLY W 47 125.40 49.59 0.82
C GLY W 47 125.73 50.87 1.56
N ALA W 48 124.78 51.33 2.36
CA ALA W 48 124.97 52.54 3.17
C ALA W 48 126.08 52.35 4.20
N SER W 49 126.07 51.19 4.87
CA SER W 49 127.11 50.91 5.85
C SER W 49 128.48 50.77 5.18
N GLN W 50 128.52 50.08 4.05
CA GLN W 50 129.78 49.93 3.31
C GLN W 50 130.34 51.30 2.92
N PHE W 51 129.48 52.14 2.35
CA PHE W 51 129.89 53.47 1.93
C PHE W 51 130.31 54.33 3.13
N GLU W 52 129.69 54.10 4.28
CA GLU W 52 130.06 54.81 5.50
C GLU W 52 131.49 54.43 5.90
N THR W 53 131.79 53.14 5.86
CA THR W 53 133.13 52.66 6.17
C THR W 53 134.18 53.26 5.23
N SER W 54 133.90 53.17 3.93
CA SER W 54 134.80 53.74 2.93
C SER W 54 135.02 55.24 3.17
N ALA W 55 133.94 55.93 3.55
CA ALA W 55 134.00 57.36 3.83
C ALA W 55 134.87 57.64 5.05
N ALA W 56 134.82 56.74 6.02
CA ALA W 56 135.67 56.85 7.20
C ALA W 56 137.14 56.74 6.79
N LYS W 57 137.45 55.73 5.97
CA LYS W 57 138.80 55.57 5.46
C LYS W 57 139.29 56.82 4.72
N LEU W 58 138.43 57.33 3.83
CA LEU W 58 138.79 58.47 3.01
C LEU W 58 138.99 59.73 3.85
N LYS W 59 138.20 59.90 4.90
CA LYS W 59 138.36 61.03 5.81
C LYS W 59 139.67 60.90 6.57
N ARG W 60 139.99 59.67 6.94
CA ARG W 60 141.24 59.40 7.65
C ARG W 60 142.43 59.41 6.70
N LYS W 61 142.16 59.61 5.42
CA LYS W 61 143.22 59.69 4.42
C LYS W 61 143.51 61.12 3.97
N TYR W 62 142.46 61.84 3.57
CA TYR W 62 142.62 63.15 2.94
C TYR W 62 142.45 64.33 3.91
N TRP W 63 142.53 64.07 5.20
CA TRP W 63 142.50 65.15 6.19
C TRP W 63 143.58 64.94 7.24
N MET X 1 49.46 32.89 1.73
CA MET X 1 50.69 32.19 1.40
C MET X 1 50.52 30.69 1.57
N ALA X 2 51.64 29.98 1.69
CA ALA X 2 51.65 28.53 1.86
C ALA X 2 53.02 28.07 2.34
N LEU X 3 53.27 26.77 2.26
CA LEU X 3 54.59 26.24 2.66
C LEU X 3 55.64 26.57 1.61
N SER X 4 55.20 26.74 0.36
CA SER X 4 56.13 27.09 -0.71
C SER X 4 56.73 28.47 -0.46
N GLU X 5 55.87 29.42 -0.09
CA GLU X 5 56.30 30.78 0.16
C GLU X 5 57.26 30.86 1.34
N ILE X 6 56.93 30.13 2.40
CA ILE X 6 57.75 30.09 3.60
C ILE X 6 59.09 29.41 3.29
N GLU X 7 59.05 28.36 2.50
CA GLU X 7 60.26 27.62 2.14
C GLU X 7 61.21 28.48 1.30
N THR X 8 60.65 29.19 0.32
CA THR X 8 61.46 30.07 -0.51
C THR X 8 62.01 31.23 0.31
N ARG X 9 61.19 31.74 1.22
CA ARG X 9 61.63 32.77 2.15
C ARG X 9 62.85 32.31 2.93
N HIS X 10 62.73 31.13 3.53
CA HIS X 10 63.79 30.51 4.31
C HIS X 10 65.06 30.29 3.48
N SER X 11 64.88 29.83 2.25
CA SER X 11 65.99 29.58 1.35
C SER X 11 66.76 30.86 1.03
N GLU X 12 66.04 31.89 0.60
CA GLU X 12 66.67 33.17 0.26
C GLU X 12 67.35 33.79 1.48
N ILE X 13 66.75 33.58 2.65
CA ILE X 13 67.33 34.06 3.90
C ILE X 13 68.66 33.36 4.19
N ILE X 14 68.68 32.04 4.05
CA ILE X 14 69.92 31.28 4.24
C ILE X 14 70.99 31.75 3.26
N LYS X 15 70.59 31.95 2.00
CA LYS X 15 71.47 32.51 0.98
C LYS X 15 72.09 33.82 1.44
N LEU X 16 71.25 34.69 1.99
CA LEU X 16 71.71 35.96 2.53
C LEU X 16 72.73 35.74 3.64
N GLU X 17 72.47 34.78 4.52
CA GLU X 17 73.38 34.49 5.63
C GLU X 17 74.74 34.02 5.12
N ASN X 18 74.75 33.22 4.06
CA ASN X 18 76.00 32.73 3.50
C ASN X 18 76.79 33.85 2.82
N SER X 19 76.10 34.70 2.07
CA SER X 19 76.74 35.85 1.45
C SER X 19 77.36 36.74 2.53
N ILE X 20 76.59 36.99 3.59
CA ILE X 20 77.04 37.75 4.74
C ILE X 20 78.31 37.12 5.33
N ARG X 21 78.30 35.81 5.46
CA ARG X 21 79.44 35.10 6.04
C ARG X 21 80.68 35.26 5.18
N GLU X 22 80.53 35.17 3.87
CA GLU X 22 81.65 35.38 2.96
C GLU X 22 82.20 36.80 3.12
N LEU X 23 81.31 37.77 3.20
CA LEU X 23 81.70 39.16 3.44
C LEU X 23 82.55 39.26 4.72
N HIS X 24 82.05 38.66 5.78
CA HIS X 24 82.74 38.60 7.07
C HIS X 24 84.16 38.06 6.91
N ASP X 25 84.28 36.86 6.34
CA ASP X 25 85.58 36.23 6.17
C ASP X 25 86.52 37.12 5.36
N MET X 26 85.98 37.80 4.35
CA MET X 26 86.76 38.74 3.57
C MET X 26 87.31 39.87 4.44
N PHE X 27 86.48 40.41 5.32
CA PHE X 27 86.94 41.46 6.22
C PHE X 27 88.03 40.95 7.17
N MET X 28 87.86 39.73 7.67
CA MET X 28 88.85 39.12 8.56
C MET X 28 90.20 38.98 7.88
N ASP X 29 90.18 38.39 6.68
CA ASP X 29 91.40 38.26 5.89
C ASP X 29 92.03 39.62 5.63
N MET X 30 91.19 40.60 5.32
CA MET X 30 91.65 41.98 5.13
C MET X 30 92.47 42.46 6.33
N ALA X 31 91.87 42.44 7.51
CA ALA X 31 92.55 42.87 8.73
C ALA X 31 93.87 42.11 8.92
N MET X 32 93.83 40.81 8.70
CA MET X 32 95.03 39.97 8.82
C MET X 32 96.18 40.44 7.93
N LEU X 33 95.91 40.50 6.63
CA LEU X 33 96.92 40.91 5.65
C LEU X 33 97.48 42.28 5.99
N VAL X 34 96.58 43.22 6.29
CA VAL X 34 97.00 44.58 6.62
C VAL X 34 97.92 44.58 7.84
N GLU X 35 97.64 43.72 8.82
CA GLU X 35 98.48 43.64 10.01
C GLU X 35 99.88 43.11 9.69
N SER X 36 99.94 41.97 9.03
CA SER X 36 101.24 41.38 8.65
C SER X 36 102.08 42.37 7.84
N GLN X 37 101.45 42.98 6.84
CA GLN X 37 102.10 44.01 6.05
C GLN X 37 102.56 45.16 6.94
N GLY X 38 101.81 45.42 8.01
CA GLY X 38 102.21 46.41 8.99
C GLY X 38 103.55 46.08 9.63
N GLU X 39 103.70 44.82 10.02
CA GLU X 39 105.00 44.36 10.56
C GLU X 39 106.12 44.53 9.53
N MET X 40 105.81 44.15 8.29
CA MET X 40 106.75 44.32 7.18
C MET X 40 107.22 45.78 7.07
N ILE X 41 106.28 46.71 7.18
CA ILE X 41 106.57 48.14 7.12
C ILE X 41 107.43 48.55 8.31
N ASP X 42 107.16 47.95 9.47
CA ASP X 42 108.00 48.18 10.65
C ASP X 42 109.46 47.93 10.30
N ARG X 43 109.75 46.71 9.82
CA ARG X 43 111.16 46.38 9.56
C ARG X 43 111.74 47.21 8.40
N ILE X 44 110.90 47.57 7.43
CA ILE X 44 111.35 48.45 6.34
C ILE X 44 111.83 49.78 6.90
N GLU X 45 110.99 50.42 7.71
CA GLU X 45 111.32 51.71 8.30
C GLU X 45 112.58 51.61 9.17
N TYR X 46 112.73 50.47 9.84
CA TYR X 46 113.95 50.21 10.61
C TYR X 46 115.20 50.29 9.71
N ASN X 47 115.23 49.45 8.69
CA ASN X 47 116.35 49.42 7.75
C ASN X 47 116.61 50.80 7.15
N VAL X 48 115.54 51.51 6.82
CA VAL X 48 115.66 52.83 6.20
C VAL X 48 116.33 53.82 7.16
N GLU X 49 115.89 53.84 8.41
CA GLU X 49 116.47 54.77 9.37
C GLU X 49 117.95 54.46 9.61
N HIS X 50 118.27 53.18 9.70
CA HIS X 50 119.68 52.78 9.81
C HIS X 50 120.49 53.30 8.62
N ALA X 51 119.93 53.11 7.42
CA ALA X 51 120.56 53.60 6.19
C ALA X 51 120.79 55.10 6.24
N VAL X 52 119.80 55.83 6.73
CA VAL X 52 119.89 57.28 6.86
C VAL X 52 121.06 57.66 7.77
N ASP X 53 121.15 56.99 8.92
CA ASP X 53 122.25 57.26 9.83
C ASP X 53 123.60 57.05 9.15
N TYR X 54 123.77 55.87 8.55
CA TYR X 54 125.02 55.54 7.86
C TYR X 54 125.39 56.58 6.80
N VAL X 55 124.40 56.96 5.98
CA VAL X 55 124.59 57.94 4.92
C VAL X 55 125.02 59.29 5.50
N GLU X 56 124.34 59.72 6.56
CA GLU X 56 124.64 61.00 7.20
C GLU X 56 126.09 61.03 7.70
N ARG X 57 126.49 60.01 8.44
CA ARG X 57 127.86 59.95 8.95
C ARG X 57 128.88 59.94 7.82
N ALA X 58 128.59 59.16 6.78
CA ALA X 58 129.46 59.09 5.61
C ALA X 58 129.64 60.46 4.96
N VAL X 59 128.53 61.17 4.78
CA VAL X 59 128.53 62.49 4.17
C VAL X 59 129.35 63.46 5.00
N SER X 60 129.15 63.42 6.33
CA SER X 60 129.95 64.26 7.21
C SER X 60 131.45 64.00 7.02
N ASP X 61 131.81 62.72 7.00
CA ASP X 61 133.22 62.33 6.85
C ASP X 61 133.83 62.80 5.53
N THR X 62 133.13 62.60 4.42
CA THR X 62 133.63 63.05 3.13
C THR X 62 133.73 64.56 3.07
N LYS X 63 132.72 65.23 3.64
CA LYS X 63 132.66 66.68 3.67
C LYS X 63 133.84 67.27 4.45
N LYS X 64 134.26 66.56 5.50
CA LYS X 64 135.44 66.99 6.26
C LYS X 64 136.72 66.56 5.54
N ALA X 65 136.62 65.57 4.67
CA ALA X 65 137.78 65.02 3.97
C ALA X 65 138.21 65.90 2.81
N VAL X 66 137.25 66.43 2.06
CA VAL X 66 137.56 67.20 0.87
C VAL X 66 138.26 68.51 1.20
N LYS X 67 137.82 69.18 2.25
CA LYS X 67 138.34 70.49 2.61
C LYS X 67 139.64 70.38 3.42
N GLU Y 4 49.50 15.03 9.49
CA GLU Y 4 49.97 15.78 8.33
C GLU Y 4 49.82 17.28 8.53
N LEU Y 5 48.65 17.68 9.03
CA LEU Y 5 48.34 19.10 9.22
C LEU Y 5 49.12 19.70 10.39
N GLU Y 6 49.06 19.02 11.54
CA GLU Y 6 49.79 19.45 12.72
C GLU Y 6 51.28 19.58 12.43
N GLU Y 7 51.83 18.57 11.78
CA GLU Y 7 53.24 18.54 11.39
C GLU Y 7 53.54 19.68 10.42
N MET Y 8 52.55 20.08 9.65
CA MET Y 8 52.70 21.17 8.67
C MET Y 8 52.78 22.53 9.36
N GLN Y 9 51.84 22.78 10.27
CA GLN Y 9 51.85 24.02 11.05
C GLN Y 9 53.15 24.13 11.84
N ARG Y 10 53.50 23.05 12.53
CA ARG Y 10 54.74 23.00 13.30
C ARG Y 10 55.95 23.22 12.39
N ARG Y 11 55.87 22.72 11.16
CA ARG Y 11 56.93 22.91 10.17
C ARG Y 11 57.07 24.39 9.83
N ALA Y 12 55.94 25.05 9.61
CA ALA Y 12 55.94 26.48 9.27
C ALA Y 12 56.55 27.31 10.40
N ASP Y 13 56.07 27.10 11.61
CA ASP Y 13 56.60 27.81 12.77
C ASP Y 13 58.10 27.52 12.94
N GLN Y 14 58.48 26.28 12.67
CA GLN Y 14 59.89 25.87 12.68
C GLN Y 14 60.72 26.73 11.74
N LEU Y 15 60.29 26.82 10.49
CA LEU Y 15 60.98 27.62 9.49
C LEU Y 15 61.06 29.08 9.93
N ALA Y 16 59.99 29.56 10.56
CA ALA Y 16 59.98 30.93 11.09
C ALA Y 16 61.09 31.15 12.11
N ASP Y 17 61.16 30.26 13.09
CA ASP Y 17 62.19 30.34 14.12
C ASP Y 17 63.59 30.26 13.53
N GLU Y 18 63.80 29.30 12.62
CA GLU Y 18 65.08 29.11 11.95
C GLU Y 18 65.53 30.37 11.23
N SER Y 19 64.63 30.96 10.46
CA SER Y 19 64.93 32.20 9.76
C SER Y 19 65.26 33.32 10.74
N LEU Y 20 64.52 33.38 11.85
CA LEU Y 20 64.77 34.39 12.88
C LEU Y 20 66.19 34.31 13.43
N GLU Y 21 66.54 33.15 14.00
CA GLU Y 21 67.87 32.95 14.57
C GLU Y 21 68.95 33.14 13.51
N SER Y 22 68.61 32.82 12.26
CA SER Y 22 69.52 33.06 11.15
C SER Y 22 69.82 34.54 11.02
N THR Y 23 68.78 35.36 11.06
CA THR Y 23 68.96 36.81 10.98
C THR Y 23 69.78 37.33 12.15
N ARG Y 24 69.57 36.73 13.33
CA ARG Y 24 70.40 37.09 14.49
C ARG Y 24 71.87 36.80 14.21
N ARG Y 25 72.14 35.63 13.65
CA ARG Y 25 73.49 35.26 13.25
C ARG Y 25 74.07 36.28 12.27
N MET Y 26 73.22 36.75 11.35
CA MET Y 26 73.63 37.78 10.39
C MET Y 26 74.06 39.04 11.13
N LEU Y 27 73.26 39.48 12.09
CA LEU Y 27 73.57 40.68 12.86
C LEU Y 27 74.92 40.54 13.55
N GLN Y 28 75.15 39.39 14.19
CA GLN Y 28 76.43 39.14 14.83
C GLN Y 28 77.60 39.22 13.81
N LEU Y 29 77.41 38.58 12.66
CA LEU Y 29 78.44 38.52 11.64
C LEU Y 29 78.79 39.89 11.08
N VAL Y 30 77.78 40.71 10.82
CA VAL Y 30 78.03 42.04 10.28
C VAL Y 30 78.59 42.96 11.36
N GLU Y 31 78.37 42.61 12.62
CA GLU Y 31 79.02 43.34 13.71
C GLU Y 31 80.52 43.04 13.75
N GLU Y 32 80.87 41.76 13.71
CA GLU Y 32 82.28 41.37 13.65
C GLU Y 32 82.96 41.99 12.44
N SER Y 33 82.27 41.95 11.30
CA SER Y 33 82.76 42.56 10.07
C SER Y 33 83.01 44.05 10.27
N LYS Y 34 82.04 44.72 10.89
CA LYS Y 34 82.14 46.14 11.21
C LYS Y 34 83.41 46.46 11.98
N ASP Y 35 83.60 45.79 13.10
CA ASP Y 35 84.77 46.05 13.96
C ASP Y 35 86.09 45.74 13.24
N ALA Y 36 86.13 44.60 12.54
CA ALA Y 36 87.31 44.22 11.76
C ALA Y 36 87.67 45.32 10.76
N GLY Y 37 86.65 45.86 10.11
CA GLY Y 37 86.82 46.96 9.18
C GLY Y 37 87.40 48.20 9.86
N ILE Y 38 86.84 48.55 11.02
CA ILE Y 38 87.33 49.71 11.76
C ILE Y 38 88.82 49.59 12.08
N ARG Y 39 89.19 48.47 12.71
CA ARG Y 39 90.59 48.30 13.09
C ARG Y 39 91.48 48.23 11.85
N THR Y 40 90.94 47.71 10.75
CA THR Y 40 91.65 47.71 9.47
C THR Y 40 91.99 49.14 9.05
N LEU Y 41 90.99 50.02 9.09
CA LEU Y 41 91.21 51.41 8.75
C LEU Y 41 92.25 52.07 9.66
N VAL Y 42 92.18 51.76 10.95
CA VAL Y 42 93.16 52.28 11.90
C VAL Y 42 94.57 51.88 11.48
N MET Y 43 94.74 50.59 11.21
CA MET Y 43 96.01 50.07 10.73
C MET Y 43 96.47 50.81 9.47
N LEU Y 44 95.53 51.11 8.58
CA LEU Y 44 95.85 51.81 7.35
C LEU Y 44 96.36 53.22 7.63
N ASP Y 45 95.78 53.91 8.61
CA ASP Y 45 96.26 55.22 8.98
C ASP Y 45 97.69 55.15 9.53
N GLU Y 46 97.89 54.26 10.49
CA GLU Y 46 99.20 54.08 11.11
C GLU Y 46 100.29 53.80 10.07
N GLN Y 47 100.07 52.74 9.31
CA GLN Y 47 101.01 52.33 8.27
C GLN Y 47 101.20 53.43 7.22
N GLY Y 48 100.15 54.22 7.00
CA GLY Y 48 100.23 55.35 6.09
C GLY Y 48 101.23 56.39 6.55
N GLU Y 49 101.10 56.81 7.81
CA GLU Y 49 102.03 57.75 8.39
C GLU Y 49 103.46 57.18 8.38
N GLN Y 50 103.57 55.88 8.64
CA GLN Y 50 104.87 55.22 8.57
C GLN Y 50 105.47 55.33 7.17
N LEU Y 51 104.63 55.14 6.16
CA LEU Y 51 105.07 55.27 4.76
C LEU Y 51 105.53 56.70 4.46
N ASP Y 52 104.83 57.67 5.03
CA ASP Y 52 105.24 59.07 4.88
C ASP Y 52 106.63 59.31 5.46
N ARG Y 53 106.85 58.80 6.68
CA ARG Y 53 108.16 58.90 7.30
C ARG Y 53 109.23 58.23 6.45
N VAL Y 54 108.86 57.11 5.83
CA VAL Y 54 109.77 56.41 4.91
C VAL Y 54 110.13 57.31 3.73
N GLU Y 55 109.14 58.01 3.20
CA GLU Y 55 109.36 58.91 2.06
C GLU Y 55 110.29 60.04 2.43
N GLU Y 56 110.06 60.66 3.59
CA GLU Y 56 110.94 61.72 4.07
C GLU Y 56 112.36 61.20 4.23
N GLY Y 57 112.46 59.97 4.73
CA GLY Y 57 113.75 59.30 4.83
C GLY Y 57 114.46 59.21 3.49
N MET Y 58 113.72 58.76 2.47
CA MET Y 58 114.27 58.63 1.13
C MET Y 58 114.74 59.98 0.58
N ASN Y 59 113.93 61.01 0.78
CA ASN Y 59 114.29 62.36 0.32
C ASN Y 59 115.59 62.83 0.96
N HIS Y 60 115.67 62.67 2.29
CA HIS Y 60 116.87 63.03 3.03
C HIS Y 60 118.10 62.28 2.49
N ILE Y 61 117.95 60.98 2.27
CA ILE Y 61 119.01 60.16 1.70
C ILE Y 61 119.47 60.73 0.37
N ASN Y 62 118.50 61.08 -0.48
CA ASN Y 62 118.79 61.61 -1.81
C ASN Y 62 119.62 62.89 -1.73
N GLN Y 63 119.19 63.82 -0.89
CA GLN Y 63 119.90 65.09 -0.76
C GLN Y 63 121.31 64.90 -0.19
N ASP Y 64 121.42 64.06 0.83
CA ASP Y 64 122.71 63.77 1.44
C ASP Y 64 123.68 63.15 0.42
N MET Y 65 123.19 62.21 -0.37
CA MET Y 65 124.04 61.55 -1.35
C MET Y 65 124.36 62.48 -2.51
N LYS Y 66 123.50 63.47 -2.74
CA LYS Y 66 123.76 64.50 -3.72
C LYS Y 66 124.97 65.33 -3.26
N GLU Y 67 124.94 65.71 -1.97
CA GLU Y 67 126.06 66.45 -1.40
C GLU Y 67 127.36 65.64 -1.40
N ALA Y 68 127.26 64.36 -1.05
CA ALA Y 68 128.41 63.47 -1.05
C ALA Y 68 129.00 63.36 -2.45
N GLU Y 69 128.12 63.28 -3.44
CA GLU Y 69 128.52 63.28 -4.85
C GLU Y 69 129.29 64.56 -5.18
N LYS Y 70 128.77 65.68 -4.67
CA LYS Y 70 129.43 66.97 -4.87
C LYS Y 70 130.84 66.98 -4.28
N ASN Y 71 130.99 66.48 -3.05
CA ASN Y 71 132.30 66.45 -2.39
C ASN Y 71 133.28 65.54 -3.12
N LEU Y 72 132.79 64.38 -3.58
CA LEU Y 72 133.65 63.46 -4.30
C LEU Y 72 134.06 64.01 -5.66
N LYS Y 73 133.18 64.81 -6.27
CA LYS Y 73 133.53 65.46 -7.53
C LYS Y 73 134.47 66.64 -7.31
N ASP Y 74 134.43 67.22 -6.11
CA ASP Y 74 135.33 68.32 -5.75
C ASP Y 74 136.69 67.79 -5.32
N LEU Y 75 136.74 66.52 -4.93
CA LEU Y 75 137.98 65.90 -4.50
C LEU Y 75 138.75 65.32 -5.68
N GLY Y 76 138.02 64.77 -6.65
CA GLY Y 76 138.64 64.16 -7.82
C GLY Y 76 139.30 65.16 -8.74
N MET Z 1 52.63 37.20 13.98
CA MET Z 1 53.29 38.25 13.22
C MET Z 1 54.47 38.82 13.99
N ALA Z 2 54.50 38.57 15.30
CA ALA Z 2 55.58 39.07 16.12
C ALA Z 2 56.85 38.38 15.66
N ARG Z 3 56.76 37.10 15.36
CA ARG Z 3 57.92 36.37 14.88
C ARG Z 3 58.47 37.06 13.62
N GLU Z 4 57.56 37.29 12.68
CA GLU Z 4 57.90 37.97 11.44
C GLU Z 4 58.44 39.39 11.54
N ASN Z 5 57.85 40.17 12.43
CA ASN Z 5 58.27 41.56 12.59
C ASN Z 5 59.64 41.58 13.23
N GLU Z 6 59.81 40.82 14.32
CA GLU Z 6 61.10 40.77 14.99
C GLU Z 6 62.20 40.60 13.94
N MET Z 7 62.02 39.56 13.12
CA MET Z 7 62.90 39.29 12.00
C MET Z 7 63.06 40.45 11.02
N ASP Z 8 61.97 41.18 10.79
CA ASP Z 8 61.96 42.34 9.93
C ASP Z 8 62.93 43.40 10.46
N GLU Z 9 62.80 43.71 11.75
CA GLU Z 9 63.70 44.66 12.41
C GLU Z 9 65.16 44.25 12.23
N ASN Z 10 65.42 42.96 12.47
CA ASN Z 10 66.74 42.39 12.27
C ASN Z 10 67.26 42.69 10.87
N LEU Z 11 66.44 42.40 9.86
CA LEU Z 11 66.84 42.61 8.47
C LEU Z 11 67.08 44.09 8.17
N GLU Z 12 66.34 44.98 8.82
CA GLU Z 12 66.55 46.42 8.63
C GLU Z 12 67.91 46.85 9.20
N GLN Z 13 68.19 46.40 10.42
CA GLN Z 13 69.48 46.70 11.04
C GLN Z 13 70.62 46.16 10.19
N VAL Z 14 70.46 44.93 9.70
CA VAL Z 14 71.45 44.30 8.83
C VAL Z 14 71.63 45.15 7.57
N SER Z 15 70.53 45.72 7.08
CA SER Z 15 70.59 46.59 5.91
C SER Z 15 71.46 47.82 6.18
N GLY Z 16 71.17 48.52 7.27
CA GLY Z 16 71.95 49.69 7.64
C GLY Z 16 73.43 49.39 7.81
N ILE Z 17 73.72 48.35 8.58
CA ILE Z 17 75.09 47.92 8.83
C ILE Z 17 75.79 47.57 7.51
N ILE Z 18 75.06 46.97 6.59
CA ILE Z 18 75.60 46.61 5.29
C ILE Z 18 75.97 47.86 4.50
N GLY Z 19 75.10 48.88 4.55
CA GLY Z 19 75.41 50.15 3.92
C GLY Z 19 76.67 50.78 4.46
N ASN Z 20 76.78 50.81 5.79
CA ASN Z 20 77.99 51.33 6.43
C ASN Z 20 79.22 50.54 5.99
N LEU Z 21 79.07 49.21 5.92
CA LEU Z 21 80.15 48.34 5.45
C LEU Z 21 80.56 48.70 4.01
N ARG Z 22 79.58 49.09 3.21
CA ARG Z 22 79.86 49.51 1.83
C ARG Z 22 80.74 50.75 1.86
N HIS Z 23 80.30 51.78 2.58
CA HIS Z 23 81.07 53.01 2.69
C HIS Z 23 82.51 52.72 3.14
N MET Z 24 82.62 51.93 4.21
CA MET Z 24 83.93 51.56 4.77
C MET Z 24 84.81 50.85 3.75
N ALA Z 25 84.19 49.98 2.96
CA ALA Z 25 84.91 49.23 1.93
C ALA Z 25 85.43 50.17 0.85
N LEU Z 26 84.63 51.18 0.51
CA LEU Z 26 85.03 52.18 -0.48
C LEU Z 26 86.22 52.99 0.00
N ASP Z 27 86.12 53.54 1.21
CA ASP Z 27 87.23 54.31 1.79
C ASP Z 27 88.50 53.46 1.87
N MET Z 28 88.33 52.25 2.39
CA MET Z 28 89.39 51.27 2.48
C MET Z 28 90.11 51.08 1.15
N GLY Z 29 89.37 50.63 0.14
CA GLY Z 29 89.93 50.40 -1.18
C GLY Z 29 90.64 51.60 -1.79
N ASN Z 30 89.98 52.76 -1.71
CA ASN Z 30 90.57 54.00 -2.24
C ASN Z 30 91.93 54.31 -1.60
N GLU Z 31 91.94 54.30 -0.28
CA GLU Z 31 93.18 54.61 0.43
C GLU Z 31 94.25 53.57 0.15
N ILE Z 32 93.83 52.32 -0.06
CA ILE Z 32 94.75 51.25 -0.42
C ILE Z 32 95.40 51.58 -1.78
N ASP Z 33 94.59 52.03 -2.73
CA ASP Z 33 95.10 52.43 -4.04
C ASP Z 33 96.14 53.54 -3.93
N THR Z 34 95.76 54.62 -3.24
CA THR Z 34 96.66 55.77 -3.08
C THR Z 34 97.96 55.37 -2.40
N GLN Z 35 97.86 54.52 -1.39
CA GLN Z 35 99.04 54.04 -0.70
C GLN Z 35 99.90 53.17 -1.61
N ASN Z 36 99.26 52.45 -2.53
CA ASN Z 36 100.00 51.65 -3.50
C ASN Z 36 100.80 52.53 -4.45
N ARG Z 37 100.18 53.62 -4.89
CA ARG Z 37 100.88 54.59 -5.73
C ARG Z 37 102.08 55.16 -4.96
N GLN Z 38 101.85 55.49 -3.69
CA GLN Z 38 102.93 56.00 -2.85
C GLN Z 38 104.07 55.00 -2.71
N ILE Z 39 103.73 53.72 -2.56
CA ILE Z 39 104.74 52.67 -2.44
C ILE Z 39 105.56 52.57 -3.72
N ASP Z 40 104.87 52.69 -4.86
CA ASP Z 40 105.56 52.71 -6.15
C ASP Z 40 106.60 53.84 -6.17
N ARG Z 41 106.17 55.02 -5.75
CA ARG Z 41 107.07 56.18 -5.64
C ARG Z 41 108.27 55.85 -4.75
N ILE Z 42 108.00 55.22 -3.62
CA ILE Z 42 109.04 54.87 -2.64
C ILE Z 42 110.07 53.95 -3.27
N MET Z 43 109.62 52.95 -4.02
CA MET Z 43 110.53 52.00 -4.65
C MET Z 43 111.35 52.66 -5.76
N GLU Z 44 110.73 53.60 -6.48
CA GLU Z 44 111.46 54.37 -7.47
C GLU Z 44 112.61 55.15 -6.83
N LYS Z 45 112.29 55.91 -5.78
CA LYS Z 45 113.30 56.70 -5.08
C LYS Z 45 114.37 55.82 -4.44
N ALA Z 46 113.96 54.68 -3.90
CA ALA Z 46 114.86 53.77 -3.22
C ALA Z 46 115.84 53.12 -4.19
N ASP Z 47 115.36 52.79 -5.39
CA ASP Z 47 116.23 52.24 -6.41
C ASP Z 47 117.21 53.32 -6.89
N SER Z 48 116.69 54.54 -7.03
CA SER Z 48 117.52 55.68 -7.41
C SER Z 48 118.68 55.88 -6.43
N ASN Z 49 118.37 55.87 -5.14
CA ASN Z 49 119.39 56.06 -4.11
C ASN Z 49 120.31 54.85 -4.00
N LYS Z 50 119.79 53.67 -4.34
CA LYS Z 50 120.59 52.46 -4.35
C LYS Z 50 121.69 52.59 -5.40
N THR Z 51 121.30 53.00 -6.60
CA THR Z 51 122.25 53.23 -7.67
C THR Z 51 123.24 54.33 -7.29
N ARG Z 52 122.70 55.44 -6.76
CA ARG Z 52 123.51 56.55 -6.29
C ARG Z 52 124.61 56.13 -5.34
N ILE Z 53 124.25 55.32 -4.35
CA ILE Z 53 125.16 54.94 -3.29
C ILE Z 53 126.13 53.85 -3.76
N ASP Z 54 125.71 53.03 -4.72
CA ASP Z 54 126.62 52.03 -5.28
C ASP Z 54 127.71 52.71 -6.09
N GLU Z 55 127.30 53.59 -6.99
CA GLU Z 55 128.24 54.35 -7.82
C GLU Z 55 129.17 55.21 -6.96
N ALA Z 56 128.58 55.86 -5.95
CA ALA Z 56 129.35 56.72 -5.05
C ALA Z 56 130.35 55.91 -4.24
N ASN Z 57 129.96 54.72 -3.79
CA ASN Z 57 130.86 53.86 -3.03
C ASN Z 57 132.01 53.38 -3.90
N GLN Z 58 131.69 53.03 -5.15
CA GLN Z 58 132.73 52.59 -6.09
C GLN Z 58 133.73 53.72 -6.36
N ARG Z 59 133.21 54.92 -6.59
CA ARG Z 59 134.07 56.08 -6.84
C ARG Z 59 134.91 56.42 -5.61
N ALA Z 60 134.34 56.23 -4.43
CA ALA Z 60 135.03 56.54 -3.18
C ALA Z 60 136.16 55.55 -2.91
N THR Z 61 135.89 54.26 -3.12
CA THR Z 61 136.91 53.23 -2.93
C THR Z 61 137.94 53.26 -4.06
N LYS Z 62 137.58 53.91 -5.16
CA LYS Z 62 138.50 54.07 -6.30
C LYS Z 62 139.71 54.90 -5.93
N MET Z 63 139.51 55.91 -5.09
CA MET Z 63 140.57 56.81 -4.67
C MET Z 63 141.30 56.30 -3.44
N LEU Z 64 141.34 54.98 -3.28
CA LEU Z 64 142.00 54.35 -2.14
C LEU Z 64 143.00 53.29 -2.61
N SER AA 2 79.88 59.65 -14.37
CA SER AA 2 78.90 59.27 -13.36
C SER AA 2 78.85 57.76 -13.18
N ASN AA 3 79.63 57.24 -12.22
CA ASN AA 3 79.70 55.81 -11.98
C ASN AA 3 78.42 55.27 -11.35
N ARG AA 4 77.63 56.17 -10.77
CA ARG AA 4 76.39 55.81 -10.11
C ARG AA 4 75.42 55.12 -11.07
N ARG AA 5 75.27 55.67 -12.27
CA ARG AA 5 74.38 55.12 -13.27
C ARG AA 5 74.89 53.79 -13.80
N LEU AA 6 76.20 53.69 -14.00
CA LEU AA 6 76.83 52.47 -14.47
C LEU AA 6 76.58 51.33 -13.48
N GLN AA 7 76.89 51.58 -12.21
CA GLN AA 7 76.75 50.57 -11.17
C GLN AA 7 75.28 50.24 -10.90
N GLN AA 8 74.41 51.23 -11.04
CA GLN AA 8 72.98 51.04 -10.83
C GLN AA 8 72.40 50.13 -11.92
N THR AA 9 72.76 50.44 -13.16
CA THR AA 9 72.36 49.63 -14.30
C THR AA 9 72.89 48.20 -14.14
N GLN AA 10 74.13 48.10 -13.67
CA GLN AA 10 74.74 46.81 -13.38
C GLN AA 10 73.89 46.02 -12.37
N ALA AA 11 73.46 46.69 -11.31
CA ALA AA 11 72.62 46.06 -10.28
C ALA AA 11 71.29 45.59 -10.87
N GLN AA 12 70.72 46.40 -11.75
CA GLN AA 12 69.50 46.02 -12.47
C GLN AA 12 69.71 44.73 -13.25
N VAL AA 13 70.79 44.70 -14.04
CA VAL AA 13 71.12 43.53 -14.83
C VAL AA 13 71.29 42.28 -13.96
N ASP AA 14 72.03 42.43 -12.87
CA ASP AA 14 72.22 41.31 -11.94
C ASP AA 14 70.89 40.80 -11.40
N GLU AA 15 70.02 41.73 -11.01
CA GLU AA 15 68.70 41.37 -10.51
C GLU AA 15 67.91 40.56 -11.54
N VAL AA 16 67.84 41.09 -12.76
CA VAL AA 16 67.10 40.43 -13.83
C VAL AA 16 67.68 39.04 -14.12
N VAL AA 17 69.00 38.92 -14.02
CA VAL AA 17 69.66 37.63 -14.19
C VAL AA 17 69.16 36.65 -13.13
N ASP AA 18 69.18 37.11 -11.88
CA ASP AA 18 68.74 36.30 -10.75
C ASP AA 18 67.28 35.88 -10.88
N ILE AA 19 66.48 36.72 -11.52
CA ILE AA 19 65.10 36.35 -11.83
C ILE AA 19 65.08 35.25 -12.87
N MET AA 20 65.81 35.49 -13.96
CA MET AA 20 65.73 34.65 -15.15
C MET AA 20 66.27 33.23 -14.94
N ARG AA 21 67.31 33.08 -14.12
CA ARG AA 21 67.85 31.74 -13.90
C ARG AA 21 66.83 30.87 -13.15
N VAL AA 22 66.17 31.48 -12.17
CA VAL AA 22 65.11 30.81 -11.42
C VAL AA 22 63.97 30.44 -12.36
N ASN AA 23 63.58 31.40 -13.19
CA ASN AA 23 62.54 31.15 -14.19
C ASN AA 23 62.89 29.96 -15.06
N VAL AA 24 64.16 29.90 -15.48
CA VAL AA 24 64.64 28.82 -16.35
C VAL AA 24 64.54 27.46 -15.64
N ASP AA 25 64.96 27.41 -14.38
CA ASP AA 25 64.87 26.17 -13.61
C ASP AA 25 63.41 25.71 -13.48
N LYS AA 26 62.53 26.67 -13.20
CA LYS AA 26 61.09 26.37 -13.11
C LYS AA 26 60.55 25.84 -14.44
N VAL AA 27 61.09 26.37 -15.55
CA VAL AA 27 60.74 25.92 -16.88
C VAL AA 27 61.18 24.47 -17.08
N LEU AA 28 62.38 24.13 -16.62
CA LEU AA 28 62.87 22.76 -16.70
C LEU AA 28 61.94 21.81 -15.95
N GLU AA 29 61.52 22.23 -14.75
CA GLU AA 29 60.55 21.46 -13.97
C GLU AA 29 59.26 21.26 -14.77
N ARG AA 30 58.83 22.33 -15.45
CA ARG AA 30 57.68 22.25 -16.33
C ARG AA 30 57.89 21.22 -17.44
N ASP AA 31 59.13 21.11 -17.93
CA ASP AA 31 59.45 20.14 -18.98
C ASP AA 31 59.30 18.72 -18.45
N GLN AA 32 59.77 18.49 -17.22
CA GLN AA 32 59.60 17.19 -16.57
C GLN AA 32 58.11 16.83 -16.45
N LYS AA 33 57.35 17.73 -15.84
CA LYS AA 33 55.93 17.52 -15.62
C LYS AA 33 55.18 17.25 -16.93
N LEU AA 34 55.54 18.00 -17.97
CA LEU AA 34 54.94 17.83 -19.29
C LEU AA 34 55.29 16.48 -19.91
N SER AA 35 56.53 16.05 -19.73
CA SER AA 35 56.96 14.75 -20.27
C SER AA 35 56.16 13.62 -19.63
N GLU AA 36 56.12 13.63 -18.30
CA GLU AA 36 55.38 12.61 -17.56
C GLU AA 36 53.90 12.64 -17.94
N LEU AA 37 53.36 13.83 -18.13
CA LEU AA 37 51.98 13.98 -18.56
C LEU AA 37 51.77 13.39 -19.94
N ASP AA 38 52.80 13.49 -20.79
CA ASP AA 38 52.73 12.92 -22.13
C ASP AA 38 52.63 11.40 -22.07
N ASP AA 39 53.52 10.80 -21.29
CA ASP AA 39 53.48 9.34 -21.12
C ASP AA 39 52.12 8.89 -20.56
N ARG AA 40 51.67 9.60 -19.54
CA ARG AA 40 50.40 9.29 -18.89
C ARG AA 40 49.22 9.41 -19.86
N ALA AA 41 49.30 10.38 -20.76
CA ALA AA 41 48.25 10.61 -21.75
C ALA AA 41 48.23 9.50 -22.79
N ASP AA 42 49.42 9.07 -23.22
CA ASP AA 42 49.51 7.96 -24.17
C ASP AA 42 48.90 6.70 -23.57
N ALA AA 43 49.30 6.37 -22.34
CA ALA AA 43 48.74 5.22 -21.64
C ALA AA 43 47.22 5.35 -21.50
N LEU AA 44 46.78 6.57 -21.18
CA LEU AA 44 45.36 6.87 -21.01
C LEU AA 44 44.55 6.59 -22.27
N GLN AA 45 45.03 7.05 -23.42
CA GLN AA 45 44.30 6.85 -24.66
C GLN AA 45 44.36 5.38 -25.11
N ALA AA 46 45.46 4.70 -24.75
CA ALA AA 46 45.55 3.27 -25.03
C ALA AA 46 44.45 2.50 -24.28
N GLY AA 47 44.40 2.72 -22.97
CA GLY AA 47 43.35 2.13 -22.15
C GLY AA 47 41.96 2.51 -22.62
N ALA AA 48 41.84 3.74 -23.13
CA ALA AA 48 40.58 4.23 -23.66
C ALA AA 48 40.13 3.43 -24.87
N SER AA 49 41.07 3.16 -25.78
CA SER AA 49 40.76 2.36 -26.96
C SER AA 49 40.38 0.93 -26.58
N GLN AA 50 41.14 0.34 -25.66
CA GLN AA 50 40.83 -1.01 -25.19
C GLN AA 50 39.42 -1.08 -24.60
N PHE AA 51 39.12 -0.13 -23.73
CA PHE AA 51 37.81 -0.08 -23.09
C PHE AA 51 36.70 0.16 -24.12
N GLU AA 52 37.02 0.91 -25.17
CA GLU AA 52 36.06 1.16 -26.24
C GLU AA 52 35.73 -0.15 -26.95
N THR AA 53 36.76 -0.93 -27.24
CA THR AA 53 36.58 -2.23 -27.88
C THR AA 53 35.73 -3.16 -27.02
N SER AA 54 36.09 -3.26 -25.75
CA SER AA 54 35.34 -4.11 -24.82
C SER AA 54 33.87 -3.65 -24.73
N ALA AA 55 33.66 -2.34 -24.77
CA ALA AA 55 32.32 -1.77 -24.72
C ALA AA 55 31.53 -2.14 -25.97
N ALA AA 56 32.23 -2.21 -27.10
CA ALA AA 56 31.60 -2.62 -28.35
C ALA AA 56 31.13 -4.07 -28.23
N LYS AA 57 32.01 -4.93 -27.72
CA LYS AA 57 31.65 -6.33 -27.51
C LYS AA 57 30.43 -6.46 -26.59
N LEU AA 58 30.46 -5.72 -25.49
CA LEU AA 58 29.40 -5.80 -24.49
C LEU AA 58 28.07 -5.29 -25.04
N LYS AA 59 28.12 -4.25 -25.88
CA LYS AA 59 26.91 -3.74 -26.51
C LYS AA 59 26.37 -4.77 -27.50
N ARG AA 60 27.28 -5.45 -28.19
CA ARG AA 60 26.90 -6.48 -29.15
C ARG AA 60 26.51 -7.77 -28.44
N LYS AA 61 26.62 -7.77 -27.11
CA LYS AA 61 26.24 -8.93 -26.31
C LYS AA 61 24.89 -8.74 -25.60
N TYR AA 62 24.75 -7.63 -24.88
CA TYR AA 62 23.59 -7.42 -24.02
C TYR AA 62 22.48 -6.58 -24.63
N TRP AA 63 22.49 -6.42 -25.96
CA TRP AA 63 21.41 -5.74 -26.65
C TRP AA 63 20.99 -6.52 -27.89
N MET BA 1 90.52 63.41 -14.01
CA MET BA 1 90.68 61.96 -14.05
C MET BA 1 92.07 61.57 -14.53
N ALA BA 2 92.20 60.33 -14.99
CA ALA BA 2 93.47 59.81 -15.49
C ALA BA 2 93.24 58.53 -16.29
N LEU BA 3 94.29 57.78 -16.55
CA LEU BA 3 94.16 56.52 -17.26
C LEU BA 3 93.57 55.45 -16.37
N SER BA 4 93.76 55.59 -15.06
CA SER BA 4 93.21 54.64 -14.11
C SER BA 4 91.69 54.70 -14.13
N GLU BA 5 91.15 55.92 -14.13
CA GLU BA 5 89.71 56.13 -14.13
C GLU BA 5 89.07 55.60 -15.41
N ILE BA 6 89.72 55.87 -16.53
CA ILE BA 6 89.23 55.42 -17.83
C ILE BA 6 89.31 53.89 -17.92
N GLU BA 7 90.39 53.31 -17.39
CA GLU BA 7 90.58 51.87 -17.41
C GLU BA 7 89.52 51.16 -16.57
N THR BA 8 89.26 51.68 -15.39
CA THR BA 8 88.24 51.10 -14.52
C THR BA 8 86.86 51.25 -15.14
N ARG BA 9 86.62 52.40 -15.76
CA ARG BA 9 85.37 52.65 -16.49
C ARG BA 9 85.17 51.57 -17.55
N HIS BA 10 86.20 51.37 -18.36
CA HIS BA 10 86.20 50.39 -19.44
C HIS BA 10 85.96 48.98 -18.91
N SER BA 11 86.62 48.65 -17.80
CA SER BA 11 86.49 47.34 -17.18
C SER BA 11 85.06 47.07 -16.72
N GLU BA 12 84.51 48.00 -15.94
CA GLU BA 12 83.14 47.86 -15.43
C GLU BA 12 82.14 47.79 -16.58
N ILE BA 13 82.42 48.53 -17.65
CA ILE BA 13 81.56 48.51 -18.83
C ILE BA 13 81.58 47.13 -19.50
N ILE BA 14 82.77 46.57 -19.67
CA ILE BA 14 82.89 45.23 -20.23
C ILE BA 14 82.15 44.20 -19.36
N LYS BA 15 82.32 44.34 -18.04
CA LYS BA 15 81.60 43.51 -17.08
C LYS BA 15 80.09 43.58 -17.33
N LEU BA 16 79.59 44.80 -17.52
CA LEU BA 16 78.19 45.02 -17.83
C LEU BA 16 77.80 44.29 -19.12
N GLU BA 17 78.65 44.37 -20.13
CA GLU BA 17 78.37 43.73 -21.41
C GLU BA 17 78.27 42.21 -21.26
N ASN BA 18 79.13 41.64 -20.44
CA ASN BA 18 79.12 40.20 -20.21
C ASN BA 18 77.87 39.75 -19.44
N SER BA 19 77.51 40.52 -18.41
CA SER BA 19 76.28 40.23 -17.67
C SER BA 19 75.07 40.29 -18.60
N ILE BA 20 75.04 41.33 -19.44
CA ILE BA 20 74.01 41.51 -20.44
C ILE BA 20 73.95 40.29 -21.36
N ARG BA 21 75.12 39.82 -21.79
CA ARG BA 21 75.19 38.68 -22.70
C ARG BA 21 74.62 37.42 -22.05
N GLU BA 22 74.96 37.21 -20.78
CA GLU BA 22 74.41 36.06 -20.06
C GLU BA 22 72.89 36.15 -19.97
N LEU BA 23 72.39 37.35 -19.69
CA LEU BA 23 70.94 37.59 -19.67
C LEU BA 23 70.31 37.19 -21.00
N HIS BA 24 70.93 37.67 -22.08
CA HIS BA 24 70.50 37.35 -23.43
C HIS BA 24 70.40 35.84 -23.65
N ASP BA 25 71.50 35.14 -23.40
CA ASP BA 25 71.54 33.69 -23.59
C ASP BA 25 70.45 32.99 -22.78
N MET BA 26 70.21 33.50 -21.57
CA MET BA 26 69.14 32.97 -20.73
C MET BA 26 67.78 33.13 -21.40
N PHE BA 27 67.53 34.29 -21.98
CA PHE BA 27 66.27 34.51 -22.68
C PHE BA 27 66.13 33.57 -23.90
N MET BA 28 67.23 33.39 -24.63
CA MET BA 28 67.23 32.50 -25.79
C MET BA 28 66.87 31.07 -25.38
N ASP BA 29 67.57 30.55 -24.37
CA ASP BA 29 67.28 29.23 -23.85
C ASP BA 29 65.83 29.14 -23.40
N MET BA 30 65.35 30.18 -22.74
CA MET BA 30 63.95 30.26 -22.32
C MET BA 30 63.01 29.99 -23.49
N ALA BA 31 63.11 30.83 -24.52
CA ALA BA 31 62.28 30.69 -25.72
C ALA BA 31 62.36 29.28 -26.31
N MET BA 32 63.58 28.75 -26.37
CA MET BA 32 63.81 27.39 -26.88
C MET BA 32 63.01 26.33 -26.11
N LEU BA 33 63.26 26.26 -24.81
CA LEU BA 33 62.60 25.29 -23.95
C LEU BA 33 61.08 25.41 -24.06
N VAL BA 34 60.58 26.64 -23.99
CA VAL BA 34 59.14 26.87 -24.06
C VAL BA 34 58.59 26.35 -25.38
N GLU BA 35 59.34 26.52 -26.47
CA GLU BA 35 58.89 26.03 -27.77
C GLU BA 35 58.80 24.51 -27.83
N SER BA 36 59.90 23.85 -27.45
CA SER BA 36 59.92 22.38 -27.44
C SER BA 36 58.79 21.80 -26.59
N GLN BA 37 58.65 22.36 -25.37
CA GLN BA 37 57.55 21.98 -24.50
C GLN BA 37 56.20 22.23 -25.16
N GLY BA 38 56.14 23.26 -26.01
CA GLY BA 38 54.96 23.54 -26.79
C GLY BA 38 54.60 22.38 -27.70
N GLU BA 39 55.61 21.84 -28.39
CA GLU BA 39 55.39 20.66 -29.24
C GLU BA 39 54.91 19.47 -28.40
N MET BA 40 55.54 19.29 -27.24
CA MET BA 40 55.14 18.25 -26.30
C MET BA 40 53.65 18.36 -25.94
N ILE BA 41 53.21 19.60 -25.68
CA ILE BA 41 51.81 19.86 -25.35
C ILE BA 41 50.91 19.56 -26.55
N ASP BA 42 51.41 19.85 -27.74
CA ASP BA 42 50.68 19.49 -28.96
C ASP BA 42 50.34 18.00 -28.93
N ARG BA 43 51.36 17.15 -28.80
CA ARG BA 43 51.09 15.71 -28.85
C ARG BA 43 50.26 15.23 -27.65
N ILE BA 44 50.44 15.88 -26.49
CA ILE BA 44 49.60 15.54 -25.34
C ILE BA 44 48.13 15.76 -25.66
N GLU BA 45 47.80 16.96 -26.14
CA GLU BA 45 46.43 17.31 -26.47
C GLU BA 45 45.86 16.36 -27.53
N TYR BA 46 46.72 15.96 -28.47
CA TYR BA 46 46.34 14.97 -29.47
C TYR BA 46 45.85 13.67 -28.79
N ASN BA 47 46.75 13.06 -28.01
CA ASN BA 47 46.42 11.83 -27.30
C ASN BA 47 45.14 11.97 -26.46
N VAL BA 48 45.01 13.11 -25.81
CA VAL BA 48 43.87 13.37 -24.93
C VAL BA 48 42.57 13.39 -25.73
N GLU BA 49 42.56 14.10 -26.85
CA GLU BA 49 41.35 14.18 -27.67
C GLU BA 49 40.97 12.81 -28.21
N HIS BA 50 41.96 12.04 -28.65
CA HIS BA 50 41.71 10.67 -29.08
C HIS BA 50 41.06 9.85 -27.96
N ALA BA 51 41.63 9.97 -26.76
CA ALA BA 51 41.10 9.30 -25.57
C ALA BA 51 39.64 9.69 -25.31
N VAL BA 52 39.34 10.97 -25.47
CA VAL BA 52 37.99 11.49 -25.27
C VAL BA 52 37.04 10.82 -26.25
N ASP BA 53 37.43 10.76 -27.52
CA ASP BA 53 36.60 10.11 -28.53
C ASP BA 53 36.30 8.67 -28.14
N TYR BA 54 37.37 7.91 -27.86
CA TYR BA 54 37.22 6.51 -27.48
C TYR BA 54 36.27 6.32 -26.29
N VAL BA 55 36.48 7.14 -25.27
CA VAL BA 55 35.66 7.07 -24.05
C VAL BA 55 34.20 7.37 -24.37
N GLU BA 56 33.96 8.41 -25.17
CA GLU BA 56 32.59 8.78 -25.55
C GLU BA 56 31.88 7.64 -26.27
N ARG BA 57 32.52 7.06 -27.28
CA ARG BA 57 31.92 5.96 -28.01
C ARG BA 57 31.66 4.76 -27.09
N ALA BA 58 32.62 4.46 -26.23
CA ALA BA 58 32.47 3.37 -25.27
C ALA BA 58 31.26 3.58 -24.37
N VAL BA 59 31.12 4.79 -23.85
CA VAL BA 59 30.02 5.14 -22.95
C VAL BA 59 28.69 5.01 -23.68
N SER BA 60 28.63 5.49 -24.92
CA SER BA 60 27.41 5.32 -25.72
C SER BA 60 27.05 3.85 -25.85
N ASP BA 61 28.03 3.02 -26.17
CA ASP BA 61 27.80 1.59 -26.36
C ASP BA 61 27.29 0.90 -25.09
N THR BA 62 27.93 1.18 -23.95
CA THR BA 62 27.49 0.58 -22.70
C THR BA 62 26.10 1.06 -22.32
N LYS BA 63 25.86 2.36 -22.54
CA LYS BA 63 24.57 2.97 -22.22
C LYS BA 63 23.45 2.35 -23.05
N LYS BA 64 23.75 1.96 -24.28
CA LYS BA 64 22.78 1.26 -25.10
C LYS BA 64 22.70 -0.22 -24.73
N ALA BA 65 23.75 -0.72 -24.11
CA ALA BA 65 23.84 -2.13 -23.75
C ALA BA 65 23.03 -2.48 -22.51
N VAL BA 66 23.06 -1.59 -21.52
CA VAL BA 66 22.42 -1.87 -20.25
C VAL BA 66 20.89 -1.91 -20.39
N LYS BA 67 20.34 -0.99 -21.17
CA LYS BA 67 18.90 -0.86 -21.30
C LYS BA 67 18.34 -1.86 -22.33
N GLU CA 4 105.42 58.40 -25.51
CA GLU CA 4 104.71 57.98 -24.30
C GLU CA 4 103.40 58.75 -24.13
N LEU CA 5 103.47 60.06 -24.32
CA LEU CA 5 102.32 60.93 -24.13
C LEU CA 5 101.29 60.76 -25.25
N GLU CA 6 101.76 60.84 -26.49
CA GLU CA 6 100.89 60.65 -27.66
C GLU CA 6 100.19 59.30 -27.60
N GLU CA 7 100.95 58.25 -27.30
CA GLU CA 7 100.42 56.90 -27.17
C GLU CA 7 99.40 56.83 -26.03
N MET CA 8 99.58 57.69 -25.03
CA MET CA 8 98.69 57.72 -23.87
C MET CA 8 97.33 58.35 -24.23
N GLN CA 9 97.38 59.50 -24.90
CA GLN CA 9 96.16 60.16 -25.36
C GLN CA 9 95.40 59.24 -26.32
N ARG CA 10 96.13 58.69 -27.28
CA ARG CA 10 95.54 57.75 -28.23
C ARG CA 10 94.96 56.54 -27.52
N ARG CA 11 95.60 56.12 -26.44
CA ARG CA 11 95.11 55.01 -25.63
C ARG CA 11 93.77 55.36 -24.99
N ALA CA 12 93.69 56.57 -24.44
CA ALA CA 12 92.47 57.04 -23.79
C ALA CA 12 91.31 57.10 -24.79
N ASP CA 13 91.54 57.75 -25.92
CA ASP CA 13 90.51 57.83 -26.96
C ASP CA 13 90.11 56.43 -27.44
N GLN CA 14 91.09 55.54 -27.51
CA GLN CA 14 90.86 54.14 -27.87
C GLN CA 14 89.87 53.50 -26.91
N LEU CA 15 90.15 53.61 -25.61
CA LEU CA 15 89.27 53.05 -24.59
C LEU CA 15 87.87 53.65 -24.69
N ALA CA 16 87.80 54.94 -25.01
CA ALA CA 16 86.51 55.61 -25.19
C ALA CA 16 85.71 54.96 -26.31
N ASP CA 17 86.34 54.80 -27.48
CA ASP CA 17 85.69 54.17 -28.61
C ASP CA 17 85.24 52.75 -28.31
N GLU CA 18 86.14 51.98 -27.69
CA GLU CA 18 85.85 50.59 -27.30
C GLU CA 18 84.64 50.50 -26.40
N SER CA 19 84.59 51.34 -25.38
CA SER CA 19 83.45 51.38 -24.47
C SER CA 19 82.17 51.77 -25.22
N LEU CA 20 82.29 52.71 -26.15
CA LEU CA 20 81.14 53.14 -26.94
C LEU CA 20 80.53 51.98 -27.74
N GLU CA 21 81.34 51.36 -28.60
CA GLU CA 21 80.87 50.24 -29.41
C GLU CA 21 80.39 49.09 -28.53
N SER CA 22 80.98 48.97 -27.35
CA SER CA 22 80.54 47.98 -26.38
C SER CA 22 79.10 48.25 -25.98
N THR CA 23 78.80 49.50 -25.65
CA THR CA 23 77.45 49.88 -25.28
C THR CA 23 76.46 49.64 -26.42
N ARG CA 24 76.92 49.88 -27.65
CA ARG CA 24 76.10 49.59 -28.81
C ARG CA 24 75.77 48.09 -28.87
N ARG CA 25 76.78 47.26 -28.65
CA ARG CA 25 76.59 45.81 -28.57
C ARG CA 25 75.57 45.45 -27.50
N MET CA 26 75.63 46.15 -26.36
CA MET CA 26 74.67 45.95 -25.28
C MET CA 26 73.25 46.24 -25.77
N LEU CA 27 73.08 47.36 -26.45
CA LEU CA 27 71.77 47.74 -26.97
C LEU CA 27 71.21 46.65 -27.89
N GLN CA 28 72.05 46.17 -28.80
CA GLN CA 28 71.65 45.08 -29.69
C GLN CA 28 71.22 43.83 -28.90
N LEU CA 29 72.03 43.47 -27.91
CA LEU CA 29 71.79 42.27 -27.12
C LEU CA 29 70.48 42.35 -26.32
N VAL CA 30 70.21 43.50 -25.73
CA VAL CA 30 68.99 43.67 -24.94
C VAL CA 30 67.79 43.78 -25.87
N GLU CA 31 68.02 44.15 -27.12
CA GLU CA 31 66.95 44.13 -28.11
C GLU CA 31 66.57 42.70 -28.47
N GLU CA 32 67.57 41.88 -28.78
CA GLU CA 32 67.33 40.46 -29.05
C GLU CA 32 66.64 39.79 -27.86
N SER CA 33 67.13 40.11 -26.66
CA SER CA 33 66.54 39.61 -25.43
C SER CA 33 65.08 40.01 -25.33
N LYS CA 34 64.80 41.27 -25.61
CA LYS CA 34 63.46 41.83 -25.60
C LYS CA 34 62.52 41.00 -26.48
N ASP CA 35 62.88 40.86 -27.75
CA ASP CA 35 62.04 40.12 -28.70
C ASP CA 35 61.85 38.65 -28.31
N ALA CA 36 62.95 38.01 -27.90
CA ALA CA 36 62.89 36.62 -27.44
C ALA CA 36 61.89 36.48 -26.29
N GLY CA 37 61.93 37.43 -25.37
CA GLY CA 37 60.99 37.47 -24.27
C GLY CA 37 59.56 37.60 -24.73
N ILE CA 38 59.32 38.51 -25.67
CA ILE CA 38 57.96 38.72 -26.20
C ILE CA 38 57.40 37.43 -26.78
N ARG CA 39 58.16 36.82 -27.70
CA ARG CA 39 57.66 35.61 -28.34
C ARG CA 39 57.51 34.47 -27.32
N THR CA 40 58.35 34.49 -26.29
CA THR CA 40 58.23 33.54 -25.19
C THR CA 40 56.87 33.69 -24.52
N LEU CA 41 56.50 34.91 -24.19
CA LEU CA 41 55.20 35.19 -23.58
C LEU CA 41 54.06 34.74 -24.47
N VAL CA 42 54.19 35.00 -25.77
CA VAL CA 42 53.17 34.57 -26.73
C VAL CA 42 52.99 33.05 -26.66
N MET CA 43 54.10 32.33 -26.71
CA MET CA 43 54.09 30.89 -26.60
C MET CA 43 53.40 30.46 -25.30
N LEU CA 44 53.66 31.19 -24.22
CA LEU CA 44 53.06 30.87 -22.92
C LEU CA 44 51.55 31.02 -22.96
N ASP CA 45 51.05 32.05 -23.65
CA ASP CA 45 49.61 32.21 -23.78
C ASP CA 45 48.99 31.06 -24.58
N GLU CA 46 49.58 30.78 -25.73
CA GLU CA 46 49.09 29.70 -26.59
C GLU CA 46 49.02 28.36 -25.83
N GLN CA 47 50.17 27.96 -25.30
CA GLN CA 47 50.28 26.71 -24.55
C GLN CA 47 49.36 26.71 -23.34
N GLY CA 48 49.12 27.89 -22.77
CA GLY CA 48 48.21 28.03 -21.65
C GLY CA 48 46.78 27.66 -22.03
N GLU CA 49 46.30 28.25 -23.12
CA GLU CA 49 44.97 27.92 -23.62
C GLU CA 49 44.87 26.43 -23.99
N GLN CA 50 45.95 25.90 -24.54
CA GLN CA 50 46.01 24.47 -24.84
C GLN CA 50 45.84 23.64 -23.57
N LEU CA 51 46.51 24.05 -22.50
CA LEU CA 51 46.40 23.36 -21.21
C LEU CA 51 44.97 23.44 -20.68
N ASP CA 52 44.31 24.57 -20.88
CA ASP CA 52 42.91 24.71 -20.49
C ASP CA 52 42.03 23.71 -21.23
N ARG CA 53 42.22 23.62 -22.55
CA ARG CA 53 41.49 22.65 -23.35
C ARG CA 53 41.74 21.23 -22.86
N VAL CA 54 42.98 20.97 -22.45
CA VAL CA 54 43.35 19.67 -21.89
C VAL CA 54 42.55 19.40 -20.61
N GLU CA 55 42.42 20.43 -19.77
CA GLU CA 55 41.69 20.29 -18.52
C GLU CA 55 40.21 19.99 -18.77
N GLU CA 56 39.61 20.73 -19.70
CA GLU CA 56 38.22 20.47 -20.07
C GLU CA 56 38.06 19.04 -20.58
N GLY CA 57 39.05 18.60 -21.36
CA GLY CA 57 39.08 17.22 -21.82
C GLY CA 57 39.04 16.23 -20.68
N MET CA 58 39.90 16.45 -19.68
CA MET CA 58 39.96 15.59 -18.51
C MET CA 58 38.63 15.56 -17.76
N ASN CA 59 38.03 16.72 -17.58
CA ASN CA 59 36.73 16.81 -16.90
C ASN CA 59 35.66 15.99 -17.63
N HIS CA 60 35.60 16.18 -18.95
CA HIS CA 60 34.66 15.43 -19.78
C HIS CA 60 34.88 13.93 -19.65
N ILE CA 61 36.14 13.51 -19.70
CA ILE CA 61 36.49 12.11 -19.52
C ILE CA 61 35.98 11.58 -18.18
N ASN CA 62 36.19 12.37 -17.13
CA ASN CA 62 35.78 11.99 -15.79
C ASN CA 62 34.27 11.77 -15.71
N GLN CA 63 33.50 12.72 -16.24
CA GLN CA 63 32.05 12.61 -16.18
C GLN CA 63 31.54 11.42 -17.01
N ASP CA 64 32.10 11.26 -18.20
CA ASP CA 64 31.73 10.14 -19.07
C ASP CA 64 32.00 8.80 -18.40
N MET CA 65 33.17 8.67 -17.78
CA MET CA 65 33.53 7.42 -17.11
C MET CA 65 32.71 7.20 -15.85
N LYS CA 66 32.23 8.30 -15.27
CA LYS CA 66 31.33 8.21 -14.13
C LYS CA 66 30.01 7.58 -14.60
N GLU CA 67 29.51 8.06 -15.73
CA GLU CA 67 28.28 7.50 -16.31
C GLU CA 67 28.47 6.03 -16.70
N ALA CA 68 29.60 5.71 -17.32
CA ALA CA 68 29.91 4.34 -17.71
C ALA CA 68 29.95 3.43 -16.49
N GLU CA 69 30.53 3.94 -15.41
CA GLU CA 69 30.55 3.24 -14.13
C GLU CA 69 29.13 2.97 -13.65
N LYS CA 70 28.27 3.98 -13.80
CA LYS CA 70 26.86 3.84 -13.43
C LYS CA 70 26.18 2.74 -14.23
N ASN CA 71 26.39 2.72 -15.54
CA ASN CA 71 25.76 1.72 -16.40
C ASN CA 71 26.27 0.30 -16.08
N LEU CA 72 27.57 0.18 -15.82
CA LEU CA 72 28.14 -1.12 -15.48
C LEU CA 72 27.65 -1.61 -14.12
N LYS CA 73 27.39 -0.68 -13.20
CA LYS CA 73 26.83 -1.04 -11.90
C LYS CA 73 25.34 -1.37 -12.01
N ASP CA 74 24.68 -0.82 -13.02
CA ASP CA 74 23.28 -1.10 -13.27
C ASP CA 74 23.09 -2.40 -14.03
N LEU CA 75 24.17 -2.84 -14.70
CA LEU CA 75 24.13 -4.08 -15.47
C LEU CA 75 24.49 -5.28 -14.60
N GLY CA 76 25.42 -5.09 -13.66
CA GLY CA 76 25.86 -6.15 -12.78
C GLY CA 76 24.80 -6.58 -11.78
N MET DA 1 83.65 65.28 -25.31
CA MET DA 1 82.53 64.91 -24.46
C MET DA 1 81.41 64.28 -25.27
N ALA DA 2 81.45 64.47 -26.58
CA ALA DA 2 80.41 63.91 -27.44
C ALA DA 2 80.55 62.39 -27.37
N ARG DA 3 81.78 61.91 -27.36
CA ARG DA 3 82.00 60.48 -27.26
C ARG DA 3 81.33 59.95 -25.99
N GLU DA 4 81.64 60.62 -24.88
CA GLU DA 4 81.05 60.26 -23.59
C GLU DA 4 79.55 60.36 -23.45
N ASN DA 5 78.97 61.41 -24.03
CA ASN DA 5 77.54 61.61 -23.94
C ASN DA 5 76.85 60.55 -24.78
N GLU DA 6 77.30 60.39 -26.02
CA GLU DA 6 76.70 59.39 -26.90
C GLU DA 6 76.54 58.08 -26.11
N MET DA 7 77.64 57.64 -25.54
CA MET DA 7 77.67 56.48 -24.66
C MET DA 7 76.70 56.53 -23.50
N ASP DA 8 76.55 57.73 -22.93
CA ASP DA 8 75.62 57.97 -21.84
C ASP DA 8 74.18 57.65 -22.27
N GLU DA 9 73.79 58.20 -23.41
CA GLU DA 9 72.47 57.93 -23.98
C GLU DA 9 72.24 56.44 -24.14
N ASN DA 10 73.25 55.77 -24.71
CA ASN DA 10 73.22 54.32 -24.88
C ASN DA 10 72.93 53.62 -23.55
N LEU DA 11 73.67 53.99 -22.51
CA LEU DA 11 73.49 53.39 -21.20
C LEU DA 11 72.12 53.65 -20.61
N GLU DA 12 71.54 54.81 -20.91
CA GLU DA 12 70.20 55.14 -20.44
C GLU DA 12 69.16 54.25 -21.11
N GLN DA 13 69.27 54.12 -22.43
CA GLN DA 13 68.37 53.25 -23.18
C GLN DA 13 68.48 51.80 -22.68
N VAL DA 14 69.72 51.35 -22.46
CA VAL DA 14 69.97 50.03 -21.93
C VAL DA 14 69.30 49.88 -20.56
N SER DA 15 69.34 50.95 -19.77
CA SER DA 15 68.69 50.94 -18.46
C SER DA 15 67.19 50.71 -18.59
N GLY DA 16 66.53 51.50 -19.44
CA GLY DA 16 65.10 51.36 -19.66
C GLY DA 16 64.72 49.97 -20.14
N ILE DA 17 65.43 49.50 -21.17
CA ILE DA 17 65.18 48.18 -21.73
C ILE DA 17 65.38 47.10 -20.67
N ILE DA 18 66.36 47.29 -19.79
CA ILE DA 18 66.62 46.34 -18.72
C ILE DA 18 65.46 46.31 -17.73
N GLY DA 19 64.92 47.48 -17.41
CA GLY DA 19 63.73 47.55 -16.56
C GLY DA 19 62.55 46.79 -17.16
N ASN DA 20 62.30 47.04 -18.44
CA ASN DA 20 61.24 46.32 -19.13
C ASN DA 20 61.48 44.82 -19.11
N LEU DA 21 62.74 44.42 -19.31
CA LEU DA 21 63.12 43.01 -19.23
C LEU DA 21 62.81 42.44 -17.85
N ARG DA 22 62.99 43.25 -16.82
CA ARG DA 22 62.69 42.84 -15.46
C ARG DA 22 61.21 42.52 -15.35
N HIS DA 23 60.37 43.50 -15.73
CA HIS DA 23 58.92 43.32 -15.69
C HIS DA 23 58.51 42.04 -16.44
N MET DA 24 59.03 41.88 -17.65
CA MET DA 24 58.72 40.73 -18.50
C MET DA 24 59.13 39.42 -17.84
N ALA DA 25 60.28 39.44 -17.16
CA ALA DA 25 60.77 38.25 -16.46
C ALA DA 25 59.86 37.89 -15.31
N LEU DA 26 59.35 38.91 -14.62
CA LEU DA 26 58.43 38.69 -13.51
C LEU DA 26 57.11 38.05 -13.98
N ASP DA 27 56.50 38.66 -14.99
CA ASP DA 27 55.26 38.11 -15.58
C ASP DA 27 55.47 36.68 -16.05
N MET DA 28 56.56 36.49 -16.80
CA MET DA 28 56.97 35.19 -17.30
C MET DA 28 57.02 34.15 -16.19
N GLY DA 29 57.86 34.39 -15.19
CA GLY DA 29 58.02 33.47 -14.07
C GLY DA 29 56.73 33.16 -13.32
N ASN DA 30 55.95 34.20 -13.03
CA ASN DA 30 54.67 34.03 -12.34
C ASN DA 30 53.73 33.11 -13.11
N GLU DA 31 53.55 33.41 -14.40
CA GLU DA 31 52.64 32.60 -15.20
C GLU DA 31 53.16 31.18 -15.35
N ILE DA 32 54.49 31.02 -15.36
CA ILE DA 32 55.09 29.70 -15.41
C ILE DA 32 54.72 28.92 -14.16
N ASP DA 33 54.79 29.58 -12.99
CA ASP DA 33 54.39 28.95 -11.73
C ASP DA 33 52.93 28.49 -11.76
N THR DA 34 52.04 29.40 -12.12
CA THR DA 34 50.61 29.10 -12.16
C THR DA 34 50.31 27.95 -13.12
N GLN DA 35 50.98 27.96 -14.27
CA GLN DA 35 50.81 26.90 -15.25
C GLN DA 35 51.35 25.58 -14.70
N ASN DA 36 52.39 25.63 -13.88
CA ASN DA 36 52.93 24.43 -13.25
C ASN DA 36 51.92 23.83 -12.27
N ARG DA 37 51.28 24.69 -11.49
CA ARG DA 37 50.21 24.24 -10.59
C ARG DA 37 49.10 23.58 -11.40
N GLN DA 38 48.73 24.21 -12.52
CA GLN DA 38 47.69 23.68 -13.38
C GLN DA 38 48.09 22.30 -13.94
N ILE DA 39 49.35 22.14 -14.32
CA ILE DA 39 49.84 20.87 -14.84
C ILE DA 39 49.76 19.79 -13.76
N ASP DA 40 50.10 20.16 -12.54
CA ASP DA 40 49.97 19.25 -11.41
C ASP DA 40 48.52 18.75 -11.31
N ARG DA 41 47.58 19.70 -11.36
CA ARG DA 41 46.17 19.36 -11.37
C ARG DA 41 45.81 18.39 -12.50
N ILE DA 42 46.34 18.67 -13.69
CA ILE DA 42 46.08 17.85 -14.87
C ILE DA 42 46.55 16.42 -14.65
N MET DA 43 47.74 16.26 -14.08
CA MET DA 43 48.27 14.92 -13.85
C MET DA 43 47.49 14.18 -12.77
N GLU DA 44 47.01 14.91 -11.77
CA GLU DA 44 46.14 14.31 -10.76
C GLU DA 44 44.87 13.74 -11.39
N LYS DA 45 44.18 14.59 -12.17
CA LYS DA 45 42.95 14.17 -12.83
C LYS DA 45 43.19 13.04 -13.83
N ALA DA 46 44.32 13.10 -14.53
CA ALA DA 46 44.66 12.10 -15.54
C ALA DA 46 44.96 10.75 -14.93
N ASP DA 47 45.62 10.75 -13.78
CA ASP DA 47 45.87 9.50 -13.07
C ASP DA 47 44.55 8.95 -12.53
N SER DA 48 43.71 9.84 -12.02
CA SER DA 48 42.38 9.45 -11.55
C SER DA 48 41.58 8.73 -12.64
N ASN DA 49 41.53 9.33 -13.81
CA ASN DA 49 40.79 8.75 -14.93
C ASN DA 49 41.48 7.49 -15.47
N LYS DA 50 42.80 7.42 -15.33
CA LYS DA 50 43.53 6.22 -15.73
C LYS DA 50 43.10 5.04 -14.87
N THR DA 51 43.06 5.25 -13.56
CA THR DA 51 42.59 4.23 -12.64
C THR DA 51 41.14 3.87 -12.93
N ARG DA 52 40.32 4.91 -13.09
CA ARG DA 52 38.89 4.74 -13.42
C ARG DA 52 38.68 3.83 -14.62
N ILE DA 53 39.43 4.09 -15.69
CA ILE DA 53 39.23 3.39 -16.95
C ILE DA 53 39.85 2.00 -16.91
N ASP DA 54 40.89 1.81 -16.11
CA ASP DA 54 41.48 0.48 -15.95
C ASP DA 54 40.53 -0.43 -15.19
N GLU DA 55 40.03 0.06 -14.07
CA GLU DA 55 39.07 -0.70 -13.27
C GLU DA 55 37.79 -0.97 -14.05
N ALA DA 56 37.30 0.05 -14.76
CA ALA DA 56 36.09 -0.08 -15.56
C ALA DA 56 36.27 -1.09 -16.70
N ASN DA 57 37.45 -1.08 -17.33
CA ASN DA 57 37.72 -2.03 -18.40
C ASN DA 57 37.80 -3.45 -17.87
N GLN DA 58 38.41 -3.61 -16.70
CA GLN DA 58 38.49 -4.93 -16.08
C GLN DA 58 37.09 -5.46 -15.73
N ARG DA 59 36.26 -4.59 -15.14
CA ARG DA 59 34.89 -4.98 -14.80
C ARG DA 59 34.05 -5.28 -16.03
N ALA DA 60 34.31 -4.55 -17.11
CA ALA DA 60 33.58 -4.74 -18.36
C ALA DA 60 33.94 -6.06 -19.03
N THR DA 61 35.24 -6.37 -19.07
CA THR DA 61 35.69 -7.63 -19.66
C THR DA 61 35.39 -8.81 -18.75
N LYS DA 62 35.10 -8.51 -17.48
CA LYS DA 62 34.74 -9.55 -16.51
C LYS DA 62 33.41 -10.21 -16.88
N MET DA 63 32.50 -9.43 -17.43
CA MET DA 63 31.18 -9.93 -17.80
C MET DA 63 31.15 -10.46 -19.22
N LEU DA 64 32.30 -10.98 -19.68
CA LEU DA 64 32.42 -11.52 -21.02
C LEU DA 64 33.00 -12.93 -20.99
#